data_9R87
#
_entry.id   9R87
#
_entity_poly.entity_id   1
_entity_poly.type   'polypeptide(L)'
_entity_poly.pdbx_seq_one_letter_code
;MATEEFIIRIPPYHYIHVLDQNSNVSRVEVGPKTYIRQDNERVLFAPMRMVTVPPRHYCTVANPVSRDAQGLVLFDVTGQ
VRLRHADLEIRLAQDPFPLYPGEVLEKDITPLQVVLPNTALHLKALLDFEDKDGDKVVAGDEWLFEGPGTYIPRKEVEVV
EIIQATIIRQNQALRLRARKECWDRDGKERVTGEEWLVTTVGAYLPAVFEEVLDLVDAVILTEKTALHLRARRNFRDFRG
VSRRTGEEWLVTVQDTEAHVPDVHEEVLGVVPITTLGPHNYCVILDPVGPDGKNQLGQKRVVKGEKSFFLQPGEQLEQGI
QDVYVLSEQQGLLLRALQPLEEGEDEEKVSHQAGDHWLIRGPLEYVPSAKVEVVEERQAIPLDENEGIYVQDVKTGKVRA
VIGSTYMLTQDEVLWEKELPPGVEELLNKGQDPLADRGEKDTAKSLQPLAPRNKTRVVSYRVPHNAAVQVYDYREKRARV
VFGPELVSLGPEEQFTVLSLSAGRPKRPHARRALCLLLGPDFFTDVITIETADHARLQLQLAYNWHFEVNDRKDPQETAK
LFSVPDFVGDACKAIASRVRGAVASVTFDDFHKNSARIIRTAVFGFETSEAKGPDGMALPRPRDQAVFPQNGLVVSSVDV
QSVEPVDQRTRDALQRSVQLAIEITTNSQEAAAKHEAQRLEQEARGRLERQKILDQSEAEKARKELLELEALSMAVESTG
TAKAEAESRAEAARIEGEGSVLQAKLKAQALAIETEAELQRVQKVRELELVYARAQLELEVSKAQQLAEVEVKKFKQMTE
AIGPSTIRDLAVAGPEMQVKLLQSLGLKSTLITDGSTPINLFNTAFGLLGMGPEGQPLGRRVASGPSPGEGISPQSAQAP
QAPGDNHVVPVLR
;
_entity_poly.pdbx_strand_id   A,A1,A2,A3,A4,Ar,As,At,Au,Av,Aw,Ax,Ay,Az,B,C,D,E,F,G,H,I,J,K,L,M,N,O,P,Q,R,S,T,U,V,W,X,Y,Z
#
# COMPACT_ATOMS: atom_id res chain seq x y z
N GLU A 769 -67.55 25.99 -59.29
CA GLU A 769 -66.45 25.83 -58.31
C GLU A 769 -65.11 25.58 -58.98
N LEU A 770 -64.89 24.43 -59.61
CA LEU A 770 -63.58 23.94 -60.01
C LEU A 770 -62.73 24.94 -60.80
N VAL A 771 -63.34 25.72 -61.67
CA VAL A 771 -62.63 26.70 -62.49
C VAL A 771 -61.97 27.80 -61.65
N TYR A 772 -62.58 28.22 -60.54
CA TYR A 772 -61.95 29.14 -59.60
C TYR A 772 -60.71 28.51 -58.96
N ALA A 773 -60.77 27.25 -58.60
CA ALA A 773 -59.62 26.54 -58.07
C ALA A 773 -58.50 26.42 -59.12
N ARG A 774 -58.82 26.19 -60.40
CA ARG A 774 -57.83 26.26 -61.50
C ARG A 774 -57.23 27.65 -61.65
N ALA A 775 -58.03 28.70 -61.53
CA ALA A 775 -57.57 30.06 -61.61
C ALA A 775 -56.62 30.44 -60.47
N GLN A 776 -56.86 29.96 -59.24
CA GLN A 776 -55.88 30.06 -58.15
C GLN A 776 -54.64 29.20 -58.40
N LEU A 777 -54.74 28.02 -59.01
CA LEU A 777 -53.57 27.20 -59.32
C LEU A 777 -52.63 27.90 -60.32
N GLU A 778 -53.15 28.59 -61.32
CA GLU A 778 -52.31 29.39 -62.22
C GLU A 778 -51.56 30.49 -61.45
N LEU A 779 -52.24 31.15 -60.51
CA LEU A 779 -51.64 32.17 -59.66
C LEU A 779 -50.58 31.58 -58.69
N GLU A 780 -50.84 30.42 -58.09
CA GLU A 780 -49.89 29.75 -57.20
C GLU A 780 -48.61 29.39 -57.93
N VAL A 781 -48.74 28.79 -59.11
CA VAL A 781 -47.59 28.50 -59.97
C VAL A 781 -46.90 29.77 -60.43
N SER A 782 -47.62 30.84 -60.75
CA SER A 782 -47.02 32.11 -61.15
C SER A 782 -46.14 32.70 -60.04
N LYS A 783 -46.65 32.73 -58.81
CA LYS A 783 -45.87 33.15 -57.64
C LYS A 783 -44.65 32.28 -57.43
N ALA A 784 -44.79 30.95 -57.53
CA ALA A 784 -43.65 30.07 -57.40
C ALA A 784 -42.60 30.33 -58.48
N GLN A 785 -43.01 30.45 -59.74
CA GLN A 785 -42.10 30.70 -60.86
C GLN A 785 -41.33 31.99 -60.69
N GLN A 786 -42.01 33.09 -60.37
CA GLN A 786 -41.36 34.39 -60.29
C GLN A 786 -40.45 34.49 -59.08
N LEU A 787 -40.88 34.07 -57.89
CA LEU A 787 -39.99 34.11 -56.74
C LEU A 787 -38.77 33.20 -56.92
N ALA A 788 -38.92 32.02 -57.51
CA ALA A 788 -37.77 31.17 -57.77
C ALA A 788 -36.77 31.86 -58.71
N GLU A 789 -37.22 32.55 -59.74
CA GLU A 789 -36.33 33.32 -60.61
C GLU A 789 -35.63 34.45 -59.87
N VAL A 790 -36.35 35.19 -59.02
CA VAL A 790 -35.78 36.26 -58.21
C VAL A 790 -34.68 35.75 -57.30
N GLU A 791 -34.90 34.63 -56.62
CA GLU A 791 -33.86 34.03 -55.78
C GLU A 791 -32.67 33.55 -56.62
N VAL A 792 -32.91 32.85 -57.73
CA VAL A 792 -31.82 32.39 -58.60
C VAL A 792 -31.01 33.56 -59.11
N LYS A 793 -31.64 34.66 -59.54
CA LYS A 793 -30.95 35.87 -59.99
C LYS A 793 -30.03 36.38 -58.89
N LYS A 794 -30.54 36.56 -57.67
CA LYS A 794 -29.71 36.95 -56.51
C LYS A 794 -28.58 35.96 -56.26
N PHE A 795 -28.85 34.67 -56.26
CA PHE A 795 -27.82 33.65 -56.01
C PHE A 795 -26.72 33.61 -57.08
N LYS A 796 -27.05 33.75 -58.36
CA LYS A 796 -26.04 33.81 -59.42
C LYS A 796 -25.17 35.05 -59.24
N GLN A 797 -25.77 36.22 -59.03
CA GLN A 797 -25.00 37.45 -58.84
C GLN A 797 -24.08 37.34 -57.62
N MET A 798 -24.58 36.83 -56.49
CA MET A 798 -23.79 36.57 -55.28
C MET A 798 -22.61 35.60 -55.50
N THR A 799 -22.68 34.74 -56.51
CA THR A 799 -21.61 33.77 -56.84
C THR A 799 -20.81 34.15 -58.09
N GLU A 800 -21.10 35.31 -58.68
CA GLU A 800 -20.15 36.04 -59.52
C GLU A 800 -19.42 37.12 -58.72
N ALA A 801 -19.98 37.59 -57.61
CA ALA A 801 -19.40 38.64 -56.77
C ALA A 801 -18.17 38.15 -56.01
N ILE A 802 -18.34 37.17 -55.12
CA ILE A 802 -17.22 36.37 -54.63
C ILE A 802 -16.80 35.46 -55.78
N GLY A 803 -15.51 35.41 -56.13
CA GLY A 803 -15.01 34.44 -57.10
C GLY A 803 -15.22 33.00 -56.61
N PRO A 804 -15.91 32.11 -57.36
CA PRO A 804 -16.51 30.89 -56.80
C PRO A 804 -15.49 29.87 -56.29
N SER A 805 -14.26 29.86 -56.82
CA SER A 805 -13.18 29.04 -56.25
C SER A 805 -12.89 29.42 -54.78
N THR A 806 -13.00 30.69 -54.43
CA THR A 806 -12.81 31.13 -53.03
C THR A 806 -13.99 30.76 -52.12
N ILE A 807 -15.14 30.31 -52.65
CA ILE A 807 -16.18 29.68 -51.82
C ILE A 807 -15.72 28.31 -51.31
N ARG A 808 -14.94 27.58 -52.11
CA ARG A 808 -14.24 26.37 -51.64
C ARG A 808 -13.32 26.68 -50.48
N ASP A 809 -12.54 27.75 -50.62
CA ASP A 809 -11.64 28.22 -49.57
C ASP A 809 -12.41 28.63 -48.30
N LEU A 810 -13.50 29.39 -48.41
CA LEU A 810 -14.28 29.86 -47.27
C LEU A 810 -14.86 28.71 -46.43
N ALA A 811 -15.25 27.61 -47.06
CA ALA A 811 -15.75 26.44 -46.34
C ALA A 811 -14.63 25.56 -45.77
N VAL A 812 -13.52 25.40 -46.48
CA VAL A 812 -12.41 24.53 -46.06
C VAL A 812 -11.49 25.18 -45.05
N ALA A 813 -11.12 26.45 -45.24
CA ALA A 813 -9.97 27.00 -44.55
C ALA A 813 -10.15 27.09 -43.02
N GLY A 814 -11.38 27.28 -42.52
CA GLY A 814 -11.66 27.28 -41.09
C GLY A 814 -11.28 25.95 -40.42
N PRO A 815 -11.95 24.85 -40.77
CA PRO A 815 -11.55 23.50 -40.37
C PRO A 815 -10.14 23.10 -40.78
N GLU A 816 -9.60 23.54 -41.90
CA GLU A 816 -8.21 23.22 -42.27
C GLU A 816 -7.22 23.93 -41.34
N MET A 817 -7.56 25.07 -40.76
CA MET A 817 -6.67 25.69 -39.80
C MET A 817 -6.55 24.84 -38.54
N GLN A 818 -7.64 24.24 -38.10
CA GLN A 818 -7.63 23.27 -36.99
C GLN A 818 -6.89 21.96 -37.32
N VAL A 819 -6.50 21.73 -38.57
CA VAL A 819 -5.48 20.74 -38.92
C VAL A 819 -4.09 21.33 -38.73
N LYS A 820 -3.81 22.48 -39.34
CA LYS A 820 -2.50 23.13 -39.27
C LYS A 820 -2.07 23.44 -37.82
N LEU A 821 -3.02 23.74 -36.96
CA LEU A 821 -2.80 23.93 -35.53
C LEU A 821 -2.39 22.66 -34.78
N LEU A 822 -2.71 21.44 -35.24
CA LEU A 822 -2.16 20.23 -34.64
C LEU A 822 -0.92 19.73 -35.39
N GLN A 823 -0.90 19.80 -36.71
CA GLN A 823 0.26 19.31 -37.49
C GLN A 823 1.56 20.01 -37.13
N SER A 824 1.48 21.22 -36.59
CA SER A 824 2.61 21.98 -36.09
C SER A 824 3.19 21.42 -34.79
N LEU A 825 2.41 20.73 -33.96
CA LEU A 825 2.92 20.04 -32.77
C LEU A 825 3.62 18.71 -33.10
N GLY A 826 3.21 18.02 -34.17
CA GLY A 826 3.81 16.74 -34.58
C GLY A 826 3.83 15.73 -33.44
N LEU A 827 2.68 15.51 -32.81
CA LEU A 827 2.54 14.66 -31.62
C LEU A 827 3.01 13.23 -31.85
N LYS A 828 3.27 12.53 -30.74
CA LYS A 828 3.73 11.15 -30.66
C LYS A 828 3.00 10.46 -29.51
N SER A 829 1.67 10.49 -29.55
CA SER A 829 0.82 10.09 -28.45
C SER A 829 0.69 8.57 -28.23
N THR A 830 0.20 8.19 -27.06
CA THR A 830 -0.11 6.83 -26.63
C THR A 830 -1.51 6.81 -26.07
N LEU A 831 -2.33 5.83 -26.43
CA LEU A 831 -3.72 5.78 -26.00
C LEU A 831 -3.98 4.66 -25.00
N ILE A 832 -4.62 4.96 -23.86
CA ILE A 832 -5.19 3.96 -22.97
C ILE A 832 -6.70 4.17 -22.95
N THR A 833 -7.53 3.15 -23.18
CA THR A 833 -8.99 3.30 -23.15
C THR A 833 -9.72 2.14 -22.49
N ASP A 834 -10.94 2.40 -22.00
CA ASP A 834 -11.96 1.36 -21.89
C ASP A 834 -12.30 0.83 -23.29
N GLY A 835 -12.89 -0.36 -23.41
CA GLY A 835 -13.21 -0.96 -24.69
C GLY A 835 -14.64 -0.81 -25.18
N SER A 836 -15.62 -0.74 -24.30
CA SER A 836 -17.03 -0.69 -24.69
C SER A 836 -17.60 0.72 -24.72
N THR A 837 -16.92 1.68 -24.10
CA THR A 837 -17.26 3.10 -24.07
C THR A 837 -16.07 3.99 -24.44
N PRO A 838 -15.26 3.63 -25.47
CA PRO A 838 -13.92 4.18 -25.64
C PRO A 838 -13.91 5.67 -25.93
N ILE A 839 -12.74 6.31 -25.84
CA ILE A 839 -12.55 7.75 -26.00
C ILE A 839 -12.76 8.19 -27.45
N ASN A 840 -13.68 9.13 -27.69
CA ASN A 840 -13.88 9.67 -29.01
C ASN A 840 -12.64 10.48 -29.45
N LEU A 841 -11.95 10.04 -30.49
CA LEU A 841 -10.73 10.70 -30.93
C LEU A 841 -10.99 12.08 -31.54
N PHE A 842 -12.16 12.37 -32.11
CA PHE A 842 -12.45 13.73 -32.56
C PHE A 842 -12.64 14.70 -31.40
N ASN A 843 -13.40 14.31 -30.38
CA ASN A 843 -13.54 15.15 -29.19
C ASN A 843 -12.19 15.32 -28.49
N THR A 844 -11.30 14.34 -28.59
CA THR A 844 -9.94 14.50 -28.11
C THR A 844 -9.21 15.56 -28.92
N ALA A 845 -9.17 15.40 -30.24
CA ALA A 845 -8.37 16.27 -31.09
C ALA A 845 -8.84 17.72 -31.03
N PHE A 846 -10.15 17.99 -31.08
CA PHE A 846 -10.63 19.35 -30.85
C PHE A 846 -10.43 19.80 -29.41
N GLY A 847 -10.56 18.90 -28.43
CA GLY A 847 -10.60 19.27 -27.02
C GLY A 847 -9.31 19.87 -26.51
N LEU A 848 -8.19 19.50 -27.12
CA LEU A 848 -6.88 20.09 -26.86
C LEU A 848 -6.81 21.57 -27.29
N LEU A 849 -7.76 21.99 -28.12
CA LEU A 849 -7.70 23.17 -28.95
C LEU A 849 -9.01 23.98 -28.88
N GLY A 850 -9.89 23.67 -27.93
CA GLY A 850 -11.20 24.28 -27.78
C GLY A 850 -12.26 23.74 -28.75
N GLY A 852 -13.15 22.90 -28.24
CA GLY A 852 -14.39 22.54 -28.91
C GLY A 852 -15.48 23.64 -28.92
N PRO A 853 -15.73 24.41 -27.83
CA PRO A 853 -16.89 25.30 -27.76
C PRO A 853 -16.67 26.56 -28.59
N GLU B 769 24.65 57.76 68.34
CA GLU B 769 24.53 56.77 67.24
C GLU B 769 25.82 56.54 66.45
N LEU B 770 26.43 57.54 65.82
CA LEU B 770 27.59 57.31 64.94
C LEU B 770 28.77 56.61 65.64
N VAL B 771 28.93 56.76 66.95
CA VAL B 771 29.92 56.00 67.74
C VAL B 771 29.56 54.52 67.84
N TYR B 772 28.30 54.21 68.14
CA TYR B 772 27.83 52.83 68.20
C TYR B 772 27.87 52.17 66.83
N ALA B 773 27.50 52.90 65.79
CA ALA B 773 27.52 52.40 64.43
C ALA B 773 28.95 52.12 63.96
N ARG B 774 29.91 53.00 64.25
CA ARG B 774 31.33 52.74 63.99
C ARG B 774 31.84 51.52 64.73
N ALA B 775 31.39 51.32 65.96
CA ALA B 775 31.74 50.16 66.75
C ALA B 775 31.12 48.87 66.18
N GLN B 776 29.84 48.90 65.78
CA GLN B 776 29.18 47.78 65.13
C GLN B 776 29.80 47.43 63.79
N LEU B 777 30.24 48.42 63.03
CA LEU B 777 30.97 48.19 61.78
C LEU B 777 32.28 47.46 62.05
N GLU B 778 33.02 47.88 63.08
CA GLU B 778 34.27 47.22 63.44
C GLU B 778 34.07 45.77 63.91
N LEU B 779 33.05 45.52 64.71
CA LEU B 779 32.64 44.18 65.08
C LEU B 779 32.34 43.33 63.83
N GLU B 780 31.53 43.83 62.92
CA GLU B 780 31.14 43.10 61.71
C GLU B 780 32.33 42.78 60.81
N VAL B 781 33.17 43.77 60.52
CA VAL B 781 34.39 43.57 59.73
C VAL B 781 35.33 42.59 60.41
N SER B 782 35.50 42.67 61.72
CA SER B 782 36.35 41.74 62.47
C SER B 782 35.83 40.30 62.40
N LYS B 783 34.52 40.08 62.36
CA LYS B 783 33.95 38.75 62.10
C LYS B 783 34.24 38.29 60.69
N ALA B 784 33.96 39.13 59.70
CA ALA B 784 34.16 38.77 58.30
C ALA B 784 35.63 38.41 58.01
N GLN B 785 36.58 39.19 58.54
CA GLN B 785 38.00 38.89 58.43
C GLN B 785 38.34 37.52 58.98
N GLN B 786 37.96 37.24 60.22
CA GLN B 786 38.38 36.02 60.90
C GLN B 786 37.73 34.76 60.33
N LEU B 787 36.45 34.78 59.98
CA LEU B 787 35.83 33.63 59.32
C LEU B 787 36.39 33.42 57.91
N ALA B 788 36.71 34.47 57.16
CA ALA B 788 37.42 34.31 55.89
C ALA B 788 38.80 33.68 56.10
N GLU B 789 39.53 34.08 57.14
CA GLU B 789 40.85 33.54 57.44
C GLU B 789 40.81 32.02 57.68
N VAL B 790 39.83 31.56 58.46
CA VAL B 790 39.60 30.14 58.71
C VAL B 790 39.26 29.40 57.42
N GLU B 791 38.37 29.94 56.60
CA GLU B 791 37.92 29.25 55.39
C GLU B 791 39.02 29.14 54.33
N VAL B 792 39.96 30.08 54.29
CA VAL B 792 41.15 30.01 53.45
C VAL B 792 42.08 28.92 53.96
N LYS B 793 42.44 28.95 55.24
CA LYS B 793 43.36 27.99 55.85
C LYS B 793 42.88 26.56 55.63
N LYS B 794 41.58 26.32 55.82
CA LYS B 794 40.92 25.05 55.51
C LYS B 794 41.09 24.68 54.04
N PHE B 795 40.68 25.54 53.12
CA PHE B 795 40.81 25.31 51.69
C PHE B 795 42.27 25.04 51.27
N LYS B 796 43.19 25.82 51.80
CA LYS B 796 44.61 25.72 51.54
C LYS B 796 45.16 24.38 52.00
N GLN B 797 44.89 23.95 53.23
CA GLN B 797 45.49 22.71 53.74
C GLN B 797 44.88 21.47 53.09
N MET B 798 43.60 21.48 52.75
CA MET B 798 43.02 20.40 51.95
C MET B 798 43.59 20.37 50.53
N THR B 799 43.72 21.50 49.85
CA THR B 799 44.29 21.54 48.50
C THR B 799 45.79 21.26 48.47
N GLU B 800 46.52 21.53 49.55
CA GLU B 800 47.89 21.07 49.77
C GLU B 800 47.95 19.53 49.85
N ALA B 801 46.97 18.90 50.51
CA ALA B 801 46.95 17.46 50.75
C ALA B 801 46.68 16.64 49.49
N ILE B 802 45.73 17.07 48.67
CA ILE B 802 45.41 16.41 47.40
C ILE B 802 46.44 16.75 46.31
N GLY B 803 46.98 17.97 46.34
CA GLY B 803 47.88 18.48 45.31
C GLY B 803 47.09 19.03 44.12
N PRO B 804 47.34 20.26 43.67
CA PRO B 804 46.65 20.82 42.51
C PRO B 804 46.79 19.98 41.24
N SER B 805 47.88 19.24 41.05
CA SER B 805 48.01 18.33 39.91
C SER B 805 46.97 17.20 39.95
N THR B 806 46.62 16.68 41.12
CA THR B 806 45.54 15.70 41.25
C THR B 806 44.18 16.30 40.95
N ILE B 807 43.91 17.54 41.38
CA ILE B 807 42.67 18.24 41.04
C ILE B 807 42.59 18.46 39.52
N ARG B 808 43.68 18.94 38.91
CA ARG B 808 43.82 19.10 37.47
C ARG B 808 43.50 17.80 36.75
N ASP B 809 44.20 16.73 37.08
CA ASP B 809 44.08 15.47 36.36
C ASP B 809 42.71 14.79 36.55
N LEU B 810 42.01 15.01 37.66
CA LEU B 810 40.58 14.69 37.77
C LEU B 810 39.72 15.60 36.88
N ALA B 811 39.98 16.91 36.84
CA ALA B 811 39.18 17.84 36.05
C ALA B 811 39.30 17.59 34.53
N VAL B 812 40.48 17.19 34.06
CA VAL B 812 40.74 16.75 32.68
C VAL B 812 39.92 15.52 32.30
N ALA B 813 39.56 14.65 33.25
CA ALA B 813 38.91 13.39 32.93
C ALA B 813 37.54 13.60 32.28
N GLY B 814 36.60 14.30 32.93
CA GLY B 814 35.23 14.49 32.43
C GLY B 814 35.12 14.70 30.92
N PRO B 815 35.79 15.71 30.35
CA PRO B 815 35.92 15.90 28.92
C PRO B 815 36.46 14.68 28.17
N GLU B 816 37.68 14.22 28.48
CA GLU B 816 38.35 13.15 27.74
C GLU B 816 37.55 11.85 27.74
N MET B 817 36.94 11.55 28.87
CA MET B 817 36.08 10.40 29.09
C MET B 817 34.84 10.51 28.22
N GLN B 818 34.17 11.66 28.21
CA GLN B 818 33.02 11.87 27.34
C GLN B 818 33.41 11.79 25.87
N VAL B 819 34.58 12.30 25.49
CA VAL B 819 35.09 12.16 24.13
C VAL B 819 35.22 10.70 23.74
N LYS B 820 35.91 9.87 24.53
CA LYS B 820 36.05 8.44 24.21
C LYS B 820 34.73 7.70 24.23
N LEU B 821 33.83 8.04 25.16
CA LEU B 821 32.49 7.47 25.17
C LEU B 821 31.80 7.69 23.82
N LEU B 822 31.70 8.93 23.36
CA LEU B 822 31.01 9.20 22.10
C LEU B 822 31.76 8.62 20.91
N GLN B 823 33.09 8.68 20.88
CA GLN B 823 33.85 8.04 19.81
C GLN B 823 33.51 6.56 19.65
N SER B 824 33.16 5.87 20.74
CA SER B 824 32.88 4.44 20.70
C SER B 824 31.60 4.06 19.97
N LEU B 825 30.72 5.02 19.65
CA LEU B 825 29.56 4.76 18.81
C LEU B 825 29.93 4.56 17.33
N GLY B 826 31.07 5.04 16.86
CA GLY B 826 31.52 4.89 15.46
C GLY B 826 30.95 5.90 14.46
N LEU B 827 29.63 6.01 14.36
CA LEU B 827 28.91 7.02 13.57
C LEU B 827 29.50 7.31 12.16
N LYS B 828 29.52 6.29 11.30
CA LYS B 828 30.07 6.41 9.94
C LYS B 828 29.31 7.45 9.10
N SER B 829 28.00 7.50 9.25
CA SER B 829 27.07 8.30 8.45
C SER B 829 25.87 8.75 9.27
N THR B 830 25.24 9.86 8.94
CA THR B 830 24.07 10.33 9.66
C THR B 830 23.05 11.04 8.77
N LEU B 831 21.80 11.15 9.23
CA LEU B 831 20.70 11.77 8.52
C LEU B 831 19.86 12.59 9.46
N ILE B 832 19.55 13.81 9.09
CA ILE B 832 18.66 14.71 9.80
C ILE B 832 17.37 14.88 9.00
N THR B 833 16.21 14.85 9.64
CA THR B 833 14.90 15.05 9.01
C THR B 833 14.00 15.98 9.84
N ASP B 834 12.93 16.50 9.25
CA ASP B 834 11.90 17.29 9.93
C ASP B 834 11.11 16.46 10.95
N GLU C 769 10.97 84.03 37.96
CA GLU C 769 11.07 82.68 37.33
C GLU C 769 12.34 82.47 36.51
N LEU C 770 12.64 83.25 35.47
CA LEU C 770 13.79 82.97 34.58
C LEU C 770 15.14 82.90 35.32
N VAL C 771 15.29 83.58 36.45
CA VAL C 771 16.48 83.44 37.31
C VAL C 771 16.54 82.08 38.01
N TYR C 772 15.42 81.63 38.58
CA TYR C 772 15.33 80.31 39.20
C TYR C 772 15.50 79.19 38.19
N ALA C 773 14.91 79.35 37.00
CA ALA C 773 15.01 78.38 35.94
C ALA C 773 16.44 78.27 35.41
N ARG C 774 17.14 79.39 35.22
CA ARG C 774 18.57 79.39 34.87
C ARG C 774 19.41 78.71 35.94
N ALA C 775 19.07 78.89 37.21
CA ALA C 775 19.74 78.23 38.31
C ALA C 775 19.44 76.72 38.35
N GLN C 776 18.20 76.29 38.15
CA GLN C 776 17.84 74.87 38.04
C GLN C 776 18.51 74.19 36.85
N LEU C 777 18.60 74.86 35.71
CA LEU C 777 19.34 74.36 34.56
C LEU C 777 20.82 74.13 34.90
N GLU C 778 21.43 75.10 35.61
CA GLU C 778 22.83 75.00 36.00
C GLU C 778 23.07 73.86 37.01
N LEU C 779 22.18 73.70 37.97
CA LEU C 779 22.18 72.57 38.89
C LEU C 779 22.09 71.26 38.10
N GLU C 780 21.14 71.11 37.19
CA GLU C 780 20.93 69.86 36.45
C GLU C 780 22.14 69.52 35.58
N VAL C 781 22.64 70.48 34.80
CA VAL C 781 23.82 70.26 33.96
C VAL C 781 25.04 69.92 34.80
N SER C 782 25.21 70.55 35.97
CA SER C 782 26.31 70.20 36.86
C SER C 782 26.21 68.76 37.39
N LYS C 783 24.99 68.23 37.61
CA LYS C 783 24.81 66.82 37.93
C LYS C 783 25.14 65.94 36.74
N ALA C 784 24.60 66.25 35.57
CA ALA C 784 24.83 65.45 34.38
C ALA C 784 26.32 65.35 34.06
N GLN C 785 27.05 66.47 34.12
CA GLN C 785 28.51 66.48 33.95
C GLN C 785 29.20 65.56 34.93
N GLN C 786 28.97 65.73 36.23
CA GLN C 786 29.72 65.01 37.25
C GLN C 786 29.42 63.51 37.25
N LEU C 787 28.16 63.09 37.12
CA LEU C 787 27.86 61.66 37.03
C LEU C 787 28.38 61.04 35.73
N ALA C 788 28.39 61.75 34.60
CA ALA C 788 29.04 61.25 33.40
C ALA C 788 30.56 61.09 33.61
N GLU C 789 31.21 62.03 34.29
CA GLU C 789 32.64 61.94 34.59
C GLU C 789 32.98 60.68 35.39
N VAL C 790 32.16 60.38 36.39
CA VAL C 790 32.28 59.17 37.21
C VAL C 790 32.13 57.90 36.39
N GLU C 791 31.12 57.84 35.52
CA GLU C 791 30.85 56.64 34.74
C GLU C 791 31.91 56.37 33.66
N VAL C 792 32.55 57.41 33.15
CA VAL C 792 33.69 57.28 32.24
C VAL C 792 34.89 56.73 32.97
N LYS C 793 35.26 57.32 34.10
CA LYS C 793 36.41 56.87 34.90
C LYS C 793 36.29 55.39 35.28
N LYS C 794 35.11 54.96 35.73
CA LYS C 794 34.79 53.56 36.01
C LYS C 794 35.01 52.70 34.77
N PHE C 795 34.40 53.03 33.64
CA PHE C 795 34.55 52.29 32.39
C PHE C 795 36.01 52.25 31.93
N LYS C 796 36.70 53.37 31.97
CA LYS C 796 38.08 53.54 31.59
C LYS C 796 38.99 52.64 32.42
N GLN C 797 38.85 52.62 33.74
CA GLN C 797 39.78 51.87 34.58
C GLN C 797 39.53 50.37 34.53
N MET C 798 38.28 49.92 34.37
CA MET C 798 38.02 48.50 34.15
C MET C 798 38.52 48.04 32.77
N THR C 799 38.27 48.80 31.71
CA THR C 799 38.77 48.48 30.37
C THR C 799 40.29 48.58 30.24
N GLU C 800 40.94 49.44 31.03
CA GLU C 800 42.39 49.45 31.22
C GLU C 800 42.88 48.14 31.83
N ALA C 801 42.17 47.63 32.84
CA ALA C 801 42.57 46.45 33.60
C ALA C 801 42.51 45.15 32.78
N ILE C 802 41.47 44.99 31.98
CA ILE C 802 41.26 43.81 31.12
C ILE C 802 42.11 43.87 29.84
N GLY C 803 42.34 45.07 29.32
CA GLY C 803 43.02 45.28 28.05
C GLY C 803 42.04 45.15 26.89
N PRO C 804 41.95 46.13 25.98
CA PRO C 804 41.09 46.04 24.81
C PRO C 804 41.34 44.81 23.95
N SER C 805 42.57 44.26 23.90
CA SER C 805 42.84 43.02 23.18
C SER C 805 42.13 41.82 23.80
N THR C 806 41.95 41.77 25.12
CA THR C 806 41.18 40.69 25.74
C THR C 806 39.70 40.82 25.42
N ILE C 807 39.15 42.03 25.41
CA ILE C 807 37.75 42.24 24.99
C ILE C 807 37.58 41.82 23.52
N ARG C 808 38.50 42.24 22.65
CA ARG C 808 38.51 41.84 21.24
C ARG C 808 38.52 40.32 21.12
N ASP C 809 39.48 39.66 21.74
CA ASP C 809 39.65 38.23 21.58
C ASP C 809 38.54 37.41 22.27
N LEU C 810 37.89 37.90 23.33
CA LEU C 810 36.61 37.33 23.78
C LEU C 810 35.50 37.52 22.75
N ALA C 811 35.43 38.67 22.08
CA ALA C 811 34.39 38.94 21.09
C ALA C 811 34.54 38.08 19.82
N VAL C 812 35.77 37.83 19.37
CA VAL C 812 36.08 36.93 18.24
C VAL C 812 35.66 35.48 18.51
N ALA C 813 35.67 35.02 19.76
CA ALA C 813 35.25 33.65 20.04
C ALA C 813 33.78 33.41 19.70
N GLY C 814 32.89 34.35 20.03
CA GLY C 814 31.44 34.27 19.78
C GLY C 814 31.05 33.70 18.42
N PRO C 815 31.48 34.32 17.29
CA PRO C 815 31.25 33.78 15.97
C PRO C 815 32.12 32.57 15.63
N GLU C 816 33.40 32.56 16.01
CA GLU C 816 34.31 31.47 15.63
C GLU C 816 33.88 30.11 16.19
N MET C 817 33.36 30.10 17.42
CA MET C 817 32.64 28.98 18.02
C MET C 817 31.57 28.48 17.08
N GLN C 818 30.65 29.36 16.69
CA GLN C 818 29.51 28.97 15.89
C GLN C 818 29.95 28.44 14.54
N VAL C 819 31.00 29.02 13.94
CA VAL C 819 31.58 28.48 12.72
C VAL C 819 32.10 27.07 12.93
N LYS C 820 33.02 26.82 13.88
CA LYS C 820 33.55 25.47 14.10
C LYS C 820 32.45 24.48 14.46
N LEU C 821 31.48 24.90 15.27
CA LEU C 821 30.35 24.07 15.67
C LEU C 821 29.58 23.60 14.44
N LEU C 822 29.09 24.51 13.60
CA LEU C 822 28.31 24.09 12.45
C LEU C 822 29.16 23.34 11.42
N GLN C 823 30.43 23.71 11.23
CA GLN C 823 31.32 22.91 10.41
C GLN C 823 31.38 21.45 10.88
N SER C 824 31.26 21.20 12.18
CA SER C 824 31.40 19.86 12.73
C SER C 824 30.26 18.91 12.39
N LEU C 825 29.13 19.40 11.89
CA LEU C 825 28.09 18.53 11.34
C LEU C 825 28.52 17.85 10.02
N GLY C 826 29.61 18.27 9.39
CA GLY C 826 30.17 17.65 8.17
C GLY C 826 29.17 17.50 7.02
N LEU C 827 28.28 18.48 6.90
CA LEU C 827 27.01 18.38 6.19
C LEU C 827 27.23 18.30 4.68
N LYS C 828 27.09 17.10 4.10
CA LYS C 828 27.48 16.78 2.71
C LYS C 828 26.47 17.25 1.68
N SER C 829 25.20 16.98 1.92
CA SER C 829 24.09 17.13 0.99
C SER C 829 22.83 17.57 1.71
N THR C 830 21.87 18.14 0.99
CA THR C 830 20.71 18.79 1.61
C THR C 830 19.48 18.71 0.71
N LEU C 831 18.29 18.61 1.29
CA LEU C 831 17.05 18.64 0.54
C LEU C 831 16.05 19.53 1.25
N ILE C 832 15.36 20.36 0.49
CA ILE C 832 14.36 21.29 0.99
C ILE C 832 13.02 20.91 0.37
N THR C 833 11.94 20.90 1.14
CA THR C 833 10.59 20.56 0.66
C THR C 833 9.52 21.44 1.27
N ASP C 834 8.36 21.55 0.63
CA ASP C 834 7.18 22.24 1.17
C ASP C 834 6.66 21.59 2.47
N GLU D 769 -10.43 92.20 2.33
CA GLU D 769 -10.00 90.79 2.24
C GLU D 769 -8.74 90.57 1.39
N LEU D 770 -8.71 90.92 0.10
CA LEU D 770 -7.57 90.59 -0.77
C LEU D 770 -6.22 91.13 -0.26
N VAL D 771 -6.20 92.22 0.51
CA VAL D 771 -4.99 92.72 1.18
C VAL D 771 -4.55 91.78 2.31
N TYR D 772 -5.47 91.35 3.16
CA TYR D 772 -5.19 90.40 4.24
C TYR D 772 -4.77 89.05 3.69
N ALA D 773 -5.42 88.59 2.63
CA ALA D 773 -5.11 87.32 1.99
C ALA D 773 -3.72 87.35 1.35
N ARG D 774 -3.35 88.43 0.66
CA ARG D 774 -1.99 88.63 0.14
C ARG D 774 -0.95 88.64 1.25
N ALA D 775 -1.29 89.25 2.37
CA ALA D 775 -0.42 89.30 3.52
C ALA D 775 -0.27 87.91 4.18
N GLN D 776 -1.36 87.16 4.32
CA GLN D 776 -1.34 85.78 4.80
C GLN D 776 -0.57 84.85 3.87
N LEU D 777 -0.70 85.02 2.56
CA LEU D 777 0.06 84.25 1.59
C LEU D 777 1.55 84.51 1.75
N GLU D 778 1.94 85.77 1.93
CA GLU D 778 3.33 86.13 2.15
C GLU D 778 3.88 85.55 3.46
N LEU D 779 3.10 85.60 4.53
CA LEU D 779 3.43 84.93 5.79
C LEU D 779 3.67 83.44 5.57
N GLU D 780 2.75 82.73 4.91
CA GLU D 780 2.87 81.28 4.72
C GLU D 780 4.09 80.92 3.89
N VAL D 781 4.32 81.60 2.78
CA VAL D 781 5.49 81.39 1.93
C VAL D 781 6.77 81.68 2.67
N SER D 782 6.83 82.75 3.46
CA SER D 782 8.01 83.08 4.25
C SER D 782 8.33 81.99 5.27
N LYS D 783 7.33 81.33 5.86
CA LYS D 783 7.54 80.16 6.72
C LYS D 783 8.04 78.98 5.92
N ALA D 784 7.40 78.66 4.81
CA ALA D 784 7.78 77.51 4.00
C ALA D 784 9.23 77.61 3.52
N GLN D 785 9.64 78.79 3.03
CA GLN D 785 11.02 79.08 2.66
C GLN D 785 11.97 78.77 3.81
N GLN D 786 11.75 79.37 4.97
CA GLN D 786 12.72 79.30 6.06
C GLN D 786 12.82 77.92 6.69
N LEU D 787 11.71 77.21 6.89
CA LEU D 787 11.78 75.83 7.39
C LEU D 787 12.43 74.88 6.37
N ALA D 788 12.20 75.06 5.07
CA ALA D 788 12.95 74.30 4.07
C ALA D 788 14.44 74.64 4.12
N GLU D 789 14.81 75.90 4.29
CA GLU D 789 16.22 76.31 4.39
C GLU D 789 16.96 75.60 5.53
N VAL D 790 16.30 75.49 6.68
CA VAL D 790 16.80 74.76 7.85
C VAL D 790 16.95 73.27 7.55
N GLU D 791 15.95 72.65 6.94
CA GLU D 791 15.95 71.21 6.69
C GLU D 791 17.00 70.78 5.65
N VAL D 792 17.29 71.62 4.68
CA VAL D 792 18.38 71.41 3.73
C VAL D 792 19.71 71.49 4.43
N LYS D 793 19.96 72.57 5.18
CA LYS D 793 21.22 72.79 5.89
C LYS D 793 21.54 71.62 6.82
N LYS D 794 20.56 71.15 7.57
CA LYS D 794 20.65 69.94 8.41
C LYS D 794 21.04 68.72 7.58
N PHE D 795 20.29 68.40 6.53
CA PHE D 795 20.57 67.28 5.64
C PHE D 795 21.97 67.38 5.00
N LYS D 796 22.32 68.54 4.49
CA LYS D 796 23.60 68.84 3.88
C LYS D 796 24.75 68.61 4.85
N GLN D 797 24.68 69.12 6.07
CA GLN D 797 25.80 68.98 7.00
C GLN D 797 25.92 67.57 7.56
N MET D 798 24.82 66.85 7.78
CA MET D 798 24.90 65.44 8.15
C MET D 798 25.44 64.58 7.00
N THR D 799 25.00 64.79 5.78
CA THR D 799 25.55 64.06 4.61
C THR D 799 26.99 64.44 4.29
N GLU D 800 27.42 65.67 4.58
CA GLU D 800 28.83 66.09 4.54
C GLU D 800 29.67 65.28 5.53
N ALA D 801 29.14 65.04 6.74
CA ALA D 801 29.85 64.35 7.81
C ALA D 801 30.11 62.87 7.54
N ILE D 802 29.18 62.20 6.88
CA ILE D 802 29.29 60.76 6.57
C ILE D 802 30.04 60.52 5.26
N GLY D 803 29.92 61.43 4.30
CA GLY D 803 30.44 61.25 2.95
C GLY D 803 29.46 60.47 2.08
N PRO D 804 29.04 60.99 0.91
CA PRO D 804 28.16 60.27 0.02
C PRO D 804 28.65 58.88 -0.40
N SER D 805 29.97 58.66 -0.48
CA SER D 805 30.51 57.33 -0.77
C SER D 805 30.27 56.33 0.37
N THR D 806 30.21 56.78 1.62
CA THR D 806 29.82 55.89 2.72
C THR D 806 28.34 55.52 2.63
N ILE D 807 27.46 56.46 2.27
CA ILE D 807 26.04 56.15 2.04
C ILE D 807 25.89 55.19 0.86
N ARG D 808 26.61 55.44 -0.24
CA ARG D 808 26.70 54.54 -1.39
C ARG D 808 27.10 53.13 -0.95
N ASP D 809 28.22 52.99 -0.27
CA ASP D 809 28.75 51.67 0.05
C ASP D 809 27.90 50.91 1.07
N LEU D 810 27.23 51.60 2.01
CA LEU D 810 26.17 51.01 2.82
C LEU D 810 24.96 50.56 1.98
N ALA D 811 24.59 51.29 0.93
CA ALA D 811 23.46 50.94 0.09
C ALA D 811 23.74 49.76 -0.85
N VAL D 812 24.95 49.69 -1.42
CA VAL D 812 25.45 48.54 -2.19
C VAL D 812 25.46 47.24 -1.38
N ALA D 813 25.68 47.32 -0.06
CA ALA D 813 25.74 46.13 0.76
C ALA D 813 24.44 45.32 0.69
N GLY D 814 23.28 45.91 1.00
CA GLY D 814 21.99 45.21 1.07
C GLY D 814 21.78 44.14 -0.01
N PRO D 815 21.79 44.50 -1.31
CA PRO D 815 21.73 43.55 -2.41
C PRO D 815 22.86 42.53 -2.38
N GLU D 816 24.11 42.96 -2.28
CA GLU D 816 25.27 42.08 -2.38
C GLU D 816 25.31 41.02 -1.28
N MET D 817 24.99 41.42 -0.05
CA MET D 817 24.87 40.51 1.09
C MET D 817 23.77 39.49 0.84
N GLN D 818 22.61 39.93 0.32
CA GLN D 818 21.53 39.02 -0.02
C GLN D 818 21.91 38.05 -1.14
N VAL D 819 22.65 38.51 -2.14
CA VAL D 819 23.18 37.64 -3.20
C VAL D 819 24.07 36.57 -2.58
N LYS D 820 25.08 36.92 -1.79
CA LYS D 820 25.94 35.92 -1.14
C LYS D 820 25.16 34.98 -0.25
N LEU D 821 24.17 35.47 0.49
CA LEU D 821 23.31 34.63 1.30
C LEU D 821 22.64 33.56 0.45
N LEU D 822 21.90 33.95 -0.59
CA LEU D 822 21.22 32.95 -1.41
C LEU D 822 22.19 32.06 -2.17
N GLN D 823 23.32 32.57 -2.66
CA GLN D 823 24.33 31.70 -3.24
C GLN D 823 24.77 30.58 -2.28
N SER D 824 24.77 30.84 -0.97
CA SER D 824 25.25 29.87 0.01
C SER D 824 24.36 28.64 0.21
N LEU D 825 23.13 28.65 -0.29
CA LEU D 825 22.30 27.45 -0.33
C LEU D 825 22.78 26.45 -1.39
N GLY D 826 23.58 26.87 -2.37
CA GLY D 826 24.21 25.97 -3.36
C GLY D 826 23.23 25.13 -4.19
N LEU D 827 22.06 25.67 -4.53
CA LEU D 827 20.99 24.94 -5.20
C LEU D 827 21.45 24.32 -6.53
N LYS D 828 21.62 23.00 -6.55
CA LYS D 828 22.09 22.26 -7.73
C LYS D 828 20.96 22.02 -8.73
N SER D 829 19.82 21.57 -8.23
CA SER D 829 18.65 21.14 -8.99
C SER D 829 17.37 21.43 -8.22
N THR D 830 16.26 21.62 -8.92
CA THR D 830 14.99 21.96 -8.27
C THR D 830 13.80 21.35 -8.97
N LEU D 831 12.68 21.24 -8.27
CA LEU D 831 11.43 20.70 -8.76
C LEU D 831 10.29 21.59 -8.32
N ILE D 832 9.37 21.86 -9.23
CA ILE D 832 8.15 22.60 -8.96
C ILE D 832 6.96 21.66 -9.17
N THR D 833 5.94 21.74 -8.32
CA THR D 833 4.73 20.92 -8.43
C THR D 833 3.44 21.68 -8.17
N ASP D 834 2.31 21.09 -8.52
CA ASP D 834 0.95 21.52 -8.19
C ASP D 834 0.71 21.65 -6.67
N GLU E 769 -34.68 80.52 -30.44
CA GLU E 769 -33.89 79.33 -30.07
C GLU E 769 -32.66 79.08 -30.95
N LEU E 770 -32.77 78.91 -32.26
CA LEU E 770 -31.62 78.53 -33.10
C LEU E 770 -30.46 79.51 -33.02
N VAL E 771 -30.70 80.79 -32.72
CA VAL E 771 -29.64 81.78 -32.46
C VAL E 771 -28.91 81.50 -31.14
N TYR E 772 -29.65 81.23 -30.07
CA TYR E 772 -29.08 80.88 -28.78
C TYR E 772 -28.33 79.56 -28.83
N ALA E 773 -28.88 78.58 -29.53
CA ALA E 773 -28.26 77.27 -29.70
C ALA E 773 -26.96 77.37 -30.50
N ARG E 774 -26.93 78.14 -31.59
CA ARG E 774 -25.69 78.43 -32.33
C ARG E 774 -24.65 79.12 -31.45
N ALA E 775 -25.09 80.02 -30.59
CA ALA E 775 -24.21 80.69 -29.67
C ALA E 775 -23.68 79.74 -28.57
N GLN E 776 -24.53 78.88 -28.03
CA GLN E 776 -24.14 77.83 -27.08
C GLN E 776 -23.18 76.83 -27.72
N LEU E 777 -23.38 76.46 -28.97
CA LEU E 777 -22.47 75.61 -29.71
C LEU E 777 -21.10 76.26 -29.85
N GLU E 778 -21.07 77.54 -30.22
CA GLU E 778 -19.82 78.28 -30.37
C GLU E 778 -19.07 78.38 -29.03
N LEU E 779 -19.79 78.61 -27.95
CA LEU E 779 -19.23 78.59 -26.61
C LEU E 779 -18.63 77.22 -26.29
N GLU E 780 -19.39 76.14 -26.42
CA GLU E 780 -18.92 74.79 -26.08
C GLU E 780 -17.69 74.38 -26.88
N VAL E 781 -17.70 74.63 -28.19
CA VAL E 781 -16.55 74.38 -29.05
C VAL E 781 -15.35 75.23 -28.64
N SER E 782 -15.56 76.51 -28.32
CA SER E 782 -14.47 77.37 -27.88
C SER E 782 -13.82 76.90 -26.58
N LYS E 783 -14.60 76.33 -25.64
CA LYS E 783 -14.04 75.68 -24.45
C LYS E 783 -13.24 74.45 -24.84
N ALA E 784 -13.83 73.56 -25.63
CA ALA E 784 -13.17 72.32 -26.02
C ALA E 784 -11.84 72.59 -26.73
N GLN E 785 -11.80 73.54 -27.67
CA GLN E 785 -10.57 73.97 -28.33
C GLN E 785 -9.52 74.42 -27.32
N GLN E 786 -9.83 75.36 -26.46
CA GLN E 786 -8.85 75.97 -25.56
C GLN E 786 -8.33 74.98 -24.51
N LEU E 787 -9.19 74.18 -23.89
CA LEU E 787 -8.72 73.16 -22.95
C LEU E 787 -7.92 72.06 -23.66
N ALA E 788 -8.24 71.69 -24.90
CA ALA E 788 -7.38 70.79 -25.66
C ALA E 788 -6.01 71.43 -25.94
N GLU E 789 -5.96 72.73 -26.23
CA GLU E 789 -4.70 73.42 -26.47
C GLU E 789 -3.78 73.38 -25.24
N VAL E 790 -4.33 73.61 -24.05
CA VAL E 790 -3.62 73.54 -22.77
C VAL E 790 -3.15 72.11 -22.48
N GLU E 791 -4.01 71.12 -22.69
CA GLU E 791 -3.66 69.72 -22.45
C GLU E 791 -2.58 69.22 -23.41
N VAL E 792 -2.62 69.61 -24.68
CA VAL E 792 -1.54 69.31 -25.62
C VAL E 792 -0.24 69.96 -25.18
N LYS E 793 -0.24 71.27 -24.90
CA LYS E 793 0.97 72.00 -24.52
C LYS E 793 1.63 71.37 -23.29
N LYS E 794 0.85 71.04 -22.26
CA LYS E 794 1.32 70.35 -21.06
C LYS E 794 1.98 69.02 -21.42
N PHE E 795 1.29 68.16 -22.14
CA PHE E 795 1.83 66.86 -22.57
C PHE E 795 3.10 67.00 -23.40
N LYS E 796 3.11 67.93 -24.35
CA LYS E 796 4.26 68.19 -25.20
C LYS E 796 5.48 68.59 -24.37
N GLN E 797 5.35 69.52 -23.44
CA GLN E 797 6.52 70.01 -22.71
C GLN E 797 7.04 69.02 -21.68
N MET E 798 6.19 68.20 -21.07
CA MET E 798 6.68 67.12 -20.20
C MET E 798 7.38 66.02 -21.02
N THR E 799 6.82 65.59 -22.14
CA THR E 799 7.49 64.60 -23.01
C THR E 799 8.78 65.12 -23.63
N GLU E 800 8.88 66.42 -23.90
CA GLU E 800 10.12 67.11 -24.29
C GLU E 800 11.17 67.01 -23.19
N ALA E 801 10.78 67.13 -21.91
CA ALA E 801 11.70 67.14 -20.77
C ALA E 801 12.35 65.77 -20.50
N ILE E 802 11.56 64.71 -20.58
CA ILE E 802 12.01 63.33 -20.33
C ILE E 802 12.74 62.75 -21.55
N GLY E 803 12.32 63.14 -22.74
CA GLY E 803 12.88 62.64 -23.98
C GLY E 803 12.18 61.36 -24.45
N PRO E 804 11.77 61.28 -25.73
CA PRO E 804 11.19 60.07 -26.30
C PRO E 804 12.07 58.83 -26.12
N SER E 805 13.40 58.96 -26.18
CA SER E 805 14.29 57.83 -25.93
C SER E 805 14.16 57.29 -24.51
N THR E 806 13.97 58.14 -23.49
CA THR E 806 13.78 57.67 -22.12
C THR E 806 12.44 56.95 -21.97
N ILE E 807 11.36 57.45 -22.57
CA ILE E 807 10.06 56.76 -22.57
C ILE E 807 10.20 55.40 -23.26
N ARG E 808 10.84 55.36 -24.43
CA ARG E 808 11.13 54.14 -25.18
C ARG E 808 11.89 53.15 -24.31
N ASP E 809 13.03 53.55 -23.78
CA ASP E 809 13.91 52.63 -23.06
C ASP E 809 13.33 52.18 -21.70
N LEU E 810 12.48 52.99 -21.05
CA LEU E 810 11.65 52.54 -19.94
C LEU E 810 10.57 51.55 -20.38
N ALA E 811 9.94 51.76 -21.53
CA ALA E 811 8.88 50.89 -22.03
C ALA E 811 9.41 49.52 -22.50
N VAL E 812 10.58 49.49 -23.14
CA VAL E 812 11.31 48.28 -23.51
C VAL E 812 11.68 47.42 -22.30
N ALA E 813 11.86 48.02 -21.12
CA ALA E 813 12.31 47.27 -19.95
C ALA E 813 11.35 46.16 -19.55
N GLY E 814 10.09 46.46 -19.20
CA GLY E 814 9.11 45.49 -18.68
C GLY E 814 9.16 44.11 -19.36
N PRO E 815 9.00 44.02 -20.69
CA PRO E 815 9.21 42.80 -21.45
C PRO E 815 10.57 42.14 -21.20
N GLU E 816 11.67 42.85 -21.45
CA GLU E 816 13.03 42.32 -21.35
C GLU E 816 13.34 41.80 -19.94
N MET E 817 12.90 42.53 -18.91
CA MET E 817 13.03 42.11 -17.53
C MET E 817 12.24 40.83 -17.26
N GLN E 818 10.99 40.76 -17.70
CA GLN E 818 10.19 39.55 -17.53
C GLN E 818 10.81 38.37 -18.27
N VAL E 819 11.38 38.57 -19.46
CA VAL E 819 12.12 37.53 -20.16
C VAL E 819 13.29 37.04 -19.31
N LYS E 820 14.19 37.92 -18.84
CA LYS E 820 15.32 37.48 -18.00
C LYS E 820 14.86 36.80 -16.72
N LEU E 821 13.82 37.31 -16.07
CA LEU E 821 13.28 36.69 -14.86
C LEU E 821 12.86 35.26 -15.15
N LEU E 822 12.01 35.02 -16.16
CA LEU E 822 11.58 33.65 -16.43
C LEU E 822 12.72 32.78 -16.93
N GLN E 823 13.63 33.29 -17.77
CA GLN E 823 14.82 32.51 -18.14
C GLN E 823 15.59 32.01 -16.92
N SER E 824 15.62 32.76 -15.82
CA SER E 824 16.40 32.42 -14.64
C SER E 824 15.87 31.22 -13.86
N LEU E 825 14.65 30.75 -14.11
CA LEU E 825 14.19 29.47 -13.57
C LEU E 825 14.90 28.27 -14.21
N GLY E 826 15.48 28.42 -15.41
CA GLY E 826 16.27 27.38 -16.08
C GLY E 826 15.53 26.06 -16.33
N LEU E 827 14.27 26.11 -16.75
CA LEU E 827 13.41 24.94 -16.93
C LEU E 827 13.95 23.96 -17.96
N LYS E 828 14.50 22.84 -17.51
CA LYS E 828 15.07 21.81 -18.39
C LYS E 828 13.96 20.98 -19.05
N SER E 829 12.98 20.58 -18.27
CA SER E 829 11.91 19.63 -18.64
C SER E 829 10.62 19.96 -17.90
N THR E 830 9.48 19.59 -18.46
CA THR E 830 8.18 19.81 -17.83
C THR E 830 7.22 18.66 -18.06
N LEU E 831 6.19 18.57 -17.22
CA LEU E 831 5.14 17.57 -17.29
C LEU E 831 3.81 18.24 -17.02
N ILE E 832 2.79 17.91 -17.80
CA ILE E 832 1.44 18.43 -17.66
C ILE E 832 0.50 17.27 -17.36
N THR E 833 -0.48 17.44 -16.49
CA THR E 833 -1.42 16.38 -16.10
C THR E 833 -2.83 16.91 -15.83
N ASP E 834 -3.84 16.05 -15.95
CA ASP E 834 -5.23 16.33 -15.55
C ASP E 834 -5.38 16.50 -14.02
N GLU F 769 -56.48 51.48 -52.85
CA GLU F 769 -55.37 50.76 -52.17
C GLU F 769 -54.16 50.49 -53.06
N LEU F 770 -54.27 49.79 -54.19
CA LEU F 770 -53.09 49.39 -54.99
C LEU F 770 -52.23 50.58 -55.44
N VAL F 771 -52.80 51.78 -55.59
CA VAL F 771 -52.04 53.01 -55.86
C VAL F 771 -51.21 53.44 -54.65
N TYR F 772 -51.82 53.46 -53.46
CA TYR F 772 -51.13 53.78 -52.22
C TYR F 772 -50.05 52.76 -51.89
N ALA F 773 -50.34 51.48 -52.10
CA ALA F 773 -49.40 50.41 -51.86
C ALA F 773 -48.20 50.48 -52.81
N ARG F 774 -48.42 50.76 -54.10
CA ARG F 774 -47.33 51.00 -55.05
C ARG F 774 -46.49 52.21 -54.65
N ALA F 775 -47.10 53.25 -54.10
CA ALA F 775 -46.37 54.42 -53.64
C ALA F 775 -45.55 54.14 -52.36
N GLN F 776 -46.10 53.39 -51.41
CA GLN F 776 -45.38 52.97 -50.22
C GLN F 776 -44.17 52.08 -50.53
N LEU F 777 -44.29 51.19 -51.51
CA LEU F 777 -43.17 50.37 -51.96
C LEU F 777 -42.02 51.23 -52.49
N GLU F 778 -42.35 52.27 -53.26
CA GLU F 778 -41.34 53.15 -53.83
C GLU F 778 -40.58 53.94 -52.75
N LEU F 779 -41.30 54.47 -51.77
CA LEU F 779 -40.69 55.12 -50.62
C LEU F 779 -39.72 54.18 -49.91
N GLU F 780 -40.15 52.95 -49.62
CA GLU F 780 -39.32 51.98 -48.89
C GLU F 780 -38.05 51.61 -49.65
N VAL F 781 -38.19 51.27 -50.94
CA VAL F 781 -37.05 50.95 -51.80
C VAL F 781 -36.11 52.14 -51.92
N SER F 782 -36.62 53.36 -52.04
CA SER F 782 -35.78 54.55 -52.13
C SER F 782 -34.98 54.80 -50.85
N LYS F 783 -35.52 54.46 -49.68
CA LYS F 783 -34.76 54.48 -48.42
C LYS F 783 -33.69 53.40 -48.40
N ALA F 784 -34.04 52.18 -48.76
CA ALA F 784 -33.09 51.07 -48.77
C ALA F 784 -31.92 51.34 -49.73
N GLN F 785 -32.19 51.84 -50.94
CA GLN F 785 -31.15 52.27 -51.88
C GLN F 785 -30.19 53.27 -51.24
N GLN F 786 -30.72 54.36 -50.69
CA GLN F 786 -29.90 55.47 -50.22
C GLN F 786 -29.11 55.14 -48.95
N LEU F 787 -29.71 54.53 -47.93
CA LEU F 787 -28.94 54.12 -46.75
C LEU F 787 -27.91 53.05 -47.09
N ALA F 788 -28.19 52.13 -48.01
CA ALA F 788 -27.16 51.21 -48.50
C ALA F 788 -26.03 51.97 -49.21
N GLU F 789 -26.34 52.98 -50.02
CA GLU F 789 -25.32 53.78 -50.70
C GLU F 789 -24.37 54.46 -49.70
N VAL F 790 -24.92 55.02 -48.63
CA VAL F 790 -24.14 55.63 -47.53
C VAL F 790 -23.28 54.60 -46.82
N GLU F 791 -23.85 53.46 -46.48
CA GLU F 791 -23.13 52.41 -45.75
C GLU F 791 -22.06 51.73 -46.60
N VAL F 792 -22.23 51.64 -47.92
CA VAL F 792 -21.14 51.25 -48.82
C VAL F 792 -20.07 52.31 -48.86
N LYS F 793 -20.40 53.58 -49.12
CA LYS F 793 -19.41 54.65 -49.24
C LYS F 793 -18.55 54.74 -47.97
N LYS F 794 -19.15 54.64 -46.79
CA LYS F 794 -18.47 54.60 -45.51
C LYS F 794 -17.48 53.44 -45.45
N PHE F 795 -17.94 52.21 -45.69
CA PHE F 795 -17.10 51.03 -45.70
C PHE F 795 -15.94 51.15 -46.70
N LYS F 796 -16.24 51.64 -47.90
CA LYS F 796 -15.25 51.80 -48.94
C LYS F 796 -14.15 52.76 -48.55
N GLN F 797 -14.48 53.91 -47.98
CA GLN F 797 -13.44 54.90 -47.68
C GLN F 797 -12.60 54.53 -46.47
N MET F 798 -13.16 53.87 -45.45
CA MET F 798 -12.34 53.35 -44.35
C MET F 798 -11.41 52.21 -44.80
N THR F 799 -11.91 51.26 -45.59
CA THR F 799 -11.08 50.18 -46.13
C THR F 799 -10.02 50.68 -47.11
N GLU F 800 -10.28 51.75 -47.85
CA GLU F 800 -9.27 52.48 -48.63
C GLU F 800 -8.19 53.07 -47.73
N ALA F 801 -8.56 53.62 -46.58
CA ALA F 801 -7.64 54.32 -45.67
C ALA F 801 -6.63 53.39 -44.98
N ILE F 802 -7.07 52.22 -44.53
CA ILE F 802 -6.20 51.22 -43.90
C ILE F 802 -5.37 50.46 -44.94
N GLY F 803 -5.88 50.29 -46.15
CA GLY F 803 -5.32 49.43 -47.19
C GLY F 803 -5.71 47.97 -46.95
N PRO F 804 -6.33 47.29 -47.92
CA PRO F 804 -6.72 45.89 -47.77
C PRO F 804 -5.58 44.95 -47.39
N SER F 805 -4.33 45.21 -47.80
CA SER F 805 -3.19 44.39 -47.37
C SER F 805 -2.92 44.50 -45.86
N THR F 806 -3.23 45.64 -45.23
CA THR F 806 -3.12 45.77 -43.78
C THR F 806 -4.20 44.96 -43.07
N ILE F 807 -5.42 44.93 -43.61
CA ILE F 807 -6.49 44.05 -43.09
C ILE F 807 -6.08 42.58 -43.24
N ARG F 808 -5.57 42.20 -44.41
CA ARG F 808 -5.03 40.86 -44.66
C ARG F 808 -4.00 40.49 -43.60
N ASP F 809 -2.97 41.31 -43.45
CA ASP F 809 -1.85 40.98 -42.56
C ASP F 809 -2.22 41.00 -41.07
N LEU F 810 -3.23 41.75 -40.63
CA LEU F 810 -3.85 41.55 -39.32
C LEU F 810 -4.59 40.20 -39.22
N ALA F 811 -5.28 39.77 -40.27
CA ALA F 811 -6.03 38.52 -40.28
C ALA F 811 -5.13 37.26 -40.35
N VAL F 812 -3.99 37.34 -41.04
CA VAL F 812 -2.92 36.32 -41.01
C VAL F 812 -2.33 36.15 -39.61
N ALA F 813 -2.20 37.24 -38.83
CA ALA F 813 -1.51 37.19 -37.56
C ALA F 813 -2.17 36.23 -36.57
N GLY F 814 -3.47 36.34 -36.31
CA GLY F 814 -4.17 35.52 -35.30
C GLY F 814 -3.81 34.04 -35.34
N PRO F 815 -4.02 33.33 -36.47
CA PRO F 815 -3.58 31.96 -36.66
C PRO F 815 -2.10 31.74 -36.42
N GLU F 816 -1.23 32.54 -37.03
CA GLU F 816 0.22 32.32 -36.97
C GLU F 816 0.78 32.51 -35.57
N MET F 817 0.25 33.49 -34.83
CA MET F 817 0.55 33.66 -33.41
C MET F 817 0.13 32.43 -32.62
N GLN F 818 -1.09 31.92 -32.83
CA GLN F 818 -1.54 30.71 -32.15
C GLN F 818 -0.67 29.51 -32.48
N VAL F 819 -0.19 29.39 -33.73
CA VAL F 819 0.78 28.37 -34.11
C VAL F 819 2.07 28.54 -33.32
N LYS F 820 2.73 29.70 -33.34
CA LYS F 820 3.99 29.89 -32.59
C LYS F 820 3.79 29.67 -31.10
N LEU F 821 2.65 30.08 -30.55
CA LEU F 821 2.30 29.86 -29.15
C LEU F 821 2.28 28.37 -28.83
N LEU F 822 1.44 27.57 -29.51
CA LEU F 822 1.37 26.15 -29.18
C LEU F 822 2.64 25.40 -29.55
N GLN F 823 3.35 25.78 -30.61
CA GLN F 823 4.68 25.20 -30.86
C GLN F 823 5.60 25.38 -29.65
N SER F 824 5.50 26.49 -28.92
CA SER F 824 6.41 26.79 -27.82
C SER F 824 6.20 25.96 -26.57
N LEU F 825 5.12 25.18 -26.47
CA LEU F 825 5.03 24.16 -25.42
C LEU F 825 6.04 23.03 -25.61
N GLY F 826 6.60 22.83 -26.81
CA GLY F 826 7.68 21.87 -27.05
C GLY F 826 7.32 20.39 -26.78
N LEU F 827 6.07 20.01 -27.01
CA LEU F 827 5.54 18.70 -26.64
C LEU F 827 6.28 17.55 -27.32
N LYS F 828 7.12 16.81 -26.58
CA LYS F 828 7.89 15.69 -27.12
C LYS F 828 7.04 14.43 -27.26
N SER F 829 6.27 14.12 -26.23
CA SER F 829 5.49 12.89 -26.10
C SER F 829 4.23 13.14 -25.29
N THR F 830 3.18 12.35 -25.51
CA THR F 830 1.91 12.53 -24.81
C THR F 830 1.21 11.20 -24.51
N LEU F 831 0.27 11.23 -23.59
CA LEU F 831 -0.47 10.06 -23.11
C LEU F 831 -1.92 10.45 -22.94
N ILE F 832 -2.83 9.58 -23.36
CA ILE F 832 -4.26 9.78 -23.23
C ILE F 832 -4.82 8.64 -22.38
N THR F 833 -5.78 8.91 -21.50
CA THR F 833 -6.38 7.88 -20.61
C THR F 833 -7.88 8.05 -20.42
N ASP F 834 -8.58 6.96 -20.14
CA ASP F 834 -9.97 6.90 -19.67
C ASP F 834 -10.25 7.89 -18.52
N GLU G 769 -70.04 12.14 -59.71
CA GLU G 769 -68.76 12.00 -58.97
C GLU G 769 -67.56 11.70 -59.86
N LEU G 770 -67.51 10.59 -60.62
CA LEU G 770 -66.31 10.20 -61.37
C LEU G 770 -65.81 11.28 -62.34
N VAL G 771 -66.69 12.15 -62.86
CA VAL G 771 -66.29 13.31 -63.67
C VAL G 771 -65.56 14.36 -62.83
N TYR G 772 -66.09 14.70 -61.66
CA TYR G 772 -65.46 15.65 -60.75
C TYR G 772 -64.15 15.11 -60.21
N ALA G 773 -64.09 13.82 -59.89
CA ALA G 773 -62.90 13.18 -59.40
C ALA G 773 -61.80 13.15 -60.47
N ARG G 774 -62.14 12.83 -61.72
CA ARG G 774 -61.20 12.92 -62.84
C ARG G 774 -60.68 14.34 -63.04
N ALA G 775 -61.53 15.33 -62.83
CA ALA G 775 -61.15 16.72 -62.94
C ALA G 775 -60.25 17.18 -61.77
N GLN G 776 -60.57 16.77 -60.54
CA GLN G 776 -59.72 17.00 -59.38
C GLN G 776 -58.37 16.30 -59.49
N LEU G 777 -58.33 15.10 -60.06
CA LEU G 777 -57.09 14.40 -60.35
C LEU G 777 -56.22 15.21 -61.33
N GLU G 778 -56.81 15.71 -62.39
CA GLU G 778 -56.09 16.50 -63.37
C GLU G 778 -55.55 17.82 -62.79
N LEU G 779 -56.38 18.49 -61.99
CA LEU G 779 -55.96 19.66 -61.24
C LEU G 779 -54.75 19.32 -60.36
N GLU G 780 -54.81 18.28 -59.53
CA GLU G 780 -53.72 17.93 -58.62
C GLU G 780 -52.43 17.58 -59.35
N VAL G 781 -52.51 16.74 -60.39
CA VAL G 781 -51.35 16.38 -61.19
C VAL G 781 -50.75 17.60 -61.87
N SER G 782 -51.56 18.52 -62.37
CA SER G 782 -51.07 19.74 -62.99
C SER G 782 -50.31 20.63 -62.00
N LYS G 783 -50.72 20.68 -60.73
CA LYS G 783 -49.94 21.36 -59.68
C LYS G 783 -48.63 20.63 -59.44
N ALA G 784 -48.67 19.32 -59.24
CA ALA G 784 -47.47 18.53 -58.97
C ALA G 784 -46.43 18.69 -60.09
N GLN G 785 -46.85 18.63 -61.35
CA GLN G 785 -45.98 18.88 -62.50
C GLN G 785 -45.31 20.24 -62.43
N GLN G 786 -46.09 21.31 -62.31
CA GLN G 786 -45.57 22.67 -62.42
C GLN G 786 -44.67 23.06 -61.24
N LEU G 787 -45.01 22.70 -60.00
CA LEU G 787 -44.12 22.96 -58.88
C LEU G 787 -42.84 22.13 -58.96
N ALA G 788 -42.89 20.88 -59.47
CA ALA G 788 -41.66 20.14 -59.70
C ALA G 788 -40.79 20.82 -60.77
N GLU G 789 -41.39 21.32 -61.85
CA GLU G 789 -40.66 22.02 -62.90
C GLU G 789 -39.89 23.24 -62.36
N VAL G 790 -40.55 24.03 -61.51
CA VAL G 790 -39.95 25.18 -60.83
C VAL G 790 -38.79 24.76 -59.93
N GLU G 791 -38.97 23.70 -59.14
CA GLU G 791 -37.94 23.26 -58.20
C GLU G 791 -36.70 22.66 -58.90
N VAL G 792 -36.91 22.00 -60.05
CA VAL G 792 -35.81 21.54 -60.89
C VAL G 792 -35.04 22.73 -61.46
N LYS G 793 -35.72 23.68 -62.09
CA LYS G 793 -35.09 24.86 -62.70
C LYS G 793 -34.25 25.64 -61.68
N LYS G 794 -34.80 25.84 -60.48
CA LYS G 794 -34.09 26.43 -59.35
C LYS G 794 -32.83 25.64 -59.01
N PHE G 795 -32.95 24.34 -58.78
CA PHE G 795 -31.82 23.47 -58.45
C PHE G 795 -30.76 23.47 -59.55
N LYS G 796 -31.19 23.37 -60.80
CA LYS G 796 -30.34 23.38 -61.98
C LYS G 796 -29.55 24.67 -62.09
N GLN G 797 -30.18 25.83 -61.96
CA GLN G 797 -29.48 27.09 -62.17
C GLN G 797 -28.55 27.43 -61.01
N MET G 798 -28.89 27.09 -59.77
CA MET G 798 -27.95 27.24 -58.65
C MET G 798 -26.76 26.30 -58.78
N THR G 799 -26.97 25.02 -59.09
CA THR G 799 -25.86 24.08 -59.30
C THR G 799 -24.98 24.44 -60.49
N GLU G 800 -25.55 24.99 -61.56
CA GLU G 800 -24.81 25.56 -62.68
C GLU G 800 -23.91 26.71 -62.24
N ALA G 801 -24.38 27.57 -61.33
CA ALA G 801 -23.64 28.74 -60.87
C ALA G 801 -22.38 28.39 -60.07
N ILE G 802 -22.44 27.33 -59.28
CA ILE G 802 -21.32 26.87 -58.45
C ILE G 802 -20.38 25.96 -59.24
N GLY G 803 -20.92 25.18 -60.17
CA GLY G 803 -20.19 24.14 -60.89
C GLY G 803 -20.17 22.84 -60.08
N PRO G 804 -20.65 21.72 -60.61
CA PRO G 804 -20.64 20.44 -59.92
C PRO G 804 -19.27 20.03 -59.38
N SER G 805 -18.16 20.34 -60.06
CA SER G 805 -16.83 20.03 -59.52
C SER G 805 -16.50 20.84 -58.25
N THR G 806 -17.05 22.03 -58.07
CA THR G 806 -16.92 22.76 -56.81
C THR G 806 -17.71 22.08 -55.69
N ILE G 807 -18.91 21.56 -55.98
CA ILE G 807 -19.67 20.76 -54.99
C ILE G 807 -18.89 19.50 -54.63
N ARG G 808 -18.36 18.79 -55.63
CA ARG G 808 -17.49 17.62 -55.44
C ARG G 808 -16.33 17.98 -54.51
N ASP G 809 -15.58 19.01 -54.85
CA ASP G 809 -14.38 19.36 -54.10
C ASP G 809 -14.66 19.89 -52.67
N LEU G 810 -15.84 20.43 -52.38
CA LEU G 810 -16.29 20.60 -50.99
C LEU G 810 -16.58 19.26 -50.32
N ALA G 811 -17.28 18.35 -51.01
CA ALA G 811 -17.70 17.08 -50.44
C ALA G 811 -16.53 16.16 -50.08
N VAL G 812 -15.47 16.16 -50.90
CA VAL G 812 -14.20 15.45 -50.65
C VAL G 812 -13.50 15.97 -49.39
N ALA G 813 -13.60 17.27 -49.07
CA ALA G 813 -12.84 17.86 -47.99
C ALA G 813 -13.19 17.27 -46.61
N GLY G 814 -14.46 17.12 -46.27
CA GLY G 814 -14.89 16.64 -44.95
C GLY G 814 -14.15 15.38 -44.48
N PRO G 815 -14.20 14.29 -45.26
CA PRO G 815 -13.40 13.09 -45.03
C PRO G 815 -11.90 13.37 -44.91
N GLU G 816 -11.30 14.03 -45.89
CA GLU G 816 -9.85 14.21 -45.98
C GLU G 816 -9.30 15.01 -44.79
N MET G 817 -10.04 16.03 -44.36
CA MET G 817 -9.71 16.80 -43.16
C MET G 817 -9.79 15.96 -41.91
N GLN G 818 -10.84 15.14 -41.75
CA GLN G 818 -10.92 14.23 -40.61
C GLN G 818 -9.77 13.25 -40.61
N VAL G 819 -9.34 12.76 -41.78
CA VAL G 819 -8.14 11.93 -41.89
C VAL G 819 -6.93 12.70 -41.38
N LYS G 820 -6.60 13.88 -41.93
CA LYS G 820 -5.43 14.64 -41.44
C LYS G 820 -5.51 14.96 -39.96
N LEU G 821 -6.69 15.31 -39.45
CA LEU G 821 -6.90 15.57 -38.03
C LEU G 821 -6.50 14.37 -37.18
N LEU G 822 -7.09 13.20 -37.42
CA LEU G 822 -6.75 12.05 -36.58
C LEU G 822 -5.32 11.59 -36.80
N GLN G 823 -4.79 11.65 -38.02
CA GLN G 823 -3.37 11.39 -38.23
C GLN G 823 -2.49 12.28 -37.35
N SER G 824 -2.90 13.52 -37.09
CA SER G 824 -2.09 14.47 -36.31
C SER G 824 -2.00 14.15 -34.83
N LEU G 825 -2.80 13.23 -34.30
CA LEU G 825 -2.59 12.71 -32.95
C LEU G 825 -1.31 11.88 -32.84
N GLY G 826 -0.80 11.33 -33.94
CA GLY G 826 0.48 10.62 -33.97
C GLY G 826 0.51 9.33 -33.15
N LEU G 827 -0.61 8.62 -33.05
CA LEU G 827 -0.78 7.45 -32.19
C LEU G 827 0.22 6.34 -32.51
N LYS G 828 1.24 6.19 -31.67
CA LYS G 828 2.29 5.18 -31.87
C LYS G 828 1.82 3.80 -31.45
N SER G 829 1.26 3.72 -30.25
CA SER G 829 0.85 2.48 -29.58
C SER G 829 -0.36 2.71 -28.69
N THR G 830 -1.15 1.67 -28.43
CA THR G 830 -2.39 1.79 -27.66
C THR G 830 -2.65 0.60 -26.75
N LEU G 831 -3.53 0.77 -25.78
CA LEU G 831 -3.96 -0.23 -24.83
C LEU G 831 -5.46 -0.13 -24.67
N ILE G 832 -6.14 -1.26 -24.67
CA ILE G 832 -7.57 -1.36 -24.44
C ILE G 832 -7.77 -2.22 -23.20
N THR G 833 -8.70 -1.84 -22.32
CA THR G 833 -9.02 -2.56 -21.09
C THR G 833 -10.52 -2.66 -20.84
N ASP G 834 -10.95 -3.60 -20.01
CA ASP G 834 -12.32 -3.70 -19.50
C ASP G 834 -12.77 -2.42 -18.77
N GLU H 769 -73.04 -28.90 -49.44
CA GLU H 769 -71.74 -28.42 -48.90
C GLU H 769 -70.53 -28.77 -49.77
N LEU H 770 -70.23 -30.03 -50.06
CA LEU H 770 -68.99 -30.40 -50.77
C LEU H 770 -68.85 -29.71 -52.14
N VAL H 771 -69.93 -29.35 -52.81
CA VAL H 771 -69.89 -28.54 -54.04
C VAL H 771 -69.45 -27.10 -53.77
N TYR H 772 -70.01 -26.46 -52.74
CA TYR H 772 -69.62 -25.11 -52.34
C TYR H 772 -68.18 -25.08 -51.83
N ALA H 773 -67.77 -26.08 -51.07
CA ALA H 773 -66.42 -26.19 -50.55
C ALA H 773 -65.40 -26.39 -51.67
N ARG H 774 -65.69 -27.24 -52.66
CA ARG H 774 -64.85 -27.38 -53.86
C ARG H 774 -64.75 -26.08 -54.64
N ALA H 775 -65.83 -25.32 -54.70
CA ALA H 775 -65.85 -24.03 -55.35
C ALA H 775 -65.05 -22.96 -54.58
N GLN H 776 -65.14 -22.93 -53.25
CA GLN H 776 -64.34 -22.06 -52.40
C GLN H 776 -62.86 -22.40 -52.44
N LEU H 777 -62.52 -23.68 -52.49
CA LEU H 777 -61.14 -24.13 -52.69
C LEU H 777 -60.61 -23.61 -54.02
N GLU H 778 -61.38 -23.75 -55.10
CA GLU H 778 -61.00 -23.28 -56.41
C GLU H 778 -60.79 -21.76 -56.45
N LEU H 779 -61.69 -21.01 -55.82
CA LEU H 779 -61.54 -19.56 -55.65
C LEU H 779 -60.24 -19.22 -54.92
N GLU H 780 -59.97 -19.83 -53.77
CA GLU H 780 -58.77 -19.52 -52.99
C GLU H 780 -57.49 -19.83 -53.74
N VAL H 781 -57.40 -21.01 -54.35
CA VAL H 781 -56.22 -21.40 -55.13
C VAL H 781 -56.02 -20.45 -56.31
N SER H 782 -57.09 -20.03 -56.97
CA SER H 782 -57.00 -19.04 -58.05
C SER H 782 -56.45 -17.70 -57.56
N LYS H 783 -56.80 -17.25 -56.35
CA LYS H 783 -56.20 -16.04 -55.75
C LYS H 783 -54.74 -16.27 -55.46
N ALA H 784 -54.39 -17.37 -54.80
CA ALA H 784 -53.02 -17.65 -54.41
C ALA H 784 -52.09 -17.72 -55.62
N GLN H 785 -52.51 -18.39 -56.71
CA GLN H 785 -51.78 -18.42 -57.96
C GLN H 785 -51.50 -17.02 -58.49
N GLN H 786 -52.54 -16.21 -58.62
CA GLN H 786 -52.41 -14.91 -59.28
C GLN H 786 -51.60 -13.90 -58.46
N LEU H 787 -51.80 -13.82 -57.14
CA LEU H 787 -50.95 -12.94 -56.32
C LEU H 787 -49.50 -13.42 -56.29
N ALA H 788 -49.22 -14.72 -56.29
CA ALA H 788 -47.85 -15.19 -56.44
C ALA H 788 -47.26 -14.79 -57.81
N GLU H 789 -48.03 -14.87 -58.88
CA GLU H 789 -47.55 -14.46 -60.21
C GLU H 789 -47.13 -12.99 -60.25
N VAL H 790 -47.92 -12.11 -59.63
CA VAL H 790 -47.60 -10.69 -59.48
C VAL H 790 -46.33 -10.48 -58.67
N GLU H 791 -46.18 -11.18 -57.54
CA GLU H 791 -45.04 -10.99 -56.66
C GLU H 791 -43.72 -11.54 -57.23
N VAL H 792 -43.80 -12.58 -58.07
CA VAL H 792 -42.65 -13.07 -58.83
C VAL H 792 -42.25 -12.06 -59.89
N LYS H 793 -43.18 -11.60 -60.74
CA LYS H 793 -42.90 -10.65 -61.81
C LYS H 793 -42.27 -9.37 -61.27
N LYS H 794 -42.80 -8.84 -60.16
CA LYS H 794 -42.24 -7.70 -59.44
C LYS H 794 -40.80 -7.97 -59.02
N PHE H 795 -40.56 -9.06 -58.28
CA PHE H 795 -39.22 -9.44 -57.84
C PHE H 795 -38.26 -9.63 -59.01
N LYS H 796 -38.70 -10.31 -60.05
CA LYS H 796 -37.93 -10.56 -61.26
C LYS H 796 -37.52 -9.26 -61.93
N GLN H 797 -38.44 -8.34 -62.19
CA GLN H 797 -38.09 -7.15 -62.96
C GLN H 797 -37.25 -6.17 -62.16
N MET H 798 -37.41 -6.08 -60.84
CA MET H 798 -36.49 -5.30 -60.00
C MET H 798 -35.09 -5.94 -59.95
N THR H 799 -34.97 -7.24 -59.71
CA THR H 799 -33.66 -7.92 -59.71
C THR H 799 -32.98 -7.90 -61.08
N GLU H 800 -33.73 -7.96 -62.18
CA GLU H 800 -33.23 -7.73 -63.54
C GLU H 800 -32.59 -6.35 -63.66
N ALA H 801 -33.24 -5.32 -63.10
CA ALA H 801 -32.83 -3.93 -63.23
C ALA H 801 -31.54 -3.60 -62.47
N ILE H 802 -31.39 -4.14 -61.26
CA ILE H 802 -30.17 -3.96 -60.44
C ILE H 802 -29.02 -4.82 -60.93
N GLY H 803 -29.30 -6.03 -61.39
CA GLY H 803 -28.30 -7.00 -61.81
C GLY H 803 -27.90 -7.91 -60.64
N PRO H 804 -27.96 -9.25 -60.78
CA PRO H 804 -27.55 -10.17 -59.73
C PRO H 804 -26.12 -9.95 -59.23
N SER H 805 -25.18 -9.59 -60.10
CA SER H 805 -23.81 -9.29 -59.66
C SER H 805 -23.75 -8.03 -58.78
N THR H 806 -24.64 -7.06 -58.97
CA THR H 806 -24.72 -5.89 -58.08
C THR H 806 -25.23 -6.28 -56.70
N ILE H 807 -26.21 -7.18 -56.62
CA ILE H 807 -26.66 -7.74 -55.33
C ILE H 807 -25.54 -8.53 -54.67
N ARG H 808 -24.84 -9.38 -55.44
CA ARG H 808 -23.67 -10.13 -54.96
C ARG H 808 -22.64 -9.19 -54.36
N ASP H 809 -22.20 -8.21 -55.14
CA ASP H 809 -21.07 -7.37 -54.74
C ASP H 809 -21.40 -6.41 -53.58
N LEU H 810 -22.67 -6.04 -53.39
CA LEU H 810 -23.14 -5.46 -52.12
C LEU H 810 -23.15 -6.47 -50.97
N ALA H 811 -23.57 -7.70 -51.19
CA ALA H 811 -23.64 -8.72 -50.15
C ALA H 811 -22.25 -9.16 -49.65
N VAL H 812 -21.28 -9.28 -50.54
CA VAL H 812 -19.86 -9.51 -50.25
C VAL H 812 -19.26 -8.39 -49.40
N ALA H 813 -19.74 -7.15 -49.54
CA ALA H 813 -19.14 -6.03 -48.83
C ALA H 813 -19.21 -6.18 -47.31
N GLY H 814 -20.38 -6.43 -46.73
CA GLY H 814 -20.58 -6.49 -45.27
C GLY H 814 -19.46 -7.22 -44.52
N PRO H 815 -19.22 -8.50 -44.81
CA PRO H 815 -18.08 -9.25 -44.29
C PRO H 815 -16.73 -8.58 -44.51
N GLU H 816 -16.35 -8.29 -45.75
CA GLU H 816 -15.02 -7.77 -46.08
C GLU H 816 -14.73 -6.44 -45.40
N MET H 817 -15.74 -5.59 -45.31
CA MET H 817 -15.69 -4.30 -44.64
C MET H 817 -15.46 -4.49 -43.15
N GLN H 818 -16.17 -5.43 -42.52
CA GLN H 818 -15.96 -5.76 -41.11
C GLN H 818 -14.58 -6.37 -40.88
N VAL H 819 -14.08 -7.19 -41.80
CA VAL H 819 -12.71 -7.71 -41.73
C VAL H 819 -11.73 -6.55 -41.73
N LYS H 820 -11.77 -5.64 -42.71
CA LYS H 820 -10.84 -4.51 -42.74
C LYS H 820 -10.96 -3.63 -41.50
N LEU H 821 -12.17 -3.41 -40.99
CA LEU H 821 -12.38 -2.67 -39.77
C LEU H 821 -11.60 -3.31 -38.62
N LEU H 822 -11.88 -4.58 -38.29
CA LEU H 822 -11.23 -5.18 -37.14
C LEU H 822 -9.74 -5.37 -37.35
N GLN H 823 -9.28 -5.71 -38.56
CA GLN H 823 -7.85 -5.72 -38.85
C GLN H 823 -7.18 -4.40 -38.47
N SER H 824 -7.86 -3.26 -38.65
CA SER H 824 -7.28 -1.95 -38.40
C SER H 824 -7.05 -1.61 -36.93
N LEU H 825 -7.57 -2.38 -35.99
CA LEU H 825 -7.19 -2.24 -34.58
C LEU H 825 -5.75 -2.68 -34.33
N GLY H 826 -5.15 -3.50 -35.21
CA GLY H 826 -3.74 -3.90 -35.12
C GLY H 826 -3.35 -4.62 -33.82
N LEU H 827 -4.21 -5.50 -33.33
CA LEU H 827 -4.02 -6.22 -32.08
C LEU H 827 -2.79 -7.11 -32.12
N LYS H 828 -1.72 -6.70 -31.44
CA LYS H 828 -0.45 -7.44 -31.39
C LYS H 828 -0.52 -8.60 -30.41
N SER H 829 -1.00 -8.32 -29.20
CA SER H 829 -1.04 -9.24 -28.06
C SER H 829 -2.26 -8.97 -27.21
N THR H 830 -2.75 -9.98 -26.49
CA THR H 830 -3.98 -9.86 -25.71
C THR H 830 -3.94 -10.67 -24.42
N LEU H 831 -4.81 -10.39 -23.48
CA LEU H 831 -4.87 -11.00 -22.17
C LEU H 831 -6.32 -11.17 -21.76
N ILE H 832 -6.70 -12.38 -21.42
CA ILE H 832 -8.02 -12.72 -20.91
C ILE H 832 -7.90 -12.98 -19.42
N THR H 833 -8.82 -12.47 -18.60
CA THR H 833 -8.84 -12.65 -17.14
C THR H 833 -10.24 -12.83 -16.58
N ASP H 834 -10.36 -13.43 -15.39
CA ASP H 834 -11.62 -13.60 -14.66
C ASP H 834 -12.22 -12.27 -14.18
N GLU I 769 -64.54 -62.07 -24.48
CA GLU I 769 -63.39 -61.15 -24.33
C GLU I 769 -62.17 -61.52 -25.17
N LEU I 770 -61.56 -62.69 -25.02
CA LEU I 770 -60.29 -63.00 -25.71
C LEU I 770 -60.38 -62.90 -27.25
N VAL I 771 -61.56 -63.09 -27.84
CA VAL I 771 -61.78 -62.84 -29.28
C VAL I 771 -61.74 -61.35 -29.61
N TYR I 772 -62.40 -60.50 -28.83
CA TYR I 772 -62.37 -59.05 -29.01
C TYR I 772 -60.97 -58.50 -28.77
N ALA I 773 -60.28 -59.00 -27.74
CA ALA I 773 -58.94 -58.57 -27.42
C ALA I 773 -57.95 -58.95 -28.52
N ARG I 774 -58.03 -60.17 -29.07
CA ARG I 774 -57.24 -60.57 -30.24
C ARG I 774 -57.52 -59.69 -31.45
N ALA I 775 -58.77 -59.29 -31.64
CA ALA I 775 -59.14 -58.35 -32.69
C ALA I 775 -58.56 -56.95 -32.45
N GLN I 776 -58.66 -56.42 -31.24
CA GLN I 776 -58.09 -55.12 -30.88
C GLN I 776 -56.56 -55.10 -31.01
N LEU I 777 -55.91 -56.20 -30.64
CA LEU I 777 -54.47 -56.36 -30.85
C LEU I 777 -54.14 -56.31 -32.34
N GLU I 778 -54.87 -57.05 -33.16
CA GLU I 778 -54.62 -57.08 -34.60
C GLU I 778 -54.85 -55.70 -35.24
N LEU I 779 -55.89 -55.01 -34.82
CA LEU I 779 -56.17 -53.65 -35.21
C LEU I 779 -55.01 -52.72 -34.84
N GLU I 780 -54.55 -52.73 -33.59
CA GLU I 780 -53.49 -51.83 -33.15
C GLU I 780 -52.18 -52.10 -33.88
N VAL I 781 -51.78 -53.36 -34.00
CA VAL I 781 -50.59 -53.74 -34.77
C VAL I 781 -50.71 -53.30 -36.23
N SER I 782 -51.87 -53.45 -36.83
CA SER I 782 -52.10 -52.99 -38.21
C SER I 782 -51.93 -51.47 -38.35
N LYS I 783 -52.32 -50.68 -37.34
CA LYS I 783 -52.04 -49.23 -37.32
C LYS I 783 -50.55 -48.96 -37.19
N ALA I 784 -49.90 -49.59 -36.22
CA ALA I 784 -48.50 -49.35 -35.95
C ALA I 784 -47.62 -49.73 -37.15
N GLN I 785 -47.88 -50.86 -37.80
CA GLN I 785 -47.21 -51.25 -39.04
C GLN I 785 -47.33 -50.17 -40.10
N GLN I 786 -48.54 -49.72 -40.40
CA GLN I 786 -48.79 -48.82 -41.51
C GLN I 786 -48.23 -47.42 -41.27
N LEU I 787 -48.43 -46.81 -40.09
CA LEU I 787 -47.83 -45.51 -39.82
C LEU I 787 -46.29 -45.55 -39.78
N ALA I 788 -45.68 -46.64 -39.31
CA ALA I 788 -44.24 -46.80 -39.45
C ALA I 788 -43.81 -46.86 -40.93
N GLU I 789 -44.56 -47.54 -41.77
CA GLU I 789 -44.27 -47.62 -43.20
C GLU I 789 -44.24 -46.23 -43.86
N VAL I 790 -45.22 -45.38 -43.52
CA VAL I 790 -45.30 -43.99 -44.00
C VAL I 790 -44.10 -43.18 -43.53
N GLU I 791 -43.75 -43.29 -42.25
CA GLU I 791 -42.67 -42.50 -41.66
C GLU I 791 -41.29 -42.89 -42.21
N VAL I 792 -41.10 -44.18 -42.53
CA VAL I 792 -39.91 -44.65 -43.22
C VAL I 792 -39.83 -44.08 -44.62
N LYS I 793 -40.87 -44.24 -45.43
CA LYS I 793 -40.91 -43.78 -46.82
C LYS I 793 -40.63 -42.28 -46.92
N LYS I 794 -41.23 -41.48 -46.03
CA LYS I 794 -40.96 -40.05 -45.88
C LYS I 794 -39.47 -39.79 -45.57
N PHE I 795 -38.95 -40.39 -44.52
CA PHE I 795 -37.54 -40.25 -44.14
C PHE I 795 -36.60 -40.69 -45.25
N LYS I 796 -36.87 -41.82 -45.89
CA LYS I 796 -36.09 -42.38 -46.98
C LYS I 796 -36.05 -41.43 -48.17
N GLN I 797 -37.17 -40.86 -48.57
CA GLN I 797 -37.20 -39.99 -49.76
C GLN I 797 -36.60 -38.63 -49.48
N MET I 798 -36.76 -38.06 -48.29
CA MET I 798 -36.07 -36.81 -47.93
C MET I 798 -34.56 -37.02 -47.82
N THR I 799 -34.10 -38.10 -47.20
CA THR I 799 -32.66 -38.40 -47.15
C THR I 799 -32.07 -38.75 -48.52
N GLU I 800 -32.82 -39.40 -49.41
CA GLU I 800 -32.46 -39.58 -50.81
C GLU I 800 -32.29 -38.23 -51.52
N ALA I 801 -33.14 -37.24 -51.22
CA ALA I 801 -33.13 -35.94 -51.88
C ALA I 801 -31.87 -35.11 -51.59
N ILE I 802 -31.41 -35.15 -50.35
CA ILE I 802 -30.25 -34.38 -49.88
C ILE I 802 -28.94 -35.11 -50.17
N GLY I 803 -28.94 -36.43 -50.18
CA GLY I 803 -27.74 -37.25 -50.29
C GLY I 803 -27.08 -37.42 -48.92
N PRO I 804 -26.80 -38.65 -48.46
CA PRO I 804 -26.13 -38.88 -47.18
C PRO I 804 -24.77 -38.18 -47.06
N SER I 805 -24.02 -37.97 -48.16
CA SER I 805 -22.78 -37.22 -48.10
C SER I 805 -22.99 -35.75 -47.73
N THR I 806 -24.11 -35.15 -48.13
CA THR I 806 -24.45 -33.78 -47.73
C THR I 806 -24.79 -33.71 -46.24
N ILE I 807 -25.51 -34.71 -45.71
CA ILE I 807 -25.76 -34.81 -44.27
C ILE I 807 -24.43 -34.97 -43.52
N ARG I 808 -23.58 -35.89 -43.98
CA ARG I 808 -22.25 -36.11 -43.42
C ARG I 808 -21.45 -34.82 -43.38
N ASP I 809 -21.30 -34.15 -44.52
CA ASP I 809 -20.48 -32.95 -44.60
C ASP I 809 -21.07 -31.77 -43.83
N LEU I 810 -22.37 -31.67 -43.62
CA LEU I 810 -22.93 -30.76 -42.61
C LEU I 810 -22.61 -31.20 -41.17
N ALA I 811 -22.62 -32.49 -40.87
CA ALA I 811 -22.35 -32.99 -39.52
C ALA I 811 -20.87 -32.85 -39.11
N VAL I 812 -19.94 -32.99 -40.06
CA VAL I 812 -18.51 -32.70 -39.90
C VAL I 812 -18.26 -31.23 -39.55
N ALA I 813 -19.12 -30.31 -40.01
CA ALA I 813 -18.86 -28.88 -39.82
C ALA I 813 -18.82 -28.48 -38.34
N GLY I 814 -19.87 -28.75 -37.55
CA GLY I 814 -19.95 -28.36 -36.14
C GLY I 814 -18.64 -28.50 -35.36
N PRO I 815 -18.04 -29.70 -35.28
CA PRO I 815 -16.71 -29.90 -34.73
C PRO I 815 -15.62 -29.04 -35.37
N GLU I 816 -15.40 -29.16 -36.68
CA GLU I 816 -14.28 -28.53 -37.39
C GLU I 816 -14.31 -27.01 -37.25
N MET I 817 -15.51 -26.43 -37.36
CA MET I 817 -15.76 -25.02 -37.22
C MET I 817 -15.44 -24.56 -35.81
N GLN I 818 -15.88 -25.29 -34.78
CA GLN I 818 -15.52 -24.98 -33.40
C GLN I 818 -14.03 -25.08 -33.16
N VAL I 819 -13.35 -26.09 -33.74
CA VAL I 819 -11.90 -26.20 -33.66
C VAL I 819 -11.24 -24.95 -34.22
N LYS I 820 -11.55 -24.54 -35.45
CA LYS I 820 -10.96 -23.31 -36.03
C LYS I 820 -11.29 -22.08 -35.22
N LEU I 821 -12.51 -21.95 -34.69
CA LEU I 821 -12.87 -20.82 -33.85
C LEU I 821 -11.94 -20.75 -32.64
N LEU I 822 -11.80 -21.83 -31.87
CA LEU I 822 -10.93 -21.80 -30.71
C LEU I 822 -9.46 -21.64 -31.09
N GLN I 823 -8.98 -22.26 -32.17
CA GLN I 823 -7.61 -22.03 -32.61
C GLN I 823 -7.31 -20.55 -32.88
N SER I 824 -8.32 -19.78 -33.29
CA SER I 824 -8.12 -18.37 -33.63
C SER I 824 -7.83 -17.49 -32.42
N LEU I 825 -8.07 -17.94 -31.19
CA LEU I 825 -7.64 -17.24 -30.00
C LEU I 825 -6.12 -17.26 -29.83
N GLY I 826 -5.40 -18.20 -30.46
CA GLY I 826 -3.93 -18.24 -30.45
C GLY I 826 -3.28 -18.30 -29.06
N LEU I 827 -3.89 -19.03 -28.13
CA LEU I 827 -3.48 -19.12 -26.74
C LEU I 827 -2.05 -19.65 -26.58
N LYS I 828 -1.12 -18.76 -26.24
CA LYS I 828 0.30 -19.07 -26.08
C LYS I 828 0.58 -19.75 -24.75
N SER I 829 0.12 -19.14 -23.67
CA SER I 829 0.37 -19.54 -22.27
C SER I 829 -0.82 -19.21 -21.40
N THR I 830 -1.02 -19.96 -20.32
CA THR I 830 -2.21 -19.82 -19.48
C THR I 830 -1.91 -20.04 -18.00
N LEU I 831 -2.79 -19.56 -17.14
CA LEU I 831 -2.64 -19.60 -15.70
C LEU I 831 -3.97 -20.00 -15.07
N ILE I 832 -3.94 -20.95 -14.16
CA ILE I 832 -5.10 -21.36 -13.39
C ILE I 832 -4.86 -20.97 -11.93
N THR I 833 -5.87 -20.45 -11.25
CA THR I 833 -5.80 -20.10 -9.82
C THR I 833 -7.06 -20.45 -9.05
N ASP I 834 -7.00 -20.47 -7.72
CA ASP I 834 -8.13 -20.68 -6.81
C ASP I 834 -9.16 -19.54 -6.88
N GLU J 769 -46.43 -79.80 9.52
CA GLU J 769 -45.57 -78.65 9.15
C GLU J 769 -44.33 -79.02 8.35
N LEU J 770 -43.41 -79.87 8.83
CA LEU J 770 -42.13 -80.13 8.14
C LEU J 770 -42.32 -80.66 6.70
N VAL J 771 -43.43 -81.33 6.39
CA VAL J 771 -43.77 -81.72 5.01
C VAL J 771 -44.13 -80.52 4.14
N TYR J 772 -44.97 -79.61 4.65
CA TYR J 772 -45.34 -78.39 3.94
C TYR J 772 -44.12 -77.47 3.77
N ALA J 773 -43.29 -77.36 4.78
CA ALA J 773 -42.10 -76.54 4.74
C ALA J 773 -41.09 -77.09 3.73
N ARG J 774 -40.86 -78.41 3.69
CA ARG J 774 -40.03 -79.03 2.65
C ARG J 774 -40.59 -78.79 1.25
N ALA J 775 -41.90 -78.78 1.10
CA ALA J 775 -42.56 -78.47 -0.15
C ALA J 775 -42.44 -76.98 -0.54
N GLN J 776 -42.62 -76.06 0.40
CA GLN J 776 -42.40 -74.63 0.18
C GLN J 776 -40.95 -74.31 -0.17
N LEU J 777 -40.00 -74.99 0.46
CA LEU J 777 -38.59 -74.85 0.10
C LEU J 777 -38.35 -75.29 -1.34
N GLU J 778 -38.96 -76.41 -1.75
CA GLU J 778 -38.82 -76.90 -3.12
C GLU J 778 -39.42 -75.94 -4.15
N LEU J 779 -40.60 -75.40 -3.88
CA LEU J 779 -41.21 -74.37 -4.70
C LEU J 779 -40.28 -73.17 -4.85
N GLU J 780 -39.75 -72.65 -3.74
CA GLU J 780 -38.89 -71.46 -3.76
C GLU J 780 -37.60 -71.71 -4.56
N VAL J 781 -36.92 -72.82 -4.29
CA VAL J 781 -35.69 -73.17 -5.02
C VAL J 781 -35.96 -73.39 -6.49
N SER J 782 -37.07 -74.03 -6.84
CA SER J 782 -37.45 -74.22 -8.24
C SER J 782 -37.70 -72.89 -8.95
N LYS J 783 -38.25 -71.87 -8.28
CA LYS J 783 -38.36 -70.51 -8.83
C LYS J 783 -36.99 -69.90 -9.01
N ALA J 784 -36.17 -69.92 -7.97
CA ALA J 784 -34.86 -69.29 -8.00
C ALA J 784 -33.98 -69.87 -9.12
N GLN J 785 -33.96 -71.19 -9.29
CA GLN J 785 -33.26 -71.85 -10.39
C GLN J 785 -33.72 -71.32 -11.74
N GLN J 786 -35.01 -71.38 -12.00
CA GLN J 786 -35.54 -71.06 -13.33
C GLN J 786 -35.41 -69.58 -13.69
N LEU J 787 -35.65 -68.66 -12.75
CA LEU J 787 -35.42 -67.24 -13.02
C LEU J 787 -33.93 -66.93 -13.21
N ALA J 788 -33.02 -67.59 -12.49
CA ALA J 788 -31.60 -67.44 -12.78
C ALA J 788 -31.25 -67.96 -14.18
N GLU J 789 -31.84 -69.07 -14.61
CA GLU J 789 -31.59 -69.61 -15.94
C GLU J 789 -31.98 -68.62 -17.06
N VAL J 790 -33.12 -67.95 -16.89
CA VAL J 790 -33.58 -66.87 -17.77
C VAL J 790 -32.60 -65.71 -17.82
N GLU J 791 -32.15 -65.23 -16.66
CA GLU J 791 -31.30 -64.06 -16.58
C GLU J 791 -29.88 -64.31 -17.09
N VAL J 792 -29.39 -65.53 -17.00
CA VAL J 792 -28.13 -65.93 -17.61
C VAL J 792 -28.26 -65.97 -19.13
N LYS J 793 -29.26 -66.68 -19.64
CA LYS J 793 -29.49 -66.83 -21.08
C LYS J 793 -29.63 -65.47 -21.75
N LYS J 794 -30.39 -64.56 -21.15
CA LYS J 794 -30.49 -63.16 -21.57
C LYS J 794 -29.13 -62.47 -21.60
N PHE J 795 -28.40 -62.47 -20.49
CA PHE J 795 -27.07 -61.87 -20.41
C PHE J 795 -26.09 -62.47 -21.43
N LYS J 796 -26.08 -63.79 -21.55
CA LYS J 796 -25.25 -64.56 -22.47
C LYS J 796 -25.53 -64.17 -23.91
N GLN J 797 -26.79 -64.10 -24.33
CA GLN J 797 -27.09 -63.86 -25.73
C GLN J 797 -26.89 -62.40 -26.11
N MET J 798 -27.14 -61.45 -25.22
CA MET J 798 -26.76 -60.05 -25.49
C MET J 798 -25.24 -59.87 -25.53
N THR J 799 -24.48 -60.43 -24.59
CA THR J 799 -23.02 -60.35 -24.63
C THR J 799 -22.41 -61.09 -25.82
N GLU J 800 -22.99 -62.20 -26.27
CA GLU J 800 -22.65 -62.87 -27.53
C GLU J 800 -22.82 -61.93 -28.73
N ALA J 801 -23.88 -61.12 -28.74
CA ALA J 801 -24.21 -60.21 -29.83
C ALA J 801 -23.25 -59.02 -29.95
N ILE J 802 -22.83 -58.46 -28.83
CA ILE J 802 -21.90 -57.32 -28.77
C ILE J 802 -20.44 -57.75 -28.92
N GLY J 803 -20.10 -58.94 -28.45
CA GLY J 803 -18.72 -59.43 -28.40
C GLY J 803 -17.99 -58.87 -27.18
N PRO J 804 -17.40 -59.71 -26.31
CA PRO J 804 -16.61 -59.24 -25.18
C PRO J 804 -15.51 -58.26 -25.56
N SER J 805 -14.92 -58.36 -26.75
CA SER J 805 -13.92 -57.39 -27.22
C SER J 805 -14.50 -55.98 -27.39
N THR J 806 -15.78 -55.84 -27.74
CA THR J 806 -16.43 -54.53 -27.80
C THR J 806 -16.67 -53.97 -26.41
N ILE J 807 -17.09 -54.80 -25.45
CA ILE J 807 -17.23 -54.36 -24.05
C ILE J 807 -15.86 -53.92 -23.52
N ARG J 808 -14.82 -54.71 -23.76
CA ARG J 808 -13.43 -54.41 -23.44
C ARG J 808 -13.05 -53.05 -24.00
N ASP J 809 -13.17 -52.87 -25.31
CA ASP J 809 -12.69 -51.66 -25.97
C ASP J 809 -13.53 -50.41 -25.65
N LEU J 810 -14.78 -50.53 -25.21
CA LEU J 810 -15.49 -49.43 -24.54
C LEU J 810 -14.96 -49.16 -23.13
N ALA J 811 -14.69 -50.19 -22.33
CA ALA J 811 -14.22 -50.04 -20.96
C ALA J 811 -12.81 -49.42 -20.87
N VAL J 812 -11.93 -49.79 -21.79
CA VAL J 812 -10.59 -49.18 -21.99
C VAL J 812 -10.69 -47.69 -22.31
N ALA J 813 -11.75 -47.25 -22.97
CA ALA J 813 -11.85 -45.86 -23.41
C ALA J 813 -11.86 -44.90 -22.21
N GLY J 814 -12.80 -45.01 -21.27
CA GLY J 814 -12.98 -44.07 -20.16
C GLY J 814 -11.67 -43.59 -19.53
N PRO J 815 -10.81 -44.49 -19.04
CA PRO J 815 -9.47 -44.16 -18.56
C PRO J 815 -8.62 -43.42 -19.58
N GLU J 816 -8.39 -43.99 -20.76
CA GLU J 816 -7.50 -43.41 -21.78
C GLU J 816 -7.95 -42.03 -22.24
N MET J 817 -9.26 -41.85 -22.35
CA MET J 817 -9.90 -40.59 -22.70
C MET J 817 -9.64 -39.56 -21.64
N GLN J 818 -9.84 -39.90 -20.36
CA GLN J 818 -9.54 -38.99 -19.26
C GLN J 818 -8.05 -38.66 -19.20
N VAL J 819 -7.16 -39.61 -19.50
CA VAL J 819 -5.73 -39.34 -19.61
C VAL J 819 -5.46 -38.30 -20.68
N LYS J 820 -5.92 -38.51 -21.92
CA LYS J 820 -5.70 -37.51 -22.99
C LYS J 820 -6.27 -36.16 -22.63
N LEU J 821 -7.44 -36.11 -22.02
CA LEU J 821 -8.04 -34.86 -21.56
C LEU J 821 -7.09 -34.11 -20.62
N LEU J 822 -6.66 -34.73 -19.51
CA LEU J 822 -5.81 -34.00 -18.58
C LEU J 822 -4.44 -33.69 -19.18
N GLN J 823 -3.85 -34.57 -19.99
CA GLN J 823 -2.61 -34.24 -20.67
C GLN J 823 -2.72 -32.94 -21.47
N SER J 824 -3.89 -32.64 -22.01
CA SER J 824 -4.10 -31.45 -22.86
C SER J 824 -4.07 -30.14 -22.09
N LEU J 825 -4.08 -30.12 -20.75
CA LEU J 825 -3.85 -28.90 -19.99
C LEU J 825 -2.38 -28.44 -20.00
N GLY J 826 -1.42 -29.29 -20.36
CA GLY J 826 0.00 -28.96 -20.39
C GLY J 826 0.70 -28.98 -19.02
N LEU J 827 0.33 -28.09 -18.11
CA LEU J 827 0.79 -28.06 -16.71
C LEU J 827 2.31 -28.14 -16.54
N LYS J 828 3.03 -27.15 -17.06
CA LYS J 828 4.50 -27.09 -16.97
C LYS J 828 5.00 -27.03 -15.53
N SER J 829 4.33 -26.24 -14.70
CA SER J 829 4.71 -25.92 -13.32
C SER J 829 3.48 -25.74 -12.45
N THR J 830 3.58 -26.00 -11.15
CA THR J 830 2.45 -25.83 -10.24
C THR J 830 2.86 -25.34 -8.86
N LEU J 831 1.92 -24.78 -8.11
CA LEU J 831 2.13 -24.21 -6.80
C LEU J 831 0.98 -24.62 -5.91
N ILE J 832 1.28 -25.10 -4.72
CA ILE J 832 0.29 -25.47 -3.71
C ILE J 832 0.47 -24.53 -2.52
N THR J 833 -0.63 -24.02 -1.95
CA THR J 833 -0.60 -23.09 -0.82
C THR J 833 -1.69 -23.38 0.19
N ASP J 834 -1.55 -22.91 1.42
CA ASP J 834 -2.55 -23.04 2.50
C ASP J 834 -3.89 -22.34 2.16
N GLU K 769 -22.96 -78.00 44.74
CA GLU K 769 -22.46 -76.93 43.86
C GLU K 769 -21.19 -77.30 43.07
N LEU K 770 -20.07 -77.64 43.70
CA LEU K 770 -18.80 -77.85 42.98
C LEU K 770 -18.89 -78.93 41.88
N VAL K 771 -19.79 -79.91 42.00
CA VAL K 771 -20.06 -80.89 40.93
C VAL K 771 -20.77 -80.23 39.74
N TYR K 772 -21.79 -79.43 39.99
CA TYR K 772 -22.50 -78.70 38.94
C TYR K 772 -21.59 -77.67 38.26
N ALA K 773 -20.78 -76.97 39.04
CA ALA K 773 -19.85 -75.99 38.53
C ALA K 773 -18.77 -76.63 37.66
N ARG K 774 -18.21 -77.78 38.08
CA ARG K 774 -17.28 -78.55 37.24
C ARG K 774 -17.93 -79.02 35.95
N ALA K 775 -19.20 -79.39 36.01
CA ALA K 775 -19.95 -79.78 34.83
C ALA K 775 -20.21 -78.58 33.90
N GLN K 776 -20.62 -77.43 34.43
CA GLN K 776 -20.78 -76.19 33.68
C GLN K 776 -19.47 -75.71 33.04
N LEU K 777 -18.36 -75.85 33.75
CA LEU K 777 -17.04 -75.55 33.22
C LEU K 777 -16.71 -76.45 32.03
N GLU K 778 -16.96 -77.75 32.16
CA GLU K 778 -16.71 -78.71 31.08
C GLU K 778 -17.57 -78.43 29.85
N LEU K 779 -18.85 -78.11 30.06
CA LEU K 779 -19.75 -77.67 29.00
C LEU K 779 -19.19 -76.42 28.31
N GLU K 780 -18.85 -75.37 29.05
CA GLU K 780 -18.38 -74.11 28.47
C GLU K 780 -17.11 -74.29 27.65
N VAL K 781 -16.13 -75.00 28.19
CA VAL K 781 -14.89 -75.31 27.48
C VAL K 781 -15.16 -76.13 26.23
N SER K 782 -16.05 -77.11 26.30
CA SER K 782 -16.41 -77.92 25.15
C SER K 782 -17.05 -77.09 24.04
N LYS K 783 -17.82 -76.05 24.37
CA LYS K 783 -18.33 -75.09 23.37
C LYS K 783 -17.20 -74.28 22.77
N ALA K 784 -16.36 -73.70 23.61
CA ALA K 784 -15.26 -72.87 23.13
C ALA K 784 -14.33 -73.64 22.19
N GLN K 785 -13.97 -74.88 22.54
CA GLN K 785 -13.18 -75.75 21.67
C GLN K 785 -13.85 -75.93 20.31
N GLN K 786 -15.10 -76.38 20.28
CA GLN K 786 -15.76 -76.75 19.03
C GLN K 786 -16.01 -75.54 18.11
N LEU K 787 -16.46 -74.40 18.65
CA LEU K 787 -16.63 -73.21 17.82
C LEU K 787 -15.30 -72.66 17.30
N ALA K 788 -14.22 -72.70 18.09
CA ALA K 788 -12.90 -72.35 17.58
C ALA K 788 -12.44 -73.31 16.47
N GLU K 789 -12.72 -74.61 16.59
CA GLU K 789 -12.35 -75.57 15.56
C GLU K 789 -13.01 -75.24 14.21
N VAL K 790 -14.28 -74.88 14.24
CA VAL K 790 -15.04 -74.43 13.07
C VAL K 790 -14.46 -73.15 12.48
N GLU K 791 -14.16 -72.16 13.30
CA GLU K 791 -13.67 -70.87 12.83
C GLU K 791 -12.27 -70.91 12.22
N VAL K 792 -11.41 -71.81 12.71
CA VAL K 792 -10.12 -72.12 12.11
C VAL K 792 -10.30 -72.78 10.76
N LYS K 793 -11.09 -73.85 10.70
CA LYS K 793 -11.32 -74.61 9.47
C LYS K 793 -11.84 -73.70 8.36
N LYS K 794 -12.78 -72.81 8.68
CA LYS K 794 -13.29 -71.77 7.79
C LYS K 794 -12.17 -70.85 7.31
N PHE K 795 -11.43 -70.24 8.24
CA PHE K 795 -10.30 -69.37 7.91
C PHE K 795 -9.25 -70.07 7.05
N LYS K 796 -8.89 -71.29 7.43
CA LYS K 796 -7.89 -72.11 6.78
C LYS K 796 -8.29 -72.46 5.36
N GLN K 797 -9.54 -72.84 5.12
CA GLN K 797 -9.96 -73.18 3.76
C GLN K 797 -10.12 -71.95 2.89
N MET K 798 -10.60 -70.82 3.39
CA MET K 798 -10.62 -69.59 2.61
C MET K 798 -9.20 -69.09 2.29
N THR K 799 -8.29 -69.10 3.24
CA THR K 799 -6.88 -68.73 3.03
C THR K 799 -6.05 -69.78 2.27
N GLU K 800 -6.57 -70.98 2.08
CA GLU K 800 -6.08 -71.96 1.10
C GLU K 800 -6.55 -71.57 -0.31
N ALA K 801 -7.80 -71.11 -0.42
CA ALA K 801 -8.44 -70.79 -1.69
C ALA K 801 -7.86 -69.55 -2.36
N ILE K 802 -7.79 -68.42 -1.63
CA ILE K 802 -7.05 -67.24 -2.09
C ILE K 802 -5.62 -67.37 -1.60
N GLY K 803 -4.69 -67.69 -2.50
CA GLY K 803 -3.34 -68.10 -2.11
C GLY K 803 -2.66 -67.09 -1.17
N PRO K 804 -1.85 -67.54 -0.19
CA PRO K 804 -1.16 -66.63 0.72
C PRO K 804 -0.30 -65.59 0.00
N SER K 805 0.28 -65.93 -1.14
CA SER K 805 0.99 -64.97 -2.00
C SER K 805 0.07 -63.89 -2.56
N THR K 806 -1.21 -64.19 -2.81
CA THR K 806 -2.20 -63.19 -3.23
C THR K 806 -2.62 -62.30 -2.08
N ILE K 807 -2.77 -62.80 -0.84
CA ILE K 807 -2.97 -61.91 0.32
C ILE K 807 -1.75 -60.99 0.50
N ARG K 808 -0.55 -61.55 0.40
CA ARG K 808 0.70 -60.78 0.45
C ARG K 808 0.70 -59.67 -0.60
N ASP K 809 0.52 -60.04 -1.86
CA ASP K 809 0.61 -59.08 -2.94
C ASP K 809 -0.54 -58.06 -2.96
N LEU K 810 -1.71 -58.34 -2.38
CA LEU K 810 -2.70 -57.31 -2.09
C LEU K 810 -2.26 -56.38 -0.95
N ALA K 811 -1.57 -56.89 0.07
CA ALA K 811 -1.11 -56.09 1.20
C ALA K 811 0.09 -55.19 0.86
N VAL K 812 1.00 -55.65 0.00
CA VAL K 812 2.09 -54.86 -0.60
C VAL K 812 1.56 -53.67 -1.40
N ALA K 813 0.37 -53.77 -1.99
CA ALA K 813 -0.14 -52.72 -2.86
C ALA K 813 -0.32 -51.40 -2.12
N GLY K 814 -1.16 -51.33 -1.08
CA GLY K 814 -1.50 -50.09 -0.38
C GLY K 814 -0.33 -49.11 -0.20
N PRO K 815 0.77 -49.52 0.48
CA PRO K 815 1.98 -48.73 0.61
C PRO K 815 2.57 -48.28 -0.72
N GLU K 816 2.87 -49.20 -1.64
CA GLU K 816 3.52 -48.89 -2.91
C GLU K 816 2.69 -47.94 -3.78
N MET K 817 1.38 -48.16 -3.80
CA MET K 817 0.43 -47.31 -4.50
C MET K 817 0.44 -45.91 -3.91
N GLN K 818 0.38 -45.77 -2.59
CA GLN K 818 0.47 -44.47 -1.93
C GLN K 818 1.81 -43.80 -2.20
N VAL K 819 2.91 -44.55 -2.25
CA VAL K 819 4.21 -44.02 -2.63
C VAL K 819 4.16 -43.42 -4.02
N LYS K 820 3.71 -44.16 -5.05
CA LYS K 820 3.64 -43.60 -6.41
C LYS K 820 2.70 -42.40 -6.49
N LEU K 821 1.58 -42.43 -5.76
CA LEU K 821 0.66 -41.32 -5.72
C LEU K 821 1.38 -40.05 -5.27
N LEU K 822 2.01 -40.08 -4.09
CA LEU K 822 2.66 -38.88 -3.59
C LEU K 822 3.92 -38.54 -4.39
N GLN K 823 4.67 -39.51 -4.91
CA GLN K 823 5.76 -39.20 -5.84
C GLN K 823 5.28 -38.35 -7.03
N SER K 824 4.07 -38.59 -7.51
CA SER K 824 3.56 -37.93 -8.72
C SER K 824 3.27 -36.45 -8.55
N LEU K 825 3.24 -35.91 -7.33
CA LEU K 825 3.19 -34.47 -7.12
C LEU K 825 4.50 -33.77 -7.53
N GLY K 826 5.62 -34.48 -7.61
CA GLY K 826 6.90 -33.93 -8.11
C GLY K 826 7.44 -32.72 -7.36
N LEU K 827 7.37 -32.74 -6.03
CA LEU K 827 7.72 -31.62 -5.16
C LEU K 827 9.20 -31.23 -5.27
N LYS K 828 9.50 -30.16 -6.02
CA LYS K 828 10.87 -29.71 -6.25
C LYS K 828 11.45 -29.03 -5.01
N SER K 829 10.66 -28.13 -4.43
CA SER K 829 11.02 -27.27 -3.29
C SER K 829 9.80 -26.99 -2.45
N THR K 830 10.00 -26.70 -1.16
CA THR K 830 8.88 -26.47 -0.23
C THR K 830 9.21 -25.41 0.82
N LEU K 831 8.18 -24.90 1.47
CA LEU K 831 8.30 -23.83 2.45
C LEU K 831 7.31 -24.05 3.56
N ILE K 832 7.73 -23.82 4.79
CA ILE K 832 6.92 -23.97 5.99
C ILE K 832 6.90 -22.64 6.72
N THR K 833 5.74 -22.23 7.25
CA THR K 833 5.58 -20.97 7.98
C THR K 833 4.67 -21.11 9.19
N ASP K 834 4.79 -20.21 10.16
CA ASP K 834 3.89 -20.06 11.30
C ASP K 834 2.43 -19.84 10.85
N GLU L 769 0.62 -57.10 73.17
CA GLU L 769 0.78 -56.38 71.88
C GLU L 769 2.06 -56.72 71.13
N LEU L 770 3.27 -56.52 71.67
CA LEU L 770 4.52 -56.70 70.91
C LEU L 770 4.67 -58.11 70.31
N VAL L 771 4.07 -59.14 70.91
CA VAL L 771 4.03 -60.49 70.32
C VAL L 771 3.13 -60.55 69.09
N TYR L 772 1.93 -59.97 69.16
CA TYR L 772 1.01 -59.89 68.03
C TYR L 772 1.59 -59.04 66.91
N ALA L 773 2.21 -57.92 67.24
CA ALA L 773 2.82 -57.03 66.28
C ALA L 773 4.00 -57.70 65.57
N ARG L 774 4.87 -58.42 66.30
CA ARG L 774 5.93 -59.23 65.68
C ARG L 774 5.37 -60.31 64.76
N ALA L 775 4.25 -60.89 65.11
CA ALA L 775 3.57 -61.87 64.28
C ALA L 775 2.93 -61.22 63.03
N GLN L 776 2.27 -60.08 63.15
CA GLN L 776 1.75 -59.33 62.01
C GLN L 776 2.85 -58.86 61.07
N LEU L 777 4.00 -58.45 61.61
CA LEU L 777 5.16 -58.09 60.83
C LEU L 777 5.65 -59.30 60.01
N GLU L 778 5.75 -60.47 60.64
CA GLU L 778 6.17 -61.69 59.97
C GLU L 778 5.21 -62.13 58.86
N LEU L 779 3.91 -62.02 59.11
CA LEU L 779 2.90 -62.24 58.09
C LEU L 779 3.11 -61.27 56.92
N GLU L 780 3.20 -59.97 57.17
CA GLU L 780 3.30 -58.95 56.11
C GLU L 780 4.55 -59.13 55.25
N VAL L 781 5.70 -59.37 55.90
CA VAL L 781 6.95 -59.65 55.20
C VAL L 781 6.84 -60.92 54.37
N SER L 782 6.24 -61.98 54.91
CA SER L 782 6.07 -63.23 54.17
C SER L 782 5.19 -63.07 52.93
N LYS L 783 4.17 -62.21 52.97
CA LYS L 783 3.39 -61.86 51.77
C LYS L 783 4.24 -61.10 50.78
N ALA L 784 4.94 -60.05 51.22
CA ALA L 784 5.75 -59.24 50.32
C ALA L 784 6.84 -60.07 49.62
N GLN L 785 7.51 -60.96 50.34
CA GLN L 785 8.46 -61.91 49.76
C GLN L 785 7.83 -62.72 48.64
N GLN L 786 6.73 -63.41 48.93
CA GLN L 786 6.17 -64.37 47.99
C GLN L 786 5.56 -63.71 46.76
N LEU L 787 4.86 -62.58 46.90
CA LEU L 787 4.37 -61.87 45.72
C LEU L 787 5.50 -61.23 44.91
N ALA L 788 6.59 -60.77 45.52
CA ALA L 788 7.75 -60.35 44.74
C ALA L 788 8.36 -61.53 43.98
N GLU L 789 8.46 -62.70 44.60
CA GLU L 789 8.99 -63.91 43.95
C GLU L 789 8.21 -64.27 42.68
N VAL L 790 6.88 -64.21 42.77
CA VAL L 790 5.96 -64.44 41.64
C VAL L 790 6.17 -63.41 40.53
N GLU L 791 6.25 -62.13 40.88
CA GLU L 791 6.37 -61.06 39.90
C GLU L 791 7.72 -61.07 39.17
N VAL L 792 8.78 -61.52 39.84
CA VAL L 792 10.09 -61.73 39.21
C VAL L 792 10.03 -62.89 38.23
N LYS L 793 9.54 -64.05 38.67
CA LYS L 793 9.45 -65.25 37.84
C LYS L 793 8.67 -64.96 36.55
N LYS L 794 7.53 -64.30 36.66
CA LYS L 794 6.71 -63.85 35.54
C LYS L 794 7.52 -62.96 34.59
N PHE L 795 8.12 -61.89 35.11
CA PHE L 795 8.95 -60.98 34.31
C PHE L 795 10.12 -61.68 33.65
N LYS L 796 10.84 -62.52 34.39
CA LYS L 796 11.96 -63.31 33.91
C LYS L 796 11.55 -64.21 32.77
N GLN L 797 10.47 -64.96 32.88
CA GLN L 797 10.12 -65.94 31.85
C GLN L 797 9.54 -65.28 30.60
N MET L 798 8.85 -64.16 30.73
CA MET L 798 8.41 -63.39 29.57
C MET L 798 9.60 -62.72 28.86
N THR L 799 10.52 -62.11 29.59
CA THR L 799 11.74 -61.53 29.00
C THR L 799 12.71 -62.58 28.44
N GLU L 800 12.72 -63.80 28.97
CA GLU L 800 13.41 -64.96 28.39
C GLU L 800 12.83 -65.33 27.03
N ALA L 801 11.51 -65.26 26.88
CA ALA L 801 10.81 -65.63 25.65
C ALA L 801 11.05 -64.65 24.51
N ILE L 802 10.99 -63.35 24.80
CA ILE L 802 11.24 -62.30 23.80
C ILE L 802 12.73 -62.17 23.48
N GLY L 803 13.59 -62.36 24.47
CA GLY L 803 15.02 -62.15 24.33
C GLY L 803 15.41 -60.69 24.58
N PRO L 804 16.40 -60.41 25.44
CA PRO L 804 16.87 -59.05 25.69
C PRO L 804 17.26 -58.30 24.42
N SER L 805 17.83 -58.97 23.42
CA SER L 805 18.19 -58.29 22.16
C SER L 805 16.96 -57.81 21.38
N THR L 806 15.83 -58.49 21.46
CA THR L 806 14.59 -58.04 20.83
C THR L 806 14.03 -56.82 21.53
N ILE L 807 14.08 -56.76 22.87
CA ILE L 807 13.69 -55.55 23.62
C ILE L 807 14.64 -54.40 23.26
N ARG L 808 15.95 -54.66 23.22
CA ARG L 808 16.96 -53.68 22.80
C ARG L 808 16.63 -53.13 21.42
N ASP L 809 16.51 -54.00 20.43
CA ASP L 809 16.34 -53.55 19.06
C ASP L 809 14.96 -52.90 18.80
N LEU L 810 13.91 -53.21 19.57
CA LEU L 810 12.70 -52.39 19.61
C LEU L 810 12.93 -51.01 20.25
N ALA L 811 13.75 -50.91 21.29
CA ALA L 811 14.01 -49.66 21.99
C ALA L 811 14.91 -48.70 21.19
N VAL L 812 15.91 -49.23 20.48
CA VAL L 812 16.76 -48.48 19.52
C VAL L 812 15.92 -47.88 18.39
N ALA L 813 14.84 -48.55 17.97
CA ALA L 813 14.07 -48.10 16.82
C ALA L 813 13.48 -46.70 17.03
N GLY L 814 12.68 -46.47 18.09
CA GLY L 814 11.97 -45.21 18.30
C GLY L 814 12.78 -43.95 17.99
N PRO L 815 13.95 -43.75 18.60
CA PRO L 815 14.87 -42.67 18.25
C PRO L 815 15.32 -42.66 16.80
N GLU L 816 15.86 -43.76 16.29
CA GLU L 816 16.41 -43.83 14.93
C GLU L 816 15.35 -43.52 13.87
N MET L 817 14.13 -44.01 14.11
CA MET L 817 12.96 -43.77 13.29
C MET L 817 12.61 -42.29 13.29
N GLN L 818 12.56 -41.65 14.46
CA GLN L 818 12.32 -40.21 14.56
C GLN L 818 13.42 -39.42 13.87
N VAL L 819 14.68 -39.83 13.99
CA VAL L 819 15.79 -39.21 13.27
C VAL L 819 15.55 -39.25 11.78
N LYS L 820 15.28 -40.43 11.19
CA LYS L 820 15.00 -40.51 9.74
C LYS L 820 13.79 -39.72 9.33
N LEU L 821 12.73 -39.71 10.14
CA LEU L 821 11.55 -38.90 9.86
C LEU L 821 11.93 -37.43 9.74
N LEU L 822 12.57 -36.86 10.74
CA LEU L 822 12.95 -35.45 10.68
C LEU L 822 13.97 -35.19 9.60
N GLN L 823 14.96 -36.05 9.38
CA GLN L 823 15.88 -35.89 8.25
C GLN L 823 15.13 -35.77 6.92
N SER L 824 13.98 -36.45 6.76
CA SER L 824 13.24 -36.46 5.50
C SER L 824 12.52 -35.16 5.18
N LEU L 825 12.43 -34.21 6.09
CA LEU L 825 12.00 -32.86 5.76
C LEU L 825 13.04 -32.11 4.90
N GLY L 826 14.31 -32.52 4.90
CA GLY L 826 15.35 -31.94 4.03
C GLY L 826 15.60 -30.44 4.23
N LEU L 827 15.54 -29.96 5.47
CA LEU L 827 15.63 -28.54 5.80
C LEU L 827 16.97 -27.92 5.40
N LYS L 828 16.98 -27.14 4.31
CA LYS L 828 18.16 -26.46 3.80
C LYS L 828 18.47 -25.17 4.57
N SER L 829 17.43 -24.41 4.90
CA SER L 829 17.49 -23.05 5.43
C SER L 829 16.40 -22.80 6.45
N THR L 830 16.58 -21.82 7.33
CA THR L 830 15.66 -21.61 8.45
C THR L 830 15.65 -20.17 8.91
N LEU L 831 14.53 -19.66 9.37
CA LEU L 831 14.38 -18.30 9.86
C LEU L 831 13.62 -18.33 11.17
N ILE L 832 14.12 -17.65 12.17
CA ILE L 832 13.47 -17.50 13.45
C ILE L 832 13.07 -16.03 13.58
N THR L 833 11.86 -15.74 14.04
CA THR L 833 11.34 -14.37 14.16
C THR L 833 10.58 -14.17 15.46
N ASP L 834 10.38 -12.92 15.86
CA ASP L 834 9.58 -12.52 17.02
C ASP L 834 8.09 -12.86 16.84
N GLU M 769 18.83 -21.90 88.22
CA GLU M 769 18.74 -21.72 86.75
C GLU M 769 20.04 -22.02 86.01
N LEU M 770 21.17 -21.35 86.26
CA LEU M 770 22.38 -21.52 85.44
C LEU M 770 22.89 -22.97 85.40
N VAL M 771 22.62 -23.80 86.42
CA VAL M 771 22.91 -25.24 86.38
C VAL M 771 22.01 -25.98 85.39
N TYR M 772 20.70 -25.72 85.42
CA TYR M 772 19.75 -26.31 84.48
C TYR M 772 20.03 -25.86 83.05
N ALA M 773 20.35 -24.58 82.86
CA ALA M 773 20.66 -24.04 81.56
C ALA M 773 21.95 -24.64 80.99
N ARG M 774 23.00 -24.79 81.80
CA ARG M 774 24.22 -25.50 81.38
C ARG M 774 23.93 -26.95 81.01
N ALA M 775 23.01 -27.60 81.70
CA ALA M 775 22.59 -28.95 81.37
C ALA M 775 21.75 -29.00 80.07
N GLN M 776 20.81 -28.08 79.87
CA GLN M 776 20.02 -27.97 78.64
C GLN M 776 20.91 -27.68 77.44
N LEU M 777 21.92 -26.84 77.59
CA LEU M 777 22.91 -26.57 76.57
C LEU M 777 23.68 -27.83 76.20
N GLU M 778 24.11 -28.61 77.19
CA GLU M 778 24.81 -29.85 76.95
C GLU M 778 23.94 -30.89 76.23
N LEU M 779 22.69 -31.05 76.65
CA LEU M 779 21.72 -31.88 75.96
C LEU M 779 21.59 -31.45 74.50
N GLU M 780 21.36 -30.16 74.23
CA GLU M 780 21.17 -29.65 72.88
C GLU M 780 22.39 -29.86 71.99
N VAL M 781 23.59 -29.53 72.48
CA VAL M 781 24.84 -29.77 71.76
C VAL M 781 25.04 -31.25 71.48
N SER M 782 24.74 -32.12 72.46
CA SER M 782 24.88 -33.56 72.28
C SER M 782 23.94 -34.11 71.19
N LYS M 783 22.74 -33.55 71.03
CA LYS M 783 21.86 -33.86 69.89
C LYS M 783 22.46 -33.36 68.60
N ALA M 784 22.87 -32.09 68.55
CA ALA M 784 23.43 -31.50 67.33
C ALA M 784 24.64 -32.28 66.82
N GLN M 785 25.56 -32.67 67.72
CA GLN M 785 26.69 -33.52 67.39
C GLN M 785 26.25 -34.84 66.76
N GLN M 786 25.38 -35.59 67.44
CA GLN M 786 25.05 -36.95 67.01
C GLN M 786 24.22 -36.99 65.73
N LEU M 787 23.25 -36.09 65.53
CA LEU M 787 22.54 -36.06 64.25
C LEU M 787 23.46 -35.61 63.11
N ALA M 788 24.37 -34.64 63.33
CA ALA M 788 25.35 -34.30 62.31
C ALA M 788 26.27 -35.50 61.99
N GLU M 789 26.66 -36.29 62.99
CA GLU M 789 27.47 -37.49 62.78
C GLU M 789 26.78 -38.49 61.85
N VAL M 790 25.49 -38.75 62.07
CA VAL M 790 24.66 -39.61 61.21
C VAL M 790 24.57 -39.08 59.79
N GLU M 791 24.30 -37.78 59.64
CA GLU M 791 24.09 -37.19 58.32
C GLU M 791 25.36 -37.16 57.46
N VAL M 792 26.53 -37.05 58.08
CA VAL M 792 27.82 -37.18 57.40
C VAL M 792 28.05 -38.61 56.94
N LYS M 793 27.91 -39.57 57.85
CA LYS M 793 28.12 -40.99 57.55
C LYS M 793 27.23 -41.45 56.39
N LYS M 794 25.96 -41.03 56.40
CA LYS M 794 25.01 -41.24 55.29
C LYS M 794 25.52 -40.64 53.99
N PHE M 795 25.87 -39.35 53.98
CA PHE M 795 26.39 -38.66 52.81
C PHE M 795 27.69 -39.29 52.29
N LYS M 796 28.61 -39.59 53.19
CA LYS M 796 29.89 -40.23 52.90
C LYS M 796 29.70 -41.59 52.26
N GLN M 797 28.84 -42.44 52.79
CA GLN M 797 28.71 -43.80 52.26
C GLN M 797 27.94 -43.83 50.93
N MET M 798 26.97 -42.95 50.73
CA MET M 798 26.34 -42.83 49.41
C MET M 798 27.30 -42.24 48.36
N THR M 799 28.08 -41.22 48.69
CA THR M 799 29.07 -40.66 47.76
C THR M 799 30.25 -41.60 47.51
N GLU M 800 30.61 -42.47 48.47
CA GLU M 800 31.51 -43.61 48.26
C GLU M 800 30.93 -44.60 47.24
N ALA M 801 29.62 -44.84 47.29
CA ALA M 801 28.95 -45.82 46.42
C ALA M 801 28.92 -45.38 44.95
N ILE M 802 28.61 -44.12 44.68
CA ILE M 802 28.53 -43.57 43.32
C ILE M 802 29.90 -43.22 42.74
N GLY M 803 30.84 -42.82 43.58
CA GLY M 803 32.15 -42.33 43.17
C GLY M 803 32.10 -40.86 42.79
N PRO M 804 32.94 -39.99 43.36
CA PRO M 804 32.98 -38.57 43.02
C PRO M 804 33.18 -38.30 41.53
N SER M 805 33.91 -39.17 40.81
CA SER M 805 34.06 -39.03 39.35
C SER M 805 32.72 -39.18 38.61
N THR M 806 31.80 -40.01 39.08
CA THR M 806 30.45 -40.10 38.50
C THR M 806 29.64 -38.84 38.77
N ILE M 807 29.73 -38.28 39.98
CA ILE M 807 29.07 -36.99 40.31
C ILE M 807 29.62 -35.88 39.43
N ARG M 808 30.96 -35.80 39.29
CA ARG M 808 31.64 -34.88 38.39
C ARG M 808 31.10 -35.02 36.97
N ASP M 809 31.15 -36.22 36.41
CA ASP M 809 30.81 -36.41 35.01
C ASP M 809 29.31 -36.20 34.71
N LEU M 810 28.40 -36.47 35.66
CA LEU M 810 27.02 -36.00 35.57
C LEU M 810 26.91 -34.47 35.66
N ALA M 811 27.69 -33.81 36.49
CA ALA M 811 27.63 -32.36 36.66
C ALA M 811 28.20 -31.60 35.45
N VAL M 812 29.28 -32.11 34.84
CA VAL M 812 29.86 -31.62 33.58
C VAL M 812 28.88 -31.73 32.42
N ALA M 813 27.96 -32.68 32.43
CA ALA M 813 27.05 -32.87 31.32
C ALA M 813 26.17 -31.63 31.05
N GLY M 814 25.40 -31.16 32.04
CA GLY M 814 24.42 -30.08 31.88
C GLY M 814 24.89 -28.93 30.98
N PRO M 815 26.02 -28.27 31.29
CA PRO M 815 26.64 -27.29 30.42
C PRO M 815 26.91 -27.78 29.00
N GLU M 816 27.69 -28.84 28.84
CA GLU M 816 28.12 -29.34 27.52
C GLU M 816 26.94 -29.72 26.63
N MET M 817 25.91 -30.30 27.24
CA MET M 817 24.66 -30.68 26.59
C MET M 817 23.94 -29.44 26.08
N GLN M 818 23.80 -28.41 26.93
CA GLN M 818 23.20 -27.15 26.50
C GLN M 818 24.03 -26.47 25.42
N VAL M 819 25.35 -26.55 25.47
CA VAL M 819 26.23 -26.06 24.42
C VAL M 819 25.91 -26.73 23.10
N LYS M 820 25.92 -28.06 22.99
CA LYS M 820 25.60 -28.72 21.73
C LYS M 820 24.18 -28.46 21.29
N LEU M 821 23.23 -28.38 22.21
CA LEU M 821 21.85 -28.07 21.87
C LEU M 821 21.78 -26.73 21.14
N LEU M 822 22.34 -25.66 21.72
CA LEU M 822 22.30 -24.37 21.05
C LEU M 822 23.20 -24.32 19.82
N GLN M 823 24.35 -24.98 19.80
CA GLN M 823 25.14 -25.05 18.57
C GLN M 823 24.34 -25.64 17.41
N SER M 824 23.44 -26.57 17.70
CA SER M 824 22.65 -27.24 16.66
C SER M 824 21.64 -26.34 15.95
N LEU M 825 21.33 -25.16 16.47
CA LEU M 825 20.54 -24.18 15.73
C LEU M 825 21.30 -23.60 14.53
N GLY M 826 22.63 -23.66 14.52
CA GLY M 826 23.45 -23.27 13.36
C GLY M 826 23.33 -21.80 12.94
N LEU M 827 23.18 -20.89 13.90
CA LEU M 827 22.94 -19.47 13.63
C LEU M 827 24.05 -18.84 12.81
N LYS M 828 23.77 -18.51 11.55
CA LYS M 828 24.74 -17.87 10.64
C LYS M 828 24.85 -16.38 10.90
N SER M 829 23.71 -15.71 11.00
CA SER M 829 23.56 -14.26 11.12
C SER M 829 22.31 -13.93 11.92
N THR M 830 22.26 -12.74 12.53
CA THR M 830 21.14 -12.36 13.38
C THR M 830 20.82 -10.87 13.30
N LEU M 831 19.63 -10.48 13.73
CA LEU M 831 19.16 -9.10 13.73
C LEU M 831 18.46 -8.80 15.04
N ILE M 832 18.79 -7.68 15.65
CA ILE M 832 18.11 -7.18 16.83
C ILE M 832 17.36 -5.91 16.44
N THR M 833 16.12 -5.73 16.91
CA THR M 833 15.31 -4.53 16.68
C THR M 833 14.58 -4.09 17.95
N ASP M 834 14.08 -2.86 18.00
CA ASP M 834 13.24 -2.34 19.08
C ASP M 834 11.91 -3.09 19.19
N GLU N 769 27.51 19.53 86.48
CA GLU N 769 27.31 19.09 85.07
C GLU N 769 28.61 18.84 84.32
N LEU N 770 29.53 19.79 84.15
CA LEU N 770 30.71 19.61 83.29
C LEU N 770 31.59 18.41 83.72
N VAL N 771 31.58 18.01 84.99
CA VAL N 771 32.25 16.79 85.45
C VAL N 771 31.54 15.53 84.94
N TYR N 772 30.23 15.47 85.05
CA TYR N 772 29.43 14.35 84.54
C TYR N 772 29.51 14.26 83.03
N ALA N 773 29.48 15.39 82.34
CA ALA N 773 29.57 15.44 80.89
C ALA N 773 30.95 14.98 80.41
N ARG N 774 32.04 15.41 81.06
CA ARG N 774 33.39 14.89 80.77
C ARG N 774 33.49 13.39 81.00
N ALA N 775 32.79 12.87 81.99
CA ALA N 775 32.73 11.44 82.26
C ALA N 775 31.90 10.68 81.20
N GLN N 776 30.74 11.22 80.79
CA GLN N 776 29.93 10.64 79.73
C GLN N 776 30.64 10.65 78.38
N LEU N 777 31.39 11.70 78.09
CA LEU N 777 32.23 11.77 76.89
C LEU N 777 33.30 10.67 76.92
N GLU N 778 33.97 10.49 78.06
CA GLU N 778 35.00 9.47 78.20
C GLU N 778 34.43 8.05 78.05
N LEU N 779 33.26 7.79 78.63
CA LEU N 779 32.52 6.57 78.43
C LEU N 779 32.22 6.35 76.94
N GLU N 780 31.64 7.31 76.24
CA GLU N 780 31.28 7.15 74.83
C GLU N 780 32.49 6.88 73.94
N VAL N 781 33.55 7.67 74.11
CA VAL N 781 34.80 7.47 73.37
C VAL N 781 35.38 6.09 73.65
N SER N 782 35.36 5.64 74.90
CA SER N 782 35.87 4.31 75.24
C SER N 782 35.06 3.20 74.60
N LYS N 783 33.76 3.36 74.39
CA LYS N 783 32.94 2.42 73.62
C LYS N 783 33.32 2.45 72.15
N ALA N 784 33.39 3.62 71.56
CA ALA N 784 33.71 3.76 70.14
C ALA N 784 35.08 3.17 69.82
N GLN N 785 36.09 3.43 70.66
CA GLN N 785 37.41 2.83 70.53
C GLN N 785 37.34 1.30 70.50
N GLN N 786 36.75 0.70 71.53
CA GLN N 786 36.79 -0.75 71.70
C GLN N 786 35.97 -1.49 70.63
N LEU N 787 34.77 -1.03 70.30
CA LEU N 787 34.02 -1.64 69.21
C LEU N 787 34.71 -1.46 67.86
N ALA N 788 35.38 -0.34 67.59
CA ALA N 788 36.18 -0.23 66.37
C ALA N 788 37.35 -1.22 66.38
N GLU N 789 38.00 -1.43 67.52
CA GLU N 789 39.11 -2.39 67.62
C GLU N 789 38.66 -3.81 67.26
N VAL N 790 37.48 -4.21 67.72
CA VAL N 790 36.84 -5.49 67.38
C VAL N 790 36.52 -5.60 65.89
N GLU N 791 35.92 -4.57 65.31
CA GLU N 791 35.50 -4.60 63.91
C GLU N 791 36.66 -4.57 62.92
N VAL N 792 37.80 -4.00 63.30
CA VAL N 792 39.05 -4.08 62.54
C VAL N 792 39.62 -5.47 62.62
N LYS N 793 39.80 -6.01 63.82
CA LYS N 793 40.36 -7.35 64.02
C LYS N 793 39.58 -8.39 63.23
N LYS N 794 38.25 -8.33 63.26
CA LYS N 794 37.36 -9.18 62.47
C LYS N 794 37.62 -9.03 60.97
N PHE N 795 37.56 -7.81 60.44
CA PHE N 795 37.82 -7.54 59.02
C PHE N 795 39.23 -7.99 58.61
N LYS N 796 40.23 -7.71 59.44
CA LYS N 796 41.62 -8.08 59.22
C LYS N 796 41.78 -9.59 59.14
N GLN N 797 41.25 -10.35 60.08
CA GLN N 797 41.47 -11.79 60.10
C GLN N 797 40.69 -12.50 59.00
N MET N 798 39.50 -12.03 58.63
CA MET N 798 38.80 -12.58 57.47
C MET N 798 39.50 -12.25 56.15
N THR N 799 39.97 -11.02 55.96
CA THR N 799 40.71 -10.66 54.74
C THR N 799 42.09 -11.32 54.66
N GLU N 800 42.74 -11.59 55.80
CA GLU N 800 43.92 -12.46 55.88
C GLU N 800 43.60 -13.87 55.40
N ALA N 801 42.43 -14.41 55.77
CA ALA N 801 42.04 -15.78 55.43
C ALA N 801 41.82 -15.99 53.93
N ILE N 802 41.14 -15.05 53.27
CA ILE N 802 40.86 -15.11 51.83
C ILE N 802 42.06 -14.70 50.98
N GLY N 803 42.92 -13.82 51.50
CA GLY N 803 44.02 -13.23 50.76
C GLY N 803 43.54 -12.08 49.87
N PRO N 804 44.14 -10.89 49.97
CA PRO N 804 43.81 -9.78 49.09
C PRO N 804 43.88 -10.11 47.60
N SER N 805 44.77 -11.02 47.17
CA SER N 805 44.81 -11.44 45.76
C SER N 805 43.51 -12.11 45.32
N THR N 806 42.84 -12.86 46.19
CA THR N 806 41.56 -13.48 45.86
C THR N 806 40.46 -12.44 45.78
N ILE N 807 40.43 -11.44 46.66
CA ILE N 807 39.47 -10.32 46.54
C ILE N 807 39.71 -9.56 45.24
N ARG N 808 40.98 -9.27 44.92
CA ARG N 808 41.36 -8.63 43.67
C ARG N 808 40.84 -9.42 42.47
N ASP N 809 41.19 -10.69 42.38
CA ASP N 809 40.84 -11.48 41.20
C ASP N 809 39.34 -11.74 41.08
N LEU N 810 38.58 -11.83 42.19
CA LEU N 810 37.12 -11.79 42.14
C LEU N 810 36.59 -10.43 41.66
N ALA N 811 37.18 -9.32 42.07
CA ALA N 811 36.75 -7.99 41.65
C ALA N 811 37.03 -7.70 40.17
N VAL N 812 38.18 -8.15 39.66
CA VAL N 812 38.54 -8.10 38.23
C VAL N 812 37.58 -8.92 37.37
N ALA N 813 37.00 -10.01 37.89
CA ALA N 813 36.14 -10.86 37.09
C ALA N 813 34.92 -10.12 36.54
N GLY N 814 34.09 -9.51 37.40
CA GLY N 814 32.83 -8.86 37.01
C GLY N 814 32.89 -8.07 35.70
N PRO N 815 33.76 -7.05 35.60
CA PRO N 815 34.01 -6.32 34.36
C PRO N 815 34.41 -7.22 33.20
N GLU N 816 35.40 -8.09 33.37
CA GLU N 816 35.91 -8.94 32.31
C GLU N 816 34.85 -9.90 31.76
N MET N 817 34.03 -10.49 32.65
CA MET N 817 32.91 -11.34 32.28
C MET N 817 31.92 -10.55 31.43
N GLN N 818 31.60 -9.31 31.85
CA GLN N 818 30.68 -8.46 31.11
C GLN N 818 31.25 -8.06 29.75
N VAL N 819 32.55 -7.77 29.65
CA VAL N 819 33.20 -7.51 28.37
C VAL N 819 33.04 -8.70 27.45
N LYS N 820 33.41 -9.91 27.87
CA LYS N 820 33.24 -11.09 27.02
C LYS N 820 31.79 -11.33 26.65
N LEU N 821 30.86 -11.15 27.57
CA LEU N 821 29.44 -11.31 27.29
C LEU N 821 29.02 -10.41 26.14
N LEU N 822 29.26 -9.10 26.24
CA LEU N 822 28.85 -8.21 25.16
C LEU N 822 29.66 -8.43 23.89
N GLN N 823 30.96 -8.72 23.97
CA GLN N 823 31.71 -9.14 22.79
C GLN N 823 31.06 -10.32 22.05
N SER N 824 30.40 -11.22 22.77
CA SER N 824 29.81 -12.41 22.16
C SER N 824 28.56 -12.13 21.32
N LEU N 825 27.98 -10.94 21.40
CA LEU N 825 26.93 -10.52 20.46
C LEU N 825 27.48 -10.27 19.05
N GLY N 826 28.79 -10.04 18.88
CA GLY N 826 29.43 -9.91 17.57
C GLY N 826 28.90 -8.79 16.66
N LEU N 827 28.56 -7.65 17.25
CA LEU N 827 27.86 -6.57 16.56
C LEU N 827 28.65 -5.99 15.39
N LYS N 828 28.29 -6.38 14.18
CA LYS N 828 28.96 -5.99 12.93
C LYS N 828 28.66 -4.54 12.56
N SER N 829 27.38 -4.20 12.55
CA SER N 829 26.82 -2.92 12.09
C SER N 829 25.61 -2.55 12.92
N THR N 830 25.26 -1.27 12.97
CA THR N 830 24.11 -0.83 13.77
C THR N 830 23.49 0.47 13.29
N LEU N 831 22.23 0.69 13.63
CA LEU N 831 21.39 1.78 13.17
C LEU N 831 20.62 2.36 14.34
N ILE N 832 20.71 3.66 14.52
CA ILE N 832 20.00 4.42 15.55
C ILE N 832 18.93 5.27 14.87
N THR N 833 17.71 5.30 15.40
CA THR N 833 16.59 6.08 14.84
C THR N 833 15.79 6.81 15.91
N ASP N 834 15.08 7.87 15.53
CA ASP N 834 14.12 8.60 16.37
C ASP N 834 13.01 7.69 16.92
N GLU O 769 -63.07 39.72 -57.81
CA GLU O 769 -62.19 39.32 -56.70
C GLU O 769 -60.77 39.00 -57.15
N LEU O 770 -60.53 37.86 -57.81
CA LEU O 770 -59.21 37.28 -58.05
C LEU O 770 -58.22 38.20 -58.78
N VAL O 771 -58.71 39.21 -59.52
CA VAL O 771 -57.90 40.25 -60.14
C VAL O 771 -57.13 41.06 -59.10
N TYR O 772 -57.69 41.30 -57.92
CA TYR O 772 -56.99 41.97 -56.83
C TYR O 772 -55.80 41.14 -56.37
N ALA O 773 -55.96 39.84 -56.16
CA ALA O 773 -54.84 38.96 -55.82
C ALA O 773 -53.81 38.83 -56.96
N ARG O 774 -54.26 38.80 -58.21
CA ARG O 774 -53.37 38.84 -59.38
C ARG O 774 -52.57 40.13 -59.47
N ALA O 775 -53.12 41.25 -59.02
CA ALA O 775 -52.42 42.52 -58.87
C ALA O 775 -51.49 42.55 -57.65
N GLN O 776 -51.91 42.02 -56.51
CA GLN O 776 -51.06 41.94 -55.32
C GLN O 776 -49.81 41.10 -55.55
N LEU O 777 -49.89 40.06 -56.37
CA LEU O 777 -48.73 39.27 -56.71
C LEU O 777 -47.67 40.10 -57.44
N GLU O 778 -48.07 41.03 -58.31
CA GLU O 778 -47.12 41.92 -58.97
C GLU O 778 -46.38 42.78 -57.93
N LEU O 779 -47.09 43.29 -56.92
CA LEU O 779 -46.47 44.11 -55.88
C LEU O 779 -45.52 43.30 -55.01
N GLU O 780 -45.88 42.07 -54.62
CA GLU O 780 -45.00 41.20 -53.83
C GLU O 780 -43.74 40.81 -54.61
N VAL O 781 -43.88 40.42 -55.88
CA VAL O 781 -42.73 40.14 -56.74
C VAL O 781 -41.92 41.40 -57.04
N SER O 782 -42.54 42.57 -57.20
CA SER O 782 -41.82 43.82 -57.40
C SER O 782 -40.95 44.17 -56.19
N LYS O 783 -41.51 44.04 -54.98
CA LYS O 783 -40.76 44.22 -53.75
C LYS O 783 -39.62 43.20 -53.62
N ALA O 784 -39.85 41.94 -53.92
CA ALA O 784 -38.77 40.96 -53.93
C ALA O 784 -37.68 41.33 -54.94
N GLN O 785 -38.05 41.68 -56.18
CA GLN O 785 -37.12 42.06 -57.25
C GLN O 785 -36.25 43.26 -56.89
N GLN O 786 -36.84 44.34 -56.38
CA GLN O 786 -36.11 45.57 -56.14
C GLN O 786 -35.20 45.51 -54.91
N LEU O 787 -35.63 44.89 -53.82
CA LEU O 787 -34.75 44.70 -52.67
C LEU O 787 -33.61 43.76 -52.97
N ALA O 788 -33.85 42.67 -53.71
CA ALA O 788 -32.81 41.73 -54.11
C ALA O 788 -31.66 42.41 -54.85
N GLU O 789 -31.97 43.30 -55.79
CA GLU O 789 -30.94 44.08 -56.49
C GLU O 789 -30.16 45.00 -55.55
N VAL O 790 -30.81 45.66 -54.60
CA VAL O 790 -30.10 46.55 -53.66
C VAL O 790 -29.14 45.79 -52.78
N GLU O 791 -29.52 44.60 -52.30
CA GLU O 791 -28.62 43.77 -51.51
C GLU O 791 -27.47 43.19 -52.34
N VAL O 792 -27.74 42.75 -53.58
CA VAL O 792 -26.70 42.30 -54.50
C VAL O 792 -25.72 43.40 -54.81
N LYS O 793 -26.19 44.61 -55.10
CA LYS O 793 -25.37 45.79 -55.35
C LYS O 793 -24.47 46.05 -54.14
N LYS O 794 -25.04 46.08 -52.94
CA LYS O 794 -24.30 46.30 -51.70
C LYS O 794 -23.21 45.24 -51.51
N PHE O 795 -23.53 43.98 -51.74
CA PHE O 795 -22.59 42.89 -51.58
C PHE O 795 -21.48 42.92 -52.62
N LYS O 796 -21.81 43.14 -53.91
CA LYS O 796 -20.80 43.29 -54.97
C LYS O 796 -19.87 44.46 -54.68
N GLN O 797 -20.40 45.60 -54.25
CA GLN O 797 -19.56 46.76 -53.99
C GLN O 797 -18.63 46.54 -52.79
N MET O 798 -19.13 46.05 -51.66
CA MET O 798 -18.27 45.73 -50.52
C MET O 798 -17.22 44.67 -50.87
N THR O 799 -17.58 43.66 -51.66
CA THR O 799 -16.68 42.61 -52.17
C THR O 799 -15.73 43.09 -53.28
N GLU O 800 -15.72 44.39 -53.58
CA GLU O 800 -14.72 45.04 -54.44
C GLU O 800 -13.93 46.11 -53.67
N ALA O 801 -14.55 46.75 -52.68
CA ALA O 801 -13.90 47.68 -51.77
C ALA O 801 -12.75 47.01 -50.97
N ILE O 802 -13.00 45.78 -50.53
CA ILE O 802 -11.97 44.77 -50.31
C ILE O 802 -12.24 43.66 -51.31
N GLY O 803 -11.21 43.01 -51.85
CA GLY O 803 -11.40 41.98 -52.88
C GLY O 803 -12.09 40.71 -52.35
N PRO O 804 -12.32 39.71 -53.20
CA PRO O 804 -12.58 38.33 -52.77
C PRO O 804 -11.30 37.71 -52.18
N SER O 805 -10.15 37.97 -52.81
CA SER O 805 -8.86 37.91 -52.12
C SER O 805 -8.92 38.77 -50.86
N THR O 806 -8.32 38.34 -49.75
CA THR O 806 -8.48 38.94 -48.41
C THR O 806 -9.84 38.76 -47.73
N ILE O 807 -10.82 38.11 -48.36
CA ILE O 807 -11.91 37.43 -47.62
C ILE O 807 -11.50 35.98 -47.36
N ARG O 808 -10.96 35.31 -48.38
CA ARG O 808 -10.01 34.20 -48.17
C ARG O 808 -8.93 34.69 -47.23
N ASP O 809 -8.54 33.87 -46.27
CA ASP O 809 -7.65 34.21 -45.15
C ASP O 809 -8.12 35.37 -44.21
N LEU O 810 -9.38 35.82 -44.28
CA LEU O 810 -10.08 36.50 -43.18
C LEU O 810 -11.05 35.57 -42.45
N ALA O 811 -11.55 34.53 -43.11
CA ALA O 811 -12.42 33.50 -42.51
C ALA O 811 -11.72 32.70 -41.39
N VAL O 812 -10.39 32.54 -41.51
CA VAL O 812 -9.51 31.89 -40.53
C VAL O 812 -9.17 32.74 -39.29
N ALA O 813 -9.39 34.05 -39.33
CA ALA O 813 -8.92 34.97 -38.28
C ALA O 813 -9.65 34.77 -36.94
N GLY O 814 -10.79 34.10 -36.96
CA GLY O 814 -11.55 33.74 -35.77
C GLY O 814 -12.43 34.88 -35.26
N PRO O 815 -13.32 34.57 -34.32
CA PRO O 815 -14.41 35.46 -33.94
C PRO O 815 -13.91 36.77 -33.34
N GLU O 816 -12.93 36.72 -32.45
CA GLU O 816 -12.43 37.90 -31.74
C GLU O 816 -11.80 38.92 -32.70
N MET O 817 -11.21 38.47 -33.81
CA MET O 817 -10.79 39.35 -34.91
C MET O 817 -11.98 39.85 -35.72
N GLN O 818 -12.86 38.96 -36.17
CA GLN O 818 -13.93 39.35 -37.09
C GLN O 818 -14.85 40.40 -36.45
N VAL O 819 -15.18 40.26 -35.16
CA VAL O 819 -15.94 41.27 -34.39
C VAL O 819 -15.19 42.61 -34.35
N LYS O 820 -13.92 42.56 -33.95
CA LYS O 820 -13.01 43.72 -33.86
C LYS O 820 -12.84 44.43 -35.20
N LEU O 821 -12.73 43.70 -36.31
CA LEU O 821 -12.61 44.27 -37.65
C LEU O 821 -13.92 44.90 -38.11
N LEU O 822 -15.05 44.22 -37.99
CA LEU O 822 -16.34 44.76 -38.41
C LEU O 822 -16.78 45.98 -37.56
N GLN O 823 -16.33 46.06 -36.30
CA GLN O 823 -16.38 47.30 -35.51
C GLN O 823 -15.41 48.36 -36.05
N SER O 824 -14.17 47.98 -36.37
CA SER O 824 -13.11 48.89 -36.83
C SER O 824 -13.40 49.53 -38.19
N LEU O 825 -14.22 48.88 -39.02
CA LEU O 825 -14.50 49.25 -40.40
C LEU O 825 -15.97 49.72 -40.59
N GLY O 826 -16.57 50.29 -39.55
CA GLY O 826 -17.91 50.86 -39.61
C GLY O 826 -19.00 49.82 -39.80
N GLU P 769 -74.23 -15.61 -54.60
CA GLU P 769 -73.09 -15.12 -53.79
C GLU P 769 -71.76 -15.30 -54.49
N LEU P 770 -71.28 -16.53 -54.68
CA LEU P 770 -69.88 -16.83 -55.04
C LEU P 770 -69.37 -16.06 -56.27
N VAL P 771 -70.21 -15.84 -57.27
CA VAL P 771 -69.81 -15.13 -58.49
C VAL P 771 -69.43 -13.68 -58.21
N TYR P 772 -70.09 -13.00 -57.26
CA TYR P 772 -69.68 -11.66 -56.84
C TYR P 772 -68.29 -11.69 -56.19
N ALA P 773 -68.01 -12.69 -55.37
CA ALA P 773 -66.68 -12.84 -54.79
C ALA P 773 -65.62 -13.11 -55.87
N ARG P 774 -65.93 -13.90 -56.90
CA ARG P 774 -65.08 -14.07 -58.11
C ARG P 774 -64.88 -12.76 -58.87
N ALA P 775 -65.93 -11.97 -59.03
CA ALA P 775 -65.83 -10.67 -59.67
C ALA P 775 -64.96 -9.70 -58.86
N GLN P 776 -65.05 -9.70 -57.52
CA GLN P 776 -64.12 -9.00 -56.66
C GLN P 776 -62.69 -9.55 -56.75
N LEU P 777 -62.50 -10.86 -56.92
CA LEU P 777 -61.16 -11.43 -57.09
C LEU P 777 -60.51 -11.00 -58.39
N GLU P 778 -61.24 -10.92 -59.49
CA GLU P 778 -60.72 -10.37 -60.73
C GLU P 778 -60.29 -8.90 -60.55
N LEU P 779 -61.10 -8.10 -59.87
CA LEU P 779 -60.77 -6.70 -59.57
C LEU P 779 -59.52 -6.60 -58.67
N GLU P 780 -59.42 -7.43 -57.64
CA GLU P 780 -58.28 -7.44 -56.72
C GLU P 780 -56.97 -7.77 -57.44
N VAL P 781 -56.97 -8.79 -58.28
CA VAL P 781 -55.81 -9.11 -59.11
C VAL P 781 -55.51 -8.01 -60.11
N SER P 782 -56.54 -7.36 -60.68
CA SER P 782 -56.31 -6.22 -61.58
C SER P 782 -55.59 -5.07 -60.88
N LYS P 783 -56.01 -4.74 -59.66
CA LYS P 783 -55.33 -3.75 -58.81
C LYS P 783 -53.92 -4.19 -58.48
N ALA P 784 -53.72 -5.42 -58.03
CA ALA P 784 -52.39 -5.90 -57.69
C ALA P 784 -51.45 -5.88 -58.90
N GLN P 785 -51.91 -6.27 -60.08
CA GLN P 785 -51.11 -6.24 -61.31
C GLN P 785 -50.73 -4.81 -61.69
N GLN P 786 -51.71 -3.91 -61.77
CA GLN P 786 -51.45 -2.55 -62.24
C GLN P 786 -50.56 -1.78 -61.27
N LEU P 787 -50.75 -1.90 -59.96
CA LEU P 787 -49.87 -1.24 -59.02
C LEU P 787 -48.45 -1.78 -59.09
N ALA P 788 -48.27 -3.11 -59.19
CA ALA P 788 -46.93 -3.67 -59.31
C ALA P 788 -46.22 -3.19 -60.57
N GLU P 789 -46.93 -3.01 -61.69
CA GLU P 789 -46.34 -2.43 -62.89
C GLU P 789 -45.92 -0.97 -62.71
N VAL P 790 -46.74 -0.14 -62.06
CA VAL P 790 -46.38 1.24 -61.75
C VAL P 790 -45.14 1.30 -60.88
N GLU P 791 -45.05 0.48 -59.85
CA GLU P 791 -43.87 0.45 -59.00
C GLU P 791 -42.61 0.01 -59.77
N VAL P 792 -42.69 -1.07 -60.56
CA VAL P 792 -41.56 -1.55 -61.35
C VAL P 792 -41.12 -0.50 -62.35
N LYS P 793 -42.06 0.15 -63.04
CA LYS P 793 -41.75 1.23 -63.99
C LYS P 793 -40.96 2.32 -63.28
N LYS P 794 -41.44 2.83 -62.16
CA LYS P 794 -40.71 3.82 -61.36
C LYS P 794 -39.34 3.29 -60.94
N PHE P 795 -39.25 2.08 -60.40
CA PHE P 795 -37.99 1.51 -59.96
C PHE P 795 -36.96 1.34 -61.09
N LYS P 796 -37.37 0.87 -62.27
CA LYS P 796 -36.46 0.71 -63.40
C LYS P 796 -35.98 2.07 -63.89
N GLN P 797 -36.87 3.05 -64.00
CA GLN P 797 -36.46 4.38 -64.44
C GLN P 797 -35.51 5.04 -63.43
N MET P 798 -35.77 4.91 -62.12
CA MET P 798 -34.85 5.36 -61.08
C MET P 798 -33.47 4.71 -61.20
N THR P 799 -33.42 3.40 -61.43
CA THR P 799 -32.16 2.64 -61.55
C THR P 799 -31.52 2.73 -62.94
N GLU P 800 -32.11 3.47 -63.86
CA GLU P 800 -31.46 3.95 -65.07
C GLU P 800 -31.01 5.41 -64.94
N ALA P 801 -31.64 6.19 -64.06
CA ALA P 801 -31.29 7.58 -63.82
C ALA P 801 -29.98 7.71 -63.04
N ILE P 802 -29.90 7.08 -61.87
CA ILE P 802 -28.61 6.88 -61.20
C ILE P 802 -27.92 5.71 -61.90
N GLY P 803 -26.61 5.77 -62.15
CA GLY P 803 -25.88 4.62 -62.66
C GLY P 803 -25.89 3.46 -61.65
N PRO P 804 -26.17 2.21 -62.03
CA PRO P 804 -26.27 1.12 -61.06
C PRO P 804 -24.95 0.84 -60.33
N SER P 805 -23.81 1.05 -60.98
CA SER P 805 -22.50 1.01 -60.29
C SER P 805 -22.39 2.07 -59.20
N THR P 806 -22.89 3.28 -59.41
CA THR P 806 -22.99 4.29 -58.34
C THR P 806 -24.03 3.93 -57.25
N ILE P 807 -24.99 3.04 -57.50
CA ILE P 807 -25.83 2.46 -56.43
C ILE P 807 -25.06 1.43 -55.61
N ARG P 808 -24.14 0.67 -56.22
CA ARG P 808 -23.18 -0.16 -55.46
C ARG P 808 -22.28 0.73 -54.59
N ASP P 809 -21.77 1.80 -55.17
CA ASP P 809 -20.91 2.77 -54.51
C ASP P 809 -21.57 3.44 -53.32
N LEU P 810 -22.83 3.88 -53.45
CA LEU P 810 -23.55 4.62 -52.41
C LEU P 810 -23.68 3.83 -51.11
N ALA P 811 -23.91 2.52 -51.19
CA ALA P 811 -24.02 1.68 -50.00
C ALA P 811 -22.67 1.36 -49.36
N VAL P 812 -21.60 1.19 -50.15
CA VAL P 812 -20.28 0.86 -49.60
C VAL P 812 -19.58 2.09 -49.06
N ALA P 813 -19.58 3.22 -49.78
CA ALA P 813 -18.66 4.31 -49.52
C ALA P 813 -18.82 4.95 -48.14
N GLY P 814 -20.03 4.98 -47.57
CA GLY P 814 -20.27 5.48 -46.21
C GLY P 814 -19.48 4.71 -45.15
N PRO P 815 -19.80 3.44 -44.90
CA PRO P 815 -19.02 2.55 -44.06
C PRO P 815 -17.58 2.31 -44.53
N GLU P 816 -17.25 2.50 -45.80
CA GLU P 816 -15.85 2.43 -46.27
C GLU P 816 -15.03 3.57 -45.68
N MET P 817 -15.59 4.76 -45.54
CA MET P 817 -14.82 5.85 -44.96
C MET P 817 -14.46 5.56 -43.51
N GLN P 818 -15.38 4.95 -42.76
CA GLN P 818 -15.11 4.50 -41.40
C GLN P 818 -14.08 3.38 -41.31
N VAL P 819 -13.75 2.70 -42.41
CA VAL P 819 -12.54 1.88 -42.50
C VAL P 819 -11.34 2.75 -42.78
N LYS P 820 -11.40 3.57 -43.84
CA LYS P 820 -10.28 4.41 -44.28
C LYS P 820 -9.77 5.33 -43.18
N LEU P 821 -10.64 5.80 -42.30
CA LEU P 821 -10.27 6.56 -41.12
C LEU P 821 -9.39 5.75 -40.18
N LEU P 822 -9.83 4.61 -39.65
CA LEU P 822 -8.96 3.82 -38.78
C LEU P 822 -7.71 3.37 -39.51
N GLN P 823 -7.79 2.97 -40.78
CA GLN P 823 -6.63 2.56 -41.55
C GLN P 823 -5.53 3.62 -41.62
N SER P 824 -5.88 4.90 -41.52
CA SER P 824 -4.88 5.96 -41.53
C SER P 824 -4.01 5.97 -40.28
N LEU P 825 -4.55 5.55 -39.14
CA LEU P 825 -3.82 5.50 -37.88
C LEU P 825 -2.83 4.34 -37.79
N GLY P 826 -3.09 3.23 -38.49
CA GLY P 826 -2.20 2.06 -38.50
C GLY P 826 -1.85 1.60 -37.08
N LEU P 827 -2.88 1.45 -36.24
CA LEU P 827 -2.74 1.19 -34.81
C LEU P 827 -1.94 -0.08 -34.52
N LYS P 828 -1.39 -0.14 -33.31
CA LYS P 828 -0.65 -1.27 -32.75
C LYS P 828 -1.12 -1.39 -31.32
N SER P 829 -2.04 -2.29 -31.03
CA SER P 829 -2.80 -2.28 -29.78
C SER P 829 -2.63 -3.54 -28.93
N THR P 830 -2.77 -3.38 -27.62
CA THR P 830 -2.80 -4.46 -26.63
C THR P 830 -4.19 -4.54 -26.05
N LEU P 831 -4.78 -5.72 -25.96
CA LEU P 831 -6.14 -5.90 -25.43
C LEU P 831 -6.13 -6.65 -24.09
N ILE P 832 -6.68 -6.07 -23.04
CA ILE P 832 -6.96 -6.76 -21.78
C ILE P 832 -8.47 -6.91 -21.66
N THR P 833 -9.02 -8.08 -21.35
CA THR P 833 -10.47 -8.28 -21.21
C THR P 833 -10.87 -9.19 -20.06
N ASP P 834 -12.11 -9.03 -19.61
CA ASP P 834 -12.88 -10.09 -18.99
C ASP P 834 -12.97 -11.32 -19.90
N GLY P 835 -13.46 -12.45 -19.39
CA GLY P 835 -13.64 -13.68 -20.16
C GLY P 835 -15.08 -13.99 -20.51
N SER P 836 -15.96 -14.01 -19.53
CA SER P 836 -17.36 -14.42 -19.72
C SER P 836 -18.22 -13.32 -20.38
N THR P 837 -17.84 -12.06 -20.26
CA THR P 837 -18.56 -10.89 -20.82
C THR P 837 -17.58 -9.88 -21.43
N PRO P 838 -16.81 -10.24 -22.46
CA PRO P 838 -15.65 -9.48 -22.96
C PRO P 838 -16.03 -8.22 -23.73
N ILE P 839 -15.02 -7.46 -24.18
CA ILE P 839 -15.14 -6.21 -24.94
C ILE P 839 -15.51 -6.49 -26.39
N ASN P 840 -16.60 -5.92 -26.87
CA ASN P 840 -16.98 -5.98 -28.28
C ASN P 840 -16.02 -5.15 -29.15
N LEU P 841 -15.34 -5.79 -30.08
CA LEU P 841 -14.36 -5.10 -30.91
C LEU P 841 -15.01 -4.18 -31.95
N PHE P 842 -16.24 -4.41 -32.39
CA PHE P 842 -16.91 -3.45 -33.26
C PHE P 842 -17.27 -2.15 -32.53
N ASN P 843 -17.81 -2.25 -31.31
CA ASN P 843 -18.12 -1.08 -30.52
C ASN P 843 -16.84 -0.34 -30.14
N THR P 844 -15.74 -1.07 -29.98
CA THR P 844 -14.42 -0.48 -29.78
C THR P 844 -14.03 0.32 -31.01
N ALA P 845 -14.07 -0.29 -32.19
CA ALA P 845 -13.62 0.33 -33.41
C ALA P 845 -14.43 1.57 -33.76
N PHE P 846 -15.76 1.49 -33.80
CA PHE P 846 -16.58 2.69 -34.02
C PHE P 846 -16.43 3.69 -32.87
N GLY P 847 -16.20 3.23 -31.64
CA GLY P 847 -16.27 4.06 -30.45
C GLY P 847 -15.18 5.11 -30.38
N LEU P 848 -14.03 4.82 -30.96
CA LEU P 848 -12.93 5.75 -31.15
C LEU P 848 -13.29 6.88 -32.12
N LEU P 849 -14.36 6.70 -32.89
CA LEU P 849 -14.65 7.41 -34.12
C LEU P 849 -16.11 7.90 -34.16
N GLY P 850 -16.80 7.88 -33.02
CA GLY P 850 -18.23 8.19 -32.93
C GLY P 850 -19.15 7.08 -33.47
N GLY P 852 -19.74 6.31 -32.56
CA GLY P 852 -20.86 5.42 -32.84
C GLY P 852 -22.22 6.11 -33.11
N PRO P 853 -22.62 7.20 -32.41
CA PRO P 853 -23.97 7.76 -32.51
C PRO P 853 -24.12 8.61 -33.77
N GLU Q 769 -73.49 -1.79 -58.97
CA GLU Q 769 -72.49 -1.52 -57.92
C GLU Q 769 -71.05 -1.65 -58.42
N LEU Q 770 -70.55 -2.87 -58.62
CA LEU Q 770 -69.13 -3.18 -58.82
C LEU Q 770 -68.45 -2.42 -59.98
N VAL Q 771 -69.21 -1.93 -60.95
CA VAL Q 771 -68.74 -1.06 -62.04
C VAL Q 771 -68.17 0.25 -61.48
N TYR Q 772 -68.73 0.79 -60.42
CA TYR Q 772 -68.18 1.98 -59.77
C TYR Q 772 -66.80 1.69 -59.19
N ALA Q 773 -66.60 0.57 -58.50
CA ALA Q 773 -65.27 0.19 -58.01
C ALA Q 773 -64.30 -0.15 -59.16
N ARG Q 774 -64.77 -0.77 -60.23
CA ARG Q 774 -63.98 -1.00 -61.44
C ARG Q 774 -63.53 0.30 -62.11
N ALA Q 775 -64.34 1.36 -62.02
CA ALA Q 775 -63.97 2.72 -62.41
C ALA Q 775 -63.03 3.40 -61.40
N GLN Q 776 -63.28 3.25 -60.11
CA GLN Q 776 -62.40 3.76 -59.06
C GLN Q 776 -61.00 3.15 -59.14
N LEU Q 777 -60.89 1.90 -59.58
CA LEU Q 777 -59.59 1.30 -59.82
C LEU Q 777 -58.83 2.02 -60.94
N GLU Q 778 -59.49 2.33 -62.06
CA GLU Q 778 -58.86 3.13 -63.12
C GLU Q 778 -58.39 4.48 -62.58
N LEU Q 779 -59.21 5.14 -61.76
CA LEU Q 779 -58.86 6.43 -61.18
C LEU Q 779 -57.67 6.35 -60.23
N GLU Q 780 -57.65 5.39 -59.31
CA GLU Q 780 -56.52 5.19 -58.39
C GLU Q 780 -55.23 4.83 -59.14
N VAL Q 781 -55.30 3.94 -60.12
CA VAL Q 781 -54.14 3.60 -60.94
C VAL Q 781 -53.72 4.77 -61.84
N SER Q 782 -54.64 5.58 -62.34
CA SER Q 782 -54.29 6.79 -63.10
C SER Q 782 -53.52 7.77 -62.23
N LYS Q 783 -53.97 8.00 -61.00
CA LYS Q 783 -53.25 8.82 -60.03
C LYS Q 783 -51.89 8.24 -59.68
N ALA Q 784 -51.78 6.95 -59.46
CA ALA Q 784 -50.47 6.32 -59.27
C ALA Q 784 -49.56 6.51 -60.50
N GLN Q 785 -50.05 6.25 -61.71
CA GLN Q 785 -49.30 6.38 -62.95
C GLN Q 785 -48.79 7.80 -63.21
N GLN Q 786 -49.63 8.81 -63.01
CA GLN Q 786 -49.25 10.19 -63.34
C GLN Q 786 -48.32 10.82 -62.29
N LEU Q 787 -48.47 10.51 -61.01
CA LEU Q 787 -47.54 10.99 -59.98
C LEU Q 787 -46.19 10.29 -60.08
N ALA Q 788 -46.15 8.99 -60.39
CA ALA Q 788 -44.89 8.26 -60.55
C ALA Q 788 -43.97 8.90 -61.59
N GLU Q 789 -44.51 9.29 -62.74
CA GLU Q 789 -43.73 9.94 -63.80
C GLU Q 789 -43.17 11.29 -63.38
N VAL Q 790 -43.91 12.10 -62.64
CA VAL Q 790 -43.43 13.42 -62.20
C VAL Q 790 -42.23 13.29 -61.28
N GLU Q 791 -42.25 12.33 -60.35
CA GLU Q 791 -41.12 12.11 -59.45
C GLU Q 791 -39.90 11.53 -60.19
N VAL Q 792 -40.10 10.61 -61.12
CA VAL Q 792 -39.03 10.07 -61.98
C VAL Q 792 -38.37 11.18 -62.79
N LYS Q 793 -39.17 12.02 -63.44
CA LYS Q 793 -38.71 13.16 -64.24
C LYS Q 793 -37.85 14.08 -63.38
N LYS Q 794 -38.33 14.45 -62.20
CA LYS Q 794 -37.62 15.29 -61.25
C LYS Q 794 -36.28 14.69 -60.82
N PHE Q 795 -36.31 13.40 -60.50
CA PHE Q 795 -35.14 12.66 -60.07
C PHE Q 795 -34.10 12.54 -61.18
N LYS Q 796 -34.51 12.15 -62.38
CA LYS Q 796 -33.65 12.10 -63.56
C LYS Q 796 -33.05 13.46 -63.86
N GLN Q 797 -33.84 14.51 -63.81
CA GLN Q 797 -33.34 15.85 -64.13
C GLN Q 797 -32.37 16.35 -63.06
N MET Q 798 -32.68 16.26 -61.77
CA MET Q 798 -31.72 16.61 -60.72
C MET Q 798 -30.45 15.76 -60.82
N THR Q 799 -30.57 14.45 -61.08
CA THR Q 799 -29.45 13.51 -61.32
C THR Q 799 -28.81 13.68 -62.70
N GLU Q 800 -29.10 14.77 -63.41
CA GLU Q 800 -28.37 15.20 -64.61
C GLU Q 800 -27.84 16.64 -64.44
N ALA Q 801 -28.53 17.47 -63.66
CA ALA Q 801 -28.06 18.80 -63.27
C ALA Q 801 -26.76 18.70 -62.45
N ILE Q 802 -26.69 17.70 -61.57
CA ILE Q 802 -25.44 17.08 -61.10
C ILE Q 802 -25.45 15.62 -61.54
N GLY Q 803 -24.31 15.02 -61.87
CA GLY Q 803 -24.28 13.66 -62.40
C GLY Q 803 -24.57 12.57 -61.36
N PRO Q 804 -24.48 11.28 -61.75
CA PRO Q 804 -24.27 10.18 -60.79
C PRO Q 804 -22.85 10.25 -60.19
N SER Q 805 -21.84 10.52 -61.03
CA SER Q 805 -20.60 11.13 -60.56
C SER Q 805 -20.93 12.41 -59.77
N THR Q 806 -20.17 12.77 -58.75
CA THR Q 806 -20.50 13.88 -57.83
C THR Q 806 -21.71 13.64 -56.91
N ILE Q 807 -22.50 12.57 -57.08
CA ILE Q 807 -23.27 11.99 -55.96
C ILE Q 807 -22.37 11.02 -55.17
N ARG Q 808 -21.59 10.18 -55.87
CA ARG Q 808 -20.33 9.70 -55.27
C ARG Q 808 -19.47 10.91 -54.92
N ASP Q 809 -18.65 10.83 -53.89
CA ASP Q 809 -18.06 11.99 -53.19
C ASP Q 809 -19.06 12.77 -52.31
N LEU Q 810 -20.30 13.05 -52.72
CA LEU Q 810 -21.32 13.64 -51.84
C LEU Q 810 -21.84 12.65 -50.79
N ALA Q 811 -21.90 11.36 -51.12
CA ALA Q 811 -22.40 10.31 -50.22
C ALA Q 811 -21.53 10.10 -48.96
N VAL Q 812 -20.22 10.36 -49.07
CA VAL Q 812 -19.24 10.23 -47.96
C VAL Q 812 -19.11 11.49 -47.09
N ALA Q 813 -19.59 12.64 -47.55
CA ALA Q 813 -19.36 13.94 -46.92
C ALA Q 813 -19.99 14.08 -45.52
N GLY Q 814 -20.93 13.20 -45.19
CA GLY Q 814 -21.55 13.15 -43.87
C GLY Q 814 -22.58 14.26 -43.63
N PRO Q 815 -23.24 14.22 -42.48
CA PRO Q 815 -24.51 14.92 -42.30
C PRO Q 815 -24.36 16.44 -42.31
N GLU Q 816 -23.36 16.97 -41.62
CA GLU Q 816 -23.13 18.41 -41.50
C GLU Q 816 -22.93 19.06 -42.88
N MET Q 817 -22.25 18.37 -43.81
CA MET Q 817 -22.18 18.79 -45.20
C MET Q 817 -23.50 18.60 -45.93
N GLN Q 818 -24.11 17.43 -45.86
CA GLN Q 818 -25.30 17.14 -46.67
C GLN Q 818 -26.46 18.10 -46.34
N VAL Q 819 -26.67 18.39 -45.06
CA VAL Q 819 -27.67 19.37 -44.61
C VAL Q 819 -27.34 20.77 -45.14
N LYS Q 820 -26.09 21.21 -44.94
CA LYS Q 820 -25.55 22.48 -45.42
C LYS Q 820 -25.68 22.63 -46.94
N LEU Q 821 -25.37 21.59 -47.71
CA LEU Q 821 -25.49 21.61 -49.17
C LEU Q 821 -26.95 21.68 -49.62
N LEU Q 822 -27.84 20.87 -49.06
CA LEU Q 822 -29.26 20.91 -49.44
C LEU Q 822 -29.93 22.23 -49.04
N GLN Q 823 -29.47 22.89 -47.97
CA GLN Q 823 -29.81 24.30 -47.70
C GLN Q 823 -29.18 25.25 -48.73
N SER Q 824 -27.91 25.05 -49.09
CA SER Q 824 -27.14 25.92 -50.00
C SER Q 824 -27.61 25.89 -51.45
N LEU Q 825 -28.29 24.83 -51.88
CA LEU Q 825 -28.63 24.54 -53.28
C LEU Q 825 -30.15 24.57 -53.53
N GLY Q 826 -30.88 25.45 -52.83
CA GLY Q 826 -32.30 25.65 -53.06
C GLY Q 826 -33.16 24.45 -52.67
N GLU R 769 -69.55 -53.04 -33.96
CA GLU R 769 -68.66 -51.93 -33.59
C GLU R 769 -67.33 -51.97 -34.32
N LEU R 770 -66.45 -52.93 -34.04
CA LEU R 770 -65.04 -52.92 -34.44
C LEU R 770 -64.79 -52.70 -35.94
N VAL R 771 -65.72 -53.11 -36.81
CA VAL R 771 -65.67 -52.83 -38.24
C VAL R 771 -65.61 -51.33 -38.57
N TYR R 772 -66.29 -50.48 -37.79
CA TYR R 772 -66.21 -49.03 -37.93
C TYR R 772 -64.83 -48.51 -37.54
N ALA R 773 -64.24 -49.06 -36.50
CA ALA R 773 -62.88 -48.70 -36.12
C ALA R 773 -61.87 -49.11 -37.19
N ARG R 774 -62.03 -50.27 -37.83
CA ARG R 774 -61.22 -50.65 -39.02
C ARG R 774 -61.42 -49.68 -40.17
N ALA R 775 -62.66 -49.27 -40.44
CA ALA R 775 -62.96 -48.31 -41.49
C ALA R 775 -62.33 -46.93 -41.24
N GLN R 776 -62.34 -46.43 -39.99
CA GLN R 776 -61.60 -45.21 -39.65
C GLN R 776 -60.09 -45.39 -39.72
N LEU R 777 -59.55 -46.56 -39.36
CA LEU R 777 -58.12 -46.82 -39.45
C LEU R 777 -57.62 -46.79 -40.90
N GLU R 778 -58.36 -47.36 -41.84
CA GLU R 778 -58.03 -47.23 -43.26
C GLU R 778 -57.98 -45.75 -43.69
N LEU R 779 -58.96 -44.95 -43.25
CA LEU R 779 -59.01 -43.52 -43.57
C LEU R 779 -57.85 -42.74 -42.94
N GLU R 780 -57.48 -43.04 -41.69
CA GLU R 780 -56.34 -42.41 -41.02
C GLU R 780 -55.04 -42.68 -41.75
N VAL R 781 -54.79 -43.94 -42.11
CA VAL R 781 -53.61 -44.28 -42.91
C VAL R 781 -53.68 -43.65 -44.30
N SER R 782 -54.86 -43.53 -44.91
CA SER R 782 -54.99 -42.87 -46.21
C SER R 782 -54.58 -41.40 -46.15
N LYS R 783 -55.03 -40.67 -45.12
CA LYS R 783 -54.60 -39.30 -44.85
C LYS R 783 -53.11 -39.23 -44.58
N ALA R 784 -52.56 -40.11 -43.73
CA ALA R 784 -51.13 -40.10 -43.45
C ALA R 784 -50.29 -40.36 -44.69
N GLN R 785 -50.69 -41.32 -45.55
CA GLN R 785 -49.97 -41.63 -46.79
C GLN R 785 -49.95 -40.44 -47.74
N GLN R 786 -51.12 -39.82 -47.95
CA GLN R 786 -51.22 -38.74 -48.93
C GLN R 786 -50.50 -37.50 -48.45
N LEU R 787 -50.71 -37.06 -47.21
CA LEU R 787 -50.00 -35.87 -46.74
C LEU R 787 -48.48 -36.07 -46.74
N ALA R 788 -47.98 -37.25 -46.41
CA ALA R 788 -46.56 -37.52 -46.47
C ALA R 788 -46.03 -37.39 -47.91
N GLU R 789 -46.75 -37.92 -48.90
CA GLU R 789 -46.35 -37.75 -50.31
C GLU R 789 -46.34 -36.28 -50.73
N VAL R 790 -47.38 -35.52 -50.34
CA VAL R 790 -47.48 -34.10 -50.68
C VAL R 790 -46.34 -33.29 -50.11
N GLU R 791 -45.95 -33.54 -48.87
CA GLU R 791 -44.78 -32.90 -48.28
C GLU R 791 -43.49 -33.32 -48.98
N VAL R 792 -43.28 -34.62 -49.23
CA VAL R 792 -42.06 -35.09 -49.91
C VAL R 792 -41.93 -34.48 -51.28
N LYS R 793 -43.01 -34.39 -52.05
CA LYS R 793 -43.04 -33.71 -53.35
C LYS R 793 -42.52 -32.29 -53.19
N LYS R 794 -43.09 -31.49 -52.28
CA LYS R 794 -42.60 -30.13 -52.01
C LYS R 794 -41.12 -30.14 -51.61
N PHE R 795 -40.70 -31.02 -50.71
CA PHE R 795 -39.31 -31.09 -50.24
C PHE R 795 -38.31 -31.45 -51.35
N LYS R 796 -38.63 -32.41 -52.21
CA LYS R 796 -37.75 -32.77 -53.34
C LYS R 796 -37.68 -31.61 -54.32
N GLN R 797 -38.82 -31.03 -54.69
CA GLN R 797 -38.85 -29.93 -55.66
C GLN R 797 -38.08 -28.72 -55.13
N MET R 798 -38.23 -28.37 -53.85
CA MET R 798 -37.43 -27.33 -53.20
C MET R 798 -35.94 -27.62 -53.28
N THR R 799 -35.52 -28.86 -53.06
CA THR R 799 -34.10 -29.26 -53.12
C THR R 799 -33.61 -29.61 -54.54
N GLU R 800 -34.45 -29.40 -55.56
CA GLU R 800 -34.02 -29.29 -56.95
C GLU R 800 -34.01 -27.82 -57.39
N ALA R 801 -34.82 -26.97 -56.77
CA ALA R 801 -34.92 -25.54 -57.10
C ALA R 801 -33.66 -24.79 -56.73
N ILE R 802 -33.17 -24.99 -55.50
CA ILE R 802 -31.85 -24.52 -55.07
C ILE R 802 -30.91 -25.72 -55.04
N GLY R 803 -29.73 -25.59 -55.65
CA GLY R 803 -28.77 -26.69 -55.76
C GLY R 803 -28.30 -27.18 -54.38
N PRO R 804 -28.26 -28.49 -54.10
CA PRO R 804 -28.05 -29.01 -52.74
C PRO R 804 -26.65 -28.70 -52.18
N SER R 805 -25.64 -28.51 -53.02
CA SER R 805 -24.35 -27.98 -52.60
C SER R 805 -24.46 -26.55 -52.05
N THR R 806 -25.37 -25.73 -52.55
CA THR R 806 -25.68 -24.42 -51.95
C THR R 806 -26.41 -24.58 -50.60
N ILE R 807 -27.16 -25.65 -50.38
CA ILE R 807 -27.73 -25.98 -49.06
C ILE R 807 -26.64 -26.43 -48.07
N ARG R 808 -25.57 -27.09 -48.53
CA ARG R 808 -24.36 -27.30 -47.70
C ARG R 808 -23.71 -25.96 -47.34
N ASP R 809 -23.52 -25.10 -48.34
CA ASP R 809 -22.94 -23.78 -48.15
C ASP R 809 -23.73 -22.91 -47.16
N LEU R 810 -25.06 -22.87 -47.28
CA LEU R 810 -25.91 -21.99 -46.49
C LEU R 810 -25.78 -22.22 -44.99
N ALA R 811 -25.73 -23.47 -44.55
CA ALA R 811 -25.58 -23.80 -43.15
C ALA R 811 -24.16 -23.56 -42.62
N VAL R 812 -23.12 -23.74 -43.43
CA VAL R 812 -21.74 -23.55 -42.99
C VAL R 812 -21.33 -22.07 -43.01
N ALA R 813 -21.69 -21.32 -44.05
CA ALA R 813 -21.08 -20.04 -44.32
C ALA R 813 -21.37 -18.96 -43.25
N GLY R 814 -22.53 -19.00 -42.60
CA GLY R 814 -22.84 -18.09 -41.50
C GLY R 814 -21.80 -18.19 -40.37
N PRO R 815 -21.69 -19.35 -39.70
CA PRO R 815 -20.59 -19.64 -38.79
C PRO R 815 -19.20 -19.54 -39.41
N GLU R 816 -19.00 -19.81 -40.69
CA GLU R 816 -17.68 -19.63 -41.33
C GLU R 816 -17.23 -18.18 -41.25
N MET R 817 -18.12 -17.22 -41.40
CA MET R 817 -17.69 -15.84 -41.33
C MET R 817 -17.24 -15.47 -39.93
N GLN R 818 -17.91 -15.97 -38.89
CA GLN R 818 -17.46 -15.81 -37.52
C GLN R 818 -16.15 -16.55 -37.21
N VAL R 819 -15.71 -17.47 -38.05
CA VAL R 819 -14.32 -17.95 -38.03
C VAL R 819 -13.40 -16.99 -38.78
N LYS R 820 -13.70 -16.69 -40.04
CA LYS R 820 -12.87 -15.88 -40.92
C LYS R 820 -12.59 -14.50 -40.34
N LEU R 821 -13.53 -13.94 -39.58
CA LEU R 821 -13.31 -12.73 -38.80
C LEU R 821 -12.16 -12.92 -37.80
N LEU R 822 -12.28 -13.79 -36.79
CA LEU R 822 -11.21 -13.94 -35.81
C LEU R 822 -9.89 -14.36 -36.45
N GLN R 823 -9.92 -15.26 -37.44
CA GLN R 823 -8.70 -15.68 -38.14
C GLN R 823 -7.93 -14.51 -38.77
N SER R 824 -8.60 -13.41 -39.09
CA SER R 824 -7.94 -12.26 -39.68
C SER R 824 -7.09 -11.48 -38.68
N LEU R 825 -7.45 -11.51 -37.40
CA LEU R 825 -6.70 -10.84 -36.34
C LEU R 825 -5.43 -11.60 -35.93
N GLY R 826 -5.42 -12.93 -36.08
CA GLY R 826 -4.26 -13.75 -35.74
C GLY R 826 -3.74 -13.48 -34.33
N LEU R 827 -4.64 -13.51 -33.34
CA LEU R 827 -4.36 -13.21 -31.95
C LEU R 827 -3.23 -14.06 -31.38
N LYS R 828 -2.62 -13.56 -30.32
CA LYS R 828 -1.53 -14.19 -29.58
C LYS R 828 -1.84 -14.07 -28.10
N SER R 829 -2.98 -14.58 -27.69
CA SER R 829 -3.54 -14.33 -26.36
C SER R 829 -2.86 -15.10 -25.22
N THR R 830 -3.09 -14.61 -24.01
CA THR R 830 -2.72 -15.22 -22.73
C THR R 830 -3.99 -15.39 -21.93
N LEU R 831 -4.11 -16.44 -21.14
CA LEU R 831 -5.30 -16.68 -20.34
C LEU R 831 -4.99 -16.70 -18.84
N ILE R 832 -5.84 -16.11 -18.03
CA ILE R 832 -5.84 -16.26 -16.58
C ILE R 832 -7.24 -16.71 -16.21
N THR R 833 -7.41 -17.75 -15.39
CA THR R 833 -8.74 -18.19 -14.96
C THR R 833 -8.79 -18.62 -13.50
N ASP R 834 -9.98 -18.51 -12.89
CA ASP R 834 -10.32 -19.40 -11.79
C ASP R 834 -10.34 -20.84 -12.28
N GLY R 835 -10.07 -21.82 -11.43
CA GLY R 835 -9.99 -23.22 -11.85
C GLY R 835 -11.30 -23.98 -11.83
N SER R 836 -12.20 -23.67 -10.91
CA SER R 836 -13.42 -24.45 -10.71
C SER R 836 -14.65 -23.86 -11.42
N THR R 837 -14.57 -22.59 -11.83
CA THR R 837 -15.59 -21.86 -12.59
C THR R 837 -15.00 -21.17 -13.83
N PRO R 838 -14.16 -21.85 -14.63
CA PRO R 838 -13.28 -21.19 -15.57
C PRO R 838 -14.03 -20.50 -16.70
N ILE R 839 -13.32 -19.65 -17.43
CA ILE R 839 -13.85 -18.82 -18.51
C ILE R 839 -14.21 -19.68 -19.71
N ASN R 840 -15.45 -19.63 -20.17
CA ASN R 840 -15.87 -20.36 -21.36
C ASN R 840 -15.22 -19.74 -22.61
N LEU R 841 -14.40 -20.51 -23.31
CA LEU R 841 -13.67 -20.01 -24.46
C LEU R 841 -14.58 -19.75 -25.67
N PHE R 842 -15.73 -20.42 -25.82
CA PHE R 842 -16.65 -20.04 -26.88
C PHE R 842 -17.33 -18.69 -26.62
N ASN R 843 -17.77 -18.43 -25.40
CA ASN R 843 -18.36 -17.14 -25.07
C ASN R 843 -17.30 -16.05 -25.18
N THR R 844 -16.03 -16.39 -24.95
CA THR R 844 -14.93 -15.46 -25.21
C THR R 844 -14.84 -15.16 -26.69
N ALA R 845 -14.75 -16.20 -27.53
CA ALA R 845 -14.54 -16.06 -28.95
C ALA R 845 -15.68 -15.29 -29.63
N PHE R 846 -16.94 -15.63 -29.36
CA PHE R 846 -18.04 -14.82 -29.87
C PHE R 846 -18.10 -13.45 -29.21
N GLY R 847 -17.71 -13.32 -27.95
CA GLY R 847 -17.97 -12.13 -27.18
C GLY R 847 -17.19 -10.92 -27.67
N LEU R 848 -16.02 -11.16 -28.23
CA LEU R 848 -15.22 -10.14 -28.92
C LEU R 848 -15.90 -9.60 -30.17
N LEU R 849 -16.93 -10.30 -30.66
CA LEU R 849 -17.45 -10.22 -32.00
C LEU R 849 -18.98 -10.11 -32.02
N GLY R 850 -19.60 -9.87 -30.87
CA GLY R 850 -21.06 -9.90 -30.72
C GLY R 850 -21.63 -11.32 -30.66
N GLY R 852 -21.97 -11.77 -29.46
CA GLY R 852 -22.83 -12.92 -29.23
C GLY R 852 -24.33 -12.71 -29.56
N PRO R 853 -24.98 -11.57 -29.22
CA PRO R 853 -26.43 -11.43 -29.34
C PRO R 853 -26.85 -11.20 -30.78
N GLU S 769 -72.59 -42.03 -43.09
CA GLU S 769 -71.71 -41.08 -42.39
C GLU S 769 -70.32 -41.00 -43.01
N LEU S 770 -69.47 -42.01 -42.84
CA LEU S 770 -68.03 -41.97 -43.09
C LEU S 770 -67.63 -41.57 -44.52
N VAL S 771 -68.52 -41.70 -45.50
CA VAL S 771 -68.34 -41.25 -46.87
C VAL S 771 -68.12 -39.74 -46.94
N TYR S 772 -68.76 -38.96 -46.08
CA TYR S 772 -68.53 -37.52 -46.00
C TYR S 772 -67.10 -37.23 -45.56
N ALA S 773 -66.58 -37.89 -44.53
CA ALA S 773 -65.19 -37.73 -44.12
C ALA S 773 -64.20 -38.22 -45.19
N ARG S 774 -64.49 -39.35 -45.83
CA ARG S 774 -63.70 -39.86 -46.96
C ARG S 774 -63.69 -38.89 -48.15
N ALA S 775 -64.75 -38.10 -48.34
CA ALA S 775 -64.79 -36.99 -49.29
C ALA S 775 -64.06 -35.74 -48.79
N GLN S 776 -64.20 -35.38 -47.51
CA GLN S 776 -63.45 -34.28 -46.90
C GLN S 776 -61.95 -34.52 -46.96
N LEU S 777 -61.50 -35.78 -46.92
CA LEU S 777 -60.09 -36.09 -47.09
C LEU S 777 -59.61 -35.72 -48.49
N GLU S 778 -60.37 -36.06 -49.53
CA GLU S 778 -60.03 -35.65 -50.90
C GLU S 778 -59.92 -34.12 -51.00
N LEU S 779 -60.83 -33.39 -50.36
CA LEU S 779 -60.80 -31.93 -50.33
C LEU S 779 -59.59 -31.38 -49.57
N GLU S 780 -59.28 -31.88 -48.38
CA GLU S 780 -58.11 -31.43 -47.61
C GLU S 780 -56.80 -31.75 -48.35
N VAL S 781 -56.66 -32.95 -48.90
CA VAL S 781 -55.48 -33.29 -49.70
C VAL S 781 -55.41 -32.48 -50.99
N SER S 782 -56.54 -32.18 -51.64
CA SER S 782 -56.55 -31.29 -52.80
C SER S 782 -56.04 -29.90 -52.45
N LYS S 783 -56.47 -29.33 -51.32
CA LYS S 783 -55.95 -28.06 -50.83
C LYS S 783 -54.46 -28.12 -50.51
N ALA S 784 -54.00 -29.18 -49.84
CA ALA S 784 -52.58 -29.36 -49.58
C ALA S 784 -51.77 -29.45 -50.89
N GLN S 785 -52.22 -30.24 -51.85
CA GLN S 785 -51.58 -30.40 -53.17
C GLN S 785 -51.49 -29.09 -53.94
N GLN S 786 -52.59 -28.36 -54.09
CA GLN S 786 -52.62 -27.19 -54.95
C GLN S 786 -51.88 -25.99 -54.36
N LEU S 787 -51.85 -25.82 -53.03
CA LEU S 787 -51.05 -24.76 -52.43
C LEU S 787 -49.56 -25.10 -52.48
N ALA S 788 -49.17 -26.34 -52.26
CA ALA S 788 -47.77 -26.75 -52.34
C ALA S 788 -47.14 -26.45 -53.70
N GLU S 789 -47.86 -26.66 -54.79
CA GLU S 789 -47.38 -26.32 -56.13
C GLU S 789 -47.16 -24.82 -56.32
N VAL S 790 -48.05 -23.97 -55.81
CA VAL S 790 -47.89 -22.51 -55.92
C VAL S 790 -46.64 -22.02 -55.22
N GLU S 791 -46.37 -22.50 -54.01
CA GLU S 791 -45.17 -22.09 -53.29
C GLU S 791 -43.89 -22.62 -53.93
N VAL S 792 -43.88 -23.86 -54.41
CA VAL S 792 -42.73 -24.43 -55.13
C VAL S 792 -42.41 -23.63 -56.39
N LYS S 793 -43.44 -23.33 -57.18
CA LYS S 793 -43.33 -22.52 -58.40
C LYS S 793 -42.72 -21.16 -58.07
N LYS S 794 -43.22 -20.48 -57.05
CA LYS S 794 -42.73 -19.18 -56.58
C LYS S 794 -41.27 -19.25 -56.17
N PHE S 795 -40.91 -20.27 -55.40
CA PHE S 795 -39.55 -20.47 -54.91
C PHE S 795 -38.58 -20.78 -56.04
N LYS S 796 -38.96 -21.66 -56.98
CA LYS S 796 -38.16 -21.94 -58.16
C LYS S 796 -37.99 -20.71 -59.03
N GLN S 797 -39.04 -19.92 -59.24
CA GLN S 797 -38.94 -18.75 -60.09
C GLN S 797 -38.12 -17.64 -59.43
N MET S 798 -38.29 -17.36 -58.15
CA MET S 798 -37.43 -16.41 -57.44
C MET S 798 -35.98 -16.89 -57.45
N THR S 799 -35.73 -18.16 -57.14
CA THR S 799 -34.38 -18.73 -57.22
C THR S 799 -33.80 -18.64 -58.63
N GLU S 800 -34.58 -18.82 -59.69
CA GLU S 800 -34.06 -18.69 -61.05
C GLU S 800 -33.76 -17.23 -61.41
N ALA S 801 -34.47 -16.26 -60.81
CA ALA S 801 -34.18 -14.84 -60.99
C ALA S 801 -32.89 -14.40 -60.27
N ILE S 802 -32.78 -14.66 -58.97
CA ILE S 802 -31.53 -14.50 -58.20
C ILE S 802 -30.81 -15.85 -58.13
N GLY S 803 -30.13 -16.22 -59.22
CA GLY S 803 -29.53 -17.54 -59.40
C GLY S 803 -28.69 -18.04 -58.21
N PRO S 804 -28.70 -19.34 -57.86
CA PRO S 804 -28.07 -19.88 -56.64
C PRO S 804 -26.62 -19.41 -56.36
N SER S 805 -25.82 -19.19 -57.39
CA SER S 805 -24.46 -18.62 -57.32
C SER S 805 -24.37 -17.22 -56.67
N THR S 806 -25.50 -16.58 -56.37
CA THR S 806 -25.61 -15.35 -55.58
C THR S 806 -26.72 -15.43 -54.54
N ILE S 807 -27.16 -16.64 -54.16
CA ILE S 807 -27.81 -16.89 -52.86
C ILE S 807 -26.73 -17.33 -51.86
N ARG S 808 -25.83 -18.23 -52.30
CA ARG S 808 -24.52 -18.38 -51.64
C ARG S 808 -23.89 -16.99 -51.55
N ASP S 809 -23.21 -16.70 -50.45
CA ASP S 809 -22.67 -15.38 -50.12
C ASP S 809 -23.68 -14.19 -50.05
N LEU S 810 -25.00 -14.44 -50.10
CA LEU S 810 -26.00 -13.53 -49.52
C LEU S 810 -26.32 -13.89 -48.05
N ALA S 811 -26.07 -15.13 -47.63
CA ALA S 811 -26.36 -15.58 -46.26
C ALA S 811 -25.39 -14.97 -45.22
N VAL S 812 -24.14 -14.73 -45.61
CA VAL S 812 -23.08 -14.08 -44.84
C VAL S 812 -23.26 -12.56 -44.66
N ALA S 813 -24.08 -11.90 -45.48
CA ALA S 813 -24.18 -10.44 -45.51
C ALA S 813 -24.75 -9.84 -44.22
N GLY S 814 -25.36 -10.67 -43.38
CA GLY S 814 -25.87 -10.29 -42.08
C GLY S 814 -27.22 -9.60 -42.14
N PRO S 815 -27.86 -9.43 -40.98
CA PRO S 815 -29.25 -9.03 -40.91
C PRO S 815 -29.52 -7.64 -41.49
N GLU S 816 -28.67 -6.67 -41.22
CA GLU S 816 -28.87 -5.28 -41.68
C GLU S 816 -28.93 -5.18 -43.21
N MET S 817 -28.12 -5.99 -43.92
CA MET S 817 -28.22 -6.16 -45.37
C MET S 817 -29.47 -6.92 -45.76
N GLN S 818 -29.74 -8.09 -45.17
CA GLN S 818 -30.84 -8.95 -45.63
C GLN S 818 -32.19 -8.22 -45.54
N VAL S 819 -32.41 -7.45 -44.46
CA VAL S 819 -33.62 -6.61 -44.32
C VAL S 819 -33.68 -5.52 -45.39
N LYS S 820 -32.59 -4.77 -45.56
CA LYS S 820 -32.43 -3.71 -46.56
C LYS S 820 -32.66 -4.23 -47.98
N LEU S 821 -32.13 -5.40 -48.34
CA LEU S 821 -32.32 -6.01 -49.65
C LEU S 821 -33.76 -6.45 -49.88
N LEU S 822 -34.39 -7.13 -48.92
CA LEU S 822 -35.79 -7.56 -49.08
C LEU S 822 -36.77 -6.38 -49.11
N GLN S 823 -36.47 -5.28 -48.40
CA GLN S 823 -37.16 -4.00 -48.59
C GLN S 823 -36.90 -3.40 -49.98
N SER S 824 -35.67 -3.49 -50.49
CA SER S 824 -35.26 -2.92 -51.78
C SER S 824 -35.88 -3.62 -52.98
N LEU S 825 -36.18 -4.92 -52.86
CA LEU S 825 -36.60 -5.80 -53.95
C LEU S 825 -38.07 -6.23 -53.86
N GLY S 826 -38.92 -5.43 -53.20
CA GLY S 826 -40.35 -5.71 -53.08
C GLY S 826 -40.66 -6.91 -52.21
N GLU T 769 -54.10 -76.19 -1.99
CA GLU T 769 -53.40 -74.89 -2.13
C GLU T 769 -52.15 -75.00 -2.97
N LEU T 770 -51.10 -75.68 -2.50
CA LEU T 770 -49.75 -75.60 -3.05
C LEU T 770 -49.65 -75.84 -4.57
N VAL T 771 -50.46 -76.74 -5.10
CA VAL T 771 -50.44 -77.05 -6.54
C VAL T 771 -50.86 -75.87 -7.39
N TYR T 772 -51.80 -75.03 -6.94
CA TYR T 772 -52.15 -73.79 -7.63
C TYR T 772 -50.97 -72.82 -7.64
N ALA T 773 -50.23 -72.72 -6.55
CA ALA T 773 -49.03 -71.89 -6.51
C ALA T 773 -47.94 -72.42 -7.46
N ARG T 774 -47.78 -73.75 -7.57
CA ARG T 774 -46.91 -74.37 -8.59
C ARG T 774 -47.37 -74.08 -10.01
N ALA T 775 -48.67 -74.13 -10.26
CA ALA T 775 -49.23 -73.80 -11.57
C ALA T 775 -49.03 -72.31 -11.92
N GLN T 776 -49.13 -71.40 -10.96
CA GLN T 776 -48.72 -70.01 -11.14
C GLN T 776 -47.21 -69.85 -11.34
N LEU T 777 -46.37 -70.62 -10.66
CA LEU T 777 -44.92 -70.58 -10.88
C LEU T 777 -44.54 -71.03 -12.30
N GLU T 778 -45.22 -72.03 -12.86
CA GLU T 778 -45.02 -72.40 -14.25
C GLU T 778 -45.41 -71.26 -15.21
N LEU T 779 -46.53 -70.58 -14.95
CA LEU T 779 -46.95 -69.40 -15.71
C LEU T 779 -45.93 -68.26 -15.58
N GLU T 780 -45.45 -67.97 -14.39
CA GLU T 780 -44.46 -66.92 -14.14
C GLU T 780 -43.16 -67.18 -14.89
N VAL T 781 -42.61 -68.38 -14.77
CA VAL T 781 -41.42 -68.77 -15.52
C VAL T 781 -41.68 -68.76 -17.02
N SER T 782 -42.88 -69.12 -17.48
CA SER T 782 -43.21 -69.03 -18.91
C SER T 782 -43.19 -67.60 -19.41
N LYS T 783 -43.79 -66.67 -18.66
CA LYS T 783 -43.74 -65.23 -18.97
C LYS T 783 -42.32 -64.71 -18.97
N ALA T 784 -41.53 -65.07 -17.96
CA ALA T 784 -40.13 -64.65 -17.90
C ALA T 784 -39.33 -65.19 -19.08
N GLN T 785 -39.47 -66.47 -19.44
CA GLN T 785 -38.77 -67.05 -20.59
C GLN T 785 -39.16 -66.39 -21.90
N GLN T 786 -40.45 -66.16 -22.13
CA GLN T 786 -40.91 -65.63 -23.40
C GLN T 786 -40.52 -64.15 -23.55
N LEU T 787 -40.79 -63.30 -22.57
CA LEU T 787 -40.39 -61.90 -22.68
C LEU T 787 -38.87 -61.74 -22.83
N ALA T 788 -38.07 -62.53 -22.14
CA ALA T 788 -36.63 -62.46 -22.29
C ALA T 788 -36.18 -62.82 -23.71
N GLU T 789 -36.81 -63.81 -24.34
CA GLU T 789 -36.52 -64.12 -25.74
C GLU T 789 -36.92 -62.96 -26.66
N VAL T 790 -38.10 -62.38 -26.46
CA VAL T 790 -38.59 -61.26 -27.25
C VAL T 790 -37.64 -60.08 -27.18
N GLU T 791 -37.13 -59.76 -26.00
CA GLU T 791 -36.13 -58.72 -25.83
C GLU T 791 -34.81 -59.08 -26.54
N VAL T 792 -34.27 -60.28 -26.31
CA VAL T 792 -33.01 -60.71 -26.93
C VAL T 792 -33.12 -60.65 -28.44
N LYS T 793 -34.22 -61.12 -29.02
CA LYS T 793 -34.47 -61.03 -30.46
C LYS T 793 -34.36 -59.60 -30.92
N LYS T 794 -35.11 -58.67 -30.31
CA LYS T 794 -35.02 -57.25 -30.64
C LYS T 794 -33.60 -56.72 -30.51
N PHE T 795 -32.92 -57.00 -29.40
CA PHE T 795 -31.55 -56.53 -29.17
C PHE T 795 -30.55 -57.05 -30.19
N LYS T 796 -30.61 -58.33 -30.57
CA LYS T 796 -29.71 -58.88 -31.58
C LYS T 796 -29.97 -58.23 -32.93
N GLN T 797 -31.23 -58.08 -33.32
CA GLN T 797 -31.56 -57.45 -34.60
C GLN T 797 -31.09 -55.99 -34.62
N MET T 798 -31.29 -55.23 -33.55
CA MET T 798 -30.78 -53.86 -33.41
C MET T 798 -29.25 -53.78 -33.53
N THR T 799 -28.53 -54.77 -33.01
CA THR T 799 -27.06 -54.82 -33.07
C THR T 799 -26.52 -55.53 -34.31
N GLU T 800 -27.39 -56.00 -35.19
CA GLU T 800 -27.07 -56.36 -36.58
C GLU T 800 -27.43 -55.21 -37.53
N ALA T 801 -28.40 -54.38 -37.17
CA ALA T 801 -28.83 -53.23 -37.97
C ALA T 801 -27.77 -52.13 -37.98
N ILE T 802 -27.37 -51.65 -36.80
CA ILE T 802 -26.21 -50.77 -36.67
C ILE T 802 -24.98 -51.68 -36.69
N GLY T 803 -24.03 -51.46 -37.60
CA GLY T 803 -22.78 -52.23 -37.60
C GLY T 803 -22.01 -52.00 -36.29
N PRO T 804 -21.67 -53.02 -35.49
CA PRO T 804 -21.34 -52.83 -34.07
C PRO T 804 -20.04 -52.07 -33.81
N SER T 805 -19.09 -52.02 -34.75
CA SER T 805 -17.94 -51.11 -34.66
C SER T 805 -18.38 -49.64 -34.59
N THR T 806 -19.46 -49.27 -35.26
CA THR T 806 -20.03 -47.93 -35.12
C THR T 806 -20.76 -47.72 -33.79
N ILE T 807 -21.13 -48.77 -33.04
CA ILE T 807 -21.58 -48.64 -31.64
C ILE T 807 -20.40 -48.37 -30.70
N ARG T 808 -19.22 -48.96 -30.96
CA ARG T 808 -17.97 -48.51 -30.30
C ARG T 808 -17.73 -47.03 -30.58
N ASP T 809 -17.83 -46.61 -31.83
CA ASP T 809 -17.56 -45.22 -32.18
C ASP T 809 -18.66 -44.27 -31.67
N LEU T 810 -19.93 -44.67 -31.60
CA LEU T 810 -21.01 -43.82 -31.08
C LEU T 810 -20.80 -43.43 -29.62
N ALA T 811 -20.36 -44.36 -28.79
CA ALA T 811 -20.07 -44.09 -27.39
C ALA T 811 -18.77 -43.30 -27.18
N VAL T 812 -17.73 -43.55 -27.97
CA VAL T 812 -16.44 -42.88 -27.77
C VAL T 812 -16.42 -41.50 -28.43
N ALA T 813 -16.91 -41.36 -29.65
CA ALA T 813 -16.60 -40.18 -30.47
C ALA T 813 -17.11 -38.87 -29.87
N GLY T 814 -18.24 -38.86 -29.16
CA GLY T 814 -18.76 -37.66 -28.52
C GLY T 814 -17.76 -37.06 -27.50
N PRO T 815 -17.46 -37.76 -26.41
CA PRO T 815 -16.39 -37.39 -25.50
C PRO T 815 -14.99 -37.33 -26.12
N GLU T 816 -14.71 -38.04 -27.21
CA GLU T 816 -13.43 -37.90 -27.91
C GLU T 816 -13.31 -36.53 -28.57
N MET T 817 -14.42 -35.96 -29.06
CA MET T 817 -14.35 -34.63 -29.65
C MET T 817 -13.98 -33.59 -28.60
N GLN T 818 -14.47 -33.73 -27.37
CA GLN T 818 -14.06 -32.89 -26.25
C GLN T 818 -12.61 -33.11 -25.83
N VAL T 819 -11.95 -34.18 -26.23
CA VAL T 819 -10.48 -34.26 -26.19
C VAL T 819 -9.88 -33.45 -27.33
N LYS T 820 -10.30 -33.71 -28.56
CA LYS T 820 -9.75 -33.08 -29.77
C LYS T 820 -9.85 -31.55 -29.74
N LEU T 821 -10.90 -31.02 -29.11
CA LEU T 821 -11.08 -29.59 -28.89
C LEU T 821 -10.01 -28.98 -27.97
N LEU T 822 -9.59 -29.62 -26.89
CA LEU T 822 -8.47 -29.10 -26.11
C LEU T 822 -7.14 -29.41 -26.78
N GLN T 823 -6.94 -30.60 -27.31
CA GLN T 823 -5.67 -31.01 -27.92
C GLN T 823 -5.20 -30.09 -29.04
N SER T 824 -6.12 -29.42 -29.71
CA SER T 824 -5.81 -28.48 -30.78
C SER T 824 -5.37 -27.10 -30.28
N LEU T 825 -5.71 -26.70 -29.06
CA LEU T 825 -5.13 -25.50 -28.44
C LEU T 825 -3.69 -25.70 -27.99
N GLY T 826 -3.30 -26.91 -27.56
CA GLY T 826 -1.94 -27.23 -27.15
C GLY T 826 -1.43 -26.34 -26.01
N LEU T 827 -2.25 -26.18 -24.97
CA LEU T 827 -2.00 -25.28 -23.85
C LEU T 827 -0.68 -25.57 -23.14
N LYS T 828 -0.15 -24.55 -22.48
CA LYS T 828 1.09 -24.59 -21.69
C LYS T 828 0.84 -23.94 -20.34
N SER T 829 -0.13 -24.48 -19.59
CA SER T 829 -0.63 -23.85 -18.37
C SER T 829 0.32 -23.93 -17.17
N THR T 830 0.09 -23.04 -16.20
CA THR T 830 0.63 -23.05 -14.84
C THR T 830 -0.52 -23.15 -13.87
N LEU T 831 -0.39 -23.93 -12.81
CA LEU T 831 -1.45 -24.10 -11.81
C LEU T 831 -1.08 -23.52 -10.45
N ILE T 832 -1.94 -22.71 -9.86
CA ILE T 832 -1.87 -22.33 -8.45
C ILE T 832 -3.07 -22.93 -7.75
N THR T 833 -2.92 -23.60 -6.61
CA THR T 833 -4.07 -24.16 -5.88
C THR T 833 -3.97 -23.99 -4.37
N ASP T 834 -5.14 -23.98 -3.71
CA ASP T 834 -5.25 -24.40 -2.33
C ASP T 834 -4.77 -25.85 -2.16
N GLY T 835 -4.58 -26.31 -0.93
CA GLY T 835 -4.10 -27.65 -0.64
C GLY T 835 -5.16 -28.59 -0.10
N SER T 836 -5.92 -28.16 0.89
CA SER T 836 -6.91 -29.04 1.53
C SER T 836 -8.22 -29.19 0.72
N THR T 837 -8.52 -28.22 -0.15
CA THR T 837 -9.71 -28.19 -1.01
C THR T 837 -9.38 -27.66 -2.41
N PRO T 838 -8.53 -28.37 -3.18
CA PRO T 838 -7.91 -27.90 -4.41
C PRO T 838 -8.88 -27.85 -5.60
N ILE T 839 -8.34 -27.46 -6.76
CA ILE T 839 -9.07 -27.26 -8.02
C ILE T 839 -9.20 -28.57 -8.78
N ASN T 840 -10.41 -29.01 -9.08
CA ASN T 840 -10.67 -30.22 -9.84
C ASN T 840 -10.21 -30.03 -11.29
N LEU T 841 -9.25 -30.82 -11.78
CA LEU T 841 -8.76 -30.64 -13.14
C LEU T 841 -9.78 -31.07 -14.21
N PHE T 842 -10.70 -31.99 -13.94
CA PHE T 842 -11.73 -32.32 -14.93
C PHE T 842 -12.75 -31.18 -15.11
N ASN T 843 -13.19 -30.56 -14.02
CA ASN T 843 -14.08 -29.40 -14.12
C ASN T 843 -13.35 -28.23 -14.76
N THR T 844 -12.04 -28.13 -14.57
CA THR T 844 -11.22 -27.14 -15.29
C THR T 844 -11.28 -27.43 -16.78
N ALA T 845 -10.97 -28.65 -17.19
CA ALA T 845 -10.84 -29.00 -18.58
C ALA T 845 -12.16 -28.87 -19.34
N PHE T 846 -13.26 -29.40 -18.81
CA PHE T 846 -14.56 -29.14 -19.43
C PHE T 846 -14.97 -27.67 -19.32
N GLY T 847 -14.57 -26.98 -18.26
CA GLY T 847 -15.10 -25.66 -17.95
C GLY T 847 -14.71 -24.58 -18.95
N LEU T 848 -13.54 -24.74 -19.56
CA LEU T 848 -13.06 -23.90 -20.66
C LEU T 848 -13.92 -24.05 -21.91
N LEU T 849 -14.76 -25.08 -21.95
CA LEU T 849 -15.32 -25.67 -23.14
C LEU T 849 -16.81 -26.01 -22.97
N GLY T 850 -17.45 -25.47 -21.94
CA GLY T 850 -18.83 -25.77 -21.56
C GLY T 850 -19.01 -27.13 -20.88
N GLY T 852 -19.15 -27.13 -19.57
CA GLY T 852 -19.67 -28.27 -18.80
C GLY T 852 -21.18 -28.58 -18.98
N PRO T 853 -22.10 -27.60 -19.05
CA PRO T 853 -23.54 -27.85 -19.00
C PRO T 853 -24.07 -28.32 -20.36
N GLU U 769 -60.40 -70.98 -13.99
CA GLU U 769 -59.71 -69.68 -13.78
C GLU U 769 -58.40 -69.59 -14.54
N LEU U 770 -57.34 -70.27 -14.09
CA LEU U 770 -55.94 -70.06 -14.53
C LEU U 770 -55.72 -70.19 -16.04
N VAL U 771 -56.60 -70.89 -16.75
CA VAL U 771 -56.60 -70.98 -18.22
C VAL U 771 -56.79 -69.60 -18.87
N TYR U 772 -57.59 -68.73 -18.28
CA TYR U 772 -57.75 -67.36 -18.76
C TYR U 772 -56.42 -66.60 -18.67
N ALA U 773 -55.70 -66.68 -17.56
CA ALA U 773 -54.38 -66.06 -17.45
C ALA U 773 -53.34 -66.71 -18.37
N ARG U 774 -53.39 -68.03 -18.56
CA ARG U 774 -52.55 -68.74 -19.53
C ARG U 774 -52.82 -68.29 -20.96
N ALA U 775 -54.06 -67.92 -21.29
CA ALA U 775 -54.42 -67.26 -22.54
C ALA U 775 -54.01 -65.78 -22.59
N GLN U 776 -54.17 -65.02 -21.51
CA GLN U 776 -53.71 -63.64 -21.45
C GLN U 776 -52.19 -63.53 -21.61
N LEU U 777 -51.44 -64.53 -21.15
CA LEU U 777 -50.01 -64.56 -21.37
C LEU U 777 -49.68 -64.65 -22.87
N GLU U 778 -50.37 -65.51 -23.62
CA GLU U 778 -50.20 -65.58 -25.07
C GLU U 778 -50.53 -64.24 -25.73
N LEU U 779 -51.59 -63.57 -25.30
CA LEU U 779 -51.97 -62.26 -25.82
C LEU U 779 -50.92 -61.19 -25.51
N GLU U 780 -50.44 -61.09 -24.28
CA GLU U 780 -49.40 -60.13 -23.90
C GLU U 780 -48.09 -60.38 -24.64
N VAL U 781 -47.65 -61.64 -24.73
CA VAL U 781 -46.46 -61.99 -25.50
C VAL U 781 -46.67 -61.77 -27.00
N SER U 782 -47.87 -62.00 -27.54
CA SER U 782 -48.15 -61.68 -28.94
C SER U 782 -48.01 -60.19 -29.22
N LYS U 783 -48.53 -59.34 -28.33
CA LYS U 783 -48.33 -57.89 -28.43
C LYS U 783 -46.87 -57.50 -28.31
N ALA U 784 -46.13 -58.06 -27.37
CA ALA U 784 -44.70 -57.81 -27.30
C ALA U 784 -43.97 -58.23 -28.58
N GLN U 785 -44.25 -59.44 -29.10
CA GLN U 785 -43.65 -59.96 -30.32
C GLN U 785 -43.93 -59.12 -31.55
N GLN U 786 -45.18 -58.77 -31.80
CA GLN U 786 -45.54 -58.07 -33.04
C GLN U 786 -45.14 -56.59 -33.03
N LEU U 787 -45.13 -55.92 -31.88
CA LEU U 787 -44.63 -54.54 -31.81
C LEU U 787 -43.11 -54.50 -31.97
N ALA U 788 -42.38 -55.41 -31.34
CA ALA U 788 -40.92 -55.46 -31.43
C ALA U 788 -40.42 -55.52 -32.87
N GLU U 789 -41.04 -56.34 -33.71
CA GLU U 789 -40.67 -56.45 -35.11
C GLU U 789 -40.90 -55.15 -35.90
N VAL U 790 -41.96 -54.39 -35.61
CA VAL U 790 -42.22 -53.12 -36.31
C VAL U 790 -41.12 -52.11 -36.03
N GLU U 791 -40.72 -51.96 -34.77
CA GLU U 791 -39.63 -51.07 -34.41
C GLU U 791 -38.28 -51.53 -34.98
N VAL U 792 -37.99 -52.83 -34.99
CA VAL U 792 -36.77 -53.36 -35.62
C VAL U 792 -36.74 -53.06 -37.10
N LYS U 793 -37.84 -53.32 -37.82
CA LYS U 793 -38.01 -53.04 -39.25
C LYS U 793 -37.75 -51.57 -39.53
N LYS U 794 -38.39 -50.68 -38.76
CA LYS U 794 -38.25 -49.23 -38.89
C LYS U 794 -36.80 -48.78 -38.68
N PHE U 795 -36.16 -49.33 -37.65
CA PHE U 795 -34.79 -49.00 -37.31
C PHE U 795 -33.82 -49.48 -38.39
N LYS U 796 -33.96 -50.71 -38.87
CA LYS U 796 -33.15 -51.26 -39.96
C LYS U 796 -33.35 -50.46 -41.24
N GLN U 797 -34.57 -50.11 -41.58
CA GLN U 797 -34.85 -49.34 -42.80
C GLN U 797 -34.33 -47.91 -42.70
N MET U 798 -34.61 -47.17 -41.62
CA MET U 798 -34.05 -45.83 -41.44
C MET U 798 -32.52 -45.86 -41.42
N THR U 799 -31.92 -46.86 -40.78
CA THR U 799 -30.46 -47.05 -40.82
C THR U 799 -29.99 -47.29 -42.25
N GLU U 800 -30.61 -48.18 -43.02
CA GLU U 800 -30.18 -48.48 -44.38
C GLU U 800 -30.38 -47.29 -45.33
N ALA U 801 -31.37 -46.42 -45.08
CA ALA U 801 -31.58 -45.18 -45.82
C ALA U 801 -30.42 -44.17 -45.63
N ILE U 802 -29.82 -44.14 -44.44
CA ILE U 802 -28.61 -43.37 -44.13
C ILE U 802 -27.53 -44.28 -43.56
N GLY U 803 -27.03 -45.20 -44.41
CA GLY U 803 -26.16 -46.33 -44.04
C GLY U 803 -25.09 -45.99 -42.98
N PRO U 804 -24.81 -46.91 -42.03
CA PRO U 804 -24.23 -46.63 -40.71
C PRO U 804 -23.11 -45.59 -40.60
N SER U 805 -22.22 -45.49 -41.58
CA SER U 805 -21.20 -44.43 -41.68
C SER U 805 -21.77 -43.01 -41.58
N THR U 806 -23.08 -42.81 -41.73
CA THR U 806 -23.76 -41.52 -41.58
C THR U 806 -24.05 -41.18 -40.11
N ILE U 807 -24.04 -42.16 -39.21
CA ILE U 807 -24.43 -41.99 -37.80
C ILE U 807 -23.21 -41.61 -36.94
N ARG U 808 -22.08 -42.31 -37.12
CA ARG U 808 -20.77 -41.71 -36.85
C ARG U 808 -20.63 -40.44 -37.71
N ASP U 809 -19.84 -39.47 -37.28
CA ASP U 809 -19.88 -38.10 -37.80
C ASP U 809 -21.17 -37.30 -37.45
N LEU U 810 -22.38 -37.90 -37.48
CA LEU U 810 -23.58 -37.25 -36.93
C LEU U 810 -23.61 -37.24 -35.39
N ALA U 811 -22.98 -38.21 -34.73
CA ALA U 811 -22.94 -38.33 -33.27
C ALA U 811 -22.16 -37.19 -32.59
N VAL U 812 -21.10 -36.70 -33.24
CA VAL U 812 -20.27 -35.56 -32.78
C VAL U 812 -20.81 -34.17 -33.13
N ALA U 813 -21.82 -34.09 -33.99
CA ALA U 813 -22.31 -32.83 -34.55
C ALA U 813 -22.96 -31.89 -33.51
N GLY U 814 -23.28 -32.45 -32.34
CA GLY U 814 -23.81 -31.72 -31.21
C GLY U 814 -25.30 -31.43 -31.34
N PRO U 815 -25.92 -30.97 -30.24
CA PRO U 815 -27.37 -30.92 -30.12
C PRO U 815 -28.01 -29.97 -31.13
N GLU U 816 -27.46 -28.79 -31.34
CA GLU U 816 -28.05 -27.79 -32.24
C GLU U 816 -28.19 -28.30 -33.69
N MET U 817 -27.22 -29.13 -34.13
CA MET U 817 -27.33 -29.87 -35.39
C MET U 817 -28.36 -30.98 -35.30
N GLN U 818 -28.28 -31.85 -34.30
CA GLN U 818 -29.12 -33.05 -34.26
C GLN U 818 -30.62 -32.68 -34.22
N VAL U 819 -30.99 -31.64 -33.47
CA VAL U 819 -32.37 -31.11 -33.44
C VAL U 819 -32.79 -30.54 -34.80
N LYS U 820 -31.94 -29.67 -35.38
CA LYS U 820 -32.12 -29.08 -36.71
C LYS U 820 -32.25 -30.14 -37.80
N LEU U 821 -31.47 -31.21 -37.76
CA LEU U 821 -31.52 -32.29 -38.73
C LEU U 821 -32.82 -33.09 -38.62
N LEU U 822 -33.24 -33.52 -37.43
CA LEU U 822 -34.49 -34.27 -37.30
C LEU U 822 -35.74 -33.40 -37.57
N GLN U 823 -35.67 -32.09 -37.37
CA GLN U 823 -36.65 -31.16 -37.93
C GLN U 823 -36.58 -31.12 -39.47
N SER U 824 -35.37 -31.09 -40.05
CA SER U 824 -35.15 -30.99 -41.51
C SER U 824 -35.58 -32.24 -42.28
N LEU U 825 -35.50 -33.41 -41.66
CA LEU U 825 -35.67 -34.73 -42.29
C LEU U 825 -36.98 -35.43 -41.88
N GLY U 826 -38.03 -34.67 -41.55
CA GLY U 826 -39.34 -35.21 -41.18
C GLY U 826 -39.32 -35.99 -39.87
N GLU V 769 -31.71 -81.09 33.92
CA GLU V 769 -31.39 -79.83 33.21
C GLU V 769 -30.19 -79.98 32.31
N LEU V 770 -28.97 -80.15 32.85
CA LEU V 770 -27.71 -79.97 32.11
C LEU V 770 -27.62 -80.76 30.80
N VAL V 771 -28.17 -81.97 30.75
CA VAL V 771 -28.13 -82.80 29.55
C VAL V 771 -28.89 -82.18 28.38
N TYR V 772 -30.00 -81.48 28.63
CA TYR V 772 -30.69 -80.72 27.58
C TYR V 772 -29.82 -79.60 27.04
N ALA V 773 -29.09 -78.90 27.90
CA ALA V 773 -28.16 -77.87 27.47
C ALA V 773 -27.01 -78.46 26.64
N ARG V 774 -26.48 -79.64 27.03
CA ARG V 774 -25.50 -80.40 26.24
C ARG V 774 -26.06 -80.81 24.88
N ALA V 775 -27.33 -81.23 24.83
CA ALA V 775 -27.98 -81.57 23.58
C ALA V 775 -28.17 -80.33 22.68
N GLN V 776 -28.54 -79.19 23.24
CA GLN V 776 -28.51 -77.91 22.52
C GLN V 776 -27.11 -77.52 22.07
N LEU V 777 -26.07 -77.77 22.85
CA LEU V 777 -24.70 -77.49 22.44
C LEU V 777 -24.26 -78.36 21.25
N GLU V 778 -24.58 -79.64 21.24
CA GLU V 778 -24.35 -80.48 20.07
C GLU V 778 -25.07 -79.93 18.83
N LEU V 779 -26.31 -79.50 18.98
CA LEU V 779 -27.08 -78.89 17.90
C LEU V 779 -26.47 -77.55 17.44
N GLU V 780 -26.05 -76.69 18.35
CA GLU V 780 -25.40 -75.42 18.03
C GLU V 780 -24.12 -75.64 17.22
N VAL V 781 -23.28 -76.56 17.66
CA VAL V 781 -22.08 -76.93 16.91
C VAL V 781 -22.44 -77.53 15.55
N SER V 782 -23.50 -78.33 15.44
CA SER V 782 -23.93 -78.88 14.15
C SER V 782 -24.32 -77.78 13.17
N LYS V 783 -25.09 -76.78 13.61
CA LYS V 783 -25.43 -75.60 12.82
C LYS V 783 -24.19 -74.79 12.46
N ALA V 784 -23.29 -74.54 13.40
CA ALA V 784 -22.07 -73.82 13.10
C ALA V 784 -21.21 -74.55 12.07
N GLN V 785 -21.01 -75.86 12.21
CA GLN V 785 -20.25 -76.67 11.27
C GLN V 785 -20.83 -76.65 9.87
N GLN V 786 -22.14 -76.88 9.75
CA GLN V 786 -22.76 -77.01 8.44
C GLN V 786 -22.81 -75.67 7.71
N LEU V 787 -23.21 -74.59 8.36
CA LEU V 787 -23.19 -73.29 7.72
C LEU V 787 -21.76 -72.88 7.31
N ALA V 788 -20.74 -73.16 8.11
CA ALA V 788 -19.38 -72.85 7.73
C ALA V 788 -18.94 -73.63 6.50
N GLU V 789 -19.29 -74.92 6.38
CA GLU V 789 -19.01 -75.68 5.17
C GLU V 789 -19.72 -75.10 3.94
N VAL V 790 -20.99 -74.74 4.06
CA VAL V 790 -21.75 -74.14 2.97
C VAL V 790 -21.13 -72.84 2.50
N GLU V 791 -20.74 -71.96 3.41
CA GLU V 791 -20.05 -70.72 3.04
C GLU V 791 -18.73 -71.00 2.34
N VAL V 792 -17.90 -71.90 2.88
CA VAL V 792 -16.63 -72.25 2.26
C VAL V 792 -16.85 -72.80 0.86
N LYS V 793 -17.80 -73.71 0.66
CA LYS V 793 -18.14 -74.23 -0.65
C LYS V 793 -18.43 -73.09 -1.62
N LYS V 794 -19.35 -72.19 -1.29
CA LYS V 794 -19.65 -71.01 -2.10
C LYS V 794 -18.39 -70.18 -2.36
N PHE V 795 -17.62 -69.86 -1.33
CA PHE V 795 -16.44 -69.01 -1.49
C PHE V 795 -15.35 -69.65 -2.37
N LYS V 796 -15.11 -70.96 -2.25
CA LYS V 796 -14.15 -71.66 -3.11
C LYS V 796 -14.62 -71.66 -4.55
N GLN V 797 -15.89 -72.00 -4.80
CA GLN V 797 -16.40 -72.03 -6.17
C GLN V 797 -16.34 -70.63 -6.79
N MET V 798 -16.71 -69.59 -6.05
CA MET V 798 -16.57 -68.19 -6.49
C MET V 798 -15.12 -67.82 -6.84
N THR V 799 -14.13 -68.34 -6.11
CA THR V 799 -12.70 -68.09 -6.35
C THR V 799 -12.04 -69.10 -7.28
N GLU V 800 -12.80 -70.05 -7.82
CA GLU V 800 -12.44 -70.81 -9.02
C GLU V 800 -13.10 -70.24 -10.27
N ALA V 801 -14.23 -69.54 -10.13
CA ALA V 801 -14.96 -68.93 -11.24
C ALA V 801 -14.18 -67.78 -11.87
N ILE V 802 -13.69 -66.85 -11.04
CA ILE V 802 -12.74 -65.81 -11.45
C ILE V 802 -11.36 -66.27 -10.99
N GLY V 803 -10.36 -66.24 -11.88
CA GLY V 803 -8.98 -66.59 -11.53
C GLY V 803 -8.41 -65.62 -10.49
N PRO V 804 -7.73 -66.08 -9.44
CA PRO V 804 -7.33 -65.21 -8.33
C PRO V 804 -6.33 -64.11 -8.72
N SER V 805 -5.57 -64.27 -9.79
CA SER V 805 -4.78 -63.17 -10.36
C SER V 805 -5.65 -62.00 -10.85
N THR V 806 -6.85 -62.28 -11.37
CA THR V 806 -7.84 -61.24 -11.65
C THR V 806 -8.45 -60.67 -10.36
N ILE V 807 -8.54 -61.45 -9.27
CA ILE V 807 -8.94 -60.91 -7.95
C ILE V 807 -7.89 -59.95 -7.40
N ARG V 808 -6.60 -60.20 -7.64
CA ARG V 808 -5.53 -59.23 -7.37
C ARG V 808 -5.72 -57.95 -8.18
N ASP V 809 -5.98 -58.06 -9.50
CA ASP V 809 -6.21 -56.87 -10.32
C ASP V 809 -7.47 -56.10 -9.92
N LEU V 810 -8.56 -56.78 -9.56
CA LEU V 810 -9.83 -56.13 -9.22
C LEU V 810 -9.69 -55.16 -8.05
N ALA V 811 -8.81 -55.45 -7.09
CA ALA V 811 -8.53 -54.57 -5.98
C ALA V 811 -7.52 -53.46 -6.34
N VAL V 812 -6.45 -53.79 -7.05
CA VAL V 812 -5.37 -52.83 -7.32
C VAL V 812 -5.75 -51.83 -8.40
N ALA V 813 -6.47 -52.25 -9.45
CA ALA V 813 -6.54 -51.47 -10.67
C ALA V 813 -7.33 -50.15 -10.55
N GLY V 814 -8.34 -50.07 -9.67
CA GLY V 814 -9.06 -48.82 -9.43
C GLY V 814 -8.13 -47.69 -8.94
N PRO V 815 -7.46 -47.89 -7.81
CA PRO V 815 -6.34 -47.08 -7.37
C PRO V 815 -5.20 -46.97 -8.39
N GLU V 816 -4.90 -47.99 -9.18
CA GLU V 816 -3.85 -47.89 -10.21
C GLU V 816 -4.16 -46.80 -11.22
N MET V 817 -5.42 -46.67 -11.63
CA MET V 817 -5.74 -45.61 -12.57
C MET V 817 -5.61 -44.23 -11.93
N GLN V 818 -6.02 -44.08 -10.67
CA GLN V 818 -5.79 -42.85 -9.91
C GLN V 818 -4.31 -42.55 -9.68
N VAL V 819 -3.41 -43.51 -9.80
CA VAL V 819 -1.98 -43.25 -9.94
C VAL V 819 -1.64 -42.83 -11.36
N LYS V 820 -2.03 -43.63 -12.36
CA LYS V 820 -1.69 -43.42 -13.77
C LYS V 820 -2.14 -42.05 -14.28
N LEU V 821 -3.24 -41.53 -13.78
CA LEU V 821 -3.71 -40.19 -14.10
C LEU V 821 -2.70 -39.13 -13.65
N LEU V 822 -2.36 -39.00 -12.37
CA LEU V 822 -1.37 -38.01 -11.97
C LEU V 822 -0.02 -38.27 -12.64
N GLN V 823 0.41 -39.53 -12.76
CA GLN V 823 1.66 -39.85 -13.45
C GLN V 823 1.71 -39.37 -14.89
N SER V 824 0.58 -39.18 -15.56
CA SER V 824 0.57 -38.68 -16.93
C SER V 824 0.99 -37.21 -17.04
N LEU V 825 0.70 -36.41 -16.02
CA LEU V 825 0.99 -34.98 -16.01
C LEU V 825 2.46 -34.67 -15.68
N GLY V 826 3.14 -35.56 -14.94
CA GLY V 826 4.55 -35.36 -14.60
C GLY V 826 4.80 -34.01 -13.92
N LEU V 827 3.99 -33.70 -12.91
CA LEU V 827 3.99 -32.42 -12.23
C LEU V 827 5.35 -32.04 -11.64
N LYS V 828 5.52 -30.76 -11.40
CA LYS V 828 6.73 -30.14 -10.87
C LYS V 828 6.31 -29.08 -9.86
N SER V 829 5.74 -29.50 -8.74
CA SER V 829 5.09 -28.60 -7.79
C SER V 829 6.06 -27.91 -6.81
N THR V 830 5.64 -26.73 -6.32
CA THR V 830 6.21 -26.04 -5.17
C THR V 830 5.18 -26.04 -4.06
N LEU V 831 5.54 -26.43 -2.84
CA LEU V 831 4.61 -26.46 -1.72
C LEU V 831 4.86 -25.34 -0.72
N ILE V 832 3.84 -24.58 -0.37
CA ILE V 832 3.86 -23.67 0.77
C ILE V 832 2.87 -24.18 1.80
N THR V 833 3.22 -24.28 3.08
CA THR V 833 2.30 -24.73 4.12
C THR V 833 2.42 -23.95 5.43
N ASP V 834 1.34 -23.93 6.21
CA ASP V 834 1.46 -23.77 7.65
C ASP V 834 2.24 -24.95 8.23
N GLY V 835 2.87 -24.80 9.39
CA GLY V 835 3.68 -25.85 9.98
C GLY V 835 2.96 -26.77 10.94
N SER V 836 1.97 -26.28 11.68
CA SER V 836 1.33 -27.05 12.73
C SER V 836 -0.01 -27.68 12.27
N THR V 837 -0.58 -27.21 11.16
CA THR V 837 -1.81 -27.69 10.51
C THR V 837 -1.63 -27.96 9.01
N PRO V 838 -0.52 -28.57 8.57
CA PRO V 838 -0.08 -28.51 7.18
C PRO V 838 -1.05 -29.19 6.22
N ILE V 839 -0.86 -28.97 4.93
CA ILE V 839 -1.70 -29.50 3.86
C ILE V 839 -1.49 -31.00 3.73
N ASN V 840 -2.57 -31.79 3.84
CA ASN V 840 -2.52 -33.21 3.60
C ASN V 840 -2.24 -33.51 2.11
N LEU V 841 -1.12 -34.13 1.81
CA LEU V 841 -0.74 -34.40 0.44
C LEU V 841 -1.62 -35.47 -0.23
N PHE V 842 -2.24 -36.39 0.49
CA PHE V 842 -3.20 -37.31 -0.12
C PHE V 842 -4.47 -36.60 -0.58
N ASN V 843 -5.04 -35.71 0.25
CA ASN V 843 -6.22 -34.94 -0.12
C ASN V 843 -5.86 -33.99 -1.26
N THR V 844 -4.63 -33.52 -1.31
CA THR V 844 -4.16 -32.75 -2.47
C THR V 844 -4.18 -33.63 -3.71
N ALA V 845 -3.55 -34.80 -3.65
CA ALA V 845 -3.39 -35.66 -4.81
C ALA V 845 -4.73 -36.11 -5.36
N PHE V 846 -5.65 -36.64 -4.55
CA PHE V 846 -6.99 -36.94 -5.04
C PHE V 846 -7.76 -35.67 -5.42
N GLY V 847 -7.51 -34.54 -4.77
CA GLY V 847 -8.36 -33.37 -4.89
C GLY V 847 -8.31 -32.71 -6.26
N LEU V 848 -7.17 -32.83 -6.92
CA LEU V 848 -6.97 -32.43 -8.30
C LEU V 848 -7.81 -33.27 -9.27
N LEU V 849 -8.36 -34.40 -8.81
CA LEU V 849 -8.76 -35.51 -9.63
C LEU V 849 -10.12 -36.08 -9.19
N GLY V 850 -10.84 -35.37 -8.34
CA GLY V 850 -12.09 -35.84 -7.74
C GLY V 850 -11.87 -36.83 -6.59
N GLY V 852 -11.95 -36.33 -5.35
CA GLY V 852 -12.09 -37.14 -4.16
C GLY V 852 -13.46 -37.81 -3.95
N PRO V 853 -14.62 -37.15 -4.20
CA PRO V 853 -15.93 -37.69 -3.86
C PRO V 853 -16.37 -38.77 -4.86
N GLU W 769 -39.64 -82.64 21.87
CA GLU W 769 -39.32 -81.24 21.48
C GLU W 769 -38.11 -81.15 20.57
N LEU W 770 -36.89 -81.33 21.07
CA LEU W 770 -35.63 -81.01 20.39
C LEU W 770 -35.43 -81.66 19.02
N VAL W 771 -36.11 -82.76 18.75
CA VAL W 771 -36.15 -83.43 17.44
C VAL W 771 -36.73 -82.51 16.36
N TYR W 772 -37.71 -81.67 16.70
CA TYR W 772 -38.24 -80.68 15.77
C TYR W 772 -37.18 -79.67 15.38
N ALA W 773 -36.42 -79.13 16.33
CA ALA W 773 -35.31 -78.22 16.02
C ALA W 773 -34.17 -78.92 15.27
N ARG W 774 -33.88 -80.19 15.59
CA ARG W 774 -32.91 -81.00 14.85
C ARG W 774 -33.34 -81.24 13.40
N ALA W 775 -34.65 -81.31 13.14
CA ALA W 775 -35.23 -81.31 11.81
C ALA W 775 -35.22 -79.92 11.14
N GLN W 776 -35.56 -78.86 11.88
CA GLN W 776 -35.48 -77.50 11.35
C GLN W 776 -34.07 -77.12 10.95
N LEU W 777 -33.05 -77.64 11.63
CA LEU W 777 -31.68 -77.44 11.22
C LEU W 777 -31.40 -78.04 9.84
N GLU W 778 -31.86 -79.27 9.58
CA GLU W 778 -31.74 -79.85 8.24
C GLU W 778 -32.42 -78.97 7.19
N LEU W 779 -33.60 -78.46 7.49
CA LEU W 779 -34.34 -77.58 6.59
C LEU W 779 -33.61 -76.24 6.35
N GLU W 780 -33.11 -75.58 7.38
CA GLU W 780 -32.34 -74.34 7.23
C GLU W 780 -31.04 -74.56 6.44
N VAL W 781 -30.31 -75.63 6.74
CA VAL W 781 -29.10 -75.98 5.99
C VAL W 781 -29.43 -76.41 4.57
N SER W 782 -30.56 -77.07 4.32
CA SER W 782 -30.99 -77.38 2.96
C SER W 782 -31.25 -76.12 2.15
N LYS W 783 -31.93 -75.12 2.72
CA LYS W 783 -32.12 -73.82 2.07
C LYS W 783 -30.80 -73.12 1.79
N ALA W 784 -29.87 -73.08 2.74
CA ALA W 784 -28.55 -72.54 2.49
C ALA W 784 -27.81 -73.31 1.36
N GLN W 785 -27.78 -74.65 1.44
CA GLN W 785 -27.11 -75.51 0.47
C GLN W 785 -27.66 -75.33 -0.94
N GLN W 786 -28.97 -75.33 -1.12
CA GLN W 786 -29.57 -75.27 -2.46
C GLN W 786 -29.50 -73.87 -3.07
N LEU W 787 -29.66 -72.79 -2.31
CA LEU W 787 -29.57 -71.44 -2.87
C LEU W 787 -28.13 -71.07 -3.22
N ALA W 788 -27.15 -71.50 -2.41
CA ALA W 788 -25.74 -71.26 -2.69
C ALA W 788 -25.31 -71.79 -4.05
N GLU W 789 -25.76 -72.98 -4.44
CA GLU W 789 -25.44 -73.54 -5.75
C GLU W 789 -26.01 -72.72 -6.90
N VAL W 790 -27.23 -72.20 -6.77
CA VAL W 790 -27.85 -71.37 -7.83
C VAL W 790 -27.07 -70.10 -8.07
N GLU W 791 -26.63 -69.44 -7.00
CA GLU W 791 -25.82 -68.23 -7.13
C GLU W 791 -24.43 -68.52 -7.71
N VAL W 792 -23.77 -69.59 -7.26
CA VAL W 792 -22.47 -70.03 -7.83
C VAL W 792 -22.59 -70.31 -9.31
N LYS W 793 -23.61 -71.06 -9.72
CA LYS W 793 -23.89 -71.41 -11.11
C LYS W 793 -24.06 -70.15 -11.95
N LYS W 794 -24.89 -69.21 -11.49
CA LYS W 794 -25.15 -67.94 -12.16
C LYS W 794 -23.86 -67.12 -12.34
N PHE W 795 -23.05 -67.06 -11.29
CA PHE W 795 -21.80 -66.32 -11.30
C PHE W 795 -20.77 -66.96 -12.23
N LYS W 796 -20.61 -68.28 -12.20
CA LYS W 796 -19.71 -69.02 -13.11
C LYS W 796 -20.14 -68.85 -14.57
N GLN W 797 -21.43 -68.96 -14.84
CA GLN W 797 -21.94 -68.85 -16.20
C GLN W 797 -21.82 -67.43 -16.74
N MET W 798 -22.20 -66.39 -15.98
CA MET W 798 -21.99 -65.01 -16.40
C MET W 798 -20.51 -64.72 -16.58
N THR W 799 -19.65 -65.14 -15.66
CA THR W 799 -18.20 -65.01 -15.80
C THR W 799 -17.68 -65.69 -17.07
N GLU W 800 -18.13 -66.90 -17.38
CA GLU W 800 -17.70 -67.62 -18.57
C GLU W 800 -18.22 -66.98 -19.86
N ALA W 801 -19.38 -66.33 -19.83
CA ALA W 801 -19.98 -65.68 -20.99
C ALA W 801 -19.13 -64.48 -21.47
N ILE W 802 -18.71 -63.62 -20.54
CA ILE W 802 -17.82 -62.50 -20.85
C ILE W 802 -16.35 -62.93 -20.90
N GLY W 803 -15.98 -63.93 -20.12
CA GLY W 803 -14.60 -64.31 -19.82
C GLY W 803 -14.01 -63.38 -18.76
N PRO W 804 -13.32 -63.88 -17.73
CA PRO W 804 -12.91 -63.04 -16.60
C PRO W 804 -11.90 -61.95 -16.98
N SER W 805 -11.11 -62.12 -18.03
CA SER W 805 -10.13 -61.11 -18.46
C SER W 805 -10.79 -59.75 -18.72
N THR W 806 -11.91 -59.69 -19.42
CA THR W 806 -12.63 -58.44 -19.70
C THR W 806 -13.40 -57.90 -18.49
N ILE W 807 -13.24 -58.49 -17.30
CA ILE W 807 -13.61 -57.83 -16.05
C ILE W 807 -12.49 -56.88 -15.62
N ARG W 808 -11.21 -57.25 -15.79
CA ARG W 808 -10.10 -56.51 -15.16
C ARG W 808 -9.89 -55.12 -15.74
N ASP W 809 -10.34 -54.89 -16.97
CA ASP W 809 -10.43 -53.55 -17.57
C ASP W 809 -11.86 -52.95 -17.59
N LEU W 810 -12.90 -53.71 -17.23
CA LEU W 810 -14.22 -53.18 -16.85
C LEU W 810 -14.21 -52.59 -15.43
N ALA W 811 -13.31 -53.05 -14.56
CA ALA W 811 -13.18 -52.59 -13.18
C ALA W 811 -12.68 -51.13 -13.08
N VAL W 812 -11.76 -50.73 -13.96
CA VAL W 812 -11.22 -49.36 -14.06
C VAL W 812 -12.15 -48.36 -14.77
N ALA W 813 -13.15 -48.83 -15.51
CA ALA W 813 -13.98 -47.99 -16.37
C ALA W 813 -14.82 -46.94 -15.61
N GLY W 814 -14.98 -47.13 -14.29
CA GLY W 814 -15.63 -46.18 -13.42
C GLY W 814 -17.15 -46.22 -13.54
N PRO W 815 -17.84 -45.44 -12.68
CA PRO W 815 -19.24 -45.68 -12.39
C PRO W 815 -20.15 -45.38 -13.58
N GLU W 816 -19.95 -44.29 -14.29
CA GLU W 816 -20.81 -43.90 -15.41
C GLU W 816 -20.83 -44.97 -16.51
N MET W 817 -19.68 -45.63 -16.76
CA MET W 817 -19.62 -46.82 -17.60
C MET W 817 -20.31 -48.02 -16.96
N GLN W 818 -19.96 -48.38 -15.72
CA GLN W 818 -20.45 -49.63 -15.12
C GLN W 818 -21.99 -49.63 -15.01
N VAL W 819 -22.59 -48.51 -14.60
CA VAL W 819 -24.05 -48.35 -14.55
C VAL W 819 -24.66 -48.49 -15.96
N LYS W 820 -24.10 -47.77 -16.94
CA LYS W 820 -24.50 -47.80 -18.36
C LYS W 820 -24.41 -49.21 -18.94
N LEU W 821 -23.35 -49.95 -18.68
CA LEU W 821 -23.16 -51.31 -19.20
C LEU W 821 -24.14 -52.29 -18.55
N LEU W 822 -24.32 -52.25 -17.23
CA LEU W 822 -25.28 -53.14 -16.57
C LEU W 822 -26.73 -52.85 -16.96
N GLN W 823 -27.07 -51.61 -17.32
CA GLN W 823 -28.32 -51.29 -18.03
C GLN W 823 -28.33 -51.84 -19.47
N SER W 824 -27.21 -51.70 -20.19
CA SER W 824 -27.10 -52.07 -21.62
C SER W 824 -27.16 -53.57 -21.88
N LEU W 825 -26.83 -54.40 -20.89
CA LEU W 825 -26.64 -55.84 -21.00
C LEU W 825 -27.64 -56.63 -20.13
N GLY W 826 -28.87 -56.13 -19.99
CA GLY W 826 -29.92 -56.75 -19.17
C GLY W 826 -29.61 -56.67 -17.67
N GLU X 769 -7.49 -66.15 65.56
CA GLU X 769 -7.54 -65.23 64.40
C GLU X 769 -6.38 -65.43 63.44
N LEU X 770 -5.15 -65.09 63.83
CA LEU X 770 -4.01 -64.94 62.92
C LEU X 770 -3.77 -66.13 61.99
N VAL X 771 -3.97 -67.35 62.47
CA VAL X 771 -3.76 -68.56 61.67
C VAL X 771 -4.70 -68.64 60.48
N TYR X 772 -5.95 -68.18 60.59
CA TYR X 772 -6.86 -68.07 59.46
C TYR X 772 -6.34 -67.09 58.42
N ALA X 773 -5.79 -65.96 58.85
CA ALA X 773 -5.19 -65.00 57.94
C ALA X 773 -3.96 -65.58 57.24
N ARG X 774 -3.13 -66.38 57.95
CA ARG X 774 -2.02 -67.14 57.34
C ARG X 774 -2.51 -68.16 56.33
N ALA X 775 -3.59 -68.87 56.63
CA ALA X 775 -4.20 -69.79 55.68
C ALA X 775 -4.75 -69.05 54.44
N GLN X 776 -5.34 -67.87 54.60
CA GLN X 776 -5.69 -67.01 53.47
C GLN X 776 -4.46 -66.51 52.71
N LEU X 777 -3.33 -66.25 53.37
CA LEU X 777 -2.11 -65.87 52.68
C LEU X 777 -1.52 -67.01 51.86
N GLU X 778 -1.53 -68.24 52.36
CA GLU X 778 -1.13 -69.40 51.57
C GLU X 778 -2.01 -69.56 50.33
N LEU X 779 -3.32 -69.40 50.48
CA LEU X 779 -4.26 -69.40 49.36
C LEU X 779 -4.00 -68.24 48.37
N GLU X 780 -3.80 -67.02 48.85
CA GLU X 780 -3.53 -65.86 48.00
C GLU X 780 -2.27 -66.05 47.18
N VAL X 781 -1.19 -66.51 47.80
CA VAL X 781 0.04 -66.84 47.08
C VAL X 781 -0.18 -67.99 46.11
N SER X 782 -0.97 -69.01 46.47
CA SER X 782 -1.27 -70.12 45.55
C SER X 782 -1.96 -69.64 44.27
N LYS X 783 -2.96 -68.78 44.42
CA LYS X 783 -3.63 -68.10 43.29
C LYS X 783 -2.67 -67.25 42.49
N ALA X 784 -1.88 -66.40 43.15
CA ALA X 784 -0.94 -65.55 42.44
C ALA X 784 0.10 -66.36 41.65
N GLN X 785 0.60 -67.47 42.21
CA GLN X 785 1.51 -68.37 41.52
C GLN X 785 0.86 -69.02 40.32
N GLN X 786 -0.29 -69.65 40.49
CA GLN X 786 -0.90 -70.45 39.43
C GLN X 786 -1.37 -69.59 38.27
N LEU X 787 -2.01 -68.46 38.52
CA LEU X 787 -2.41 -67.61 37.40
C LEU X 787 -1.19 -67.05 36.65
N ALA X 788 -0.11 -66.71 37.35
CA ALA X 788 1.10 -66.25 36.68
C ALA X 788 1.69 -67.33 35.78
N GLU X 789 1.69 -68.59 36.21
CA GLU X 789 2.11 -69.69 35.35
C GLU X 789 1.23 -69.83 34.10
N VAL X 790 -0.09 -69.73 34.26
CA VAL X 790 -1.03 -69.80 33.14
C VAL X 790 -0.78 -68.70 32.13
N GLU X 791 -0.58 -67.48 32.59
CA GLU X 791 -0.26 -66.37 31.69
C GLU X 791 1.08 -66.58 30.99
N VAL X 792 2.13 -66.97 31.71
CA VAL X 792 3.45 -67.18 31.10
C VAL X 792 3.37 -68.29 30.07
N LYS X 793 2.69 -69.40 30.35
CA LYS X 793 2.44 -70.47 29.38
C LYS X 793 1.81 -69.91 28.12
N LYS X 794 0.70 -69.19 28.23
CA LYS X 794 0.05 -68.54 27.08
C LYS X 794 1.02 -67.61 26.35
N PHE X 795 1.76 -66.77 27.07
CA PHE X 795 2.67 -65.82 26.46
C PHE X 795 3.84 -66.49 25.71
N LYS X 796 4.45 -67.52 26.28
CA LYS X 796 5.53 -68.25 25.60
C LYS X 796 5.00 -68.92 24.35
N GLN X 797 3.87 -69.60 24.43
CA GLN X 797 3.29 -70.28 23.26
C GLN X 797 2.93 -69.26 22.16
N MET X 798 2.31 -68.13 22.51
CA MET X 798 2.05 -67.03 21.58
C MET X 798 3.31 -66.46 20.93
N THR X 799 4.45 -66.46 21.63
CA THR X 799 5.74 -65.98 21.11
C THR X 799 6.63 -67.12 20.54
N GLU X 800 6.08 -68.32 20.42
CA GLU X 800 6.62 -69.40 19.59
C GLU X 800 5.75 -69.63 18.35
N ALA X 801 4.48 -69.24 18.39
CA ALA X 801 3.55 -69.33 17.27
C ALA X 801 3.92 -68.37 16.14
N ILE X 802 4.25 -67.12 16.49
CA ILE X 802 4.90 -66.16 15.60
C ILE X 802 6.37 -66.09 16.00
N GLY X 803 7.28 -66.20 15.04
CA GLY X 803 8.72 -66.07 15.31
C GLY X 803 9.06 -64.66 15.80
N PRO X 804 9.87 -64.50 16.87
CA PRO X 804 10.05 -63.20 17.51
C PRO X 804 10.73 -62.14 16.63
N SER X 805 11.47 -62.53 15.59
CA SER X 805 11.94 -61.60 14.55
C SER X 805 10.78 -60.89 13.83
N THR X 806 9.67 -61.59 13.60
CA THR X 806 8.44 -60.98 13.08
C THR X 806 7.75 -60.11 14.13
N ILE X 807 7.95 -60.34 15.43
CA ILE X 807 7.46 -59.41 16.47
C ILE X 807 8.27 -58.10 16.48
N ARG X 808 9.58 -58.16 16.20
CA ARG X 808 10.38 -56.95 15.93
C ARG X 808 9.83 -56.19 14.72
N ASP X 809 9.53 -56.91 13.65
CA ASP X 809 8.97 -56.34 12.43
C ASP X 809 7.59 -55.68 12.66
N LEU X 810 6.67 -56.36 13.36
CA LEU X 810 5.30 -55.90 13.58
C LEU X 810 5.24 -54.52 14.24
N ALA X 811 6.12 -54.25 15.19
CA ALA X 811 6.16 -52.95 15.86
C ALA X 811 6.87 -51.85 15.04
N VAL X 812 7.90 -52.20 14.29
CA VAL X 812 8.64 -51.21 13.50
C VAL X 812 7.91 -50.86 12.21
N ALA X 813 7.47 -51.84 11.44
CA ALA X 813 7.15 -51.64 10.03
C ALA X 813 6.02 -50.64 9.78
N GLY X 814 5.02 -50.54 10.65
CA GLY X 814 3.95 -49.56 10.54
C GLY X 814 4.48 -48.12 10.56
N PRO X 815 5.03 -47.65 11.67
CA PRO X 815 5.72 -46.38 11.76
C PRO X 815 6.94 -46.23 10.83
N GLU X 816 7.60 -47.31 10.40
CA GLU X 816 8.66 -47.22 9.40
C GLU X 816 8.11 -46.90 8.02
N MET X 817 6.89 -47.32 7.71
CA MET X 817 6.30 -46.98 6.44
C MET X 817 6.08 -45.47 6.32
N GLN X 818 5.67 -44.82 7.40
CA GLN X 818 5.54 -43.36 7.45
C GLN X 818 6.89 -42.64 7.32
N VAL X 819 8.01 -43.30 7.58
CA VAL X 819 9.34 -42.80 7.18
C VAL X 819 9.56 -42.99 5.70
N LYS X 820 9.40 -44.22 5.21
CA LYS X 820 9.61 -44.57 3.80
C LYS X 820 8.76 -43.70 2.86
N LEU X 821 7.56 -43.30 3.29
CA LEU X 821 6.72 -42.37 2.56
C LEU X 821 7.38 -40.99 2.42
N LEU X 822 7.74 -40.28 3.50
CA LEU X 822 8.38 -38.98 3.33
C LEU X 822 9.70 -39.11 2.57
N GLN X 823 10.50 -40.15 2.83
CA GLN X 823 11.73 -40.39 2.08
C GLN X 823 11.53 -40.48 0.57
N SER X 824 10.37 -40.93 0.11
CA SER X 824 10.09 -41.02 -1.32
C SER X 824 10.01 -39.66 -2.00
N LEU X 825 9.59 -38.61 -1.27
CA LEU X 825 9.43 -37.27 -1.81
C LEU X 825 10.76 -36.54 -1.97
N GLY X 826 11.76 -36.86 -1.15
CA GLY X 826 13.08 -36.23 -1.21
C GLY X 826 12.99 -34.71 -1.10
N LEU X 827 12.26 -34.22 -0.10
CA LEU X 827 11.99 -32.80 0.08
C LEU X 827 13.26 -31.97 0.25
N LYS X 828 13.14 -30.67 -0.01
CA LYS X 828 14.17 -29.65 0.13
C LYS X 828 13.52 -28.42 0.70
N SER X 829 13.19 -28.45 1.99
CA SER X 829 12.32 -27.46 2.62
C SER X 829 13.06 -26.26 3.24
N THR X 830 12.28 -25.21 3.53
CA THR X 830 12.69 -24.01 4.24
C THR X 830 11.72 -23.75 5.38
N LEU X 831 12.18 -23.29 6.52
CA LEU X 831 11.36 -23.10 7.71
C LEU X 831 11.31 -21.64 8.17
N ILE X 832 10.14 -21.14 8.57
CA ILE X 832 9.98 -19.81 9.19
C ILE X 832 9.20 -19.98 10.50
N THR X 833 9.72 -19.56 11.66
CA THR X 833 9.10 -19.87 12.97
C THR X 833 9.11 -18.76 14.02
N ASP X 834 7.99 -18.57 14.70
CA ASP X 834 7.85 -17.64 15.82
C ASP X 834 8.53 -18.21 17.08
N GLY X 835 9.70 -17.71 17.41
CA GLY X 835 10.67 -18.48 18.21
C GLY X 835 10.32 -18.72 19.68
N SER X 836 9.37 -17.99 20.26
CA SER X 836 8.92 -18.31 21.62
C SER X 836 7.98 -19.51 21.66
N THR X 837 7.29 -19.82 20.55
CA THR X 837 6.30 -20.89 20.44
C THR X 837 6.32 -21.54 19.04
N PRO X 838 7.44 -22.13 18.63
CA PRO X 838 7.69 -22.45 17.23
C PRO X 838 6.91 -23.67 16.74
N ILE X 839 7.09 -24.03 15.47
CA ILE X 839 6.41 -25.12 14.79
C ILE X 839 6.99 -26.47 15.19
N ASN X 840 6.15 -27.40 15.60
CA ASN X 840 6.59 -28.75 15.92
C ASN X 840 6.90 -29.51 14.63
N LEU X 841 8.15 -29.93 14.45
CA LEU X 841 8.54 -30.62 13.23
C LEU X 841 7.96 -32.03 13.11
N PHE X 842 7.60 -32.73 14.20
CA PHE X 842 6.91 -34.00 14.07
C PHE X 842 5.46 -33.84 13.59
N ASN X 843 4.73 -32.86 14.12
CA ASN X 843 3.38 -32.60 13.65
C ASN X 843 3.40 -32.13 12.20
N THR X 844 4.48 -31.44 11.80
CA THR X 844 4.70 -31.10 10.39
C THR X 844 4.86 -32.37 9.57
N ALA X 845 5.78 -33.26 9.97
CA ALA X 845 6.10 -34.44 9.20
C ALA X 845 4.89 -35.34 9.05
N PHE X 846 4.19 -35.71 10.12
CA PHE X 846 2.96 -36.48 9.98
C PHE X 846 1.85 -35.69 9.29
N GLY X 847 1.82 -34.37 9.41
CA GLY X 847 0.69 -33.56 8.99
C GLY X 847 0.51 -33.50 7.48
N LEU X 848 1.61 -33.60 6.75
CA LEU X 848 1.64 -33.77 5.31
C LEU X 848 1.02 -35.09 4.86
N LEU X 849 0.87 -36.04 5.79
CA LEU X 849 0.72 -37.46 5.54
C LEU X 849 -0.42 -38.06 6.36
N GLY X 850 -1.30 -37.23 6.92
CA GLY X 850 -2.35 -37.68 7.83
C GLY X 850 -1.86 -38.08 9.23
N GLY X 852 -1.98 -37.16 10.18
CA GLY X 852 -1.86 -37.46 11.61
C GLY X 852 -3.00 -38.31 12.22
N PRO X 853 -4.30 -38.11 11.89
CA PRO X 853 -5.41 -38.75 12.59
C PRO X 853 -5.58 -40.21 12.13
N GLU Y 769 -15.19 -74.11 56.17
CA GLU Y 769 -15.26 -72.94 55.26
C GLU Y 769 -14.16 -72.94 54.21
N LEU Y 770 -12.92 -72.62 54.58
CA LEU Y 770 -11.81 -72.30 53.65
C LEU Y 770 -11.51 -73.37 52.60
N VAL Y 771 -11.88 -74.62 52.86
CA VAL Y 771 -11.80 -75.74 51.91
C VAL Y 771 -12.64 -75.47 50.66
N TYR Y 772 -13.78 -74.83 50.79
CA TYR Y 772 -14.61 -74.44 49.66
C TYR Y 772 -13.86 -73.44 48.77
N ALA Y 773 -13.24 -72.41 49.34
CA ALA Y 773 -12.42 -71.47 48.57
C ALA Y 773 -11.16 -72.12 47.97
N ARG Y 774 -10.54 -73.06 48.69
CA ARG Y 774 -9.42 -73.86 48.18
C ARG Y 774 -9.83 -74.73 46.99
N ALA Y 775 -11.08 -75.20 46.97
CA ALA Y 775 -11.68 -75.84 45.81
C ALA Y 775 -12.04 -74.83 44.70
N GLN Y 776 -12.60 -73.68 45.03
CA GLN Y 776 -12.90 -72.63 44.05
C GLN Y 776 -11.64 -72.11 43.35
N LEU Y 777 -10.51 -72.08 44.05
CA LEU Y 777 -9.24 -71.74 43.42
C LEU Y 777 -8.88 -72.76 42.33
N GLU Y 778 -9.00 -74.05 42.62
CA GLU Y 778 -8.77 -75.09 41.61
C GLU Y 778 -9.70 -74.89 40.41
N LEU Y 779 -10.96 -74.57 40.64
CA LEU Y 779 -11.92 -74.33 39.56
C LEU Y 779 -11.59 -73.08 38.73
N GLU Y 780 -11.27 -71.95 39.36
CA GLU Y 780 -10.89 -70.73 38.66
C GLU Y 780 -9.60 -70.92 37.86
N VAL Y 781 -8.59 -71.57 38.44
CA VAL Y 781 -7.38 -71.94 37.71
C VAL Y 781 -7.65 -72.96 36.61
N SER Y 782 -8.58 -73.90 36.80
CA SER Y 782 -8.95 -74.85 35.75
C SER Y 782 -9.55 -74.13 34.55
N LYS Y 783 -10.47 -73.20 34.78
CA LYS Y 783 -11.03 -72.35 33.72
C LYS Y 783 -9.97 -71.50 33.04
N ALA Y 784 -9.09 -70.86 33.80
CA ALA Y 784 -7.98 -70.12 33.21
C ALA Y 784 -7.07 -71.02 32.34
N GLN Y 785 -6.69 -72.20 32.84
CA GLN Y 785 -5.86 -73.17 32.14
C GLN Y 785 -6.47 -73.66 30.84
N GLN Y 786 -7.72 -74.11 30.88
CA GLN Y 786 -8.34 -74.74 29.71
C GLN Y 786 -8.70 -73.75 28.60
N LEU Y 787 -9.11 -72.53 28.94
CA LEU Y 787 -9.37 -71.51 27.90
C LEU Y 787 -8.09 -71.00 27.26
N ALA Y 788 -7.01 -70.85 28.02
CA ALA Y 788 -5.72 -70.42 27.48
C ALA Y 788 -5.22 -71.34 26.37
N GLU Y 789 -5.38 -72.66 26.52
CA GLU Y 789 -5.03 -73.63 25.48
C GLU Y 789 -5.86 -73.46 24.21
N VAL Y 790 -7.16 -73.21 24.30
CA VAL Y 790 -8.01 -73.04 23.12
C VAL Y 790 -7.57 -71.83 22.30
N GLU Y 791 -7.30 -70.71 22.97
CA GLU Y 791 -6.87 -69.49 22.28
C GLU Y 791 -5.48 -69.64 21.66
N VAL Y 792 -4.53 -70.28 22.36
CA VAL Y 792 -3.21 -70.59 21.82
C VAL Y 792 -3.29 -71.46 20.58
N LYS Y 793 -4.08 -72.53 20.63
CA LYS Y 793 -4.34 -73.46 19.53
C LYS Y 793 -4.88 -72.72 18.31
N LYS Y 794 -5.88 -71.88 18.50
CA LYS Y 794 -6.50 -71.07 17.45
C LYS Y 794 -5.49 -70.12 16.81
N PHE Y 795 -4.69 -69.46 17.64
CA PHE Y 795 -3.67 -68.51 17.18
C PHE Y 795 -2.55 -69.20 16.40
N LYS Y 796 -2.05 -70.34 16.90
CA LYS Y 796 -1.03 -71.13 16.21
C LYS Y 796 -1.54 -71.64 14.87
N GLN Y 797 -2.76 -72.16 14.84
CA GLN Y 797 -3.33 -72.71 13.62
C GLN Y 797 -3.61 -71.64 12.57
N MET Y 798 -4.23 -70.52 12.93
CA MET Y 798 -4.41 -69.41 11.99
C MET Y 798 -3.07 -68.87 11.48
N THR Y 799 -2.08 -68.72 12.35
CA THR Y 799 -0.74 -68.28 11.94
C THR Y 799 -0.08 -69.26 10.98
N GLU Y 800 -0.16 -70.57 11.19
CA GLU Y 800 0.36 -71.55 10.24
C GLU Y 800 -0.43 -71.54 8.92
N ALA Y 801 -1.73 -71.23 8.96
CA ALA Y 801 -2.57 -71.18 7.77
C ALA Y 801 -2.12 -70.09 6.79
N ILE Y 802 -1.92 -68.85 7.24
CA ILE Y 802 -1.42 -67.77 6.38
C ILE Y 802 0.11 -67.66 6.32
N GLY Y 803 0.82 -68.23 7.29
CA GLY Y 803 2.28 -68.20 7.39
C GLY Y 803 2.80 -66.85 7.90
N PRO Y 804 3.67 -66.78 8.92
CA PRO Y 804 4.20 -65.52 9.46
C PRO Y 804 4.76 -64.52 8.43
N SER Y 805 5.37 -65.04 7.35
CA SER Y 805 5.90 -64.26 6.23
C SER Y 805 4.85 -63.45 5.45
N THR Y 806 3.57 -63.55 5.80
CA THR Y 806 2.49 -62.71 5.29
C THR Y 806 1.81 -61.86 6.37
N ILE Y 807 2.27 -61.92 7.62
CA ILE Y 807 1.85 -60.98 8.68
C ILE Y 807 2.76 -59.75 8.64
N ARG Y 808 4.08 -59.99 8.58
CA ARG Y 808 5.03 -58.99 8.07
C ARG Y 808 4.59 -58.58 6.68
N ASP Y 809 4.71 -57.30 6.35
CA ASP Y 809 4.13 -56.66 5.16
C ASP Y 809 2.59 -56.79 4.97
N LEU Y 810 1.85 -57.22 5.99
CA LEU Y 810 0.38 -57.01 6.13
C LEU Y 810 0.05 -55.97 7.21
N ALA Y 811 0.91 -55.79 8.21
CA ALA Y 811 0.75 -54.74 9.24
C ALA Y 811 0.86 -53.32 8.66
N VAL Y 812 1.62 -53.17 7.56
CA VAL Y 812 1.78 -51.95 6.77
C VAL Y 812 0.60 -51.60 5.85
N ALA Y 813 -0.28 -52.55 5.54
CA ALA Y 813 -1.32 -52.39 4.52
C ALA Y 813 -2.38 -51.34 4.89
N GLY Y 814 -2.42 -50.95 6.16
CA GLY Y 814 -3.29 -49.91 6.67
C GLY Y 814 -4.71 -50.39 6.93
N PRO Y 815 -5.50 -49.57 7.61
CA PRO Y 815 -6.78 -49.98 8.17
C PRO Y 815 -7.79 -50.40 7.11
N GLU Y 816 -7.90 -49.66 6.01
CA GLU Y 816 -8.89 -49.93 4.96
C GLU Y 816 -8.70 -51.30 4.31
N MET Y 817 -7.44 -51.77 4.23
CA MET Y 817 -7.13 -53.14 3.86
C MET Y 817 -7.45 -54.12 4.98
N GLN Y 818 -6.98 -53.87 6.20
CA GLN Y 818 -7.10 -54.86 7.28
C GLN Y 818 -8.56 -55.19 7.60
N VAL Y 819 -9.44 -54.17 7.62
CA VAL Y 819 -10.90 -54.37 7.78
C VAL Y 819 -11.48 -55.22 6.65
N LYS Y 820 -11.19 -54.84 5.40
CA LYS Y 820 -11.59 -55.53 4.17
C LYS Y 820 -11.12 -56.98 4.14
N LEU Y 821 -9.88 -57.26 4.53
CA LEU Y 821 -9.34 -58.62 4.57
C LEU Y 821 -10.01 -59.48 5.65
N LEU Y 822 -10.17 -58.98 6.87
CA LEU Y 822 -10.84 -59.73 7.94
C LEU Y 822 -12.32 -60.01 7.61
N GLN Y 823 -12.99 -59.12 6.87
CA GLN Y 823 -14.30 -59.41 6.28
C GLN Y 823 -14.21 -60.43 5.14
N SER Y 824 -13.19 -60.33 4.28
CA SER Y 824 -13.00 -61.20 3.11
C SER Y 824 -12.64 -62.64 3.45
N LEU Y 825 -12.04 -62.87 4.61
CA LEU Y 825 -11.49 -64.15 5.05
C LEU Y 825 -12.26 -64.74 6.25
N GLY Y 826 -13.58 -64.52 6.29
CA GLY Y 826 -14.45 -65.02 7.36
C GLY Y 826 -14.18 -64.37 8.71
N GLU Z 769 13.17 -34.78 85.72
CA GLU Z 769 12.83 -34.43 84.33
C GLU Z 769 13.96 -34.72 83.37
N LEU Z 770 15.07 -33.98 83.41
CA LEU Z 770 16.09 -33.94 82.36
C LEU Z 770 16.61 -35.31 81.91
N VAL Z 771 16.76 -36.25 82.83
CA VAL Z 771 17.26 -37.59 82.52
C VAL Z 771 16.32 -38.36 81.58
N TYR Z 772 15.00 -38.18 81.69
CA TYR Z 772 14.05 -38.75 80.74
C TYR Z 772 14.24 -38.16 79.35
N ALA Z 773 14.48 -36.86 79.25
CA ALA Z 773 14.77 -36.22 77.98
C ALA Z 773 16.09 -36.74 77.38
N ARG Z 774 17.12 -36.97 78.20
CA ARG Z 774 18.37 -37.64 77.77
C ARG Z 774 18.12 -39.07 77.31
N ALA Z 775 17.30 -39.82 78.01
CA ALA Z 775 16.93 -41.17 77.63
C ALA Z 775 16.17 -41.19 76.30
N GLN Z 776 15.27 -40.22 76.05
CA GLN Z 776 14.67 -40.03 74.74
C GLN Z 776 15.68 -39.58 73.68
N LEU Z 777 16.69 -38.77 74.02
CA LEU Z 777 17.72 -38.40 73.06
C LEU Z 777 18.56 -39.60 72.60
N GLU Z 778 18.88 -40.51 73.52
CA GLU Z 778 19.55 -41.76 73.15
C GLU Z 778 18.67 -42.61 72.21
N LEU Z 779 17.37 -42.71 72.49
CA LEU Z 779 16.42 -43.39 71.62
C LEU Z 779 16.34 -42.70 70.24
N GLU Z 780 16.26 -41.38 70.20
CA GLU Z 780 16.15 -40.62 68.96
C GLU Z 780 17.37 -40.81 68.07
N VAL Z 781 18.57 -40.70 68.63
CA VAL Z 781 19.80 -41.00 67.90
C VAL Z 781 19.88 -42.46 67.50
N SER Z 782 19.40 -43.40 68.32
CA SER Z 782 19.35 -44.81 67.94
C SER Z 782 18.49 -45.07 66.71
N LYS Z 783 17.30 -44.45 66.65
CA LYS Z 783 16.45 -44.47 65.46
C LYS Z 783 17.14 -43.83 64.27
N ALA Z 784 17.71 -42.64 64.45
CA ALA Z 784 18.41 -41.97 63.37
C ALA Z 784 19.55 -42.83 62.79
N GLN Z 785 20.39 -43.42 63.64
CA GLN Z 785 21.50 -44.27 63.21
C GLN Z 785 21.01 -45.49 62.46
N GLN Z 786 20.06 -46.24 63.03
CA GLN Z 786 19.61 -47.48 62.43
C GLN Z 786 18.91 -47.24 61.11
N LEU Z 787 17.99 -46.27 61.01
CA LEU Z 787 17.37 -45.98 59.73
C LEU Z 787 18.39 -45.52 58.70
N ALA Z 788 19.35 -44.67 59.06
CA ALA Z 788 20.34 -44.21 58.11
C ALA Z 788 21.19 -45.35 57.57
N GLU Z 789 21.57 -46.32 58.42
CA GLU Z 789 22.26 -47.51 57.95
C GLU Z 789 21.39 -48.33 56.99
N VAL Z 790 20.12 -48.58 57.34
CA VAL Z 790 19.21 -49.37 56.51
C VAL Z 790 19.01 -48.74 55.14
N GLU Z 791 18.89 -47.41 55.06
CA GLU Z 791 18.82 -46.73 53.78
C GLU Z 791 20.11 -46.90 52.97
N VAL Z 792 21.27 -46.69 53.60
CA VAL Z 792 22.56 -46.81 52.91
C VAL Z 792 22.77 -48.23 52.41
N LYS Z 793 22.44 -49.25 53.20
CA LYS Z 793 22.49 -50.65 52.79
C LYS Z 793 21.70 -50.84 51.51
N LYS Z 794 20.44 -50.42 51.47
CA LYS Z 794 19.61 -50.46 50.26
C LYS Z 794 20.27 -49.69 49.12
N PHE Z 795 20.73 -48.46 49.33
CA PHE Z 795 21.32 -47.64 48.28
C PHE Z 795 22.59 -48.24 47.69
N LYS Z 796 23.48 -48.80 48.51
CA LYS Z 796 24.70 -49.44 47.99
C LYS Z 796 24.34 -50.64 47.13
N GLN Z 797 23.44 -51.50 47.59
CA GLN Z 797 23.02 -52.67 46.80
C GLN Z 797 22.34 -52.25 45.50
N MET Z 798 21.45 -51.25 45.53
CA MET Z 798 20.84 -50.68 44.34
C MET Z 798 21.87 -50.11 43.35
N THR Z 799 23.01 -49.61 43.82
CA THR Z 799 24.10 -49.09 42.97
C THR Z 799 25.19 -50.13 42.68
N GLU Z 800 24.92 -51.39 42.99
CA GLU Z 800 25.68 -52.55 42.50
C GLU Z 800 24.82 -53.43 41.59
N ALA Z 801 23.49 -53.35 41.71
CA ALA Z 801 22.57 -54.07 40.83
C ALA Z 801 22.70 -53.58 39.39
N ILE Z 802 22.57 -52.27 39.21
CA ILE Z 802 22.98 -51.54 38.00
C ILE Z 802 24.34 -50.95 38.26
N GLY Z 803 25.27 -51.07 37.33
CA GLY Z 803 26.60 -50.47 37.46
C GLY Z 803 26.53 -48.94 37.47
N PRO Z 804 27.42 -48.23 38.19
CA PRO Z 804 27.37 -46.77 38.27
C PRO Z 804 27.58 -46.09 36.90
N SER Z 805 28.31 -46.72 35.98
CA SER Z 805 28.40 -46.27 34.59
C SER Z 805 27.04 -46.25 33.88
N THR Z 806 26.17 -47.24 34.10
CA THR Z 806 24.78 -47.18 33.61
C THR Z 806 23.93 -46.14 34.33
N ILE Z 807 24.23 -45.74 35.57
CA ILE Z 807 23.59 -44.56 36.19
C ILE Z 807 24.05 -43.27 35.51
N ARG Z 808 25.33 -43.15 35.13
CA ARG Z 808 25.80 -42.02 34.30
C ARG Z 808 25.05 -41.94 32.97
N ASP Z 809 24.95 -43.08 32.29
CA ASP Z 809 24.26 -43.21 31.01
C ASP Z 809 22.79 -42.81 31.11
N LEU Z 810 22.07 -43.29 32.12
CA LEU Z 810 20.63 -43.09 32.28
C LEU Z 810 20.26 -41.61 32.38
N ALA Z 811 21.04 -40.82 33.10
CA ALA Z 811 20.78 -39.39 33.25
C ALA Z 811 21.19 -38.56 32.02
N VAL Z 812 22.20 -38.98 31.26
CA VAL Z 812 22.63 -38.26 30.06
C VAL Z 812 21.78 -38.61 28.85
N ALA Z 813 21.52 -39.89 28.60
CA ALA Z 813 21.06 -40.34 27.29
C ALA Z 813 19.71 -39.75 26.86
N GLY Z 814 18.79 -39.49 27.79
CA GLY Z 814 17.51 -38.83 27.48
C GLY Z 814 17.70 -37.46 26.84
N PRO Z 815 18.22 -36.47 27.57
CA PRO Z 815 18.58 -35.17 27.01
C PRO Z 815 19.64 -35.22 25.91
N GLU Z 816 20.49 -36.23 25.84
CA GLU Z 816 21.42 -36.39 24.72
C GLU Z 816 20.68 -36.74 23.44
N MET Z 817 19.57 -37.46 23.51
CA MET Z 817 18.82 -37.77 22.31
C MET Z 817 18.23 -36.51 21.69
N GLN Z 818 17.73 -35.60 22.52
CA GLN Z 818 17.28 -34.27 22.11
C GLN Z 818 18.41 -33.36 21.59
N VAL Z 819 19.67 -33.77 21.71
CA VAL Z 819 20.79 -33.19 20.95
C VAL Z 819 20.96 -33.91 19.64
N LYS Z 820 21.09 -35.24 19.66
CA LYS Z 820 21.31 -36.07 18.48
C LYS Z 820 20.24 -35.87 17.41
N LEU Z 821 19.00 -35.56 17.82
CA LEU Z 821 17.94 -35.14 16.92
C LEU Z 821 18.29 -33.85 16.18
N LEU Z 822 18.43 -32.70 16.85
CA LEU Z 822 18.72 -31.47 16.13
C LEU Z 822 20.01 -31.54 15.34
N GLN Z 823 21.06 -32.19 15.86
CA GLN Z 823 22.31 -32.40 15.13
C GLN Z 823 22.13 -33.12 13.80
N SER Z 824 21.06 -33.91 13.63
CA SER Z 824 20.82 -34.61 12.38
C SER Z 824 20.30 -33.70 11.28
N LEU Z 825 19.60 -32.64 11.64
CA LEU Z 825 19.08 -31.65 10.70
C LEU Z 825 20.17 -30.70 10.19
N GLY Z 826 21.19 -30.40 10.99
CA GLY Z 826 22.31 -29.56 10.58
C GLY Z 826 21.84 -28.19 10.08
N LEU Z 827 20.91 -27.57 10.83
CA LEU Z 827 20.27 -26.32 10.48
C LEU Z 827 21.29 -25.19 10.22
N LYS Z 828 20.84 -24.17 9.51
CA LYS Z 828 21.61 -23.00 9.08
C LYS Z 828 20.77 -21.76 9.27
N SER Z 829 20.31 -21.51 10.50
CA SER Z 829 19.26 -20.53 10.77
C SER Z 829 19.72 -19.06 10.76
N THR Z 830 18.77 -18.17 10.51
CA THR Z 830 18.86 -16.72 10.74
C THR Z 830 17.94 -16.35 11.88
N LEU Z 831 18.38 -15.52 12.80
CA LEU Z 831 17.54 -15.06 13.92
C LEU Z 831 17.16 -13.59 13.79
N ILE Z 832 15.88 -13.25 13.92
CA ILE Z 832 15.40 -11.89 14.08
C ILE Z 832 14.73 -11.77 15.44
N THR Z 833 15.09 -10.81 16.28
CA THR Z 833 14.45 -10.64 17.60
C THR Z 833 14.16 -9.20 17.97
N ASP Z 834 13.19 -8.99 18.86
CA ASP Z 834 13.19 -7.82 19.72
C ASP Z 834 14.41 -7.85 20.65
N GLY Z 835 14.84 -6.72 21.20
CA GLY Z 835 16.00 -6.64 22.07
C GLY Z 835 15.73 -6.57 23.57
N SER Z 836 14.60 -6.04 24.02
CA SER Z 836 14.31 -5.99 25.46
C SER Z 836 13.60 -7.26 25.97
N THR Z 837 13.03 -8.07 25.07
CA THR Z 837 12.25 -9.27 25.38
C THR Z 837 12.60 -10.44 24.43
N PRO Z 838 13.89 -10.70 24.14
CA PRO Z 838 14.31 -11.51 23.02
C PRO Z 838 13.87 -12.96 23.13
N ILE Z 839 13.95 -13.69 22.02
CA ILE Z 839 13.54 -15.08 21.90
C ILE Z 839 14.46 -15.99 22.69
N ASN Z 840 13.91 -16.79 23.60
CA ASN Z 840 14.69 -17.77 24.31
C ASN Z 840 15.12 -18.91 23.38
N LEU Z 841 16.42 -19.09 23.19
CA LEU Z 841 16.92 -20.07 22.25
C LEU Z 841 16.72 -21.51 22.75
N PHE Z 842 16.65 -21.76 24.05
CA PHE Z 842 16.32 -23.11 24.53
C PHE Z 842 14.87 -23.49 24.22
N ASN Z 843 13.93 -22.57 24.44
CA ASN Z 843 12.53 -22.84 24.12
C ASN Z 843 12.35 -22.96 22.61
N THR Z 844 13.16 -22.28 21.81
CA THR Z 844 13.21 -22.52 20.37
C THR Z 844 13.69 -23.93 20.08
N ALA Z 845 14.83 -24.34 20.62
CA ALA Z 845 15.44 -25.62 20.29
C ALA Z 845 14.54 -26.79 20.67
N PHE Z 846 14.01 -26.81 21.90
CA PHE Z 846 13.02 -27.84 22.25
C PHE Z 846 11.72 -27.65 21.46
N GLY Z 847 11.35 -26.43 21.10
CA GLY Z 847 10.01 -26.15 20.59
C GLY Z 847 9.77 -26.75 19.21
N LEU Z 848 10.83 -26.89 18.43
CA LEU Z 848 10.84 -27.58 17.15
C LEU Z 848 10.59 -29.08 17.30
N LEU Z 849 10.76 -29.60 18.52
CA LEU Z 849 10.97 -30.99 18.84
C LEU Z 849 10.05 -31.45 19.98
N GLY Z 850 9.03 -30.65 20.33
CA GLY Z 850 8.17 -30.91 21.48
C GLY Z 850 8.82 -30.59 22.82
N GLY Z 852 8.45 -29.44 23.41
CA GLY Z 852 8.71 -29.13 24.80
C GLY Z 852 7.87 -29.92 25.83
N PRO Z 853 6.55 -30.20 25.62
CA PRO Z 853 5.69 -30.76 26.66
C PRO Z 853 5.89 -32.27 26.79
N GLU AA 769 7.52 -47.33 81.13
CA GLU AA 769 7.09 -46.68 79.87
C GLU AA 769 8.12 -46.83 78.75
N LEU AA 770 9.24 -46.12 78.79
CA LEU AA 770 10.18 -45.94 77.67
C LEU AA 770 10.73 -47.23 77.06
N VAL AA 771 10.71 -48.34 77.81
CA VAL AA 771 11.06 -49.68 77.33
C VAL AA 771 10.12 -50.13 76.21
N TYR AA 772 8.84 -49.77 76.25
CA TYR AA 772 7.91 -50.07 75.18
C TYR AA 772 8.32 -49.35 73.90
N ALA AA 773 8.67 -48.06 73.96
CA ALA AA 773 9.16 -47.35 72.78
C ALA AA 773 10.53 -47.87 72.30
N ARG AA 774 11.41 -48.27 73.21
CA ARG AA 774 12.68 -48.93 72.88
C ARG AA 774 12.47 -50.26 72.17
N ALA AA 775 11.41 -50.99 72.52
CA ALA AA 775 10.96 -52.18 71.80
C ALA AA 775 10.26 -51.86 70.47
N GLN AA 776 9.43 -50.82 70.42
CA GLN AA 776 8.81 -50.38 69.17
C GLN AA 776 9.83 -49.92 68.15
N LEU AA 777 10.96 -49.35 68.59
CA LEU AA 777 12.03 -49.00 67.69
C LEU AA 777 12.64 -50.25 67.04
N GLU AA 778 12.86 -51.32 67.80
CA GLU AA 778 13.29 -52.59 67.23
C GLU AA 778 12.31 -53.10 66.17
N LEU AA 779 11.00 -53.00 66.43
CA LEU AA 779 9.98 -53.42 65.48
C LEU AA 779 9.96 -52.54 64.22
N GLU AA 780 9.99 -51.22 64.35
CA GLU AA 780 10.01 -50.31 63.20
C GLU AA 780 11.27 -50.51 62.34
N VAL AA 781 12.42 -50.66 62.97
CA VAL AA 781 13.65 -50.95 62.24
C VAL AA 781 13.65 -52.36 61.67
N SER AA 782 13.07 -53.36 62.33
CA SER AA 782 12.92 -54.70 61.75
C SER AA 782 12.08 -54.65 60.49
N LYS AA 783 10.97 -53.91 60.49
CA LYS AA 783 10.16 -53.70 59.29
C LYS AA 783 10.92 -52.97 58.20
N ALA AA 784 11.63 -51.90 58.51
CA ALA AA 784 12.47 -51.24 57.51
C ALA AA 784 13.53 -52.20 56.93
N GLN AA 785 14.23 -52.96 57.78
CA GLN AA 785 15.25 -53.93 57.38
C GLN AA 785 14.72 -55.02 56.47
N GLN AA 786 13.61 -55.64 56.82
CA GLN AA 786 13.11 -56.80 56.07
C GLN AA 786 12.44 -56.42 54.77
N LEU AA 787 11.75 -55.28 54.67
CA LEU AA 787 11.17 -54.85 53.40
C LEU AA 787 12.24 -54.39 52.42
N ALA AA 788 13.26 -53.67 52.88
CA ALA AA 788 14.33 -53.17 52.02
C ALA AA 788 15.05 -54.30 51.26
N GLU AA 789 15.30 -55.43 51.92
CA GLU AA 789 15.92 -56.59 51.29
C GLU AA 789 15.05 -57.18 50.18
N VAL AA 790 13.73 -57.23 50.35
CA VAL AA 790 12.83 -57.75 49.31
C VAL AA 790 12.87 -56.87 48.06
N GLU AA 791 12.84 -55.56 48.23
CA GLU AA 791 12.91 -54.65 47.10
C GLU AA 791 14.28 -54.70 46.39
N VAL AA 792 15.38 -54.75 47.14
CA VAL AA 792 16.73 -54.95 46.58
C VAL AA 792 16.82 -56.24 45.77
N LYS AA 793 16.34 -57.34 46.34
CA LYS AA 793 16.32 -58.67 45.70
C LYS AA 793 15.56 -58.60 44.38
N LYS AA 794 14.35 -58.02 44.40
CA LYS AA 794 13.50 -57.86 43.21
C LYS AA 794 14.20 -57.03 42.13
N PHE AA 795 14.82 -55.92 42.52
CA PHE AA 795 15.53 -55.04 41.61
C PHE AA 795 16.76 -55.71 41.00
N LYS AA 796 17.59 -56.37 41.80
CA LYS AA 796 18.74 -57.13 41.31
C LYS AA 796 18.32 -58.23 40.35
N GLN AA 797 17.29 -58.99 40.68
CA GLN AA 797 16.84 -60.10 39.85
C GLN AA 797 16.25 -59.62 38.53
N MET AA 798 15.36 -58.63 38.54
CA MET AA 798 14.85 -58.05 37.29
C MET AA 798 15.97 -57.46 36.44
N THR AA 799 16.92 -56.75 37.05
CA THR AA 799 18.10 -56.22 36.34
C THR AA 799 18.94 -57.31 35.70
N GLU AA 800 19.21 -58.41 36.39
CA GLU AA 800 19.94 -59.54 35.80
C GLU AA 800 19.13 -60.23 34.70
N ALA AA 801 17.80 -60.25 34.81
CA ALA AA 801 16.93 -60.88 33.83
C ALA AA 801 16.98 -60.17 32.47
N ILE AA 802 16.91 -58.83 32.42
CA ILE AA 802 17.04 -58.09 31.16
C ILE AA 802 18.48 -57.65 30.84
N GLY AA 803 19.38 -57.66 31.81
CA GLY AA 803 20.78 -57.24 31.67
C GLY AA 803 20.94 -55.71 31.57
N PRO AA 804 21.80 -55.06 32.36
CA PRO AA 804 22.01 -53.60 32.31
C PRO AA 804 22.23 -53.00 30.91
N SER AA 805 22.91 -53.74 30.03
CA SER AA 805 23.17 -53.38 28.63
C SER AA 805 21.91 -53.19 27.76
N THR AA 806 20.71 -53.42 28.31
CA THR AA 806 19.42 -53.11 27.67
C THR AA 806 18.59 -52.08 28.45
N ILE AA 807 19.09 -51.55 29.57
CA ILE AA 807 18.47 -50.40 30.26
C ILE AA 807 19.01 -49.11 29.63
N ARG AA 808 20.33 -49.04 29.48
CA ARG AA 808 20.97 -48.14 28.51
C ARG AA 808 20.37 -48.41 27.14
N ASP AA 809 20.15 -47.37 26.36
CA ASP AA 809 19.38 -47.41 25.11
C ASP AA 809 17.93 -47.97 25.18
N LEU AA 810 17.35 -48.13 26.39
CA LEU AA 810 15.89 -48.20 26.64
C LEU AA 810 15.34 -46.93 27.29
N ALA AA 811 16.16 -46.18 28.05
CA ALA AA 811 15.76 -44.88 28.59
C ALA AA 811 15.45 -43.83 27.51
N VAL AA 812 16.15 -43.92 26.38
CA VAL AA 812 15.97 -43.09 25.17
C VAL AA 812 14.67 -43.39 24.40
N ALA AA 813 14.07 -44.58 24.56
CA ALA AA 813 13.00 -45.07 23.69
C ALA AA 813 11.69 -44.27 23.79
N GLY AA 814 11.58 -43.46 24.84
CA GLY AA 814 10.49 -42.53 25.05
C GLY AA 814 9.26 -43.19 25.66
N PRO AA 815 8.29 -42.36 26.10
CA PRO AA 815 7.20 -42.82 26.94
C PRO AA 815 6.30 -43.84 26.26
N GLU AA 816 5.95 -43.65 24.99
CA GLU AA 816 5.06 -44.56 24.25
C GLU AA 816 5.60 -45.99 24.22
N MET AA 817 6.93 -46.14 24.05
CA MET AA 817 7.60 -47.44 24.18
C MET AA 817 7.63 -47.93 25.62
N GLN AA 818 8.05 -47.10 26.57
CA GLN AA 818 8.24 -47.57 27.95
C GLN AA 818 6.91 -48.06 28.57
N VAL AA 819 5.81 -47.38 28.27
CA VAL AA 819 4.45 -47.81 28.67
C VAL AA 819 4.08 -49.13 27.98
N LYS AA 820 4.22 -49.19 26.65
CA LYS AA 820 3.94 -50.37 25.83
C LYS AA 820 4.74 -51.60 26.25
N LEU AA 821 6.02 -51.43 26.58
CA LEU AA 821 6.90 -52.51 27.03
C LEU AA 821 6.49 -53.03 28.41
N LEU AA 822 6.29 -52.16 29.40
CA LEU AA 822 5.90 -52.64 30.74
C LEU AA 822 4.48 -53.21 30.77
N GLN AA 823 3.57 -52.77 29.88
CA GLN AA 823 2.33 -53.48 29.61
C GLN AA 823 2.58 -54.87 28.97
N SER AA 824 3.49 -54.94 27.98
CA SER AA 824 3.81 -56.17 27.24
C SER AA 824 4.51 -57.24 28.09
N LEU AA 825 5.20 -56.83 29.16
CA LEU AA 825 6.01 -57.68 30.03
C LEU AA 825 5.41 -57.88 31.43
N GLY AA 826 4.13 -57.52 31.63
CA GLY AA 826 3.42 -57.65 32.89
C GLY AA 826 3.91 -56.68 33.96
N GLU BA 769 25.45 5.82 89.75
CA GLU BA 769 24.97 5.49 88.39
C GLU BA 769 26.09 5.12 87.45
N LEU BA 770 26.96 6.05 87.07
CA LEU BA 770 27.90 5.91 85.94
C LEU BA 770 28.74 4.64 85.96
N VAL BA 771 29.17 4.19 87.13
CA VAL BA 771 30.00 2.99 87.26
C VAL BA 771 29.26 1.73 86.82
N TYR BA 772 27.95 1.62 87.05
CA TYR BA 772 27.16 0.52 86.51
C TYR BA 772 27.13 0.55 84.99
N ALA BA 773 27.00 1.72 84.39
CA ALA BA 773 27.06 1.85 82.94
C ALA BA 773 28.44 1.45 82.38
N ARG BA 774 29.53 1.82 83.08
CA ARG BA 774 30.89 1.34 82.76
C ARG BA 774 31.00 -0.18 82.86
N ALA BA 775 30.41 -0.78 83.88
CA ALA BA 775 30.39 -2.23 84.03
C ALA BA 775 29.59 -2.91 82.92
N GLN BA 776 28.45 -2.36 82.50
CA GLN BA 776 27.75 -2.82 81.31
C GLN BA 776 28.55 -2.60 80.03
N LEU BA 777 29.32 -1.53 79.90
CA LEU BA 777 30.19 -1.33 78.75
C LEU BA 777 31.31 -2.38 78.68
N GLU BA 778 31.92 -2.74 79.79
CA GLU BA 778 32.88 -3.83 79.83
C GLU BA 778 32.25 -5.16 79.39
N LEU BA 779 31.01 -5.44 79.84
CA LEU BA 779 30.25 -6.60 79.40
C LEU BA 779 29.94 -6.54 77.89
N GLU BA 780 29.50 -5.40 77.37
CA GLU BA 780 29.17 -5.24 75.96
C GLU BA 780 30.38 -5.48 75.06
N VAL BA 781 31.52 -4.90 75.42
CA VAL BA 781 32.78 -5.14 74.70
C VAL BA 781 33.24 -6.58 74.87
N SER BA 782 33.04 -7.20 76.03
CA SER BA 782 33.38 -8.61 76.23
C SER BA 782 32.59 -9.51 75.28
N LYS BA 783 31.28 -9.30 75.18
CA LYS BA 783 30.41 -9.99 74.23
C LYS BA 783 30.83 -9.72 72.80
N ALA BA 784 31.09 -8.48 72.42
CA ALA BA 784 31.53 -8.16 71.08
C ALA BA 784 32.84 -8.86 70.72
N GLN BA 785 33.83 -8.85 71.63
CA GLN BA 785 35.12 -9.51 71.41
C GLN BA 785 34.95 -11.01 71.27
N GLN BA 786 34.19 -11.65 72.15
CA GLN BA 786 34.07 -13.11 72.12
C GLN BA 786 33.29 -13.58 70.91
N LEU BA 787 32.15 -12.98 70.58
CA LEU BA 787 31.43 -13.39 69.38
C LEU BA 787 32.25 -13.17 68.11
N ALA BA 788 32.99 -12.07 68.00
CA ALA BA 788 33.83 -11.85 66.82
C ALA BA 788 34.89 -12.94 66.67
N GLU BA 789 35.51 -13.40 67.75
CA GLU BA 789 36.45 -14.52 67.70
C GLU BA 789 35.77 -15.82 67.25
N VAL BA 790 34.57 -16.11 67.75
CA VAL BA 790 33.82 -17.31 67.36
C VAL BA 790 33.52 -17.29 65.87
N GLU BA 791 33.06 -16.17 65.34
CA GLU BA 791 32.80 -16.06 63.91
C GLU BA 791 34.07 -16.17 63.06
N VAL BA 792 35.17 -15.49 63.45
CA VAL BA 792 36.44 -15.59 62.73
C VAL BA 792 36.95 -17.01 62.75
N LYS BA 793 36.93 -17.71 63.89
CA LYS BA 793 37.32 -19.11 63.99
C LYS BA 793 36.54 -19.96 62.99
N LYS BA 794 35.21 -19.85 63.00
CA LYS BA 794 34.36 -20.55 62.02
C LYS BA 794 34.75 -20.19 60.59
N PHE BA 795 34.85 -18.91 60.26
CA PHE BA 795 35.16 -18.47 58.91
C PHE BA 795 36.53 -18.93 58.41
N LYS BA 796 37.57 -18.89 59.24
CA LYS BA 796 38.90 -19.37 58.83
C LYS BA 796 38.87 -20.86 58.55
N GLN BA 797 38.24 -21.65 59.41
CA GLN BA 797 38.13 -23.10 59.19
C GLN BA 797 37.32 -23.38 57.91
N MET BA 798 36.20 -22.69 57.68
CA MET BA 798 35.42 -22.78 56.45
C MET BA 798 36.19 -22.41 55.18
N THR BA 799 37.26 -21.63 55.29
CA THR BA 799 38.11 -21.22 54.15
C THR BA 799 39.46 -21.96 54.11
N GLU BA 800 39.65 -22.91 55.01
CA GLU BA 800 40.67 -23.97 54.90
C GLU BA 800 40.02 -25.28 54.46
N ALA BA 801 38.73 -25.47 54.73
CA ALA BA 801 37.96 -26.65 54.36
C ALA BA 801 37.84 -26.78 52.84
N ILE BA 802 37.50 -25.70 52.14
CA ILE BA 802 37.57 -25.60 50.69
C ILE BA 802 38.78 -24.74 50.35
N GLY BA 803 39.69 -25.22 49.53
CA GLY BA 803 40.86 -24.43 49.10
C GLY BA 803 40.42 -23.14 48.40
N PRO BA 804 40.96 -21.96 48.77
CA PRO BA 804 40.38 -20.67 48.38
C PRO BA 804 40.42 -20.39 46.87
N SER BA 805 41.30 -21.03 46.10
CA SER BA 805 41.23 -20.98 44.62
C SER BA 805 39.92 -21.58 44.09
N THR BA 806 39.35 -22.57 44.77
CA THR BA 806 38.01 -23.08 44.45
C THR BA 806 36.91 -22.09 44.87
N ILE BA 807 37.16 -21.17 45.81
CA ILE BA 807 36.22 -20.08 46.11
C ILE BA 807 36.25 -19.00 45.02
N ARG BA 808 37.40 -18.76 44.39
CA ARG BA 808 37.46 -17.97 43.15
C ARG BA 808 36.65 -18.63 42.04
N ASP BA 809 36.81 -19.94 41.86
CA ASP BA 809 36.07 -20.72 40.88
C ASP BA 809 34.55 -20.66 41.11
N LEU BA 810 34.10 -20.83 42.35
CA LEU BA 810 32.69 -20.89 42.70
C LEU BA 810 31.92 -19.62 42.34
N ALA BA 811 32.55 -18.46 42.50
CA ALA BA 811 31.92 -17.19 42.15
C ALA BA 811 31.98 -16.89 40.64
N VAL BA 812 33.08 -17.23 39.97
CA VAL BA 812 33.26 -16.87 38.56
C VAL BA 812 32.56 -17.85 37.62
N ALA BA 813 32.61 -19.14 37.89
CA ALA BA 813 32.25 -20.15 36.91
C ALA BA 813 30.76 -20.13 36.53
N GLY BA 814 29.86 -19.78 37.44
CA GLY BA 814 28.43 -19.63 37.13
C GLY BA 814 28.17 -18.62 36.01
N PRO BA 815 28.52 -17.35 36.22
CA PRO BA 815 28.60 -16.34 35.17
C PRO BA 815 29.47 -16.73 33.98
N GLU BA 816 30.59 -17.44 34.17
CA GLU BA 816 31.39 -17.86 33.02
C GLU BA 816 30.65 -18.83 32.12
N MET BA 817 29.77 -19.68 32.64
CA MET BA 817 29.05 -20.57 31.76
C MET BA 817 28.09 -19.79 30.86
N GLN BA 818 27.45 -18.75 31.39
CA GLN BA 818 26.63 -17.84 30.59
C GLN BA 818 27.43 -17.04 29.55
N VAL BA 819 28.74 -16.92 29.70
CA VAL BA 819 29.63 -16.48 28.62
C VAL BA 819 29.88 -17.61 27.64
N LYS BA 820 30.35 -18.76 28.11
CA LYS BA 820 30.77 -19.88 27.28
C LYS BA 820 29.63 -20.40 26.39
N LEU BA 821 28.39 -20.29 26.85
CA LEU BA 821 27.21 -20.52 26.02
C LEU BA 821 27.17 -19.55 24.83
N LEU BA 822 27.04 -18.23 25.02
CA LEU BA 822 26.98 -17.33 23.87
C LEU BA 822 28.22 -17.44 22.99
N GLN BA 823 29.41 -17.57 23.56
CA GLN BA 823 30.63 -17.72 22.77
C GLN BA 823 30.60 -18.89 21.80
N SER BA 824 29.84 -19.95 22.08
CA SER BA 824 29.74 -21.09 21.18
C SER BA 824 29.01 -20.77 19.87
N LEU BA 825 28.11 -19.79 19.89
CA LEU BA 825 27.32 -19.39 18.73
C LEU BA 825 28.08 -18.47 17.77
N GLY BA 826 29.09 -17.74 18.26
CA GLY BA 826 29.93 -16.87 17.43
C GLY BA 826 29.10 -15.93 16.57
N LEU BA 827 28.14 -15.24 17.19
CA LEU BA 827 27.14 -14.42 16.50
C LEU BA 827 27.77 -13.34 15.61
N LYS BA 828 26.96 -12.87 14.65
CA LYS BA 828 27.29 -11.85 13.66
C LYS BA 828 26.12 -10.90 13.53
N SER BA 829 25.70 -10.30 14.65
CA SER BA 829 24.45 -9.56 14.74
C SER BA 829 24.49 -8.14 14.15
N THR BA 830 23.33 -7.65 13.74
CA THR BA 830 23.05 -6.27 13.37
C THR BA 830 22.10 -5.67 14.39
N LEU BA 831 22.36 -4.48 14.91
CA LEU BA 831 21.49 -3.85 15.90
C LEU BA 831 20.72 -2.67 15.33
N ILE BA 832 19.40 -2.64 15.42
CA ILE BA 832 18.56 -1.49 15.10
C ILE BA 832 17.92 -1.00 16.39
N THR BA 833 17.96 0.29 16.72
CA THR BA 833 17.36 0.80 17.97
C THR BA 833 16.80 2.21 17.88
N ASP BA 834 15.91 2.55 18.81
CA ASP BA 834 15.72 3.92 19.28
C ASP BA 834 17.05 4.49 19.77
N GLY BA 835 17.15 5.79 20.04
CA GLY BA 835 18.27 6.39 20.74
C GLY BA 835 17.90 7.15 22.01
N SER BA 836 16.64 7.51 22.17
CA SER BA 836 16.19 8.21 23.37
C SER BA 836 16.12 7.26 24.58
N THR BA 837 15.69 6.02 24.34
CA THR BA 837 15.44 4.94 25.29
C THR BA 837 15.80 3.58 24.66
N PRO BA 838 17.09 3.35 24.32
CA PRO BA 838 17.54 2.22 23.50
C PRO BA 838 17.46 0.88 24.21
N ILE BA 839 17.85 -0.18 23.49
CA ILE BA 839 17.84 -1.58 23.94
C ILE BA 839 19.02 -1.87 24.85
N ASN BA 840 18.78 -2.38 26.05
CA ASN BA 840 19.84 -2.80 26.96
C ASN BA 840 20.54 -4.07 26.43
N LEU BA 841 21.83 -4.00 26.15
CA LEU BA 841 22.56 -5.12 25.58
C LEU BA 841 22.80 -6.26 26.58
N PHE BA 842 22.82 -6.03 27.89
CA PHE BA 842 22.87 -7.14 28.84
C PHE BA 842 21.56 -7.92 28.87
N ASN BA 843 20.41 -7.24 28.91
CA ASN BA 843 19.12 -7.93 28.86
C ASN BA 843 18.98 -8.65 27.53
N THR BA 844 19.55 -8.10 26.46
CA THR BA 844 19.62 -8.81 25.18
C THR BA 844 20.41 -10.09 25.32
N ALA BA 845 21.63 -10.03 25.85
CA ALA BA 845 22.52 -11.16 25.90
C ALA BA 845 21.99 -12.26 26.81
N PHE BA 846 21.54 -11.97 28.03
CA PHE BA 846 20.90 -12.98 28.87
C PHE BA 846 19.58 -13.46 28.26
N GLY BA 847 18.86 -12.59 27.56
CA GLY BA 847 17.48 -12.85 27.15
C GLY BA 847 17.34 -13.97 26.14
N LEU BA 848 18.37 -14.15 25.31
CA LEU BA 848 18.51 -15.28 24.40
C LEU BA 848 18.63 -16.62 25.13
N LEU BA 849 18.90 -16.57 26.43
CA LEU BA 849 19.53 -17.64 27.18
C LEU BA 849 18.86 -17.84 28.55
N GLY BA 850 17.71 -17.22 28.76
CA GLY BA 850 17.00 -17.22 30.04
C GLY BA 850 17.60 -16.24 31.06
N GLY BA 852 16.99 -15.06 31.20
CA GLY BA 852 17.21 -14.18 32.34
C GLY BA 852 16.64 -14.66 33.69
N PRO BA 853 15.44 -15.28 33.79
CA PRO BA 853 14.79 -15.57 35.07
C PRO BA 853 15.40 -16.81 35.72
N GLU CA 769 23.18 -8.48 90.95
CA GLU CA 769 22.55 -8.48 89.61
C GLU CA 769 23.53 -8.83 88.50
N LEU CA 770 24.42 -7.91 88.12
CA LEU CA 770 25.23 -7.98 86.89
C LEU CA 770 26.07 -9.25 86.73
N VAL CA 771 26.39 -9.93 87.83
CA VAL CA 771 27.05 -11.24 87.84
C VAL CA 771 26.24 -12.30 87.10
N TYR CA 772 24.91 -12.26 87.20
CA TYR CA 772 24.05 -13.16 86.45
C TYR CA 772 24.20 -12.93 84.94
N ALA CA 773 24.18 -11.69 84.47
CA ALA CA 773 24.43 -11.39 83.06
C ALA CA 773 25.86 -11.73 82.62
N ARG CA 774 26.86 -11.53 83.48
CA ARG CA 774 28.25 -11.94 83.23
C ARG CA 774 28.37 -13.46 83.11
N ALA CA 775 27.54 -14.22 83.82
CA ALA CA 775 27.38 -15.66 83.67
C ALA CA 775 26.57 -16.07 82.43
N GLN CA 776 25.47 -15.37 82.12
CA GLN CA 776 24.72 -15.59 80.89
C GLN CA 776 25.57 -15.32 79.65
N LEU CA 777 26.51 -14.39 79.71
CA LEU CA 777 27.43 -14.17 78.61
C LEU CA 777 28.31 -15.40 78.37
N GLU CA 778 28.85 -16.01 79.43
CA GLU CA 778 29.59 -17.27 79.30
C GLU CA 778 28.72 -18.36 78.67
N LEU CA 779 27.46 -18.47 79.07
CA LEU CA 779 26.52 -19.44 78.53
C LEU CA 779 26.21 -19.19 77.05
N GLU CA 780 25.92 -17.96 76.65
CA GLU CA 780 25.67 -17.62 75.24
C GLU CA 780 26.91 -17.85 74.38
N VAL CA 781 28.08 -17.43 74.84
CA VAL CA 781 29.33 -17.71 74.14
C VAL CA 781 29.63 -19.20 74.08
N SER CA 782 29.34 -19.96 75.13
CA SER CA 782 29.52 -21.42 75.12
C SER CA 782 28.66 -22.09 74.06
N LYS CA 783 27.40 -21.67 73.92
CA LYS CA 783 26.52 -22.14 72.87
C LYS CA 783 27.02 -21.77 71.48
N ALA CA 784 27.39 -20.52 71.26
CA ALA CA 784 27.97 -20.11 69.98
C ALA CA 784 29.24 -20.90 69.65
N GLN CA 785 30.16 -21.07 70.62
CA GLN CA 785 31.39 -21.83 70.46
C GLN CA 785 31.16 -23.28 70.09
N GLN CA 786 30.31 -23.99 70.82
CA GLN CA 786 30.16 -25.43 70.62
C GLN CA 786 29.36 -25.79 69.36
N LEU CA 787 28.35 -24.99 68.99
CA LEU CA 787 27.62 -25.24 67.74
C LEU CA 787 28.47 -24.93 66.51
N ALA CA 788 29.29 -23.88 66.55
CA ALA CA 788 30.16 -23.53 65.43
C ALA CA 788 31.13 -24.65 65.05
N GLU CA 789 31.69 -25.36 66.03
CA GLU CA 789 32.56 -26.51 65.76
C GLU CA 789 31.81 -27.64 65.07
N VAL CA 790 30.58 -27.95 65.47
CA VAL CA 790 29.79 -29.03 64.86
C VAL CA 790 29.53 -28.75 63.38
N GLU CA 791 29.18 -27.52 63.05
CA GLU CA 791 28.95 -27.12 61.66
C GLU CA 791 30.24 -27.12 60.82
N VAL CA 792 31.36 -26.64 61.38
CA VAL CA 792 32.67 -26.71 60.71
C VAL CA 792 33.08 -28.16 60.45
N LYS CA 793 32.96 -29.02 61.44
CA LYS CA 793 33.26 -30.46 61.35
C LYS CA 793 32.46 -31.09 60.22
N LYS CA 794 31.15 -30.85 60.20
CA LYS CA 794 30.23 -31.37 59.17
C LYS CA 794 30.63 -30.90 57.77
N PHE CA 795 30.96 -29.61 57.64
CA PHE CA 795 31.36 -29.01 56.37
C PHE CA 795 32.70 -29.55 55.87
N LYS CA 796 33.70 -29.67 56.74
CA LYS CA 796 35.00 -30.25 56.40
C LYS CA 796 34.85 -31.70 55.99
N GLN CA 797 34.08 -32.49 56.74
CA GLN CA 797 33.91 -33.91 56.44
C GLN CA 797 33.16 -34.14 55.13
N MET CA 798 32.05 -33.46 54.90
CA MET CA 798 31.35 -33.55 53.60
C MET CA 798 32.24 -33.10 52.45
N THR CA 799 32.98 -32.01 52.61
CA THR CA 799 33.93 -31.55 51.59
C THR CA 799 35.01 -32.58 51.29
N GLU CA 800 35.61 -33.22 52.29
CA GLU CA 800 36.58 -34.28 52.07
C GLU CA 800 35.95 -35.53 51.43
N ALA CA 801 34.67 -35.81 51.72
CA ALA CA 801 33.98 -36.97 51.18
C ALA CA 801 33.79 -36.87 49.66
N ILE CA 802 33.37 -35.72 49.14
CA ILE CA 802 33.26 -35.52 47.67
C ILE CA 802 34.50 -34.91 47.02
N GLY CA 803 35.41 -34.32 47.79
CA GLY CA 803 36.62 -33.66 47.31
C GLY CA 803 36.35 -32.32 46.62
N PRO CA 804 37.04 -31.22 46.99
CA PRO CA 804 36.86 -29.90 46.37
C PRO CA 804 36.87 -29.87 44.83
N SER CA 805 37.67 -30.74 44.21
CA SER CA 805 37.76 -30.94 42.75
C SER CA 805 36.46 -31.39 42.06
N THR CA 806 35.38 -31.61 42.82
CA THR CA 806 34.04 -31.89 42.32
C THR CA 806 33.00 -30.87 42.78
N ILE CA 807 33.38 -29.84 43.54
CA ILE CA 807 32.51 -28.68 43.82
C ILE CA 807 32.66 -27.66 42.68
N ARG CA 808 33.91 -27.37 42.32
CA ARG CA 808 34.26 -26.80 41.02
C ARG CA 808 33.69 -27.71 39.94
N ASP CA 809 33.15 -27.12 38.88
CA ASP CA 809 32.35 -27.80 37.84
C ASP CA 809 31.10 -28.58 38.32
N LEU CA 810 30.66 -28.42 39.58
CA LEU CA 810 29.29 -28.72 40.05
C LEU CA 810 28.44 -27.48 40.29
N ALA CA 811 29.06 -26.32 40.53
CA ALA CA 811 28.37 -25.04 40.62
C ALA CA 811 27.72 -24.59 39.29
N VAL CA 812 28.34 -24.95 38.17
CA VAL CA 812 27.85 -24.77 36.79
C VAL CA 812 26.71 -25.73 36.37
N ALA CA 813 26.47 -26.81 37.11
CA ALA CA 813 25.53 -27.85 36.71
C ALA CA 813 24.06 -27.37 36.64
N GLY CA 814 23.79 -26.22 37.24
CA GLY CA 814 22.50 -25.56 37.25
C GLY CA 814 21.52 -26.19 38.23
N PRO CA 815 20.38 -25.50 38.47
CA PRO CA 815 19.49 -25.83 39.56
C PRO CA 815 18.87 -27.23 39.44
N GLU CA 816 18.43 -27.61 38.24
CA GLU CA 816 17.76 -28.91 38.01
C GLU CA 816 18.65 -30.09 38.41
N MET CA 817 19.97 -29.98 38.22
CA MET CA 817 20.95 -30.92 38.74
C MET CA 817 21.14 -30.76 40.24
N GLN CA 818 21.40 -29.56 40.74
CA GLN CA 818 21.77 -29.36 42.15
C GLN CA 818 20.67 -29.86 43.09
N VAL CA 819 19.40 -29.67 42.74
CA VAL CA 819 18.25 -30.22 43.48
C VAL CA 819 18.24 -31.76 43.43
N LYS CA 820 18.31 -32.32 42.21
CA LYS CA 820 18.33 -33.76 41.93
C LYS CA 820 19.49 -34.48 42.63
N LEU CA 821 20.68 -33.88 42.68
CA LEU CA 821 21.83 -34.45 43.35
C LEU CA 821 21.64 -34.47 44.87
N LEU CA 822 21.23 -33.37 45.50
CA LEU CA 822 21.04 -33.37 46.96
C LEU CA 822 19.79 -34.15 47.42
N GLN CA 823 18.82 -34.38 46.54
CA GLN CA 823 17.82 -35.44 46.72
C GLN CA 823 18.47 -36.83 46.63
N SER CA 824 19.34 -37.06 45.64
CA SER CA 824 19.96 -38.37 45.39
C SER CA 824 20.94 -38.81 46.47
N LEU CA 825 21.61 -37.85 47.12
CA LEU CA 825 22.71 -38.09 48.06
C LEU CA 825 22.30 -37.86 49.53
N GLY CA 826 21.03 -38.07 49.86
CA GLY CA 826 20.51 -37.97 51.23
C GLY CA 826 20.52 -36.54 51.78
N GLU DA 769 26.47 46.33 76.72
CA GLU DA 769 26.04 45.39 75.66
C GLU DA 769 27.19 44.95 74.77
N LEU DA 770 27.76 45.83 73.96
CA LEU DA 770 28.65 45.48 72.83
C LEU DA 770 29.81 44.55 73.21
N VAL DA 771 30.39 44.72 74.39
CA VAL DA 771 31.51 43.90 74.84
C VAL DA 771 31.12 42.43 75.00
N TYR DA 772 29.90 42.11 75.43
CA TYR DA 772 29.40 40.74 75.46
C TYR DA 772 29.31 40.16 74.06
N ALA DA 773 28.86 40.94 73.08
CA ALA DA 773 28.82 40.49 71.70
C ALA DA 773 30.23 40.26 71.15
N ARG DA 774 31.22 41.08 71.51
CA ARG DA 774 32.64 40.84 71.20
C ARG DA 774 33.16 39.57 71.86
N ALA DA 775 32.83 39.32 73.11
CA ALA DA 775 33.19 38.09 73.79
C ALA DA 775 32.54 36.85 73.14
N GLN DA 776 31.30 36.95 72.66
CA GLN DA 776 30.70 35.92 71.82
C GLN DA 776 31.37 35.79 70.44
N LEU DA 777 31.85 36.87 69.84
CA LEU DA 777 32.58 36.79 68.58
C LEU DA 777 33.93 36.10 68.74
N GLU DA 778 34.65 36.34 69.84
CA GLU DA 778 35.87 35.60 70.15
C GLU DA 778 35.58 34.09 70.32
N LEU DA 779 34.48 33.74 70.99
CA LEU DA 779 34.03 32.36 71.12
C LEU DA 779 33.64 31.74 69.76
N GLU DA 780 32.91 32.46 68.92
CA GLU DA 780 32.50 31.98 67.59
C GLU DA 780 33.70 31.67 66.72
N VAL DA 781 34.66 32.59 66.66
CA VAL DA 781 35.91 32.37 65.92
C VAL DA 781 36.73 31.26 66.54
N SER DA 782 36.76 31.11 67.87
CA SER DA 782 37.45 29.98 68.51
C SER DA 782 36.86 28.64 68.11
N LYS DA 783 35.52 28.51 68.12
CA LYS DA 783 34.84 27.31 67.64
C LYS DA 783 35.13 27.05 66.17
N ALA DA 784 35.04 28.07 65.33
CA ALA DA 784 35.34 27.92 63.91
C ALA DA 784 36.78 27.47 63.68
N GLN DA 785 37.76 28.06 64.36
CA GLN DA 785 39.17 27.69 64.24
C GLN DA 785 39.42 26.25 64.68
N GLN DA 786 38.95 25.87 65.87
CA GLN DA 786 39.23 24.53 66.40
C GLN DA 786 38.54 23.45 65.58
N LEU DA 787 37.27 23.61 65.22
CA LEU DA 787 36.61 22.61 64.39
C LEU DA 787 37.26 22.49 63.00
N ALA DA 788 37.65 23.60 62.38
CA ALA DA 788 38.27 23.53 61.06
C ALA DA 788 39.60 22.79 61.10
N GLU DA 789 40.42 23.02 62.13
CA GLU DA 789 41.65 22.26 62.32
C GLU DA 789 41.37 20.76 62.50
N VAL DA 790 40.36 20.40 63.30
CA VAL DA 790 39.98 19.00 63.51
C VAL DA 790 39.54 18.33 62.22
N GLU DA 791 38.76 19.01 61.38
CA GLU DA 791 38.40 18.48 60.07
C GLU DA 791 39.62 18.29 59.17
N VAL DA 792 40.52 19.27 59.12
CA VAL DA 792 41.73 19.18 58.29
C VAL DA 792 42.63 18.05 58.76
N LYS DA 793 42.82 17.87 60.08
CA LYS DA 793 43.55 16.74 60.63
C LYS DA 793 42.96 15.42 60.11
N LYS DA 794 41.66 15.22 60.24
CA LYS DA 794 41.00 14.03 59.69
C LYS DA 794 41.23 13.91 58.19
N PHE DA 795 40.96 14.96 57.43
CA PHE DA 795 41.07 14.92 55.97
C PHE DA 795 42.49 14.63 55.47
N LYS DA 796 43.53 15.19 56.10
CA LYS DA 796 44.91 14.91 55.70
C LYS DA 796 45.25 13.46 55.97
N GLN DA 797 44.91 12.94 57.15
CA GLN DA 797 45.20 11.55 57.49
C GLN DA 797 44.45 10.60 56.55
N MET DA 798 43.19 10.88 56.23
CA MET DA 798 42.41 10.14 55.23
C MET DA 798 43.02 10.17 53.83
N THR DA 799 43.77 11.21 53.48
CA THR DA 799 44.46 11.34 52.19
C THR DA 799 45.95 10.98 52.27
N GLU DA 800 46.39 10.40 53.38
CA GLU DA 800 47.66 9.68 53.52
C GLU DA 800 47.44 8.18 53.74
N ALA DA 801 46.28 7.79 54.29
CA ALA DA 801 45.90 6.40 54.48
C ALA DA 801 45.70 5.69 53.14
N ILE DA 802 44.91 6.30 52.26
CA ILE DA 802 44.74 5.88 50.87
C ILE DA 802 45.61 6.83 50.06
N GLY DA 803 46.47 6.31 49.19
CA GLY DA 803 47.38 7.13 48.39
C GLY DA 803 46.61 8.09 47.45
N PRO DA 804 47.06 9.34 47.26
CA PRO DA 804 46.33 10.29 46.42
C PRO DA 804 46.23 9.82 44.95
N SER DA 805 47.22 9.08 44.45
CA SER DA 805 47.13 8.42 43.14
C SER DA 805 45.96 7.43 43.07
N THR DA 806 45.73 6.63 44.10
CA THR DA 806 44.52 5.80 44.20
C THR DA 806 43.21 6.60 44.37
N ILE DA 807 43.26 7.86 44.84
CA ILE DA 807 42.09 8.75 44.80
C ILE DA 807 41.83 9.29 43.38
N ARG DA 808 42.87 9.56 42.59
CA ARG DA 808 42.70 9.84 41.15
C ARG DA 808 42.07 8.65 40.42
N ASP DA 809 42.55 7.46 40.73
CA ASP DA 809 42.05 6.20 40.17
C ASP DA 809 40.57 5.96 40.51
N LEU DA 810 40.19 6.07 41.78
CA LEU DA 810 38.84 5.75 42.26
C LEU DA 810 37.76 6.54 41.53
N ALA DA 811 37.98 7.82 41.31
CA ALA DA 811 37.00 8.66 40.62
C ALA DA 811 36.92 8.39 39.10
N VAL DA 812 38.03 8.04 38.46
CA VAL DA 812 38.04 7.82 37.01
C VAL DA 812 37.57 6.42 36.65
N ALA DA 813 38.01 5.39 37.37
CA ALA DA 813 37.91 4.01 36.91
C ALA DA 813 36.47 3.52 36.76
N GLY DA 814 35.51 4.02 37.55
CA GLY DA 814 34.11 3.65 37.41
C GLY DA 814 33.54 4.03 36.05
N PRO DA 815 33.48 5.33 35.72
CA PRO DA 815 33.19 5.80 34.38
C PRO DA 815 34.16 5.31 33.30
N GLU DA 816 35.41 4.99 33.60
CA GLU DA 816 36.33 4.42 32.60
C GLU DA 816 35.85 3.05 32.15
N MET DA 817 35.28 2.25 33.03
CA MET DA 817 34.80 0.94 32.62
C MET DA 817 33.66 1.07 31.63
N GLN DA 818 32.75 2.03 31.83
CA GLN DA 818 31.70 2.35 30.88
C GLN DA 818 32.22 2.92 29.55
N VAL DA 819 33.49 3.32 29.46
CA VAL DA 819 34.17 3.52 28.17
C VAL DA 819 34.67 2.19 27.64
N LYS DA 820 35.44 1.46 28.44
CA LYS DA 820 36.07 0.19 28.03
C LYS DA 820 35.07 -0.84 27.54
N LEU DA 821 33.86 -0.84 28.10
CA LEU DA 821 32.76 -1.66 27.62
C LEU DA 821 32.36 -1.32 26.19
N LEU DA 822 31.95 -0.09 25.88
CA LEU DA 822 31.60 0.24 24.49
C LEU DA 822 32.78 0.06 23.56
N GLN DA 823 33.99 0.45 23.97
CA GLN DA 823 35.19 0.26 23.16
C GLN DA 823 35.45 -1.20 22.79
N SER DA 824 34.94 -2.17 23.55
CA SER DA 824 35.10 -3.58 23.21
C SER DA 824 34.27 -4.01 21.99
N LEU DA 825 33.14 -3.35 21.76
CA LEU DA 825 32.26 -3.64 20.64
C LEU DA 825 32.75 -3.03 19.33
N GLY DA 826 33.46 -1.89 19.37
CA GLY DA 826 34.00 -1.23 18.18
C GLY DA 826 32.92 -0.96 17.14
N LEU DA 827 31.77 -0.43 17.58
CA LEU DA 827 30.58 -0.23 16.76
C LEU DA 827 30.86 0.61 15.52
N LYS DA 828 30.01 0.43 14.51
CA LYS DA 828 30.04 1.12 13.22
C LYS DA 828 28.66 1.68 12.92
N SER DA 829 28.12 2.47 13.85
CA SER DA 829 26.73 2.92 13.80
C SER DA 829 26.41 3.91 12.68
N THR DA 830 25.11 4.05 12.40
CA THR DA 830 24.50 5.05 11.53
C THR DA 830 23.40 5.74 12.30
N LEU DA 831 23.29 7.05 12.21
CA LEU DA 831 22.30 7.82 12.97
C LEU DA 831 21.20 8.41 12.07
N ILE DA 832 19.93 8.22 12.43
CA ILE DA 832 18.81 8.95 11.83
C ILE DA 832 18.13 9.75 12.93
N THR DA 833 17.89 11.05 12.76
CA THR DA 833 17.21 11.86 13.80
C THR DA 833 16.24 12.89 13.23
N ASP DA 834 15.26 13.28 14.04
CA ASP DA 834 14.64 14.59 13.90
C ASP DA 834 15.69 15.68 14.14
N GLY DA 835 15.49 16.87 13.60
CA GLY DA 835 16.49 17.94 13.70
C GLY DA 835 16.33 18.89 14.86
N SER DA 836 15.13 19.11 15.34
CA SER DA 836 14.87 20.11 16.38
C SER DA 836 14.77 19.49 17.78
N THR DA 837 14.60 18.18 17.86
CA THR DA 837 14.53 17.42 19.11
C THR DA 837 15.44 16.18 19.09
N PRO DA 838 16.70 16.31 18.62
CA PRO DA 838 17.49 15.18 18.20
C PRO DA 838 17.84 14.24 19.35
N ILE DA 839 18.36 13.06 19.01
CA ILE DA 839 18.73 12.02 19.97
C ILE DA 839 19.96 12.42 20.77
N ASN DA 840 19.86 12.42 22.10
CA ASN DA 840 21.01 12.64 22.96
C ASN DA 840 21.97 11.45 22.88
N LEU DA 841 23.17 11.67 22.34
CA LEU DA 841 24.15 10.62 22.13
C LEU DA 841 24.71 10.07 23.44
N PHE DA 842 24.71 10.82 24.55
CA PHE DA 842 25.09 10.24 25.84
C PHE DA 842 24.05 9.25 26.36
N ASN DA 843 22.77 9.62 26.30
CA ASN DA 843 21.70 8.70 26.72
C ASN DA 843 21.68 7.49 25.81
N THR DA 844 22.06 7.64 24.54
CA THR DA 844 22.26 6.48 23.67
C THR DA 844 23.39 5.61 24.19
N ALA DA 845 24.57 6.19 24.39
CA ALA DA 845 25.75 5.44 24.74
C ALA DA 845 25.57 4.69 26.07
N PHE DA 846 25.10 5.34 27.13
CA PHE DA 846 24.77 4.63 28.37
C PHE DA 846 23.59 3.67 28.19
N GLY DA 847 22.58 4.04 27.41
CA GLY DA 847 21.30 3.31 27.40
C GLY DA 847 21.45 1.90 26.90
N LEU DA 848 22.38 1.70 25.96
CA LEU DA 848 22.82 0.37 25.49
C LEU DA 848 23.39 -0.50 26.61
N LEU DA 849 23.83 0.11 27.69
CA LEU DA 849 24.70 -0.44 28.71
C LEU DA 849 24.12 -0.28 30.12
N GLY DA 850 22.85 0.12 30.21
CA GLY DA 850 22.17 0.43 31.46
C GLY DA 850 22.53 1.80 32.02
N GLY DA 852 21.64 2.78 31.84
CA GLY DA 852 21.68 4.06 32.53
C GLY DA 852 21.31 4.01 34.03
N PRO DA 853 20.31 3.23 34.51
CA PRO DA 853 19.82 3.33 35.88
C PRO DA 853 20.77 2.62 36.85
N GLU EA 769 28.18 33.56 83.42
CA GLU EA 769 27.52 32.88 82.29
C GLU EA 769 28.51 32.36 81.25
N LEU EA 770 29.11 33.24 80.44
CA LEU EA 770 29.86 32.88 79.22
C LEU EA 770 31.01 31.89 79.42
N VAL EA 771 31.54 31.78 80.64
CA VAL EA 771 32.54 30.78 81.03
C VAL EA 771 32.00 29.36 80.87
N TYR EA 772 30.72 29.13 81.12
CA TYR EA 772 30.10 27.83 80.89
C TYR EA 772 30.12 27.47 79.40
N ALA EA 773 29.76 28.40 78.51
CA ALA EA 773 29.86 28.16 77.08
C ALA EA 773 31.31 28.01 76.59
N ARG EA 774 32.25 28.77 77.17
CA ARG EA 774 33.68 28.62 76.90
C ARG EA 774 34.21 27.25 77.33
N ALA EA 775 33.65 26.68 78.40
CA ALA EA 775 33.90 25.30 78.81
C ALA EA 775 33.18 24.27 77.91
N GLN EA 776 31.93 24.52 77.52
CA GLN EA 776 31.21 23.65 76.61
C GLN EA 776 31.89 23.56 75.25
N LEU EA 777 32.52 24.64 74.79
CA LEU EA 777 33.29 24.59 73.56
C LEU EA 777 34.47 23.63 73.67
N GLU EA 778 35.22 23.64 74.78
CA GLU EA 778 36.26 22.64 75.01
C GLU EA 778 35.69 21.22 74.96
N LEU EA 779 34.52 20.99 75.54
CA LEU EA 779 33.87 19.69 75.52
C LEU EA 779 33.44 19.27 74.11
N GLU EA 780 32.80 20.15 73.35
CA GLU EA 780 32.38 19.87 71.97
C GLU EA 780 33.59 19.61 71.05
N VAL EA 781 34.64 20.42 71.17
CA VAL EA 781 35.88 20.19 70.43
C VAL EA 781 36.60 18.92 70.91
N SER EA 782 36.57 18.60 72.19
CA SER EA 782 37.14 17.34 72.68
C SER EA 782 36.43 16.13 72.08
N LYS EA 783 35.10 16.16 72.01
CA LYS EA 783 34.32 15.12 71.33
C LYS EA 783 34.64 15.04 69.85
N ALA EA 784 34.73 16.17 69.14
CA ALA EA 784 35.17 16.15 67.75
C ALA EA 784 36.58 15.56 67.60
N GLN EA 785 37.54 15.98 68.42
CA GLN EA 785 38.92 15.53 68.39
C GLN EA 785 39.06 14.03 68.59
N GLN EA 786 38.47 13.47 69.66
CA GLN EA 786 38.72 12.08 70.01
C GLN EA 786 38.01 11.10 69.09
N LEU EA 787 36.82 11.40 68.60
CA LEU EA 787 36.12 10.53 67.66
C LEU EA 787 36.77 10.55 66.27
N ALA EA 788 37.28 11.69 65.82
CA ALA EA 788 38.00 11.79 64.55
C ALA EA 788 39.19 10.84 64.49
N GLU EA 789 39.97 10.74 65.56
CA GLU EA 789 41.10 9.81 65.63
C GLU EA 789 40.67 8.35 65.54
N VAL EA 790 39.58 7.95 66.19
CA VAL EA 790 39.09 6.56 66.12
C VAL EA 790 38.72 6.17 64.71
N GLU EA 791 38.04 7.06 63.99
CA GLU EA 791 37.66 6.81 62.61
C GLU EA 791 38.87 6.76 61.66
N VAL EA 792 39.82 7.70 61.80
CA VAL EA 792 41.08 7.69 61.05
C VAL EA 792 41.84 6.38 61.27
N LYS EA 793 41.98 5.96 62.52
CA LYS EA 793 42.64 4.71 62.92
C LYS EA 793 41.98 3.52 62.24
N LYS EA 794 40.66 3.42 62.31
CA LYS EA 794 39.88 2.35 61.68
C LYS EA 794 40.08 2.31 60.17
N PHE EA 795 40.06 3.47 59.52
CA PHE EA 795 40.26 3.61 58.09
C PHE EA 795 41.67 3.20 57.66
N LYS EA 796 42.69 3.71 58.35
CA LYS EA 796 44.09 3.36 58.08
C LYS EA 796 44.34 1.87 58.26
N GLN EA 797 43.78 1.28 59.32
CA GLN EA 797 43.99 -0.14 59.60
C GLN EA 797 43.28 -1.03 58.58
N MET EA 798 42.01 -0.78 58.28
CA MET EA 798 41.31 -1.53 57.22
C MET EA 798 42.01 -1.38 55.87
N THR EA 799 42.44 -0.18 55.52
CA THR EA 799 43.19 0.07 54.29
C THR EA 799 44.49 -0.73 54.23
N GLU EA 800 45.28 -0.75 55.29
CA GLU EA 800 46.50 -1.57 55.35
C GLU EA 800 46.19 -3.07 55.31
N ALA EA 801 45.05 -3.49 55.86
CA ALA EA 801 44.65 -4.90 55.91
C ALA EA 801 44.39 -5.49 54.51
N ILE EA 802 43.71 -4.75 53.63
CA ILE EA 802 43.50 -5.19 52.23
C ILE EA 802 44.50 -4.60 51.23
N GLY EA 803 45.22 -3.55 51.59
CA GLY EA 803 46.20 -2.88 50.73
C GLY EA 803 45.54 -2.01 49.65
N PRO EA 804 45.91 -0.73 49.48
CA PRO EA 804 45.31 0.16 48.47
C PRO EA 804 45.26 -0.40 47.03
N SER EA 805 46.24 -1.24 46.67
CA SER EA 805 46.35 -1.94 45.39
C SER EA 805 45.19 -2.92 45.10
N THR EA 806 44.26 -3.10 46.03
CA THR EA 806 43.01 -3.86 45.85
C THR EA 806 41.75 -3.01 46.05
N ILE EA 807 41.87 -1.71 46.32
CA ILE EA 807 40.74 -0.77 46.29
C ILE EA 807 40.56 -0.27 44.85
N ARG EA 808 41.68 0.14 44.22
CA ARG EA 808 41.77 0.22 42.77
C ARG EA 808 41.44 -1.16 42.19
N ASP EA 809 40.74 -1.18 41.06
CA ASP EA 809 40.13 -2.37 40.48
C ASP EA 809 39.15 -3.18 41.39
N LEU EA 810 38.72 -2.64 42.54
CA LEU EA 810 37.50 -3.05 43.27
C LEU EA 810 36.36 -2.04 43.15
N ALA EA 811 36.66 -0.76 42.89
CA ALA EA 811 35.66 0.26 42.60
C ALA EA 811 34.86 -0.01 41.30
N VAL EA 812 35.53 -0.65 40.33
CA VAL EA 812 34.96 -1.09 39.04
C VAL EA 812 34.07 -2.33 39.14
N ALA EA 813 34.15 -3.11 40.22
CA ALA EA 813 33.51 -4.43 40.32
C ALA EA 813 31.97 -4.38 40.33
N GLY EA 814 31.43 -3.20 40.55
CA GLY EA 814 30.00 -2.91 40.49
C GLY EA 814 29.27 -3.31 41.77
N PRO EA 815 28.01 -2.88 41.88
CA PRO EA 815 27.28 -2.94 43.14
C PRO EA 815 27.05 -4.38 43.63
N GLU EA 816 26.68 -5.30 42.74
CA GLU EA 816 26.36 -6.68 43.11
C GLU EA 816 27.57 -7.40 43.75
N MET EA 817 28.79 -7.06 43.31
CA MET EA 817 30.02 -7.47 43.99
C MET EA 817 30.21 -6.73 45.30
N GLN EA 818 30.18 -5.40 45.31
CA GLN EA 818 30.56 -4.62 46.48
C GLN EA 818 29.66 -4.94 47.68
N VAL EA 819 28.35 -5.13 47.47
CA VAL EA 819 27.41 -5.53 48.52
C VAL EA 819 27.73 -6.93 49.06
N LYS EA 820 27.91 -7.90 48.16
CA LYS EA 820 28.31 -9.29 48.44
C LYS EA 820 29.63 -9.36 49.20
N LEU EA 821 30.64 -8.58 48.80
CA LEU EA 821 31.94 -8.54 49.46
C LEU EA 821 31.85 -7.99 50.87
N LEU EA 822 31.19 -6.84 51.08
CA LEU EA 822 31.05 -6.26 52.41
C LEU EA 822 30.20 -7.12 53.35
N GLN EA 823 29.24 -7.88 52.82
CA GLN EA 823 28.58 -8.98 53.56
C GLN EA 823 29.54 -10.14 53.86
N SER EA 824 30.40 -10.52 52.91
CA SER EA 824 31.32 -11.67 53.01
C SER EA 824 32.47 -11.44 54.00
N LEU EA 825 32.84 -10.17 54.22
CA LEU EA 825 34.01 -9.76 55.01
C LEU EA 825 33.63 -9.10 56.34
N GLY EA 826 32.43 -9.36 56.86
CA GLY EA 826 31.94 -8.79 58.11
C GLY EA 826 31.64 -7.30 58.02
N GLU FA 769 16.25 77.96 49.60
CA GLU FA 769 16.02 76.57 49.15
C GLU FA 769 17.17 76.00 48.34
N LEU FA 770 17.41 76.50 47.13
CA LEU FA 770 18.26 75.85 46.12
C LEU FA 770 19.68 75.52 46.60
N VAL FA 771 20.21 76.29 47.56
CA VAL FA 771 21.50 75.99 48.22
C VAL FA 771 21.53 74.61 48.87
N TYR FA 772 20.44 74.16 49.50
CA TYR FA 772 20.34 72.82 50.05
C TYR FA 772 20.32 71.76 48.96
N ALA FA 773 19.65 72.03 47.85
CA ALA FA 773 19.67 71.14 46.69
C ALA FA 773 21.09 71.02 46.10
N ARG FA 774 21.84 72.12 46.02
CA ARG FA 774 23.28 72.09 45.63
C ARG FA 774 24.11 71.31 46.62
N ALA FA 775 23.86 71.46 47.92
CA ALA FA 775 24.57 70.72 48.95
C ALA FA 775 24.29 69.20 48.87
N GLN FA 776 23.04 68.78 48.63
CA GLN FA 776 22.74 67.38 48.37
C GLN FA 776 23.37 66.88 47.07
N LEU FA 777 23.46 67.69 46.03
CA LEU FA 777 24.14 67.30 44.78
C LEU FA 777 25.64 67.05 44.99
N GLU FA 778 26.32 67.87 45.77
CA GLU FA 778 27.72 67.60 46.12
C GLU FA 778 27.86 66.27 46.85
N LEU FA 779 26.97 65.99 47.80
CA LEU FA 779 26.95 64.73 48.53
C LEU FA 779 26.64 63.53 47.62
N GLU FA 780 25.70 63.66 46.69
CA GLU FA 780 25.37 62.60 45.74
C GLU FA 780 26.55 62.23 44.86
N VAL FA 781 27.20 63.23 44.28
CA VAL FA 781 28.44 63.01 43.52
C VAL FA 781 29.54 62.45 44.40
N SER FA 782 29.65 62.86 45.67
CA SER FA 782 30.65 62.31 46.58
C SER FA 782 30.46 60.81 46.80
N LYS FA 783 29.22 60.37 47.04
CA LYS FA 783 28.87 58.95 47.13
C LYS FA 783 29.15 58.23 45.83
N ALA FA 784 28.74 58.77 44.69
CA ALA FA 784 28.98 58.15 43.40
C ALA FA 784 30.49 58.00 43.12
N GLN FA 785 31.30 59.02 43.38
CA GLN FA 785 32.75 58.97 43.19
C GLN FA 785 33.39 57.91 44.09
N GLN FA 786 33.06 57.91 45.38
CA GLN FA 786 33.72 56.99 46.32
C GLN FA 786 33.33 55.54 46.06
N LEU FA 787 32.06 55.22 45.85
CA LEU FA 787 31.68 53.84 45.58
C LEU FA 787 32.27 53.34 44.26
N ALA FA 788 32.35 54.17 43.22
CA ALA FA 788 32.96 53.77 41.97
C ALA FA 788 34.45 53.45 42.15
N GLU FA 789 35.18 54.19 42.97
CA GLU FA 789 36.57 53.87 43.27
C GLU FA 789 36.70 52.54 44.03
N VAL FA 790 35.84 52.29 45.02
CA VAL FA 790 35.82 51.02 45.75
C VAL FA 790 35.60 49.84 44.82
N GLU FA 791 34.64 49.94 43.91
CA GLU FA 791 34.39 48.88 42.96
C GLU FA 791 35.56 48.69 41.99
N VAL FA 792 36.13 49.76 41.44
CA VAL FA 792 37.28 49.64 40.54
C VAL FA 792 38.47 49.02 41.26
N LYS FA 793 38.77 49.43 42.50
CA LYS FA 793 39.83 48.82 43.31
C LYS FA 793 39.62 47.31 43.39
N LYS FA 794 38.44 46.87 43.81
CA LYS FA 794 38.08 45.45 43.84
C LYS FA 794 38.25 44.81 42.46
N PHE FA 795 37.72 45.41 41.40
CA PHE FA 795 37.80 44.83 40.06
C PHE FA 795 39.24 44.68 39.54
N LYS FA 796 40.12 45.66 39.79
CA LYS FA 796 41.52 45.56 39.36
C LYS FA 796 42.23 44.45 40.12
N GLN FA 797 42.07 44.41 41.44
CA GLN FA 797 42.72 43.37 42.25
C GLN FA 797 42.22 41.98 41.85
N MET FA 798 40.91 41.81 41.62
CA MET FA 798 40.33 40.58 41.08
C MET FA 798 40.87 40.18 39.70
N THR FA 799 41.31 41.12 38.88
CA THR FA 799 41.91 40.87 37.56
C THR FA 799 43.44 40.90 37.58
N GLU FA 800 44.04 40.99 38.76
CA GLU FA 800 45.45 40.68 39.00
C GLU FA 800 45.60 39.38 39.79
N ALA FA 801 44.57 38.95 40.51
CA ALA FA 801 44.54 37.70 41.27
C ALA FA 801 44.60 36.48 40.34
N ILE FA 802 43.77 36.49 39.31
CA ILE FA 802 43.82 35.58 38.15
C ILE FA 802 44.39 36.36 36.99
N GLY FA 803 45.45 35.86 36.36
CA GLY FA 803 46.08 36.53 35.21
C GLY FA 803 45.11 36.60 34.02
N PRO FA 804 44.96 37.75 33.33
CA PRO FA 804 43.79 37.99 32.47
C PRO FA 804 43.68 37.07 31.25
N SER FA 805 44.77 36.45 30.80
CA SER FA 805 44.71 35.37 29.80
C SER FA 805 43.84 34.18 30.26
N THR FA 806 43.81 33.88 31.56
CA THR FA 806 42.88 32.89 32.11
C THR FA 806 41.43 33.38 32.16
N ILE FA 807 41.17 34.68 32.19
CA ILE FA 807 39.81 35.23 31.97
C ILE FA 807 39.39 35.07 30.51
N ARG FA 808 40.31 35.14 29.55
CA ARG FA 808 40.03 34.75 28.15
C ARG FA 808 39.67 33.26 28.06
N ASP FA 809 40.48 32.42 28.71
CA ASP FA 809 40.30 30.97 28.73
C ASP FA 809 38.97 30.56 29.37
N LEU FA 810 38.63 31.10 30.53
CA LEU FA 810 37.44 30.72 31.29
C LEU FA 810 36.15 30.94 30.50
N ALA FA 811 36.04 32.02 29.74
CA ALA FA 811 34.85 32.29 28.94
C ALA FA 811 34.82 31.48 27.64
N VAL FA 812 35.97 31.17 27.05
CA VAL FA 812 36.06 30.44 25.78
C VAL FA 812 35.96 28.93 26.00
N ALA FA 813 36.63 28.36 26.99
CA ALA FA 813 36.88 26.93 27.05
C ALA FA 813 35.62 26.08 27.30
N GLY FA 814 34.64 26.57 28.06
CA GLY FA 814 33.38 25.86 28.29
C GLY FA 814 32.65 25.53 26.97
N PRO FA 815 32.30 26.54 26.18
CA PRO FA 815 31.84 26.38 24.81
C PRO FA 815 32.84 25.71 23.85
N GLU FA 816 34.15 25.87 24.02
CA GLU FA 816 35.10 25.18 23.14
C GLU FA 816 35.05 23.67 23.33
N MET FA 817 34.77 23.19 24.54
CA MET FA 817 34.67 21.75 24.71
C MET FA 817 33.45 21.18 23.98
N GLN FA 818 32.34 21.91 23.95
CA GLN FA 818 31.18 21.58 23.13
C GLN FA 818 31.43 21.70 21.62
N VAL FA 819 32.55 22.26 21.19
CA VAL FA 819 33.06 22.09 19.83
C VAL FA 819 33.90 20.84 19.72
N LYS FA 820 34.88 20.68 20.61
CA LYS FA 820 35.84 19.56 20.61
C LYS FA 820 35.12 18.22 20.69
N LEU FA 821 34.00 18.14 21.39
CA LEU FA 821 33.14 16.98 21.40
C LEU FA 821 32.64 16.64 20.01
N LEU FA 822 31.88 17.51 19.32
CA LEU FA 822 31.41 17.16 17.97
C LEU FA 822 32.56 16.92 17.01
N GLN FA 823 33.64 17.72 17.07
CA GLN FA 823 34.79 17.53 16.19
C GLN FA 823 35.39 16.13 16.28
N SER FA 824 35.30 15.48 17.44
CA SER FA 824 35.83 14.13 17.61
C SER FA 824 35.08 13.07 16.80
N LEU FA 825 33.79 13.29 16.52
CA LEU FA 825 32.96 12.35 15.77
C LEU FA 825 33.12 12.48 14.26
N GLY FA 826 33.50 13.65 13.74
CA GLY FA 826 33.80 13.83 12.32
C GLY FA 826 32.64 13.37 11.44
N LEU FA 827 31.43 13.82 11.78
CA LEU FA 827 30.20 13.42 11.12
C LEU FA 827 30.22 13.68 9.62
N LYS FA 828 29.31 13.02 8.91
CA LYS FA 828 29.13 13.12 7.47
C LYS FA 828 27.63 13.17 7.20
N SER FA 829 26.95 14.16 7.74
CA SER FA 829 25.50 14.22 7.77
C SER FA 829 24.83 14.59 6.43
N THR FA 830 23.59 14.14 6.26
CA THR FA 830 22.66 14.60 5.23
C THR FA 830 21.53 15.36 5.89
N LEU FA 831 21.08 16.46 5.31
CA LEU FA 831 19.96 17.25 5.83
C LEU FA 831 18.70 17.10 4.97
N ILE FA 832 17.54 16.87 5.55
CA ILE FA 832 16.23 17.02 4.91
C ILE FA 832 15.45 18.03 5.72
N THR FA 833 14.83 19.05 5.14
CA THR FA 833 14.05 20.06 5.88
C THR FA 833 12.76 20.51 5.20
N ASP FA 834 11.85 21.03 6.01
CA ASP FA 834 10.85 22.00 5.57
C ASP FA 834 11.54 23.24 4.97
N GLY FA 835 10.79 24.12 4.32
CA GLY FA 835 11.30 25.37 3.76
C GLY FA 835 10.85 26.61 4.48
N SER FA 836 9.59 26.67 4.92
CA SER FA 836 9.07 27.90 5.52
C SER FA 836 9.40 28.00 7.01
N THR FA 837 9.57 26.85 7.68
CA THR FA 837 9.91 26.72 9.10
C THR FA 837 10.98 25.63 9.32
N PRO FA 838 12.19 25.78 8.73
CA PRO FA 838 13.22 24.75 8.65
C PRO FA 838 13.86 24.42 10.01
N ILE FA 839 14.78 23.46 10.01
CA ILE FA 839 15.46 22.93 11.21
C ILE FA 839 16.60 23.82 11.65
N ASN FA 840 16.61 24.27 12.88
CA ASN FA 840 17.70 25.07 13.42
C ASN FA 840 18.98 24.25 13.63
N LEU FA 841 20.06 24.57 12.93
CA LEU FA 841 21.28 23.78 13.01
C LEU FA 841 22.00 23.93 14.36
N PHE FA 842 21.85 25.03 15.10
CA PHE FA 842 22.44 25.10 16.44
C PHE FA 842 21.71 24.20 17.44
N ASN FA 843 20.38 24.17 17.40
CA ASN FA 843 19.61 23.26 18.26
C ASN FA 843 19.89 21.81 17.89
N THR FA 844 20.19 21.56 16.62
CA THR FA 844 20.66 20.24 16.17
C THR FA 844 21.99 19.92 16.83
N ALA FA 845 22.97 20.81 16.69
CA ALA FA 845 24.32 20.57 17.14
C ALA FA 845 24.40 20.39 18.65
N PHE FA 846 23.79 21.26 19.45
CA PHE FA 846 23.71 21.00 20.89
C PHE FA 846 22.82 19.80 21.22
N GLY FA 847 21.81 19.51 20.42
CA GLY FA 847 20.77 18.55 20.79
C GLY FA 847 21.25 17.12 20.84
N LEU FA 848 22.24 16.79 20.02
CA LEU FA 848 22.96 15.53 20.05
C LEU FA 848 23.75 15.32 21.33
N LEU FA 849 23.95 16.39 22.10
CA LEU FA 849 25.01 16.52 23.08
C LEU FA 849 24.48 17.08 24.41
N GLY FA 850 23.17 17.22 24.56
CA GLY FA 850 22.53 17.85 25.70
C GLY FA 850 22.52 19.38 25.64
N GLY FA 852 21.41 19.96 25.20
CA GLY FA 852 21.13 21.38 25.34
C GLY FA 852 20.81 21.87 26.77
N PRO FA 853 20.05 21.15 27.63
CA PRO FA 853 19.60 21.66 28.93
C PRO FA 853 20.74 21.63 29.94
N GLU GA 769 21.45 69.35 60.19
CA GLU GA 769 20.95 68.10 59.55
C GLU GA 769 22.00 67.44 58.66
N LEU GA 770 22.31 68.02 57.49
CA LEU GA 770 23.07 67.36 56.41
C LEU GA 770 24.43 66.80 56.80
N VAL GA 771 25.03 67.29 57.89
CA VAL GA 771 26.27 66.79 58.48
C VAL GA 771 26.12 65.33 58.93
N TYR GA 772 24.96 64.93 59.42
CA TYR GA 772 24.71 63.54 59.78
C TYR GA 772 24.77 62.64 58.54
N ALA GA 773 24.15 63.05 57.43
CA ALA GA 773 24.23 62.31 56.17
C ALA GA 773 25.64 62.32 55.55
N ARG GA 774 26.37 63.44 55.67
CA ARG GA 774 27.78 63.50 55.27
C ARG GA 774 28.66 62.58 56.11
N ALA GA 775 28.34 62.39 57.40
CA ALA GA 775 28.97 61.39 58.26
C ALA GA 775 28.53 59.96 57.93
N GLN GA 776 27.25 59.73 57.68
CA GLN GA 776 26.74 58.43 57.22
C GLN GA 776 27.38 58.02 55.89
N LEU GA 777 27.71 58.95 55.02
CA LEU GA 777 28.43 58.61 53.81
C LEU GA 777 29.82 58.06 54.11
N GLU GA 778 30.56 58.66 55.04
CA GLU GA 778 31.84 58.09 55.48
C GLU GA 778 31.64 56.66 56.01
N LEU GA 779 30.61 56.43 56.80
CA LEU GA 779 30.34 55.11 57.37
C LEU GA 779 29.97 54.08 56.29
N GLU GA 780 29.08 54.41 55.36
CA GLU GA 780 28.71 53.51 54.26
C GLU GA 780 29.89 53.21 53.34
N VAL GA 781 30.69 54.22 52.98
CA VAL GA 781 31.92 54.01 52.22
C VAL GA 781 32.95 53.24 53.02
N SER GA 782 33.07 53.45 54.32
CA SER GA 782 33.98 52.67 55.16
C SER GA 782 33.61 51.20 55.17
N LYS GA 783 32.32 50.88 55.28
CA LYS GA 783 31.84 49.50 55.15
C LYS GA 783 32.11 48.91 53.77
N ALA GA 784 31.82 49.64 52.70
CA ALA GA 784 32.15 49.18 51.36
C ALA GA 784 33.66 48.95 51.19
N GLN GA 785 34.51 49.87 51.66
CA GLN GA 785 35.97 49.78 51.61
C GLN GA 785 36.52 48.59 52.37
N GLN GA 786 36.11 48.39 53.62
CA GLN GA 786 36.70 47.34 54.45
C GLN GA 786 36.26 45.93 54.06
N LEU GA 787 35.03 45.73 53.60
CA LEU GA 787 34.60 44.41 53.14
C LEU GA 787 35.21 44.05 51.78
N ALA GA 788 35.38 45.01 50.88
CA ALA GA 788 36.00 44.77 49.58
C ALA GA 788 37.40 44.16 49.70
N GLU GA 789 38.21 44.64 50.64
CA GLU GA 789 39.53 44.07 50.88
C GLU GA 789 39.47 42.62 51.36
N VAL GA 790 38.53 42.27 52.24
CA VAL GA 790 38.43 40.91 52.78
C VAL GA 790 38.11 39.90 51.70
N GLU GA 791 37.20 40.25 50.79
CA GLU GA 791 36.86 39.38 49.67
C GLU GA 791 38.00 39.27 48.64
N VAL GA 792 38.68 40.38 48.33
CA VAL GA 792 39.87 40.37 47.46
C VAL GA 792 40.96 39.47 48.03
N LYS GA 793 41.27 39.60 49.32
CA LYS GA 793 42.26 38.82 50.06
C LYS GA 793 41.93 37.33 49.96
N LYS GA 794 40.68 36.96 50.23
CA LYS GA 794 40.19 35.57 50.18
C LYS GA 794 40.34 34.99 48.77
N PHE GA 795 39.97 35.77 47.76
CA PHE GA 795 40.04 35.35 46.36
C PHE GA 795 41.48 35.19 45.88
N LYS GA 796 42.37 36.12 46.21
CA LYS GA 796 43.79 36.02 45.89
C LYS GA 796 44.42 34.82 46.56
N GLN GA 797 44.15 34.61 47.84
CA GLN GA 797 44.74 33.50 48.59
C GLN GA 797 44.26 32.15 48.09
N MET GA 798 42.95 31.95 47.90
CA MET GA 798 42.45 30.71 47.30
C MET GA 798 43.01 30.47 45.91
N THR GA 799 43.08 31.49 45.07
CA THR GA 799 43.69 31.38 43.74
C THR GA 799 45.17 30.98 43.80
N GLU GA 800 45.97 31.56 44.69
CA GLU GA 800 47.36 31.14 44.86
C GLU GA 800 47.47 29.71 45.43
N ALA GA 801 46.51 29.27 46.25
CA ALA GA 801 46.52 27.94 46.83
C ALA GA 801 46.36 26.84 45.77
N ILE GA 802 45.42 26.97 44.83
CA ILE GA 802 45.27 26.00 43.74
C ILE GA 802 46.04 26.34 42.47
N GLY GA 803 46.49 27.59 42.31
CA GLY GA 803 47.22 28.08 41.16
C GLY GA 803 46.33 28.28 39.94
N PRO GA 804 46.34 29.44 39.25
CA PRO GA 804 45.50 29.71 38.08
C PRO GA 804 45.53 28.62 36.99
N SER GA 805 46.69 27.98 36.81
CA SER GA 805 46.91 26.86 35.87
C SER GA 805 46.06 25.61 36.13
N THR GA 806 45.25 25.59 37.19
CA THR GA 806 44.25 24.56 37.46
C THR GA 806 42.81 25.10 37.52
N ILE GA 807 42.59 26.39 37.29
CA ILE GA 807 41.25 26.94 37.05
C ILE GA 807 40.91 26.77 35.57
N ARG GA 808 41.84 27.16 34.70
CA ARG GA 808 41.88 26.68 33.31
C ARG GA 808 41.88 25.16 33.34
N ASP GA 809 41.15 24.54 32.41
CA ASP GA 809 40.85 23.10 32.39
C ASP GA 809 40.18 22.50 33.67
N LEU GA 810 39.66 23.34 34.59
CA LEU GA 810 38.63 22.99 35.58
C LEU GA 810 37.26 23.56 35.25
N ALA GA 811 37.18 24.66 34.49
CA ALA GA 811 35.92 25.22 34.00
C ALA GA 811 35.20 24.27 33.02
N VAL GA 812 35.96 23.50 32.25
CA VAL GA 812 35.51 22.42 31.34
C VAL GA 812 34.98 21.17 32.03
N ALA GA 813 35.30 20.94 33.31
CA ALA GA 813 35.05 19.67 33.99
C ALA GA 813 33.55 19.37 34.17
N GLY GA 814 32.71 20.38 34.00
CA GLY GA 814 31.26 20.28 34.04
C GLY GA 814 30.71 20.25 35.46
N PRO GA 815 29.39 20.39 35.58
CA PRO GA 815 28.75 20.67 36.87
C PRO GA 815 28.94 19.53 37.86
N GLU GA 816 28.81 18.27 37.45
CA GLU GA 816 28.92 17.12 38.34
C GLU GA 816 30.29 17.06 39.04
N MET GA 817 31.36 17.46 38.35
CA MET GA 817 32.66 17.68 38.97
C MET GA 817 32.67 18.93 39.85
N GLN GA 818 32.24 20.08 39.34
CA GLN GA 818 32.39 21.35 40.08
C GLN GA 818 31.64 21.32 41.42
N VAL GA 819 30.46 20.69 41.47
CA VAL GA 819 29.71 20.44 42.71
C VAL GA 819 30.47 19.50 43.64
N LYS GA 820 30.91 18.35 43.12
CA LYS GA 820 31.69 17.33 43.84
C LYS GA 820 32.97 17.89 44.43
N LEU GA 821 33.71 18.72 43.69
CA LEU GA 821 34.98 19.30 44.13
C LEU GA 821 34.77 20.34 45.23
N LEU GA 822 33.82 21.26 45.12
CA LEU GA 822 33.59 22.24 46.20
C LEU GA 822 32.96 21.60 47.45
N GLN GA 823 32.26 20.47 47.32
CA GLN GA 823 31.96 19.59 48.46
C GLN GA 823 33.22 18.91 49.02
N SER GA 824 34.13 18.45 48.15
CA SER GA 824 35.35 17.71 48.53
C SER GA 824 36.40 18.56 49.23
N LEU GA 825 36.49 19.84 48.89
CA LEU GA 825 37.55 20.77 49.30
C LEU GA 825 37.07 21.81 50.33
N GLY GA 826 36.14 21.45 51.20
CA GLY GA 826 35.59 22.34 52.23
C GLY GA 826 34.80 23.52 51.66
N GLU HA 769 -3.29 92.26 14.66
CA GLU HA 769 -3.15 90.79 14.66
C GLU HA 769 -1.91 90.32 13.92
N LEU HA 770 -1.85 90.46 12.60
CA LEU HA 770 -0.87 89.78 11.74
C LEU HA 770 0.59 89.94 12.18
N VAL HA 771 0.97 91.11 12.69
CA VAL HA 771 2.34 91.36 13.13
C VAL HA 771 2.75 90.48 14.30
N TYR HA 772 1.85 90.15 15.22
CA TYR HA 772 2.13 89.19 16.28
C TYR HA 772 2.39 87.80 15.71
N ALA HA 773 1.62 87.39 14.71
CA ALA HA 773 1.85 86.11 14.04
C ALA HA 773 3.21 86.10 13.31
N ARG HA 774 3.63 87.23 12.70
CA ARG HA 774 4.98 87.39 12.14
C ARG HA 774 6.06 87.31 13.21
N ALA HA 775 5.82 87.91 14.37
CA ALA HA 775 6.75 87.86 15.49
C ALA HA 775 6.87 86.43 16.05
N GLN HA 776 5.77 85.67 16.11
CA GLN HA 776 5.82 84.23 16.38
C GLN HA 776 6.51 83.44 15.28
N LEU HA 777 6.35 83.80 14.01
CA LEU HA 777 7.04 83.14 12.91
C LEU HA 777 8.56 83.33 12.99
N GLU HA 778 9.04 84.52 13.36
CA GLU HA 778 10.46 84.72 13.61
C GLU HA 778 10.97 83.83 14.75
N LEU HA 779 10.22 83.75 15.85
CA LEU HA 779 10.53 82.87 16.98
C LEU HA 779 10.54 81.39 16.56
N GLU HA 780 9.57 80.94 15.78
CA GLU HA 780 9.49 79.56 15.29
C GLU HA 780 10.70 79.20 14.43
N VAL HA 781 11.06 80.05 13.48
CA VAL HA 781 12.27 79.88 12.67
C VAL HA 781 13.51 79.93 13.53
N SER HA 782 13.57 80.78 14.56
CA SER HA 782 14.72 80.83 15.46
C SER HA 782 14.94 79.52 16.21
N LYS HA 783 13.87 78.95 16.77
CA LYS HA 783 13.88 77.62 17.39
C LYS HA 783 14.28 76.55 16.40
N ALA HA 784 13.70 76.52 15.20
CA ALA HA 784 14.07 75.54 14.20
C ALA HA 784 15.55 75.64 13.81
N GLN HA 785 16.07 76.85 13.58
CA GLN HA 785 17.47 77.06 13.24
C GLN HA 785 18.39 76.57 14.35
N GLN HA 786 18.16 76.99 15.59
CA GLN HA 786 19.07 76.68 16.67
C GLN HA 786 19.05 75.20 17.03
N LEU HA 787 17.88 74.57 17.16
CA LEU HA 787 17.85 73.14 17.45
C LEU HA 787 18.50 72.31 16.35
N ALA HA 788 18.32 72.68 15.07
CA ALA HA 788 18.97 71.95 13.99
C ALA HA 788 20.50 72.07 14.08
N GLU HA 789 21.03 73.24 14.41
CA GLU HA 789 22.47 73.40 14.63
C GLU HA 789 22.97 72.57 15.81
N VAL HA 790 22.24 72.53 16.92
CA VAL HA 790 22.61 71.71 18.08
C VAL HA 790 22.66 70.24 17.72
N GLU HA 791 21.69 69.73 16.98
CA GLU HA 791 21.72 68.34 16.54
C GLU HA 791 22.88 68.08 15.57
N VAL HA 792 23.12 68.95 14.58
CA VAL HA 792 24.23 68.77 13.65
C VAL HA 792 25.56 68.73 14.40
N LYS HA 793 25.78 69.65 15.34
CA LYS HA 793 26.98 69.65 16.19
C LYS HA 793 27.17 68.29 16.87
N LYS HA 794 26.15 67.79 17.56
CA LYS HA 794 26.19 66.45 18.18
C LYS HA 794 26.49 65.37 17.14
N PHE HA 795 25.77 65.34 16.02
CA PHE HA 795 25.93 64.31 14.99
C PHE HA 795 27.33 64.29 14.36
N LYS HA 796 27.92 65.45 14.10
CA LYS HA 796 29.28 65.51 13.55
C LYS HA 796 30.30 65.03 14.56
N GLN HA 797 30.22 65.49 15.81
CA GLN HA 797 31.14 65.04 16.86
C GLN HA 797 31.03 63.52 17.05
N MET HA 798 29.82 62.98 17.07
CA MET HA 798 29.54 61.54 17.11
C MET HA 798 30.11 60.74 15.92
N THR HA 799 30.52 61.40 14.84
CA THR HA 799 31.10 60.77 13.65
C THR HA 799 32.54 61.23 13.38
N GLU HA 800 33.12 62.03 14.26
CA GLU HA 800 34.57 62.11 14.47
C GLU HA 800 35.01 61.21 15.63
N ALA HA 801 34.13 60.92 16.58
CA ALA HA 801 34.41 60.05 17.72
C ALA HA 801 34.73 58.63 17.26
N ILE HA 802 33.87 58.07 16.40
CA ILE HA 802 34.08 56.78 15.75
C ILE HA 802 34.43 57.05 14.31
N GLY HA 803 35.57 56.57 13.82
CA GLY HA 803 35.99 56.80 12.43
C GLY HA 803 34.98 56.20 11.43
N PRO HA 804 34.51 56.94 10.41
CA PRO HA 804 33.32 56.55 9.65
C PRO HA 804 33.47 55.27 8.81
N SER HA 805 34.68 54.85 8.47
CA SER HA 805 34.91 53.51 7.89
C SER HA 805 34.41 52.39 8.82
N THR HA 806 34.54 52.54 10.13
CA THR HA 806 33.96 51.60 11.09
C THR HA 806 32.44 51.77 11.27
N ILE HA 807 31.84 52.89 10.83
CA ILE HA 807 30.38 53.01 10.74
C ILE HA 807 29.83 52.24 9.53
N ARG HA 808 30.60 52.12 8.45
CA ARG HA 808 30.33 51.16 7.37
C ARG HA 808 30.40 49.72 7.89
N ASP HA 809 31.45 49.41 8.66
CA ASP HA 809 31.65 48.11 9.27
C ASP HA 809 30.50 47.73 10.22
N LEU HA 810 30.06 48.65 11.08
CA LEU HA 810 29.04 48.38 12.09
C LEU HA 810 27.71 47.93 11.48
N ALA HA 811 27.32 48.51 10.35
CA ALA HA 811 26.11 48.09 9.65
C ALA HA 811 26.29 46.77 8.87
N VAL HA 812 27.42 46.59 8.19
CA VAL HA 812 27.61 45.42 7.33
C VAL HA 812 27.93 44.15 8.12
N ALA HA 813 28.63 44.25 9.25
CA ALA HA 813 29.18 43.08 9.92
C ALA HA 813 28.12 42.13 10.50
N GLY HA 814 26.94 42.63 10.91
CA GLY HA 814 25.82 41.78 11.30
C GLY HA 814 25.39 40.82 10.18
N PRO HA 815 24.93 41.34 9.04
CA PRO HA 815 24.73 40.58 7.82
C PRO HA 815 25.94 39.74 7.39
N GLU HA 816 27.15 40.28 7.44
CA GLU HA 816 28.37 39.54 7.06
C GLU HA 816 28.52 38.26 7.87
N MET HA 817 28.16 38.29 9.14
CA MET HA 817 28.30 37.12 9.97
C MET HA 817 27.32 36.04 9.54
N GLN HA 818 26.06 36.39 9.33
CA GLN HA 818 25.03 35.46 8.87
C GLN HA 818 25.28 34.95 7.44
N VAL HA 819 26.10 35.63 6.65
CA VAL HA 819 26.66 35.09 5.41
C VAL HA 819 27.80 34.12 5.70
N LYS HA 820 28.81 34.57 6.45
CA LYS HA 820 30.03 33.80 6.72
C LYS HA 820 29.72 32.46 7.39
N LEU HA 821 28.67 32.40 8.19
CA LEU HA 821 28.16 31.16 8.74
C LEU HA 821 27.72 30.19 7.64
N LEU HA 822 26.71 30.50 6.82
CA LEU HA 822 26.30 29.56 5.78
C LEU HA 822 27.41 29.25 4.81
N GLN HA 823 28.25 30.22 4.43
CA GLN HA 823 29.36 29.97 3.53
C GLN HA 823 30.33 28.91 4.05
N SER HA 824 30.43 28.72 5.37
CA SER HA 824 31.31 27.70 5.92
C SER HA 824 30.83 26.27 5.64
N LEU HA 825 29.53 26.07 5.49
CA LEU HA 825 28.95 24.75 5.23
C LEU HA 825 29.08 24.34 3.77
N GLY HA 826 29.12 25.29 2.83
CA GLY HA 826 29.25 25.00 1.41
C GLY HA 826 28.20 24.01 0.92
N LEU HA 827 26.94 24.22 1.29
CA LEU HA 827 25.84 23.31 1.00
C LEU HA 827 25.70 23.01 -0.49
N LYS HA 828 25.11 21.85 -0.78
CA LYS HA 828 24.85 21.32 -2.11
C LYS HA 828 23.41 20.85 -2.15
N SER HA 829 22.47 21.78 -2.02
CA SER HA 829 21.07 21.46 -1.78
C SER HA 829 20.26 21.15 -3.05
N THR HA 830 19.14 20.47 -2.84
CA THR HA 830 18.08 20.21 -3.83
C THR HA 830 16.78 20.81 -3.30
N LEU HA 831 15.95 21.35 -4.16
CA LEU HA 831 14.70 22.01 -3.75
C LEU HA 831 13.46 21.36 -4.37
N ILE HA 832 12.43 21.12 -3.58
CA ILE HA 832 11.11 20.75 -4.04
C ILE HA 832 10.16 21.82 -3.55
N THR HA 833 9.31 22.41 -4.41
CA THR HA 833 8.32 23.43 -3.97
C THR HA 833 6.96 23.26 -4.63
N ASP HA 834 5.93 23.79 -3.99
CA ASP HA 834 4.73 24.17 -4.72
C ASP HA 834 5.04 25.29 -5.72
N GLY HA 835 4.22 25.47 -6.75
CA GLY HA 835 4.42 26.49 -7.77
C GLY HA 835 3.80 27.86 -7.47
N SER HA 836 2.58 27.90 -6.95
CA SER HA 836 1.82 29.15 -6.80
C SER HA 836 1.99 29.80 -5.43
N THR HA 837 2.44 29.03 -4.42
CA THR HA 837 2.72 29.50 -3.06
C THR HA 837 4.02 28.83 -2.56
N PRO HA 838 5.17 29.18 -3.18
CA PRO HA 838 6.45 28.49 -3.01
C PRO HA 838 7.13 28.81 -1.69
N ILE HA 839 8.38 28.37 -1.53
CA ILE HA 839 9.18 28.50 -0.30
C ILE HA 839 10.08 29.72 -0.37
N ASN HA 840 9.96 30.66 0.57
CA ASN HA 840 10.82 31.82 0.63
C ASN HA 840 12.27 31.40 0.95
N LEU HA 841 13.20 31.66 0.05
CA LEU HA 841 14.58 31.25 0.21
C LEU HA 841 15.32 32.05 1.28
N PHE HA 842 14.95 33.30 1.57
CA PHE HA 842 15.54 34.01 2.70
C PHE HA 842 15.11 33.42 4.05
N ASN HA 843 13.84 33.07 4.21
CA ASN HA 843 13.37 32.46 5.45
C ASN HA 843 13.99 31.07 5.60
N THR HA 844 14.29 30.41 4.49
CA THR HA 844 15.05 29.15 4.50
C THR HA 844 16.45 29.41 5.02
N ALA HA 845 17.16 30.37 4.42
CA ALA HA 845 18.55 30.61 4.73
C ALA HA 845 18.74 31.06 6.17
N PHE HA 846 17.97 32.04 6.65
CA PHE HA 846 18.04 32.39 8.08
C PHE HA 846 17.52 31.26 8.96
N GLY HA 847 16.55 30.47 8.50
CA GLY HA 847 15.83 29.55 9.35
C GLY HA 847 16.69 28.38 9.85
N LEU HA 848 17.67 27.99 9.06
CA LEU HA 848 18.71 27.03 9.45
C LEU HA 848 19.57 27.54 10.60
N LEU HA 849 19.50 28.83 10.89
CA LEU HA 849 20.52 29.59 11.57
C LEU HA 849 19.93 30.53 12.64
N GLY HA 850 18.65 30.37 12.96
CA GLY HA 850 17.89 31.24 13.87
C GLY HA 850 17.48 32.57 13.23
N GLY HA 852 16.24 32.65 12.76
CA GLY HA 852 15.59 33.92 12.41
C GLY HA 852 15.22 34.84 13.59
N PRO HA 853 14.71 34.35 14.76
CA PRO HA 853 14.20 35.22 15.82
C PRO HA 853 15.34 35.86 16.61
N GLU IA 769 4.49 90.27 26.75
CA GLU IA 769 4.30 88.80 26.62
C GLU IA 769 5.45 88.13 25.89
N LEU IA 770 5.54 88.27 24.57
CA LEU IA 770 6.41 87.46 23.68
C LEU IA 770 7.90 87.46 24.05
N VAL IA 771 8.36 88.47 24.77
CA VAL IA 771 9.72 88.54 25.33
C VAL IA 771 10.00 87.40 26.30
N TYR IA 772 9.00 86.96 27.07
CA TYR IA 772 9.14 85.81 27.95
C TYR IA 772 9.39 84.54 27.13
N ALA IA 773 8.63 84.30 26.06
CA ALA IA 773 8.89 83.16 25.18
C ALA IA 773 10.23 83.27 24.43
N ARG IA 774 10.63 84.48 24.02
CA ARG IA 774 11.94 84.73 23.42
C ARG IA 774 13.07 84.44 24.40
N ALA IA 775 12.87 84.66 25.70
CA ALA IA 775 13.77 84.26 26.76
C ALA IA 775 13.72 82.74 27.03
N GLN IA 776 12.54 82.14 27.05
CA GLN IA 776 12.39 80.70 27.22
C GLN IA 776 13.02 79.92 26.07
N LEU IA 777 13.05 80.47 24.87
CA LEU IA 777 13.76 79.85 23.76
C LEU IA 777 15.26 79.80 24.03
N GLU IA 778 15.86 80.88 24.54
CA GLU IA 778 17.26 80.87 24.94
C GLU IA 778 17.51 79.79 25.99
N LEU IA 779 16.63 79.68 26.98
CA LEU IA 779 16.74 78.68 28.03
C LEU IA 779 16.63 77.25 27.49
N GLU IA 780 15.64 76.94 26.66
CA GLU IA 780 15.48 75.62 26.03
C GLU IA 780 16.69 75.29 25.15
N VAL IA 781 17.14 76.21 24.31
CA VAL IA 781 18.33 76.01 23.49
C VAL IA 781 19.60 75.89 24.34
N SER IA 782 19.70 76.60 25.47
CA SER IA 782 20.83 76.44 26.39
C SER IA 782 20.86 75.05 26.98
N LYS IA 783 19.72 74.51 27.39
CA LYS IA 783 19.61 73.13 27.86
C LYS IA 783 19.94 72.12 26.79
N ALA IA 784 19.47 72.31 25.56
CA ALA IA 784 19.85 71.46 24.45
C ALA IA 784 21.37 71.51 24.18
N GLN IA 785 21.95 72.71 24.11
CA GLN IA 785 23.37 72.93 23.89
C GLN IA 785 24.26 72.29 24.95
N GLN IA 786 23.92 72.45 26.23
CA GLN IA 786 24.78 71.98 27.31
C GLN IA 786 24.68 70.47 27.54
N LEU IA 787 23.52 69.84 27.39
CA LEU IA 787 23.42 68.38 27.53
C LEU IA 787 24.08 67.66 26.35
N ALA IA 788 23.98 68.20 25.14
CA ALA IA 788 24.62 67.61 23.96
C ALA IA 788 26.12 67.42 24.14
N GLU IA 789 26.82 68.42 24.67
CA GLU IA 789 28.26 68.33 24.90
C GLU IA 789 28.64 67.27 25.94
N VAL IA 790 27.85 67.10 27.00
CA VAL IA 790 28.14 66.06 28.01
C VAL IA 790 28.08 64.67 27.41
N GLU IA 791 27.08 64.41 26.58
CA GLU IA 791 26.92 63.11 25.94
C GLU IA 791 27.99 62.87 24.87
N VAL IA 792 28.32 63.88 24.06
CA VAL IA 792 29.44 63.81 23.10
C VAL IA 792 30.76 63.49 23.80
N LYS IA 793 31.06 64.21 24.88
CA LYS IA 793 32.26 64.02 25.69
C LYS IA 793 32.33 62.58 26.20
N LYS IA 794 31.25 62.09 26.77
CA LYS IA 794 31.14 60.72 27.30
C LYS IA 794 31.39 59.68 26.20
N PHE IA 795 30.78 59.88 25.04
CA PHE IA 795 30.90 58.97 23.90
C PHE IA 795 32.32 58.97 23.32
N LYS IA 796 32.93 60.14 23.15
CA LYS IA 796 34.32 60.27 22.69
C LYS IA 796 35.28 59.61 23.67
N GLN IA 797 35.11 59.85 24.96
CA GLN IA 797 36.01 59.30 25.97
C GLN IA 797 35.88 57.79 26.08
N MET IA 798 34.68 57.23 26.16
CA MET IA 798 34.50 55.78 26.15
C MET IA 798 35.06 55.15 24.87
N THR IA 799 34.82 55.75 23.71
CA THR IA 799 35.38 55.27 22.45
C THR IA 799 36.90 55.27 22.47
N GLU IA 800 37.57 56.32 22.94
CA GLU IA 800 39.02 56.34 23.06
C GLU IA 800 39.54 55.32 24.09
N ALA IA 801 38.75 55.02 25.14
CA ALA IA 801 39.15 54.07 26.17
C ALA IA 801 39.25 52.64 25.63
N ILE IA 802 38.27 52.17 24.86
CA ILE IA 802 38.34 50.84 24.23
C ILE IA 802 38.94 50.82 22.83
N GLY IA 803 39.04 51.97 22.16
CA GLY IA 803 39.56 52.13 20.80
C GLY IA 803 38.59 51.61 19.73
N PRO IA 804 38.25 52.37 18.68
CA PRO IA 804 37.32 51.94 17.62
C PRO IA 804 37.62 50.57 17.00
N SER IA 805 38.89 50.19 16.90
CA SER IA 805 39.39 48.89 16.43
C SER IA 805 38.91 47.67 17.27
N THR IA 806 38.17 47.89 18.36
CA THR IA 806 37.49 46.84 19.13
C THR IA 806 35.97 47.01 19.17
N ILE IA 807 35.40 48.02 18.52
CA ILE IA 807 33.95 48.11 18.29
C ILE IA 807 33.60 47.30 17.04
N ARG IA 808 34.37 47.52 15.97
CA ARG IA 808 34.48 46.56 14.86
C ARG IA 808 34.88 45.21 15.45
N ASP IA 809 34.31 44.13 14.95
CA ASP IA 809 34.39 42.77 15.51
C ASP IA 809 33.99 42.60 16.99
N LEU IA 810 33.29 43.58 17.59
CA LEU IA 810 32.43 43.39 18.78
C LEU IA 810 30.94 43.45 18.43
N ALA IA 811 30.56 44.14 17.35
CA ALA IA 811 29.18 44.14 16.84
C ALA IA 811 28.70 42.75 16.37
N VAL IA 812 29.64 41.91 15.91
CA VAL IA 812 29.44 40.49 15.52
C VAL IA 812 29.27 39.53 16.70
N ALA IA 813 29.69 39.91 17.91
CA ALA IA 813 29.76 38.98 19.04
C ALA IA 813 28.39 38.49 19.51
N GLY IA 814 27.34 39.17 19.08
CA GLY IA 814 25.97 38.78 19.34
C GLY IA 814 25.52 39.15 20.75
N PRO IA 815 24.22 38.98 21.03
CA PRO IA 815 23.58 39.57 22.19
C PRO IA 815 24.11 39.00 23.51
N GLU IA 816 24.24 37.68 23.62
CA GLU IA 816 24.67 37.04 24.87
C GLU IA 816 26.06 37.50 25.32
N MET IA 817 26.95 37.79 24.37
CA MET IA 817 28.21 38.48 24.66
C MET IA 817 28.00 39.94 25.03
N GLN IA 818 27.30 40.72 24.21
CA GLN IA 818 27.20 42.17 24.41
C GLN IA 818 26.58 42.50 25.78
N VAL IA 819 25.53 41.76 26.17
CA VAL IA 819 24.91 41.90 27.50
C VAL IA 819 25.91 41.57 28.61
N LYS IA 820 26.61 40.44 28.51
CA LYS IA 820 27.65 39.97 29.44
C LYS IA 820 28.80 40.96 29.55
N LEU IA 821 29.25 41.55 28.45
CA LEU IA 821 30.33 42.55 28.45
C LEU IA 821 29.89 43.86 29.08
N LEU IA 822 28.71 44.39 28.74
CA LEU IA 822 28.20 45.61 29.36
C LEU IA 822 27.91 45.42 30.86
N GLN IA 823 27.53 44.21 31.29
CA GLN IA 823 27.50 43.84 32.71
C GLN IA 823 28.92 43.76 33.32
N SER IA 824 29.90 43.27 32.58
CA SER IA 824 31.28 43.07 33.04
C SER IA 824 32.07 44.38 33.19
N LEU IA 825 31.74 45.40 32.40
CA LEU IA 825 32.53 46.63 32.23
C LEU IA 825 31.76 47.86 32.76
N GLY IA 826 31.39 47.85 34.02
CA GLY IA 826 30.64 48.95 34.66
C GLY IA 826 29.29 49.20 34.01
N GLU JA 769 -27.30 87.08 -20.08
CA GLU JA 769 -26.77 85.80 -19.56
C GLU JA 769 -25.48 85.39 -20.24
N LEU JA 770 -25.51 85.00 -21.52
CA LEU JA 770 -24.43 84.29 -22.20
C LEU JA 770 -23.05 84.94 -22.05
N VAL JA 771 -22.98 86.27 -22.07
CA VAL JA 771 -21.71 86.98 -21.97
C VAL JA 771 -21.02 86.75 -20.62
N TYR JA 772 -21.77 86.62 -19.52
CA TYR JA 772 -21.20 86.23 -18.23
C TYR JA 772 -20.61 84.83 -18.28
N ALA JA 773 -21.26 83.90 -18.94
CA ALA JA 773 -20.72 82.56 -19.12
C ALA JA 773 -19.44 82.57 -19.98
N ARG JA 774 -19.37 83.42 -21.02
CA ARG JA 774 -18.13 83.68 -21.79
C ARG JA 774 -17.04 84.30 -20.93
N ALA JA 775 -17.38 85.24 -20.06
CA ALA JA 775 -16.42 85.85 -19.15
C ALA JA 775 -15.88 84.82 -18.13
N GLN JA 776 -16.72 83.94 -17.60
CA GLN JA 776 -16.27 82.78 -16.83
C GLN JA 776 -15.46 81.79 -17.66
N LEU JA 777 -15.76 81.59 -18.94
CA LEU JA 777 -14.96 80.71 -19.80
C LEU JA 777 -13.55 81.26 -20.02
N GLU JA 778 -13.40 82.57 -20.24
CA GLU JA 778 -12.08 83.19 -20.30
C GLU JA 778 -11.30 82.97 -18.98
N LEU JA 779 -11.97 83.12 -17.84
CA LEU JA 779 -11.37 82.87 -16.53
C LEU JA 779 -10.97 81.39 -16.35
N GLU JA 780 -11.82 80.46 -16.75
CA GLU JA 780 -11.54 79.02 -16.64
C GLU JA 780 -10.32 78.63 -17.47
N VAL JA 781 -10.26 79.07 -18.72
CA VAL JA 781 -9.08 78.87 -19.57
C VAL JA 781 -7.86 79.56 -19.01
N SER JA 782 -8.00 80.75 -18.42
CA SER JA 782 -6.87 81.45 -17.78
C SER JA 782 -6.28 80.66 -16.62
N LYS JA 783 -7.12 80.11 -15.74
CA LYS JA 783 -6.71 79.20 -14.67
C LYS JA 783 -6.06 77.95 -15.22
N ALA JA 784 -6.65 77.31 -16.22
CA ALA JA 784 -6.05 76.13 -16.83
C ALA JA 784 -4.67 76.44 -17.42
N GLN JA 785 -4.52 77.52 -18.18
CA GLN JA 785 -3.24 77.92 -18.78
C GLN JA 785 -2.17 78.16 -17.73
N GLN JA 786 -2.49 78.91 -16.69
CA GLN JA 786 -1.52 79.29 -15.67
C GLN JA 786 -1.12 78.11 -14.80
N LEU JA 787 -2.06 77.30 -14.31
CA LEU JA 787 -1.68 76.14 -13.53
C LEU JA 787 -0.89 75.12 -14.36
N ALA JA 788 -1.21 74.95 -15.64
CA ALA JA 788 -0.43 74.04 -16.49
C ALA JA 788 1.00 74.54 -16.63
N GLU JA 789 1.22 75.84 -16.81
CA GLU JA 789 2.57 76.40 -16.83
C GLU JA 789 3.31 76.18 -15.51
N VAL JA 790 2.65 76.40 -14.37
CA VAL JA 790 3.25 76.18 -13.05
C VAL JA 790 3.69 74.74 -12.88
N GLU JA 791 2.85 73.77 -13.23
CA GLU JA 791 3.22 72.37 -13.14
C GLU JA 791 4.38 72.03 -14.08
N VAL JA 792 4.31 72.45 -15.35
CA VAL JA 792 5.39 72.17 -16.30
C VAL JA 792 6.70 72.79 -15.84
N LYS JA 793 6.70 74.00 -15.30
CA LYS JA 793 7.89 74.64 -14.75
C LYS JA 793 8.49 73.76 -13.67
N LYS JA 794 7.72 73.39 -12.65
CA LYS JA 794 8.16 72.47 -11.60
C LYS JA 794 8.69 71.16 -12.19
N PHE JA 795 7.96 70.55 -13.11
CA PHE JA 795 8.37 69.29 -13.72
C PHE JA 795 9.68 69.37 -14.51
N LYS JA 796 9.90 70.42 -15.30
CA LYS JA 796 11.16 70.59 -16.03
C LYS JA 796 12.32 70.78 -15.07
N GLN JA 797 12.14 71.59 -14.03
CA GLN JA 797 13.19 71.81 -13.03
C GLN JA 797 13.53 70.50 -12.31
N MET JA 798 12.53 69.74 -11.88
CA MET JA 798 12.71 68.42 -11.27
C MET JA 798 13.44 67.42 -12.18
N THR JA 799 13.19 67.47 -13.49
CA THR JA 799 13.84 66.57 -14.46
C THR JA 799 15.17 67.10 -15.00
N GLU JA 800 15.52 68.35 -14.72
CA GLU JA 800 16.89 68.85 -14.86
C GLU JA 800 17.73 68.56 -13.62
N ALA JA 801 17.11 68.48 -12.44
CA ALA JA 801 17.84 68.30 -11.17
C ALA JA 801 18.51 66.92 -11.06
N ILE JA 802 17.81 65.85 -11.44
CA ILE JA 802 18.27 64.48 -11.22
C ILE JA 802 19.17 63.97 -12.36
N GLY JA 803 18.94 64.43 -13.58
CA GLY JA 803 19.56 63.89 -14.80
C GLY JA 803 18.78 62.68 -15.33
N PRO JA 804 18.12 62.77 -16.50
CA PRO JA 804 17.20 61.74 -17.00
C PRO JA 804 17.74 60.32 -17.09
N SER JA 805 19.04 60.11 -17.30
CA SER JA 805 19.63 58.76 -17.27
C SER JA 805 19.45 58.09 -15.90
N THR JA 806 19.49 58.85 -14.82
CA THR JA 806 19.17 58.35 -13.48
C THR JA 806 17.65 58.13 -13.29
N ILE JA 807 16.78 58.77 -14.07
CA ILE JA 807 15.33 58.46 -14.08
C ILE JA 807 15.06 57.11 -14.75
N ARG JA 808 15.80 56.79 -15.83
CA ARG JA 808 15.80 55.44 -16.42
C ARG JA 808 16.30 54.41 -15.41
N ASP JA 809 17.38 54.72 -14.72
CA ASP JA 809 17.97 53.85 -13.70
C ASP JA 809 17.00 53.57 -12.55
N LEU JA 810 16.38 54.61 -11.97
CA LEU JA 810 15.52 54.51 -10.79
C LEU JA 810 14.34 53.55 -11.01
N ALA JA 811 13.73 53.59 -12.18
CA ALA JA 811 12.60 52.71 -12.48
C ALA JA 811 13.04 51.27 -12.81
N VAL JA 812 14.19 51.08 -13.45
CA VAL JA 812 14.66 49.74 -13.84
C VAL JA 812 15.30 49.02 -12.67
N ALA JA 813 16.23 49.66 -11.96
CA ALA JA 813 17.16 49.00 -11.07
C ALA JA 813 16.46 48.24 -9.93
N GLY JA 814 15.31 48.71 -9.45
CA GLY JA 814 14.51 48.02 -8.44
C GLY JA 814 14.15 46.59 -8.86
N PRO JA 815 13.24 46.40 -9.82
CA PRO JA 815 12.94 45.07 -10.35
C PRO JA 815 14.10 44.40 -11.07
N GLU JA 816 15.06 45.10 -11.66
CA GLU JA 816 16.24 44.46 -12.25
C GLU JA 816 17.10 43.79 -11.18
N MET JA 817 17.06 44.25 -9.93
CA MET JA 817 17.74 43.54 -8.86
C MET JA 817 17.10 42.18 -8.60
N GLN JA 818 15.77 42.08 -8.66
CA GLN JA 818 15.08 40.79 -8.54
C GLN JA 818 15.36 39.84 -9.70
N VAL JA 819 15.84 40.33 -10.83
CA VAL JA 819 16.47 39.48 -11.85
C VAL JA 819 17.84 39.03 -11.40
N LYS JA 820 18.71 39.97 -11.04
CA LYS JA 820 20.10 39.68 -10.64
C LYS JA 820 20.16 38.68 -9.48
N LEU JA 821 19.18 38.71 -8.59
CA LEU JA 821 19.04 37.71 -7.54
C LEU JA 821 18.82 36.31 -8.10
N LEU JA 822 17.75 36.02 -8.85
CA LEU JA 822 17.58 34.66 -9.36
C LEU JA 822 18.74 34.27 -10.27
N GLN JA 823 19.26 35.18 -11.08
CA GLN JA 823 20.40 34.88 -11.95
C GLN JA 823 21.63 34.41 -11.18
N SER JA 824 21.80 34.80 -9.92
CA SER JA 824 22.93 34.36 -9.12
C SER JA 824 22.87 32.87 -8.78
N LEU JA 825 21.67 32.30 -8.68
CA LEU JA 825 21.46 30.90 -8.36
C LEU JA 825 21.61 29.97 -9.57
N GLY JA 826 21.38 30.46 -10.80
CA GLY JA 826 21.56 29.67 -12.02
C GLY JA 826 20.82 28.34 -11.97
N LEU JA 827 19.54 28.37 -11.59
CA LEU JA 827 18.74 27.17 -11.36
C LEU JA 827 18.65 26.26 -12.59
N LYS JA 828 18.33 25.00 -12.32
CA LYS JA 828 18.14 23.94 -13.31
C LYS JA 828 16.88 23.17 -12.93
N SER JA 829 15.73 23.81 -13.08
CA SER JA 829 14.46 23.34 -12.55
C SER JA 829 13.70 22.37 -13.46
N THR JA 830 12.78 21.61 -12.87
CA THR JA 830 11.82 20.72 -13.52
C THR JA 830 10.43 21.12 -13.09
N LEU JA 831 9.46 21.11 -13.98
CA LEU JA 831 8.11 21.58 -13.67
C LEU JA 831 7.07 20.48 -13.82
N ILE JA 832 6.21 20.29 -12.83
CA ILE JA 832 5.02 19.45 -12.94
C ILE JA 832 3.82 20.36 -12.75
N THR JA 833 2.80 20.30 -13.60
CA THR JA 833 1.62 21.16 -13.46
C THR JA 833 0.30 20.46 -13.73
N ASP JA 834 -0.76 20.99 -13.13
CA ASP JA 834 -2.10 20.87 -13.70
C ASP JA 834 -2.11 21.46 -15.12
N GLY JA 835 -3.11 21.15 -15.93
CA GLY JA 835 -3.24 21.68 -17.29
C GLY JA 835 -4.24 22.81 -17.42
N SER JA 836 -5.42 22.64 -16.86
CA SER JA 836 -6.54 23.57 -17.06
C SER JA 836 -6.41 24.84 -16.20
N THR JA 837 -5.72 24.75 -15.06
CA THR JA 837 -5.46 25.85 -14.13
C THR JA 837 -4.02 25.74 -13.62
N PRO JA 838 -3.01 25.98 -14.49
CA PRO JA 838 -1.61 25.71 -14.23
C PRO JA 838 -0.97 26.71 -13.27
N ILE JA 839 0.35 26.71 -13.16
CA ILE JA 839 1.14 27.48 -12.18
C ILE JA 839 1.68 28.75 -12.83
N ASN JA 840 1.35 29.91 -12.28
CA ASN JA 840 1.85 31.18 -12.81
C ASN JA 840 3.35 31.31 -12.52
N LEU JA 841 4.18 31.26 -13.55
CA LEU JA 841 5.62 31.25 -13.36
C LEU JA 841 6.16 32.54 -12.75
N PHE JA 842 5.50 33.69 -12.90
CA PHE JA 842 5.93 34.89 -12.19
C PHE JA 842 5.71 34.80 -10.67
N ASN JA 843 4.60 34.22 -10.22
CA ASN JA 843 4.38 34.03 -8.80
C ASN JA 843 5.37 33.02 -8.25
N THR JA 844 5.81 32.05 -9.04
CA THR JA 844 6.95 31.21 -8.63
C THR JA 844 8.21 32.05 -8.49
N ALA JA 845 8.57 32.78 -9.54
CA ALA JA 845 9.82 33.50 -9.58
C ALA JA 845 9.92 34.52 -8.46
N PHE JA 846 8.93 35.40 -8.27
CA PHE JA 846 8.94 36.31 -7.12
C PHE JA 846 8.76 35.58 -5.80
N GLY JA 847 7.95 34.52 -5.75
CA GLY JA 847 7.54 33.91 -4.49
C GLY JA 847 8.70 33.27 -3.75
N LEU JA 848 9.64 32.68 -4.49
CA LEU JA 848 10.92 32.18 -3.95
C LEU JA 848 11.73 33.26 -3.22
N LEU JA 849 11.46 34.52 -3.56
CA LEU JA 849 12.28 35.66 -3.27
C LEU JA 849 11.48 36.74 -2.52
N GLY JA 850 10.30 36.40 -1.99
CA GLY JA 850 9.37 37.34 -1.39
C GLY JA 850 8.59 38.19 -2.40
N GLY JA 852 7.34 37.81 -2.65
CA GLY JA 852 6.36 38.66 -3.33
C GLY JA 852 5.84 39.85 -2.52
N PRO JA 853 5.56 39.76 -1.20
CA PRO JA 853 4.88 40.82 -0.47
C PRO JA 853 5.84 41.96 -0.14
N GLU KA 769 -18.79 91.86 -9.34
CA GLU KA 769 -18.59 90.47 -8.89
C GLU KA 769 -17.33 89.84 -9.48
N LEU KA 770 -17.33 89.47 -10.76
CA LEU KA 770 -16.32 88.60 -11.40
C LEU KA 770 -14.87 89.09 -11.28
N VAL KA 771 -14.65 90.39 -11.05
CA VAL KA 771 -13.35 90.98 -10.76
C VAL KA 771 -12.75 90.40 -9.48
N TYR KA 772 -13.55 90.09 -8.47
CA TYR KA 772 -13.07 89.43 -7.26
C TYR KA 772 -12.53 88.04 -7.57
N ALA KA 773 -13.23 87.24 -8.37
CA ALA KA 773 -12.72 85.94 -8.79
C ALA KA 773 -11.49 86.04 -9.71
N ARG KA 774 -11.45 87.05 -10.58
CA ARG KA 774 -10.27 87.35 -11.41
C ARG KA 774 -9.05 87.73 -10.56
N ALA KA 775 -9.27 88.38 -9.42
CA ALA KA 775 -8.26 88.62 -8.40
C ALA KA 775 -7.91 87.35 -7.61
N GLN KA 776 -8.89 86.55 -7.20
CA GLN KA 776 -8.64 85.28 -6.53
C GLN KA 776 -7.85 84.31 -7.39
N LEU KA 777 -8.02 84.35 -8.71
CA LEU KA 777 -7.21 83.54 -9.60
C LEU KA 777 -5.74 83.98 -9.55
N GLU KA 778 -5.46 85.28 -9.59
CA GLU KA 778 -4.09 85.78 -9.41
C GLU KA 778 -3.50 85.29 -8.09
N LEU KA 779 -4.28 85.30 -7.01
CA LEU KA 779 -3.84 84.84 -5.70
C LEU KA 779 -3.60 83.32 -5.66
N GLU KA 780 -4.51 82.51 -6.19
CA GLU KA 780 -4.34 81.05 -6.25
C GLU KA 780 -3.13 80.66 -7.09
N VAL KA 781 -2.94 81.30 -8.24
CA VAL KA 781 -1.75 81.10 -9.06
C VAL KA 781 -0.49 81.65 -8.39
N SER KA 782 -0.56 82.72 -7.60
CA SER KA 782 0.58 83.20 -6.82
C SER KA 782 1.01 82.16 -5.79
N LYS KA 783 0.07 81.59 -5.04
CA LYS KA 783 0.36 80.51 -4.11
C LYS KA 783 0.92 79.27 -4.82
N ALA KA 784 0.35 78.87 -5.94
CA ALA KA 784 0.90 77.77 -6.72
C ALA KA 784 2.34 78.06 -7.19
N GLN KA 785 2.60 79.25 -7.73
CA GLN KA 785 3.92 79.66 -8.21
C GLN KA 785 4.97 79.70 -7.11
N GLN KA 786 4.70 80.37 -6.01
CA GLN KA 786 5.71 80.58 -4.97
C GLN KA 786 6.04 79.30 -4.19
N LEU KA 787 5.07 78.42 -3.94
CA LEU KA 787 5.35 77.14 -3.28
C LEU KA 787 6.14 76.19 -4.17
N ALA KA 788 5.85 76.14 -5.47
CA ALA KA 788 6.55 75.29 -6.40
C ALA KA 788 8.06 75.57 -6.42
N GLU KA 789 8.47 76.83 -6.40
CA GLU KA 789 9.89 77.21 -6.34
C GLU KA 789 10.57 76.73 -5.06
N VAL KA 790 9.92 76.83 -3.90
CA VAL KA 790 10.51 76.36 -2.63
C VAL KA 790 10.79 74.87 -2.67
N GLU KA 791 9.86 74.08 -3.20
CA GLU KA 791 10.03 72.64 -3.30
C GLU KA 791 11.11 72.24 -4.32
N VAL KA 792 11.13 72.88 -5.49
CA VAL KA 792 12.17 72.70 -6.51
C VAL KA 792 13.55 72.97 -5.93
N LYS KA 793 13.70 74.09 -5.22
CA LYS KA 793 14.94 74.51 -4.57
C LYS KA 793 15.41 73.45 -3.59
N LYS KA 794 14.52 72.99 -2.71
CA LYS KA 794 14.81 71.95 -1.73
C LYS KA 794 15.28 70.65 -2.38
N PHE KA 795 14.59 70.25 -3.44
CA PHE KA 795 14.90 69.04 -4.18
C PHE KA 795 16.25 69.13 -4.88
N LYS KA 796 16.53 70.23 -5.58
CA LYS KA 796 17.82 70.46 -6.23
C LYS KA 796 18.95 70.49 -5.23
N GLN KA 797 18.78 71.18 -4.10
CA GLN KA 797 19.83 71.30 -3.10
C GLN KA 797 20.11 69.96 -2.42
N MET KA 798 19.10 69.22 -1.98
CA MET KA 798 19.32 67.88 -1.42
C MET KA 798 19.97 66.94 -2.44
N THR KA 799 19.53 66.97 -3.70
CA THR KA 799 20.14 66.20 -4.78
C THR KA 799 21.61 66.54 -4.98
N GLU KA 800 22.00 67.80 -5.00
CA GLU KA 800 23.40 68.21 -5.11
C GLU KA 800 24.20 67.82 -3.85
N ALA KA 801 23.57 67.78 -2.68
CA ALA KA 801 24.24 67.41 -1.44
C ALA KA 801 24.69 65.94 -1.43
N ILE KA 802 23.80 65.00 -1.79
CA ILE KA 802 24.19 63.58 -1.88
C ILE KA 802 24.71 63.15 -3.26
N GLY KA 803 24.48 63.95 -4.30
CA GLY KA 803 24.91 63.69 -5.67
C GLY KA 803 24.09 62.59 -6.35
N PRO KA 804 23.54 62.79 -7.57
CA PRO KA 804 22.72 61.77 -8.26
C PRO KA 804 23.34 60.37 -8.34
N SER KA 805 24.66 60.28 -8.48
CA SER KA 805 25.45 59.04 -8.51
C SER KA 805 25.38 58.20 -7.23
N THR KA 806 24.65 58.64 -6.19
CA THR KA 806 24.31 57.88 -4.99
C THR KA 806 22.80 57.70 -4.79
N ILE KA 807 21.97 58.20 -5.70
CA ILE KA 807 20.53 57.88 -5.74
C ILE KA 807 20.35 56.58 -6.53
N ARG KA 808 20.97 56.51 -7.71
CA ARG KA 808 21.28 55.24 -8.37
C ARG KA 808 22.07 54.37 -7.40
N ASP KA 809 21.82 53.07 -7.41
CA ASP KA 809 22.28 52.09 -6.41
C ASP KA 809 21.97 52.41 -4.92
N LEU KA 810 21.08 53.38 -4.62
CA LEU KA 810 20.34 53.50 -3.35
C LEU KA 810 18.88 53.05 -3.47
N ALA KA 811 18.29 53.16 -4.66
CA ALA KA 811 16.93 52.65 -4.93
C ALA KA 811 16.82 51.11 -4.77
N VAL KA 812 17.91 50.39 -5.03
CA VAL KA 812 18.05 48.93 -4.85
C VAL KA 812 18.21 48.48 -3.40
N ALA KA 813 18.60 49.38 -2.48
CA ALA KA 813 19.01 49.02 -1.13
C ALA KA 813 17.87 48.44 -0.27
N GLY KA 814 16.64 48.62 -0.74
CA GLY KA 814 15.45 48.05 -0.13
C GLY KA 814 14.94 48.85 1.05
N PRO KA 815 13.73 48.53 1.52
CA PRO KA 815 13.01 49.37 2.47
C PRO KA 815 13.71 49.50 3.82
N GLU KA 816 14.25 48.41 4.36
CA GLU KA 816 14.91 48.43 5.68
C GLU KA 816 16.10 49.39 5.71
N MET KA 817 16.84 49.52 4.61
CA MET KA 817 17.87 50.55 4.44
C MET KA 817 17.27 51.93 4.28
N GLN KA 818 16.35 52.13 3.35
CA GLN KA 818 15.86 53.47 3.02
C GLN KA 818 15.23 54.15 4.24
N VAL KA 819 14.46 53.41 5.05
CA VAL KA 819 13.90 53.93 6.31
C VAL KA 819 15.00 54.30 7.31
N LYS KA 820 15.97 53.42 7.52
CA LYS KA 820 17.13 53.61 8.40
C LYS KA 820 17.98 54.81 8.00
N LEU KA 821 18.22 55.01 6.70
CA LEU KA 821 18.97 56.15 6.18
C LEU KA 821 18.19 57.45 6.36
N LEU KA 822 16.92 57.50 6.01
CA LEU KA 822 16.09 58.70 6.19
C LEU KA 822 15.89 59.06 7.67
N GLN KA 823 15.85 58.07 8.57
CA GLN KA 823 15.92 58.29 10.01
C GLN KA 823 17.29 58.84 10.44
N SER KA 824 18.38 58.39 9.81
CA SER KA 824 19.76 58.80 10.15
C SER KA 824 20.11 60.20 9.68
N LEU KA 825 19.62 60.61 8.51
CA LEU KA 825 20.02 61.81 7.80
C LEU KA 825 18.93 62.90 7.91
N GLY KA 826 18.63 63.34 9.13
CA GLY KA 826 17.58 64.32 9.41
C GLY KA 826 16.19 63.87 8.97
N GLU LA 769 -50.66 63.39 -47.17
CA GLU LA 769 -49.80 62.63 -46.23
C GLU LA 769 -48.45 62.28 -46.84
N LEU LA 770 -48.38 61.38 -47.82
CA LEU LA 770 -47.14 60.70 -48.23
C LEU LA 770 -46.00 61.65 -48.59
N VAL LA 771 -46.29 62.83 -49.13
CA VAL LA 771 -45.28 63.86 -49.43
C VAL LA 771 -44.49 64.28 -48.18
N TYR LA 772 -45.11 64.31 -47.01
CA TYR LA 772 -44.41 64.57 -45.75
C TYR LA 772 -43.46 63.44 -45.37
N ALA LA 773 -43.87 62.19 -45.56
CA ALA LA 773 -43.00 61.05 -45.36
C ALA LA 773 -41.81 61.05 -46.34
N ARG LA 774 -42.03 61.43 -47.60
CA ARG LA 774 -40.92 61.65 -48.56
C ARG LA 774 -39.98 62.77 -48.11
N ALA LA 775 -40.52 63.87 -47.58
CA ALA LA 775 -39.72 64.96 -47.07
C ALA LA 775 -38.89 64.56 -45.83
N GLN LA 776 -39.45 63.77 -44.91
CA GLN LA 776 -38.68 63.18 -43.82
C GLN LA 776 -37.63 62.19 -44.31
N LEU LA 777 -37.88 61.42 -45.36
CA LEU LA 777 -36.88 60.52 -45.91
C LEU LA 777 -35.68 61.28 -46.51
N GLU LA 778 -35.91 62.39 -47.19
CA GLU LA 778 -34.82 63.24 -47.65
C GLU LA 778 -33.97 63.77 -46.48
N LEU LA 779 -34.61 64.22 -45.40
CA LEU LA 779 -33.92 64.66 -44.18
C LEU LA 779 -33.14 63.50 -43.52
N GLU LA 780 -33.72 62.30 -43.43
CA GLU LA 780 -33.08 61.13 -42.85
C GLU LA 780 -31.80 60.77 -43.59
N VAL LA 781 -31.87 60.71 -44.92
CA VAL LA 781 -30.70 60.45 -45.74
C VAL LA 781 -29.69 61.59 -45.64
N SER LA 782 -30.12 62.85 -45.54
CA SER LA 782 -29.20 63.97 -45.35
C SER LA 782 -28.38 63.82 -44.08
N LYS LA 783 -29.03 63.47 -42.96
CA LYS LA 783 -28.34 63.16 -41.71
C LYS LA 783 -27.41 61.97 -41.84
N ALA LA 784 -27.86 60.89 -42.47
CA ALA LA 784 -27.01 59.72 -42.65
C ALA LA 784 -25.77 60.03 -43.50
N GLN LA 785 -25.91 60.77 -44.61
CA GLN LA 785 -24.80 61.16 -45.46
C GLN LA 785 -23.79 62.02 -44.71
N GLN LA 786 -24.27 63.05 -44.01
CA GLN LA 786 -23.37 64.01 -43.38
C GLN LA 786 -22.65 63.40 -42.19
N LEU LA 787 -23.31 62.70 -41.28
CA LEU LA 787 -22.61 62.06 -40.18
C LEU LA 787 -21.60 61.02 -40.67
N ALA LA 788 -21.92 60.25 -41.70
CA ALA LA 788 -20.99 59.26 -42.23
C ALA LA 788 -19.72 59.92 -42.78
N GLU LA 789 -19.84 61.06 -43.45
CA GLU LA 789 -18.69 61.83 -43.90
C GLU LA 789 -17.85 62.35 -42.73
N VAL LA 790 -18.48 62.88 -41.68
CA VAL LA 790 -17.78 63.36 -40.50
C VAL LA 790 -16.97 62.25 -39.84
N GLU LA 791 -17.53 61.06 -39.70
CA GLU LA 791 -16.81 59.92 -39.17
C GLU LA 791 -15.64 59.51 -40.07
N VAL LA 792 -15.85 59.38 -41.37
CA VAL LA 792 -14.78 59.00 -42.31
C VAL LA 792 -13.67 60.03 -42.29
N LYS LA 793 -13.99 61.33 -42.29
CA LYS LA 793 -13.00 62.40 -42.17
C LYS LA 793 -12.15 62.19 -40.93
N LYS LA 794 -12.77 62.05 -39.76
CA LYS LA 794 -12.07 61.75 -38.51
C LYS LA 794 -11.21 60.49 -38.64
N PHE LA 795 -11.76 59.40 -39.14
CA PHE LA 795 -11.05 58.14 -39.27
C PHE LA 795 -9.84 58.22 -40.22
N LYS LA 796 -9.97 58.87 -41.37
CA LYS LA 796 -8.84 59.03 -42.30
C LYS LA 796 -7.74 59.85 -41.67
N GLN LA 797 -8.06 60.95 -41.00
CA GLN LA 797 -7.06 61.78 -40.34
C GLN LA 797 -6.37 61.01 -39.20
N MET LA 798 -7.13 60.28 -38.38
CA MET LA 798 -6.58 59.39 -37.36
C MET LA 798 -5.66 58.31 -37.93
N THR LA 799 -5.96 57.77 -39.11
CA THR LA 799 -5.13 56.75 -39.78
C THR LA 799 -4.07 57.34 -40.72
N GLU LA 800 -3.97 58.66 -40.82
CA GLU LA 800 -2.79 59.35 -41.34
C GLU LA 800 -1.86 59.77 -40.21
N ALA LA 801 -2.36 59.94 -38.99
CA ALA LA 801 -1.55 60.38 -37.85
C ALA LA 801 -0.52 59.33 -37.41
N ILE LA 802 -0.98 58.11 -37.21
CA ILE LA 802 -0.14 56.95 -36.93
C ILE LA 802 -0.05 56.18 -38.24
N GLY LA 803 1.15 56.09 -38.82
CA GLY LA 803 1.36 55.43 -40.11
C GLY LA 803 0.88 53.98 -40.04
N PRO LA 804 0.09 53.46 -40.99
CA PRO LA 804 -0.74 52.27 -40.77
C PRO LA 804 0.04 50.99 -40.45
N SER LA 805 1.31 50.89 -40.80
CA SER LA 805 2.21 49.84 -40.31
C SER LA 805 2.31 49.80 -38.78
N THR LA 806 2.23 50.94 -38.09
CA THR LA 806 2.13 50.98 -36.63
C THR LA 806 0.75 50.55 -36.10
N ILE LA 807 -0.33 50.64 -36.89
CA ILE LA 807 -1.61 50.01 -36.54
C ILE LA 807 -1.54 48.49 -36.68
N ARG LA 808 -0.81 47.96 -37.69
CA ARG LA 808 -0.49 46.52 -37.74
C ARG LA 808 0.31 46.08 -36.51
N ASP LA 809 1.32 46.85 -36.16
CA ASP LA 809 2.17 46.61 -35.00
C ASP LA 809 1.38 46.61 -33.69
N LEU LA 810 0.51 47.60 -33.47
CA LEU LA 810 -0.25 47.76 -32.23
C LEU LA 810 -1.12 46.54 -31.91
N ALA LA 811 -1.71 45.91 -32.92
CA ALA LA 811 -2.52 44.72 -32.72
C ALA LA 811 -1.70 43.43 -32.51
N VAL LA 812 -0.58 43.29 -33.23
CA VAL LA 812 0.24 42.08 -33.19
C VAL LA 812 1.17 42.06 -31.97
N ALA LA 813 1.87 43.16 -31.69
CA ALA LA 813 2.99 43.13 -30.76
C ALA LA 813 2.60 42.73 -29.34
N GLY LA 814 1.39 43.07 -28.90
CA GLY LA 814 0.88 42.70 -27.58
C GLY LA 814 0.95 41.19 -27.34
N PRO LA 815 0.18 40.38 -28.06
CA PRO LA 815 0.28 38.93 -27.95
C PRO LA 815 1.56 38.35 -28.55
N GLU LA 816 2.22 38.98 -29.51
CA GLU LA 816 3.51 38.49 -29.99
C GLU LA 816 4.55 38.51 -28.86
N MET LA 817 4.42 39.40 -27.89
CA MET LA 817 5.27 39.35 -26.70
C MET LA 817 4.96 38.11 -25.86
N GLN LA 818 3.69 37.74 -25.72
CA GLN LA 818 3.29 36.48 -25.07
C GLN LA 818 3.70 35.23 -25.85
N VAL LA 819 4.14 35.35 -27.09
CA VAL LA 819 4.91 34.32 -27.78
C VAL LA 819 6.37 34.37 -27.35
N LYS LA 820 7.01 35.52 -27.44
CA LYS LA 820 8.44 35.70 -27.13
C LYS LA 820 8.78 35.29 -25.69
N LEU LA 821 7.85 35.48 -24.77
CA LEU LA 821 7.99 35.02 -23.39
C LEU LA 821 8.04 33.49 -23.25
N LEU LA 822 7.28 32.72 -24.04
CA LEU LA 822 7.43 31.26 -24.01
C LEU LA 822 8.60 30.82 -24.88
N GLN LA 823 8.79 31.37 -26.08
CA GLN LA 823 9.86 30.96 -26.98
C GLN LA 823 11.25 31.02 -26.34
N SER LA 824 11.44 31.96 -25.42
CA SER LA 824 12.69 32.13 -24.70
C SER LA 824 12.93 31.09 -23.61
N LEU LA 825 11.90 30.49 -23.01
CA LEU LA 825 12.07 29.33 -22.13
C LEU LA 825 12.47 28.07 -22.90
N GLY LA 826 12.01 27.89 -24.15
CA GLY LA 826 12.36 26.74 -24.98
C GLY LA 826 11.99 25.42 -24.31
N LEU LA 827 10.76 25.29 -23.84
CA LEU LA 827 10.27 24.13 -23.11
C LEU LA 827 10.40 22.82 -23.89
N LYS LA 828 10.35 21.71 -23.16
CA LYS LA 828 10.43 20.34 -23.66
C LYS LA 828 9.42 19.49 -22.88
N SER LA 829 8.14 19.81 -23.02
CA SER LA 829 7.08 19.26 -22.17
C SER LA 829 6.63 17.85 -22.55
N THR LA 830 5.92 17.21 -21.61
CA THR LA 830 5.26 15.91 -21.76
C THR LA 830 3.84 16.05 -21.29
N LEU LA 831 2.85 15.53 -22.01
CA LEU LA 831 1.44 15.75 -21.69
C LEU LA 831 0.73 14.47 -21.30
N ILE LA 832 0.04 14.45 -20.16
CA ILE LA 832 -0.88 13.38 -19.78
C ILE LA 832 -2.27 13.97 -19.74
N THR LA 833 -3.27 13.38 -20.40
CA THR LA 833 -4.65 13.91 -20.39
C THR LA 833 -5.74 12.86 -20.24
N ASP LA 834 -6.90 13.31 -19.77
CA ASP LA 834 -8.18 12.68 -20.07
C ASP LA 834 -8.42 12.61 -21.59
N GLY LA 835 -9.41 11.84 -22.03
CA GLY LA 835 -9.78 11.73 -23.44
C GLY LA 835 -11.03 12.52 -23.81
N SER LA 836 -12.12 12.37 -23.09
CA SER LA 836 -13.40 12.95 -23.46
C SER LA 836 -13.53 14.43 -23.06
N THR LA 837 -12.77 14.87 -22.05
CA THR LA 837 -12.69 16.26 -21.58
C THR LA 837 -11.22 16.63 -21.31
N PRO LA 838 -10.39 16.71 -22.36
CA PRO LA 838 -8.94 16.88 -22.25
C PRO LA 838 -8.54 18.30 -21.84
N ILE LA 839 -7.24 18.55 -21.72
CA ILE LA 839 -6.65 19.83 -21.31
C ILE LA 839 -6.53 20.78 -22.49
N ASN LA 840 -7.04 22.00 -22.33
CA ASN LA 840 -6.92 23.04 -23.35
C ASN LA 840 -5.49 23.59 -23.42
N LEU LA 841 -4.80 23.41 -24.54
CA LEU LA 841 -3.42 23.82 -24.66
C LEU LA 841 -3.24 25.35 -24.70
N PHE LA 842 -4.22 26.15 -25.12
CA PHE LA 842 -4.11 27.60 -25.00
C PHE LA 842 -4.22 28.06 -23.54
N ASN LA 843 -5.14 27.53 -22.75
CA ASN LA 843 -5.25 27.88 -21.35
C ASN LA 843 -4.04 27.38 -20.60
N THR LA 844 -3.43 26.28 -21.05
CA THR LA 844 -2.12 25.88 -20.54
C THR LA 844 -1.09 26.95 -20.84
N ALA LA 845 -0.93 27.33 -22.11
CA ALA LA 845 0.12 28.22 -22.52
C ALA LA 845 -0.02 29.61 -21.89
N PHE LA 846 -1.21 30.20 -21.84
CA PHE LA 846 -1.39 31.46 -21.14
C PHE LA 846 -1.30 31.31 -19.62
N GLY LA 847 -1.79 30.21 -19.07
CA GLY LA 847 -1.95 30.07 -17.62
C GLY LA 847 -0.62 30.03 -16.88
N LEU LA 848 0.44 29.51 -17.52
CA LEU LA 848 1.82 29.61 -17.05
C LEU LA 848 2.33 31.05 -16.92
N LEU LA 849 1.64 31.99 -17.56
CA LEU LA 849 2.12 33.30 -17.91
C LEU LA 849 1.08 34.38 -17.59
N GLY LA 850 0.11 34.06 -16.75
CA GLY LA 850 -1.01 34.94 -16.42
C GLY LA 850 -2.04 35.07 -17.55
N GLY LA 852 -3.14 34.32 -17.44
CA GLY LA 852 -4.34 34.57 -18.23
C GLY LA 852 -5.14 35.83 -17.85
N PRO LA 853 -5.35 36.19 -16.56
CA PRO LA 853 -6.26 37.27 -16.18
C PRO LA 853 -5.63 38.63 -16.44
N GLU MA 769 -43.12 73.70 -39.92
CA GLU MA 769 -42.57 72.64 -39.04
C GLU MA 769 -41.21 72.15 -39.51
N LEU MA 770 -41.14 71.31 -40.55
CA LEU MA 770 -39.95 70.53 -40.95
C LEU MA 770 -38.67 71.36 -41.18
N VAL MA 771 -38.80 72.65 -41.46
CA VAL MA 771 -37.69 73.60 -41.60
C VAL MA 771 -36.90 73.73 -40.30
N TYR MA 772 -37.55 73.65 -39.14
CA TYR MA 772 -36.86 73.66 -37.86
C TYR MA 772 -35.99 72.43 -37.71
N ALA MA 773 -36.49 71.24 -38.04
CA ALA MA 773 -35.67 70.03 -38.02
C ALA MA 773 -34.54 70.06 -39.07
N ARG MA 774 -34.81 70.56 -40.27
CA ARG MA 774 -33.80 70.76 -41.30
C ARG MA 774 -32.71 71.75 -40.88
N ALA MA 775 -33.06 72.73 -40.04
CA ALA MA 775 -32.11 73.63 -39.39
C ALA MA 775 -31.37 72.97 -38.21
N GLN MA 776 -32.05 72.21 -37.36
CA GLN MA 776 -31.44 71.44 -36.30
C GLN MA 776 -30.44 70.42 -36.84
N LEU MA 777 -30.68 69.87 -38.02
CA LEU MA 777 -29.73 68.96 -38.64
C LEU MA 777 -28.40 69.67 -38.94
N GLU MA 778 -28.44 70.89 -39.48
CA GLU MA 778 -27.22 71.68 -39.66
C GLU MA 778 -26.50 71.87 -38.33
N LEU MA 779 -27.21 72.14 -37.25
CA LEU MA 779 -26.61 72.33 -35.94
C LEU MA 779 -26.01 71.04 -35.38
N GLU MA 780 -26.70 69.91 -35.46
CA GLU MA 780 -26.17 68.62 -35.02
C GLU MA 780 -24.93 68.21 -35.83
N VAL MA 781 -24.97 68.38 -37.15
CA VAL MA 781 -23.81 68.14 -38.00
C VAL MA 781 -22.70 69.13 -37.72
N SER MA 782 -22.99 70.40 -37.45
CA SER MA 782 -21.97 71.39 -37.10
C SER MA 782 -21.25 71.02 -35.82
N LYS MA 783 -21.99 70.58 -34.80
CA LYS MA 783 -21.40 70.06 -33.57
C LYS MA 783 -20.56 68.81 -33.81
N ALA MA 784 -21.05 67.86 -34.59
CA ALA MA 784 -20.26 66.68 -34.94
C ALA MA 784 -18.97 67.06 -35.69
N GLN MA 785 -19.05 67.97 -36.68
CA GLN MA 785 -17.92 68.47 -37.44
C GLN MA 785 -16.87 69.16 -36.58
N GLN MA 786 -17.28 70.15 -35.79
CA GLN MA 786 -16.34 70.99 -35.06
C GLN MA 786 -15.66 70.26 -33.89
N LEU MA 787 -16.35 69.34 -33.22
CA LEU MA 787 -15.72 68.56 -32.15
C LEU MA 787 -14.76 67.50 -32.69
N ALA MA 788 -15.07 66.87 -33.82
CA ALA MA 788 -14.20 65.87 -34.42
C ALA MA 788 -12.83 66.43 -34.79
N GLU MA 789 -12.79 67.66 -35.30
CA GLU MA 789 -11.53 68.33 -35.65
C GLU MA 789 -10.65 68.57 -34.42
N VAL MA 790 -11.23 68.96 -33.29
CA VAL MA 790 -10.46 69.20 -32.06
C VAL MA 790 -9.80 67.92 -31.57
N GLU MA 791 -10.52 66.81 -31.61
CA GLU MA 791 -9.99 65.51 -31.22
C GLU MA 791 -8.89 65.04 -32.19
N VAL MA 792 -9.04 65.23 -33.49
CA VAL MA 792 -8.02 64.90 -34.49
C VAL MA 792 -6.75 65.71 -34.28
N LYS MA 793 -6.90 67.03 -34.10
CA LYS MA 793 -5.82 67.97 -33.82
C LYS MA 793 -5.05 67.54 -32.58
N LYS MA 794 -5.75 67.23 -31.50
CA LYS MA 794 -5.16 66.76 -30.24
C LYS MA 794 -4.36 65.48 -30.44
N PHE MA 795 -4.92 64.51 -31.15
CA PHE MA 795 -4.33 63.22 -31.41
C PHE MA 795 -3.08 63.31 -32.29
N LYS MA 796 -3.13 64.08 -33.40
CA LYS MA 796 -1.98 64.33 -34.25
C LYS MA 796 -0.87 65.04 -33.49
N GLN MA 797 -1.19 66.05 -32.71
CA GLN MA 797 -0.18 66.80 -31.97
C GLN MA 797 0.49 65.95 -30.89
N MET MA 798 -0.27 65.23 -30.06
CA MET MA 798 0.32 64.30 -29.10
C MET MA 798 1.17 63.22 -29.79
N THR MA 799 0.70 62.65 -30.90
CA THR MA 799 1.47 61.67 -31.66
C THR MA 799 2.78 62.24 -32.19
N GLU MA 800 2.78 63.45 -32.74
CA GLU MA 800 4.02 64.09 -33.18
C GLU MA 800 4.95 64.43 -32.01
N ALA MA 801 4.40 64.71 -30.82
CA ALA MA 801 5.19 65.05 -29.65
C ALA MA 801 6.04 63.87 -29.14
N ILE MA 802 5.47 62.67 -29.05
CA ILE MA 802 6.23 61.47 -28.65
C ILE MA 802 6.80 60.67 -29.84
N GLY MA 803 6.29 60.89 -31.05
CA GLY MA 803 6.70 60.21 -32.27
C GLY MA 803 6.17 58.77 -32.35
N PRO MA 804 5.54 58.35 -33.47
CA PRO MA 804 5.00 57.00 -33.63
C PRO MA 804 5.96 55.85 -33.26
N SER MA 805 7.25 56.03 -33.52
CA SER MA 805 8.34 55.11 -33.20
C SER MA 805 8.54 54.82 -31.69
N THR MA 806 7.75 55.45 -30.82
CA THR MA 806 7.68 55.16 -29.39
C THR MA 806 6.28 54.73 -28.93
N ILE MA 807 5.31 54.60 -29.83
CA ILE MA 807 4.00 53.98 -29.51
C ILE MA 807 4.10 52.47 -29.77
N ARG MA 808 4.64 52.10 -30.94
CA ARG MA 808 5.27 50.79 -31.13
C ARG MA 808 6.31 50.61 -30.03
N ASP MA 809 6.42 49.41 -29.48
CA ASP MA 809 7.25 49.08 -28.31
C ASP MA 809 6.92 49.83 -26.99
N LEU MA 810 5.79 50.56 -26.93
CA LEU MA 810 5.10 50.99 -25.70
C LEU MA 810 3.82 50.21 -25.44
N ALA MA 811 3.17 49.68 -26.48
CA ALA MA 811 2.03 48.77 -26.33
C ALA MA 811 2.39 47.47 -25.59
N VAL MA 812 3.60 46.97 -25.77
CA VAL MA 812 4.17 45.79 -25.08
C VAL MA 812 4.46 46.01 -23.59
N ALA MA 813 4.59 47.27 -23.14
CA ALA MA 813 5.11 47.59 -21.81
C ALA MA 813 4.20 47.13 -20.65
N GLY MA 814 2.96 46.82 -20.97
CA GLY MA 814 1.98 46.28 -20.04
C GLY MA 814 1.33 47.34 -19.17
N PRO MA 815 0.26 46.96 -18.46
CA PRO MA 815 -0.62 47.91 -17.80
C PRO MA 815 0.08 48.72 -16.71
N GLU MA 816 0.91 48.09 -15.87
CA GLU MA 816 1.57 48.80 -14.76
C GLU MA 816 2.44 49.96 -15.24
N MET MA 817 3.13 49.78 -16.38
CA MET MA 817 3.84 50.87 -17.06
C MET MA 817 2.89 51.88 -17.67
N GLN MA 818 1.91 51.45 -18.46
CA GLN MA 818 1.06 52.39 -19.19
C GLN MA 818 0.31 53.34 -18.23
N VAL MA 819 -0.15 52.83 -17.08
CA VAL MA 819 -0.77 53.65 -16.02
C VAL MA 819 0.24 54.63 -15.42
N LYS MA 820 1.41 54.14 -15.02
CA LYS MA 820 2.53 54.92 -14.45
C LYS MA 820 3.00 56.02 -15.40
N LEU MA 821 3.11 55.73 -16.70
CA LEU MA 821 3.50 56.70 -17.72
C LEU MA 821 2.42 57.76 -17.93
N LEU MA 822 1.16 57.38 -18.15
CA LEU MA 822 0.09 58.36 -18.36
C LEU MA 822 -0.21 59.19 -17.11
N GLN MA 823 0.08 58.68 -15.90
CA GLN MA 823 0.16 59.49 -14.67
C GLN MA 823 1.37 60.44 -14.69
N SER MA 824 2.55 59.97 -15.12
CA SER MA 824 3.80 60.74 -15.11
C SER MA 824 3.84 61.90 -16.11
N LEU MA 825 3.07 61.79 -17.22
CA LEU MA 825 3.14 62.67 -18.37
C LEU MA 825 1.89 63.58 -18.48
N GLY MA 826 1.29 63.96 -17.36
CA GLY MA 826 0.14 64.87 -17.33
C GLY MA 826 -1.12 64.29 -17.97
#